data_7UHY
#
_entry.id   7UHY
#
_cell.length_a   1.00
_cell.length_b   1.00
_cell.length_c   1.00
_cell.angle_alpha   90.00
_cell.angle_beta   90.00
_cell.angle_gamma   90.00
#
_symmetry.space_group_name_H-M   'P 1'
#
loop_
_entity.id
_entity.type
_entity.pdbx_description
1 polymer 'GATOR complex protein MIOS'
2 polymer 'GATOR complex protein WDR24'
3 polymer 'GATOR complex protein WDR59'
4 polymer 'Isoform B of Nucleoporin SEH1'
5 polymer 'Protein SEC13 homolog'
6 polymer Unknown
7 polymer Unknown
8 non-polymer 'ZINC ION'
#
loop_
_entity_poly.entity_id
_entity_poly.type
_entity_poly.pdbx_seq_one_letter_code
_entity_poly.pdbx_strand_id
1 'polypeptide(L)'
;MEMDYKDDDDKGGGGGASTMSGTKPDILWAPHHVDRFVVCDSELSLYHVESTVNSELKAGSLRLSEDSAATLLSINSDTP
YMKCVAWYLNYDPECLLAVGQANGRVVLTSLGQDHNSKFKDLIGKEFVPKHARQCNTLAWNPLDSNWLAAGLDKHRADFS
VLIWDICSKYTPDIVPMEKVKLSAGETETTLLVTKPLYELGQNDACLSLCWLPRDQKLLLAGMHRNLAIFDLRNTSQKMF
VNTKAVQGVTVDPYFHDRVASFYEGQVAIWDLRKFEKPVLTLTEQPKPLTKVAWCPTRTGLLATLTRDSNIIRLYDMQHT
PTPIGDETEPTIIERSVQPCDNYIASFAWHPTSQNRMIVVTPNRTMSDFTVFERISLAWSPITSLMWACGRHLYECTEEE
NDNSLEKDIATKMRLRALSRYGLDTEQVWRNHILAGNEDPQLKSLWYTLHFMKQYTEDMDQKSPGNKGSLVYAGIKSIVK
SSLGMVESSRHNWSGLDKQSDIQNLNEERILALQLCGWIKKGTDVDVGPFLNSLVQEGEWERAAAVALFNLDIRRAIQIL
NEGASSEKGDLNLNVVAMALSGYTDEKNSLWREMCSTLRLQLNNPYLCVMFAFLTSETGSYDGVLYENKVAVRDRVAFAC
KFLSDTQLNRYIEKLTNEMKEAGNLEGILLTGLTKDGVDLMESYVDRTGDVQTASYCMLQGSPLDVLKDERVQYWIENYR
NLLDAWRFWHKRAEFDIHRSKLDPSSKPLAQVFVSCNFCGKSISYSCSAVPHQGRGFSQYGVSGSPTKSKVTSCPGCRKP
LPRCALCLINMGTPVSSCPGGTKSDEKVDLSKDKKLAQFNNWFTWCHNCRHGGHAGHMLSWFRDHAECPVSACTCKCMQL
DTTGNLVPAETVQP
;
A,B
2 'polypeptide(L)'
;MEKMSRVTTALGGSVLTGRTMHCHLDAPANAISVCRDAAQVVVAGRSIFKIYAIEEEQFVEKLNLRVGRKPSLNLSCADV
VWHQMDENLLATAATNGVVVTWNLGRPSRNKQDQLFTEHKRTVNKVCFHPTEAHVLLSGSQDGFMKCFDLRRKDSVSTFS
GQSESVRDVQFSIRDYFTFASTFENGNVQLWDIRRPDRCERMFTAHNGPVFCCDWHPEDRGWLATGGRDKMVKVWDMTTH
RAKEMHCVQTIASVARVKWRPECRHHLATCSMMVDHNIYVWDVRRPFVPAAMFEEHRDVTTGIAWRHPHDPSFLLSGSKD
SSLCQHLFRDASQPVERANPEGLCYGLFGDLAFAAKESLVAAESGRKPYTGDRRHPIFFKRKLDPAEPFAGLASSALSVF
ETEPGGGGMRWFVDTAERYALAGRPLAELCDHNAKVARELGRNQVAQTWTMLRIIYCSPGLVPTANLNHSVGKGGSCGLP
LMNSFNLKDMAPGLGSETRLDRSKGDARSDTVLLDSSATLITNEDNEETEGSDVPADYLLGDVEGEEDELYLLDPEHAHP
EDPECVLPQEAFPLRHEIVDTPPGPEHLQDKADSPHVSGSEADVASLAPVDSSFSLLSVSHALYDSRLPPDFFGVLVRDM
LHFYAEQGDVQMAVSVLIVLGERVRKDIDEQTQEHWYTSYIDLLQRFRLWNVSNEVVKLSTSRAVSCLNQASTTLHVNCS
HCKRPMSSRGWVCDRCHRCASMCAVCHHVVKGLFVWCQGCSHGGHLQHIMKWLEGSSHCPAGCGHLCEYS
;
C
3 'polypeptide(L)'
;MAARWSSENVVVEFRDSQATAMSVDCLGQHAVLSGRRFLYIVNLDAPFEGHRKISRQSKWDIGAVQWNPHDSFAHYFAAS
SNQRVDLYKWKDGSGEVGTTLQGHTRVISDLDWAVFEPDLLVTSSVDTYIYIWDIKDTRKPTVALSAVAGASQVKWNKKN
ANCLATSHDGDVRIWDKRKPSTAVEYLAAHLSKIHGLDWHPDSEHILATSSQDNSVKFWDYRQPRKYLNILPCQVPVWKA
RYTPFSNGLVTVMVPQLRRENSLLLWNVFDLNTPVHTFVGHDDVVLEFQWRKQKEGSKDYQLVTWSRDQTLRMWRVDSQM
QRLCANDILDGVDEFIESISLLPEPEKTLHTEDTDHQHTASHGEEEALKEDPPRNLLEERKSDQLGLPQTLQQEFSLINV
QIRNVNVEMDAADRSCTVSVHCSNHRVKMLVKFPAQYPNNAAPSFQFINPTTITSTMKAKLLKILKDTALQKVKRGQSCL
EPCLRQLVSCLESFVNQEDSASSNPFALPNSVTPPLPTFARVTTAYGSYQDANIPFPRTSGARFCGAGYLVYFTRPMTMH
RAVSPTEPTPRSLSALSAYHTGLIAPMKIRTEAPGNLRLYSGSPTRSEKEQVSISSFYYKERKSRRWKSKREGSDSGNRQ
IKAAGKVIIQDIACLLPVHKSLGELYILNVNDIQETCQKNAASALLVGRKDLVQVWSLATVATDLCLGPKSDPDLETPWA
RHPFGRQLLESLLAHYCRLRDVQTLAMLCSVFEAQSRPQGLPNPFGPFPNRSSNLVVSHSRYPSFTSSGSCSSMSDPGLN
TGGWNIAGREAEHLSSPWGESSPEELRFGSLTYSDPRERERDQHDKNKRLLDPANTQQFDDFKKCYGEILYRWGLREKRA
EVLKFVSCPPDPHKGIEFGVYCSHCRSEVRGTQCAICKGFTFQCAICHVAVRGSSNFCLTCGHGGHTSHMMEWFRTQEVC
PTGCGCHCLLESTF
;
D
4 'polypeptide(L)'
;MFVARSIAADHKDLIHDVSFDFHGRRMATCSSDQSVKVWDKSESGDWHCTASWKTHSGSVWRVTWAHPEFGQVLASCSFD
RTAAVWEEIVGESNDKLRGQSHWVKRTTLVDSRTSVTDVKFAPKHMGLMLATCSADGIVRIYEAPDVMNLSQWSLQHEIS
CKLSCSCISWNPSSSRAHSPMIAVGSDDSSPNAMAKVQIFEYNENTRKYAKAETLMTVTDPVHDIAFAPNLGRSFHILAI
ATKDVRIFTLKPVRKELTSSGGPTKFEIHIVAQFDNHNSQVWRVSWNITGTVLASSGDDGCVRLWKANYMDNWKCTGILK
GNGSPVNGSSQQGTSNPSLGSTIPSLQNSLNGSSAGRYFFTPLDSPRAGSRWSSYAQLLPPPPPPLVEHSCDADTANLQY
PHPRRRYLSRPLNPLPENEGI
;
E,F,G
5 'polypeptide(L)'
;MVSVINTVDTSHEDMIHDAQMDYYGTRLATCSSDRSVKIFDVRNGGQILIADLRGHEGPVWQVAWAHPMYGNILASCSYD
RKVIIWREENGTWEKSHEHAGHDSSVNSVCWAPHDYGLILACGSSDGAISLLTYTGEGQWEVKKINNAHTIGCNAVSWAP
AVVPGSLIDHPSGQKPNYIKRFASGGCDNLIKLWKEEEDGQWKEEQKLEAHSDWVRDVAWAPSIGLPTSTIASCSQDGRV
FIWTCDDASSNTWSPKLLHKFNDVVWHVSWSITANILAVSGGDNKVTLWKESVDGQWVCISDVNKGQGSVSASVTEGQQN
EQ
;
H
6 'polypeptide(L)' (UNK)(UNK)(UNK)(UNK)(UNK)(UNK)(UNK)(UNK)(UNK)(UNK)(UNK)(UNK)(UNK)(UNK)(UNK) I
7 'polypeptide(L)' (UNK)(UNK)(UNK)(UNK)(UNK)(UNK)(UNK)(UNK) J
#
loop_
_chem_comp.id
_chem_comp.type
_chem_comp.name
_chem_comp.formula
ZN non-polymer 'ZINC ION' 'Zn 2'
#
# COMPACT_ATOMS: atom_id res chain seq x y z
N LYS A 24 37.08 -66.82 -48.29
CA LYS A 24 36.98 -66.13 -47.02
C LYS A 24 35.65 -65.42 -46.89
N PRO A 25 34.71 -66.04 -46.17
CA PRO A 25 33.39 -65.41 -45.97
C PRO A 25 33.53 -64.10 -45.20
N ASP A 26 32.64 -63.16 -45.53
CA ASP A 26 32.68 -61.84 -44.90
C ASP A 26 31.28 -61.25 -44.90
N ILE A 27 31.05 -60.33 -43.96
CA ILE A 27 29.77 -59.65 -43.82
C ILE A 27 30.00 -58.15 -43.94
N LEU A 28 29.13 -57.48 -44.68
CA LEU A 28 29.23 -56.05 -44.89
C LEU A 28 27.89 -55.38 -44.61
N TRP A 29 27.95 -54.17 -44.05
CA TRP A 29 26.76 -53.38 -43.81
C TRP A 29 26.38 -52.61 -45.06
N ALA A 30 25.14 -52.12 -45.09
CA ALA A 30 24.74 -51.20 -46.14
C ALA A 30 25.35 -49.83 -45.89
N PRO A 31 26.00 -49.23 -46.89
CA PRO A 31 26.68 -47.95 -46.64
C PRO A 31 25.75 -46.85 -46.14
N HIS A 32 24.48 -46.88 -46.52
CA HIS A 32 23.53 -45.85 -46.13
C HIS A 32 22.33 -46.39 -45.37
N HIS A 33 22.20 -47.70 -45.21
CA HIS A 33 21.07 -48.29 -44.50
C HIS A 33 21.57 -49.05 -43.29
N VAL A 34 20.95 -48.81 -42.14
CA VAL A 34 21.41 -49.40 -40.90
C VAL A 34 20.86 -50.79 -40.66
N ASP A 35 19.86 -51.22 -41.42
CA ASP A 35 19.17 -52.48 -41.17
C ASP A 35 19.50 -53.56 -42.20
N ARG A 36 20.29 -53.26 -43.22
CA ARG A 36 20.57 -54.19 -44.30
C ARG A 36 22.04 -54.59 -44.28
N PHE A 37 22.31 -55.88 -44.47
CA PHE A 37 23.68 -56.34 -44.55
C PHE A 37 23.75 -57.53 -45.49
N VAL A 38 24.97 -57.92 -45.84
CA VAL A 38 25.22 -58.97 -46.82
C VAL A 38 26.27 -59.93 -46.28
N VAL A 39 26.05 -61.22 -46.51
CA VAL A 39 26.97 -62.28 -46.13
C VAL A 39 27.46 -62.96 -47.39
N CYS A 40 28.77 -63.13 -47.50
CA CYS A 40 29.41 -63.68 -48.69
C CYS A 40 29.83 -65.12 -48.44
N ASP A 41 29.38 -66.01 -49.32
CA ASP A 41 29.76 -67.42 -49.27
C ASP A 41 29.70 -67.96 -50.70
N SER A 42 29.60 -69.28 -50.83
CA SER A 42 29.28 -69.85 -52.14
C SER A 42 27.98 -69.27 -52.67
N GLU A 43 27.03 -68.99 -51.78
CA GLU A 43 25.83 -68.24 -52.09
C GLU A 43 25.84 -66.95 -51.28
N LEU A 44 25.58 -65.84 -51.94
CA LEU A 44 25.61 -64.52 -51.30
C LEU A 44 24.20 -64.18 -50.83
N SER A 45 24.06 -63.90 -49.53
CA SER A 45 22.77 -63.74 -48.90
C SER A 45 22.63 -62.34 -48.33
N LEU A 46 21.61 -61.61 -48.77
CA LEU A 46 21.31 -60.27 -48.28
C LEU A 46 20.20 -60.36 -47.26
N TYR A 47 20.45 -59.85 -46.05
CA TYR A 47 19.53 -59.91 -44.93
C TYR A 47 19.13 -58.51 -44.48
N HIS A 48 17.96 -58.46 -43.86
CA HIS A 48 17.43 -57.27 -43.22
C HIS A 48 17.19 -57.57 -41.75
N VAL A 49 17.39 -56.55 -40.91
CA VAL A 49 17.34 -56.71 -39.46
C VAL A 49 16.05 -56.09 -38.93
N GLU A 50 15.32 -56.83 -38.10
CA GLU A 50 14.08 -56.38 -37.53
C GLU A 50 14.05 -56.68 -36.04
N SER A 51 13.19 -55.95 -35.33
CA SER A 51 13.06 -56.13 -33.89
C SER A 51 12.16 -57.33 -33.58
N THR A 52 12.48 -58.01 -32.47
CA THR A 52 11.68 -59.14 -32.03
C THR A 52 11.47 -59.15 -30.52
N VAL A 53 11.56 -57.98 -29.88
CA VAL A 53 11.40 -57.93 -28.42
C VAL A 53 9.95 -58.21 -28.03
N ASN A 54 9.01 -57.57 -28.70
CA ASN A 54 7.59 -57.68 -28.36
C ASN A 54 6.87 -58.72 -29.20
N SER A 55 7.59 -59.44 -30.06
CA SER A 55 6.99 -60.44 -30.92
C SER A 55 7.75 -61.75 -30.80
N GLU A 56 7.05 -62.85 -31.04
CA GLU A 56 7.68 -64.16 -30.98
C GLU A 56 8.62 -64.34 -32.18
N LEU A 57 9.34 -65.46 -32.17
CA LEU A 57 10.25 -65.77 -33.26
C LEU A 57 9.50 -65.90 -34.56
N LYS A 58 9.74 -64.97 -35.48
CA LYS A 58 9.08 -65.00 -36.77
C LYS A 58 9.54 -66.20 -37.60
N ALA A 59 8.67 -66.67 -38.47
CA ALA A 59 8.99 -67.82 -39.31
C ALA A 59 10.10 -67.45 -40.29
N GLY A 60 11.16 -68.24 -40.30
CA GLY A 60 12.27 -68.01 -41.19
C GLY A 60 13.16 -66.84 -40.80
N SER A 61 12.99 -66.29 -39.60
CA SER A 61 13.81 -65.18 -39.13
C SER A 61 14.84 -65.70 -38.15
N LEU A 62 16.09 -65.30 -38.33
CA LEU A 62 17.19 -65.76 -37.49
C LEU A 62 17.31 -64.84 -36.28
N ARG A 63 17.24 -65.42 -35.09
CA ARG A 63 17.35 -64.64 -33.86
C ARG A 63 18.80 -64.19 -33.69
N LEU A 64 19.10 -62.99 -34.19
CA LEU A 64 20.47 -62.48 -34.08
C LEU A 64 20.86 -62.29 -32.63
N SER A 65 19.94 -61.82 -31.80
CA SER A 65 20.17 -61.68 -30.36
C SER A 65 18.87 -62.06 -29.66
N GLU A 66 18.79 -61.72 -28.37
CA GLU A 66 17.60 -62.09 -27.60
C GLU A 66 16.35 -61.40 -28.15
N ASP A 67 16.47 -60.13 -28.54
CA ASP A 67 15.32 -59.34 -28.97
C ASP A 67 15.45 -58.83 -30.40
N SER A 68 16.36 -59.40 -31.19
CA SER A 68 16.59 -58.98 -32.56
C SER A 68 16.37 -60.14 -33.51
N ALA A 69 15.77 -59.85 -34.66
CA ALA A 69 15.52 -60.85 -35.69
C ALA A 69 16.05 -60.34 -37.02
N ALA A 70 16.67 -61.23 -37.78
CA ALA A 70 17.17 -60.93 -39.11
C ALA A 70 16.34 -61.69 -40.12
N THR A 71 15.76 -60.97 -41.08
CA THR A 71 14.93 -61.56 -42.11
C THR A 71 15.70 -61.56 -43.43
N LEU A 72 15.79 -62.74 -44.04
CA LEU A 72 16.51 -62.86 -45.30
C LEU A 72 15.80 -62.07 -46.39
N LEU A 73 16.56 -61.25 -47.12
CA LEU A 73 16.00 -60.43 -48.18
C LEU A 73 16.19 -61.04 -49.56
N SER A 74 17.38 -61.57 -49.85
CA SER A 74 17.62 -62.14 -51.17
C SER A 74 18.77 -63.14 -51.10
N ILE A 75 18.81 -64.02 -52.10
CA ILE A 75 19.87 -65.01 -52.26
C ILE A 75 20.38 -64.92 -53.69
N ASN A 76 21.70 -65.06 -53.87
CA ASN A 76 22.30 -65.05 -55.20
C ASN A 76 23.32 -66.18 -55.27
N SER A 77 23.14 -67.07 -56.24
CA SER A 77 24.09 -68.15 -56.49
C SER A 77 24.76 -68.02 -57.85
N ASP A 78 24.65 -66.87 -58.50
CA ASP A 78 25.22 -66.68 -59.82
C ASP A 78 26.72 -66.44 -59.80
N THR A 79 27.33 -66.37 -58.62
CA THR A 79 28.76 -66.07 -58.47
C THR A 79 29.45 -67.22 -57.76
N PRO A 80 29.87 -68.26 -58.49
CA PRO A 80 30.66 -69.32 -57.87
C PRO A 80 32.12 -68.90 -57.74
N TYR A 81 32.76 -69.46 -56.71
CA TYR A 81 34.17 -69.20 -56.42
C TYR A 81 34.46 -67.71 -56.31
N MET A 82 33.70 -67.04 -55.46
CA MET A 82 33.92 -65.62 -55.22
C MET A 82 35.28 -65.40 -54.55
N LYS A 83 36.00 -64.39 -55.00
CA LYS A 83 37.33 -64.08 -54.48
C LYS A 83 37.39 -62.77 -53.72
N CYS A 84 36.94 -61.67 -54.32
CA CYS A 84 36.93 -60.37 -53.64
C CYS A 84 35.57 -59.71 -53.84
N VAL A 85 35.13 -58.99 -52.81
CA VAL A 85 33.80 -58.40 -52.78
C VAL A 85 33.91 -56.93 -52.38
N ALA A 86 33.12 -56.08 -53.03
CA ALA A 86 33.00 -54.67 -52.66
C ALA A 86 31.56 -54.24 -52.80
N TRP A 87 31.18 -53.19 -52.06
CA TRP A 87 29.83 -52.65 -52.10
C TRP A 87 29.89 -51.23 -52.63
N TYR A 88 29.02 -50.91 -53.59
CA TYR A 88 29.01 -49.60 -54.20
C TYR A 88 28.64 -48.52 -53.18
N LEU A 89 29.13 -47.31 -53.42
CA LEU A 89 29.03 -46.23 -52.44
C LEU A 89 27.75 -45.41 -52.58
N ASN A 90 27.41 -45.00 -53.80
CA ASN A 90 26.31 -44.07 -53.98
C ASN A 90 24.97 -44.75 -53.67
N TYR A 91 23.97 -43.92 -53.37
CA TYR A 91 22.68 -44.44 -52.89
C TYR A 91 21.98 -45.26 -53.96
N ASP A 92 21.97 -44.79 -55.20
CA ASP A 92 21.24 -45.48 -56.26
C ASP A 92 22.21 -46.13 -57.22
N PRO A 93 22.01 -47.42 -57.56
CA PRO A 93 20.93 -48.24 -57.02
C PRO A 93 21.28 -48.85 -55.66
N GLU A 94 20.27 -49.33 -54.95
CA GLU A 94 20.49 -49.97 -53.66
C GLU A 94 20.90 -51.43 -53.84
N CYS A 95 21.67 -51.94 -52.88
CA CYS A 95 22.15 -53.33 -52.88
C CYS A 95 22.94 -53.63 -54.16
N LEU A 96 23.92 -52.79 -54.44
CA LEU A 96 24.79 -52.93 -55.60
C LEU A 96 26.19 -53.32 -55.14
N LEU A 97 26.72 -54.41 -55.69
CA LEU A 97 28.02 -54.90 -55.28
C LEU A 97 28.82 -55.32 -56.50
N ALA A 98 30.12 -55.47 -56.29
CA ALA A 98 31.06 -55.91 -57.33
C ALA A 98 31.83 -57.10 -56.80
N VAL A 99 31.92 -58.16 -57.59
CA VAL A 99 32.58 -59.39 -57.19
C VAL A 99 33.63 -59.73 -58.23
N GLY A 100 34.88 -59.88 -57.78
CA GLY A 100 35.96 -60.36 -58.62
C GLY A 100 36.23 -61.83 -58.32
N GLN A 101 36.30 -62.62 -59.38
CA GLN A 101 36.43 -64.06 -59.27
C GLN A 101 37.89 -64.49 -59.44
N ALA A 102 38.13 -65.80 -59.31
CA ALA A 102 39.47 -66.33 -59.45
C ALA A 102 40.01 -66.15 -60.86
N ASN A 103 39.15 -66.29 -61.88
CA ASN A 103 39.59 -66.11 -63.25
C ASN A 103 39.97 -64.67 -63.55
N GLY A 104 39.60 -63.73 -62.68
CA GLY A 104 39.85 -62.33 -62.90
C GLY A 104 38.64 -61.54 -63.36
N ARG A 105 37.56 -62.22 -63.75
CA ARG A 105 36.36 -61.53 -64.17
C ARG A 105 35.74 -60.80 -62.98
N VAL A 106 35.43 -59.52 -63.16
CA VAL A 106 34.82 -58.71 -62.13
C VAL A 106 33.44 -58.31 -62.64
N VAL A 107 32.41 -58.71 -61.91
CA VAL A 107 31.02 -58.55 -62.32
C VAL A 107 30.30 -57.67 -61.33
N LEU A 108 29.48 -56.75 -61.85
CA LEU A 108 28.65 -55.90 -61.02
C LEU A 108 27.27 -56.51 -60.92
N THR A 109 26.85 -56.83 -59.69
CA THR A 109 25.57 -57.46 -59.44
C THR A 109 24.72 -56.60 -58.50
N SER A 110 23.42 -56.88 -58.50
CA SER A 110 22.49 -56.18 -57.62
C SER A 110 21.56 -57.20 -56.99
N LEU A 111 21.12 -56.90 -55.78
CA LEU A 111 20.19 -57.76 -55.06
C LEU A 111 18.94 -57.06 -54.57
N GLY A 112 18.83 -55.74 -54.73
CA GLY A 112 17.63 -55.05 -54.34
C GLY A 112 16.51 -55.21 -55.35
N GLN A 113 15.29 -54.97 -54.88
CA GLN A 113 14.10 -55.02 -55.75
C GLN A 113 13.97 -53.67 -56.44
N ASP A 114 14.85 -53.45 -57.42
CA ASP A 114 14.93 -52.19 -58.14
C ASP A 114 14.27 -52.35 -59.50
N HIS A 115 13.03 -51.88 -59.60
CA HIS A 115 12.30 -51.85 -60.87
C HIS A 115 12.50 -50.54 -61.62
N ASN A 116 13.30 -49.62 -61.07
CA ASN A 116 13.52 -48.30 -61.63
C ASN A 116 15.00 -47.97 -61.63
N SER A 117 15.81 -48.91 -62.13
CA SER A 117 17.25 -48.71 -62.21
C SER A 117 17.59 -47.47 -63.02
N LYS A 118 18.47 -46.63 -62.48
CA LYS A 118 18.83 -45.39 -63.16
C LYS A 118 19.55 -45.67 -64.47
N PHE A 119 20.56 -46.54 -64.45
CA PHE A 119 21.31 -46.93 -65.64
C PHE A 119 21.48 -48.45 -65.58
N LYS A 120 20.53 -49.17 -66.18
CA LYS A 120 20.60 -50.63 -66.18
C LYS A 120 21.73 -51.16 -67.04
N ASP A 121 22.38 -50.31 -67.85
CA ASP A 121 23.50 -50.77 -68.66
C ASP A 121 24.65 -51.27 -67.80
N LEU A 122 24.86 -50.65 -66.64
CA LEU A 122 25.91 -51.09 -65.73
C LEU A 122 25.53 -52.36 -64.97
N ILE A 123 24.24 -52.71 -64.93
CA ILE A 123 23.81 -53.92 -64.26
C ILE A 123 24.33 -55.13 -65.03
N GLY A 124 25.06 -56.01 -64.35
CA GLY A 124 25.67 -57.14 -65.00
C GLY A 124 26.93 -56.83 -65.77
N LYS A 125 27.42 -55.59 -65.71
CA LYS A 125 28.64 -55.24 -66.43
C LYS A 125 29.82 -56.01 -65.88
N GLU A 126 30.64 -56.54 -66.77
CA GLU A 126 31.79 -57.36 -66.40
C GLU A 126 33.05 -56.83 -67.05
N PHE A 127 34.12 -56.79 -66.27
CA PHE A 127 35.45 -56.45 -66.76
C PHE A 127 36.31 -57.71 -66.72
N VAL A 128 36.95 -58.02 -67.84
CA VAL A 128 37.75 -59.23 -67.99
C VAL A 128 39.20 -58.80 -68.17
N PRO A 129 40.15 -59.37 -67.41
CA PRO A 129 41.55 -59.00 -67.59
C PRO A 129 42.06 -59.43 -68.96
N LYS A 130 43.01 -58.65 -69.48
CA LYS A 130 43.65 -59.02 -70.75
C LYS A 130 44.34 -60.36 -70.64
N HIS A 131 45.01 -60.61 -69.50
CA HIS A 131 45.62 -61.90 -69.21
C HIS A 131 44.96 -62.49 -67.98
N ALA A 132 44.65 -63.78 -68.04
CA ALA A 132 43.93 -64.45 -66.97
C ALA A 132 44.78 -64.48 -65.70
N ARG A 133 44.34 -63.75 -64.68
CA ARG A 133 44.99 -63.75 -63.38
C ARG A 133 43.94 -63.48 -62.32
N GLN A 134 44.24 -63.91 -61.09
CA GLN A 134 43.28 -63.76 -60.00
C GLN A 134 43.33 -62.35 -59.45
N CYS A 135 42.15 -61.75 -59.27
CA CYS A 135 42.06 -60.44 -58.66
C CYS A 135 42.16 -60.57 -57.15
N ASN A 136 43.11 -59.87 -56.55
CA ASN A 136 43.33 -60.00 -55.10
C ASN A 136 42.37 -59.11 -54.32
N THR A 137 42.23 -57.85 -54.74
CA THR A 137 41.44 -56.88 -53.99
C THR A 137 40.71 -55.96 -54.95
N LEU A 138 39.59 -55.41 -54.48
CA LEU A 138 38.80 -54.47 -55.26
C LEU A 138 38.19 -53.46 -54.32
N ALA A 139 38.12 -52.21 -54.77
CA ALA A 139 37.62 -51.14 -53.92
C ALA A 139 37.03 -50.03 -54.77
N TRP A 140 36.17 -49.23 -54.15
CA TRP A 140 35.57 -48.05 -54.77
C TRP A 140 36.31 -46.80 -54.32
N ASN A 141 36.32 -45.80 -55.18
CA ASN A 141 36.85 -44.49 -54.79
C ASN A 141 35.79 -43.75 -53.99
N PRO A 142 36.09 -43.30 -52.77
CA PRO A 142 35.06 -42.58 -52.00
C PRO A 142 34.67 -41.24 -52.60
N LEU A 143 35.65 -40.47 -53.09
CA LEU A 143 35.34 -39.15 -53.63
C LEU A 143 34.49 -39.25 -54.89
N ASP A 144 34.82 -40.18 -55.78
CA ASP A 144 34.07 -40.41 -57.01
C ASP A 144 33.62 -41.87 -57.04
N SER A 145 32.31 -42.09 -56.93
CA SER A 145 31.78 -43.44 -56.90
C SER A 145 31.95 -44.18 -58.22
N ASN A 146 32.30 -43.49 -59.29
CA ASN A 146 32.43 -44.10 -60.61
C ASN A 146 33.79 -44.72 -60.86
N TRP A 147 34.68 -44.70 -59.88
CA TRP A 147 36.04 -45.23 -60.03
C TRP A 147 36.19 -46.50 -59.20
N LEU A 148 36.64 -47.58 -59.85
CA LEU A 148 36.90 -48.84 -59.18
C LEU A 148 38.35 -49.23 -59.39
N ALA A 149 39.04 -49.48 -58.29
CA ALA A 149 40.45 -49.88 -58.31
C ALA A 149 40.57 -51.33 -57.91
N ALA A 150 41.22 -52.14 -58.75
CA ALA A 150 41.35 -53.56 -58.49
C ALA A 150 42.80 -53.99 -58.67
N GLY A 151 43.32 -54.68 -57.67
CA GLY A 151 44.64 -55.28 -57.73
C GLY A 151 44.52 -56.78 -57.92
N LEU A 152 45.22 -57.29 -58.92
CA LEU A 152 45.12 -58.68 -59.33
C LEU A 152 46.46 -59.38 -59.13
N ASP A 153 46.52 -60.63 -59.61
CA ASP A 153 47.73 -61.42 -59.47
C ASP A 153 48.85 -60.84 -60.33
N LYS A 154 50.08 -61.24 -59.99
CA LYS A 154 51.27 -60.71 -60.66
C LYS A 154 51.41 -61.37 -62.03
N HIS A 155 51.24 -60.60 -63.09
CA HIS A 155 51.50 -61.09 -64.43
C HIS A 155 52.99 -61.02 -64.73
N ARG A 156 53.39 -61.69 -65.82
CA ARG A 156 54.80 -61.73 -66.18
C ARG A 156 55.32 -60.33 -66.51
N ALA A 157 54.64 -59.62 -67.40
CA ALA A 157 55.07 -58.29 -67.81
C ALA A 157 53.88 -57.35 -67.99
N ASP A 158 52.93 -57.39 -67.05
CA ASP A 158 51.75 -56.56 -67.12
C ASP A 158 51.48 -55.89 -65.78
N PHE A 159 50.72 -54.81 -65.84
CA PHE A 159 50.37 -54.05 -64.65
C PHE A 159 49.47 -54.87 -63.74
N SER A 160 49.64 -54.67 -62.42
CA SER A 160 48.87 -55.41 -61.44
C SER A 160 47.65 -54.67 -60.92
N VAL A 161 47.66 -53.34 -60.95
CA VAL A 161 46.56 -52.52 -60.42
C VAL A 161 45.90 -51.81 -61.59
N LEU A 162 44.59 -51.98 -61.72
CA LEU A 162 43.81 -51.35 -62.77
C LEU A 162 42.72 -50.49 -62.16
N ILE A 163 42.59 -49.27 -62.67
CA ILE A 163 41.55 -48.34 -62.23
C ILE A 163 40.63 -48.12 -63.42
N TRP A 164 39.36 -48.45 -63.25
CA TRP A 164 38.39 -48.39 -64.33
C TRP A 164 37.21 -47.52 -63.94
N ASP A 165 36.43 -47.14 -64.95
CA ASP A 165 35.26 -46.29 -64.78
C ASP A 165 34.02 -47.11 -65.06
N ILE A 166 33.10 -47.14 -64.11
CA ILE A 166 31.86 -47.88 -64.30
C ILE A 166 30.90 -47.14 -65.22
N CYS A 167 31.08 -45.83 -65.42
CA CYS A 167 30.20 -45.01 -66.23
C CYS A 167 28.75 -45.17 -65.80
N SER A 168 27.88 -45.56 -66.74
CA SER A 168 26.46 -45.71 -66.46
C SER A 168 25.82 -46.75 -67.38
N THR A 194 35.93 -49.46 -72.33
CA THR A 194 36.71 -50.35 -73.17
C THR A 194 37.96 -50.83 -72.44
N LYS A 195 38.72 -49.89 -71.90
CA LYS A 195 39.95 -50.18 -71.18
C LYS A 195 39.93 -49.46 -69.83
N PRO A 196 40.65 -50.00 -68.84
CA PRO A 196 40.73 -49.32 -67.54
C PRO A 196 41.37 -47.95 -67.69
N LEU A 197 40.90 -47.00 -66.86
CA LEU A 197 41.40 -45.64 -66.95
C LEU A 197 42.89 -45.56 -66.62
N TYR A 198 43.38 -46.48 -65.79
CA TYR A 198 44.76 -46.46 -65.38
C TYR A 198 45.26 -47.87 -65.12
N GLU A 199 46.56 -48.08 -65.29
CA GLU A 199 47.19 -49.36 -65.02
C GLU A 199 48.58 -49.11 -64.48
N LEU A 200 48.93 -49.80 -63.40
CA LEU A 200 50.21 -49.58 -62.73
C LEU A 200 50.64 -50.87 -62.05
N GLY A 201 51.83 -50.83 -61.46
CA GLY A 201 52.36 -51.98 -60.77
C GLY A 201 52.71 -53.13 -61.69
N GLN A 202 53.41 -52.85 -62.78
CA GLN A 202 53.79 -53.90 -63.72
C GLN A 202 54.77 -54.85 -63.08
N ASN A 203 54.56 -56.15 -63.31
CA ASN A 203 55.39 -57.21 -62.73
C ASN A 203 55.42 -57.13 -61.22
N ASP A 204 54.28 -56.79 -60.63
CA ASP A 204 54.15 -56.67 -59.18
C ASP A 204 52.90 -57.41 -58.73
N ALA A 205 52.81 -57.63 -57.41
CA ALA A 205 51.67 -58.33 -56.81
C ALA A 205 50.96 -57.35 -55.89
N CYS A 206 49.73 -56.99 -56.27
CA CYS A 206 48.93 -56.05 -55.48
C CYS A 206 48.17 -56.83 -54.43
N LEU A 207 48.82 -57.03 -53.27
CA LEU A 207 48.18 -57.76 -52.19
C LEU A 207 46.95 -57.03 -51.68
N SER A 208 47.04 -55.71 -51.52
CA SER A 208 45.92 -54.93 -51.01
C SER A 208 46.06 -53.50 -51.50
N LEU A 209 44.97 -52.75 -51.42
CA LEU A 209 44.96 -51.37 -51.87
C LEU A 209 43.89 -50.60 -51.10
N CYS A 210 44.06 -49.27 -51.07
CA CYS A 210 43.12 -48.39 -50.40
C CYS A 210 43.28 -46.98 -50.97
N TRP A 211 42.26 -46.16 -50.77
CA TRP A 211 42.24 -44.79 -51.23
C TRP A 211 42.63 -43.84 -50.12
N LEU A 212 43.02 -42.63 -50.51
CA LEU A 212 43.17 -41.54 -49.55
C LEU A 212 41.79 -40.99 -49.20
N PRO A 213 41.40 -40.97 -47.93
CA PRO A 213 40.06 -40.48 -47.58
C PRO A 213 39.81 -39.04 -48.01
N ARG A 214 40.83 -38.19 -47.97
CA ARG A 214 40.70 -36.79 -48.36
C ARG A 214 41.11 -36.55 -49.81
N ASP A 215 42.24 -37.11 -50.22
CA ASP A 215 42.76 -36.88 -51.57
C ASP A 215 42.08 -37.82 -52.55
N GLN A 216 41.40 -37.24 -53.54
CA GLN A 216 40.71 -38.04 -54.55
C GLN A 216 41.65 -38.70 -55.54
N LYS A 217 42.94 -38.35 -55.52
CA LYS A 217 43.89 -38.87 -56.50
C LYS A 217 45.12 -39.50 -55.83
N LEU A 218 44.93 -40.10 -54.66
CA LEU A 218 46.03 -40.74 -53.95
C LEU A 218 45.62 -42.16 -53.55
N LEU A 219 46.50 -43.12 -53.83
CA LEU A 219 46.23 -44.53 -53.54
C LEU A 219 47.41 -45.13 -52.81
N LEU A 220 47.11 -46.06 -51.91
CA LEU A 220 48.11 -46.86 -51.22
C LEU A 220 47.96 -48.31 -51.65
N ALA A 221 49.07 -48.95 -51.99
CA ALA A 221 49.04 -50.33 -52.46
C ALA A 221 50.16 -51.12 -51.82
N GLY A 222 49.95 -52.43 -51.74
CA GLY A 222 50.96 -53.33 -51.22
C GLY A 222 51.57 -54.19 -52.31
N MET A 223 52.85 -53.98 -52.60
CA MET A 223 53.53 -54.72 -53.65
C MET A 223 53.96 -56.08 -53.12
N HIS A 224 54.73 -56.80 -53.94
CA HIS A 224 55.22 -58.12 -53.56
C HIS A 224 56.09 -58.03 -52.30
N ARG A 225 56.96 -57.02 -52.24
CA ARG A 225 57.86 -56.89 -51.09
C ARG A 225 58.01 -55.45 -50.63
N ASN A 226 57.06 -54.57 -50.98
CA ASN A 226 57.15 -53.17 -50.60
C ASN A 226 55.75 -52.58 -50.58
N LEU A 227 55.65 -51.39 -49.99
CA LEU A 227 54.41 -50.63 -49.93
C LEU A 227 54.60 -49.34 -50.71
N ALA A 228 53.64 -49.02 -51.58
CA ALA A 228 53.77 -47.88 -52.48
C ALA A 228 52.59 -46.94 -52.31
N ILE A 229 52.87 -45.66 -52.50
CA ILE A 229 51.84 -44.61 -52.54
C ILE A 229 51.94 -43.93 -53.89
N PHE A 230 50.82 -43.88 -54.60
CA PHE A 230 50.77 -43.38 -55.97
C PHE A 230 49.80 -42.23 -56.09
N ASP A 231 50.13 -41.30 -56.98
CA ASP A 231 49.30 -40.14 -57.27
C ASP A 231 48.78 -40.25 -58.70
N LEU A 232 47.48 -39.98 -58.89
CA LEU A 232 46.90 -40.04 -60.21
C LEU A 232 47.44 -38.96 -61.13
N ARG A 233 47.98 -37.87 -60.58
CA ARG A 233 48.51 -36.79 -61.42
C ARG A 233 49.68 -37.28 -62.25
N ASN A 234 50.59 -38.05 -61.64
CA ASN A 234 51.75 -38.60 -62.33
C ASN A 234 51.97 -40.02 -61.86
N THR A 235 51.93 -40.98 -62.79
CA THR A 235 52.18 -42.36 -62.43
C THR A 235 53.60 -42.58 -61.97
N SER A 236 54.56 -41.85 -62.54
CA SER A 236 55.94 -41.96 -62.12
C SER A 236 56.14 -41.43 -60.70
N GLN A 237 55.33 -40.46 -60.29
CA GLN A 237 55.41 -39.89 -58.95
C GLN A 237 54.82 -40.90 -57.96
N LYS A 238 55.70 -41.62 -57.26
CA LYS A 238 55.27 -42.63 -56.30
C LYS A 238 56.32 -42.77 -55.22
N MET A 239 55.87 -42.96 -53.98
CA MET A 239 56.73 -43.16 -52.83
C MET A 239 56.67 -44.63 -52.45
N PHE A 240 57.78 -45.34 -52.62
CA PHE A 240 57.86 -46.77 -52.35
C PHE A 240 58.82 -47.02 -51.20
N VAL A 241 58.34 -47.75 -50.20
CA VAL A 241 59.15 -48.12 -49.03
C VAL A 241 59.08 -49.62 -48.86
N ASN A 242 60.24 -50.27 -48.79
CA ASN A 242 60.27 -51.72 -48.62
C ASN A 242 59.70 -52.11 -47.26
N THR A 243 58.88 -53.17 -47.25
CA THR A 243 58.24 -53.62 -46.03
C THR A 243 57.91 -55.09 -46.16
N LYS A 244 57.69 -55.73 -45.01
CA LYS A 244 57.33 -57.14 -44.95
C LYS A 244 55.84 -57.36 -44.75
N ALA A 245 55.19 -56.52 -43.95
CA ALA A 245 53.75 -56.62 -43.74
C ALA A 245 53.04 -55.79 -44.81
N VAL A 246 52.31 -56.48 -45.70
CA VAL A 246 51.65 -55.83 -46.82
C VAL A 246 50.18 -56.16 -46.90
N GLN A 247 49.63 -56.93 -45.96
CA GLN A 247 48.24 -57.36 -46.00
C GLN A 247 47.40 -56.47 -45.09
N GLY A 248 46.16 -56.22 -45.52
CA GLY A 248 45.19 -55.50 -44.71
C GLY A 248 45.54 -54.06 -44.41
N VAL A 249 45.89 -53.29 -45.44
CA VAL A 249 46.18 -51.88 -45.25
C VAL A 249 44.88 -51.11 -45.05
N THR A 250 44.83 -50.27 -44.01
CA THR A 250 43.65 -49.50 -43.70
C THR A 250 44.06 -48.25 -42.92
N VAL A 251 43.21 -47.23 -42.97
CA VAL A 251 43.50 -45.93 -42.38
C VAL A 251 42.44 -45.62 -41.33
N ASP A 252 42.88 -45.14 -40.18
CA ASP A 252 41.95 -44.74 -39.12
C ASP A 252 41.11 -43.56 -39.60
N PRO A 253 39.78 -43.64 -39.53
CA PRO A 253 38.94 -42.54 -40.02
C PRO A 253 39.19 -41.21 -39.32
N TYR A 254 39.48 -41.22 -38.02
CA TYR A 254 39.71 -39.98 -37.31
C TYR A 254 41.11 -39.43 -37.54
N PHE A 255 42.11 -40.30 -37.71
CA PHE A 255 43.49 -39.90 -37.95
C PHE A 255 43.88 -40.39 -39.34
N HIS A 256 43.83 -39.49 -40.32
CA HIS A 256 44.15 -39.85 -41.69
C HIS A 256 45.62 -40.21 -41.88
N ASP A 257 46.49 -39.90 -40.93
CA ASP A 257 47.91 -40.20 -41.04
C ASP A 257 48.29 -41.54 -40.43
N ARG A 258 47.32 -42.32 -39.96
CA ARG A 258 47.59 -43.60 -39.31
C ARG A 258 47.16 -44.73 -40.23
N VAL A 259 48.07 -45.68 -40.45
CA VAL A 259 47.81 -46.84 -41.29
C VAL A 259 48.23 -48.09 -40.52
N ALA A 260 47.67 -49.23 -40.90
CA ALA A 260 47.97 -50.50 -40.25
C ALA A 260 48.24 -51.57 -41.29
N SER A 261 49.08 -52.54 -40.91
CA SER A 261 49.34 -53.69 -41.75
C SER A 261 49.69 -54.87 -40.86
N PHE A 262 49.65 -56.08 -41.42
CA PHE A 262 49.95 -57.26 -40.63
C PHE A 262 50.49 -58.36 -41.53
N TYR A 263 51.51 -59.06 -41.03
CA TYR A 263 52.08 -60.22 -41.70
C TYR A 263 52.08 -61.38 -40.72
N GLU A 264 51.46 -62.49 -41.11
CA GLU A 264 51.33 -63.69 -40.28
C GLU A 264 50.65 -63.28 -38.98
N GLY A 265 51.25 -63.52 -37.82
CA GLY A 265 50.69 -63.11 -36.55
C GLY A 265 51.20 -61.79 -36.01
N GLN A 266 51.99 -61.05 -36.80
CA GLN A 266 52.56 -59.79 -36.37
C GLN A 266 51.84 -58.64 -37.05
N VAL A 267 51.63 -57.55 -36.30
CA VAL A 267 50.91 -56.38 -36.78
C VAL A 267 51.76 -55.14 -36.52
N ALA A 268 51.82 -54.25 -37.52
CA ALA A 268 52.60 -53.03 -37.44
C ALA A 268 51.74 -51.83 -37.81
N ILE A 269 52.10 -50.69 -37.23
CA ILE A 269 51.40 -49.43 -37.45
C ILE A 269 52.35 -48.43 -38.07
N TRP A 270 51.82 -47.58 -38.94
CA TRP A 270 52.62 -46.62 -39.69
C TRP A 270 51.98 -45.24 -39.61
N ASP A 271 52.83 -44.23 -39.64
CA ASP A 271 52.41 -42.84 -39.71
C ASP A 271 52.84 -42.29 -41.07
N LEU A 272 51.87 -41.97 -41.92
CA LEU A 272 52.17 -41.60 -43.30
C LEU A 272 53.07 -40.38 -43.38
N ARG A 273 52.99 -39.48 -42.40
CA ARG A 273 53.84 -38.29 -42.42
C ARG A 273 55.30 -38.65 -42.24
N LYS A 274 55.59 -39.73 -41.51
CA LYS A 274 56.96 -40.17 -41.28
C LYS A 274 57.06 -41.69 -41.48
N PHE A 275 56.51 -42.18 -42.58
CA PHE A 275 56.45 -43.62 -42.84
C PHE A 275 57.79 -44.09 -43.39
N GLU A 276 58.72 -44.37 -42.49
CA GLU A 276 60.00 -44.98 -42.83
C GLU A 276 60.22 -46.29 -42.09
N LYS A 277 59.84 -46.36 -40.83
CA LYS A 277 59.81 -47.57 -40.03
C LYS A 277 58.46 -47.64 -39.33
N PRO A 278 57.98 -48.84 -39.00
CA PRO A 278 56.68 -48.94 -38.33
C PRO A 278 56.67 -48.18 -37.01
N VAL A 279 55.57 -47.44 -36.79
CA VAL A 279 55.47 -46.61 -35.60
C VAL A 279 55.43 -47.49 -34.35
N LEU A 280 54.69 -48.59 -34.40
CA LEU A 280 54.60 -49.51 -33.28
C LEU A 280 54.31 -50.90 -33.82
N THR A 281 54.59 -51.91 -32.99
CA THR A 281 54.34 -53.29 -33.35
C THR A 281 53.56 -53.96 -32.22
N LEU A 282 52.44 -54.57 -32.56
CA LEU A 282 51.63 -55.26 -31.58
C LEU A 282 52.24 -56.61 -31.24
N THR A 283 51.75 -57.21 -30.16
CA THR A 283 52.24 -58.52 -29.74
C THR A 283 51.86 -59.57 -30.76
N GLU A 284 52.83 -60.39 -31.17
CA GLU A 284 52.57 -61.43 -32.15
C GLU A 284 51.67 -62.51 -31.57
N GLN A 285 50.66 -62.91 -32.32
CA GLN A 285 49.73 -63.94 -31.89
C GLN A 285 50.15 -65.30 -32.44
N PRO A 286 49.84 -66.38 -31.71
CA PRO A 286 50.19 -67.72 -32.20
C PRO A 286 49.49 -68.06 -33.50
N LYS A 287 48.16 -67.99 -33.51
CA LYS A 287 47.43 -68.22 -34.73
C LYS A 287 47.59 -67.04 -35.68
N PRO A 288 47.67 -67.29 -36.98
CA PRO A 288 47.80 -66.19 -37.94
C PRO A 288 46.56 -65.30 -37.90
N LEU A 289 46.78 -64.00 -38.07
CA LEU A 289 45.68 -63.07 -38.08
C LEU A 289 44.84 -63.25 -39.34
N THR A 290 43.57 -62.85 -39.25
CA THR A 290 42.64 -62.98 -40.36
C THR A 290 41.99 -61.67 -40.77
N LYS A 291 41.71 -60.77 -39.83
CA LYS A 291 41.08 -59.50 -40.20
C LYS A 291 41.46 -58.43 -39.18
N VAL A 292 41.62 -57.21 -39.68
CA VAL A 292 41.94 -56.03 -38.87
C VAL A 292 41.06 -54.88 -39.34
N ALA A 293 40.51 -54.13 -38.39
CA ALA A 293 39.57 -53.08 -38.78
C ALA A 293 39.53 -51.98 -37.73
N TRP A 294 39.41 -50.74 -38.19
CA TRP A 294 39.20 -49.61 -37.30
C TRP A 294 37.73 -49.48 -36.95
N CYS A 295 37.46 -48.98 -35.75
CA CYS A 295 36.09 -48.66 -35.37
C CYS A 295 35.75 -47.27 -35.85
N PRO A 296 34.71 -47.09 -36.67
CA PRO A 296 34.38 -45.74 -37.15
C PRO A 296 33.65 -44.89 -36.14
N THR A 297 32.93 -45.48 -35.19
CA THR A 297 32.16 -44.74 -34.21
C THR A 297 32.94 -44.46 -32.93
N ARG A 298 34.21 -44.85 -32.86
CA ARG A 298 35.03 -44.63 -31.69
C ARG A 298 36.45 -44.33 -32.14
N THR A 299 37.05 -43.28 -31.58
CA THR A 299 38.37 -42.84 -32.00
C THR A 299 39.45 -43.76 -31.47
N GLY A 300 40.43 -44.04 -32.31
CA GLY A 300 41.62 -44.78 -31.90
C GLY A 300 41.36 -46.18 -31.38
N LEU A 301 40.41 -46.88 -31.99
CA LEU A 301 40.06 -48.25 -31.58
C LEU A 301 40.27 -49.19 -32.75
N LEU A 302 41.10 -50.21 -32.55
CA LEU A 302 41.40 -51.19 -33.58
C LEU A 302 40.97 -52.58 -33.11
N ALA A 303 40.47 -53.38 -34.04
CA ALA A 303 39.98 -54.71 -33.74
C ALA A 303 40.69 -55.73 -34.63
N THR A 304 41.05 -56.87 -34.04
CA THR A 304 41.78 -57.91 -34.74
C THR A 304 41.15 -59.27 -34.45
N LEU A 305 41.08 -60.10 -35.49
CA LEU A 305 40.62 -61.47 -35.39
C LEU A 305 41.60 -62.38 -36.11
N THR A 306 41.94 -63.49 -35.46
CA THR A 306 42.91 -64.46 -35.97
C THR A 306 42.21 -65.72 -36.42
N ARG A 307 43.01 -66.70 -36.84
CA ARG A 307 42.48 -67.95 -37.36
C ARG A 307 42.01 -68.86 -36.24
N ASP A 308 40.81 -69.42 -36.40
CA ASP A 308 40.26 -70.41 -35.48
C ASP A 308 40.24 -69.88 -34.04
N SER A 309 39.65 -68.70 -33.87
CA SER A 309 39.54 -68.08 -32.56
C SER A 309 38.10 -67.64 -32.34
N ASN A 310 37.63 -67.79 -31.09
CA ASN A 310 36.33 -67.32 -30.68
C ASN A 310 36.41 -66.01 -29.91
N ILE A 311 37.57 -65.35 -29.91
CA ILE A 311 37.79 -64.12 -29.16
C ILE A 311 38.41 -63.08 -30.09
N ILE A 312 37.90 -61.85 -30.00
CA ILE A 312 38.37 -60.74 -30.79
C ILE A 312 39.20 -59.83 -29.91
N ARG A 313 40.35 -59.40 -30.40
CA ARG A 313 41.30 -58.62 -29.60
C ARG A 313 41.24 -57.15 -30.01
N LEU A 314 41.01 -56.28 -29.05
CA LEU A 314 40.85 -54.85 -29.28
C LEU A 314 42.04 -54.11 -28.70
N TYR A 315 42.46 -53.06 -29.41
CA TYR A 315 43.61 -52.26 -29.02
C TYR A 315 43.23 -50.79 -29.07
N ASP A 316 43.64 -50.06 -28.04
CA ASP A 316 43.37 -48.63 -27.93
C ASP A 316 44.64 -47.86 -28.26
N MET A 317 44.67 -47.26 -29.44
CA MET A 317 45.80 -46.46 -29.88
C MET A 317 45.63 -44.97 -29.57
N GLN A 318 44.55 -44.60 -28.88
CA GLN A 318 44.28 -43.20 -28.57
C GLN A 318 45.21 -42.64 -27.50
N HIS A 319 46.21 -43.41 -27.05
CA HIS A 319 47.14 -42.90 -26.06
C HIS A 319 47.89 -41.67 -26.58
N THR A 320 48.28 -41.70 -27.85
CA THR A 320 48.97 -40.57 -28.45
C THR A 320 48.30 -40.13 -29.76
N THR A 331 51.18 -46.28 -23.82
CA THR A 331 50.89 -47.70 -23.69
C THR A 331 49.53 -48.04 -24.28
N ILE A 332 49.50 -49.05 -25.13
CA ILE A 332 48.27 -49.46 -25.82
C ILE A 332 47.47 -50.37 -24.91
N ILE A 333 46.23 -50.00 -24.64
CA ILE A 333 45.34 -50.83 -23.84
C ILE A 333 44.84 -52.00 -24.68
N GLU A 334 44.94 -53.20 -24.14
CA GLU A 334 44.54 -54.42 -24.83
C GLU A 334 43.35 -55.03 -24.13
N ARG A 335 42.33 -55.40 -24.90
CA ARG A 335 41.14 -56.03 -24.35
C ARG A 335 40.74 -57.19 -25.26
N SER A 336 39.89 -58.06 -24.73
CA SER A 336 39.41 -59.21 -25.49
C SER A 336 37.92 -59.38 -25.27
N VAL A 337 37.21 -59.75 -26.33
CA VAL A 337 35.76 -59.94 -26.27
C VAL A 337 35.41 -61.30 -26.87
N GLN A 338 34.53 -62.02 -26.19
CA GLN A 338 34.08 -63.32 -26.67
C GLN A 338 32.61 -63.23 -27.05
N PRO A 339 32.26 -63.18 -28.34
CA PRO A 339 30.87 -62.98 -28.73
C PRO A 339 30.01 -64.22 -28.68
N CYS A 340 30.60 -65.41 -28.85
CA CYS A 340 29.81 -66.64 -28.93
C CYS A 340 30.69 -67.81 -28.48
N ASP A 341 30.09 -68.99 -28.46
CA ASP A 341 30.75 -70.20 -28.01
C ASP A 341 31.47 -70.95 -29.13
N ASN A 342 31.46 -70.41 -30.34
CA ASN A 342 32.12 -71.03 -31.48
C ASN A 342 33.06 -70.02 -32.13
N TYR A 343 33.92 -70.54 -33.01
CA TYR A 343 34.87 -69.67 -33.71
C TYR A 343 34.12 -68.71 -34.63
N ILE A 344 34.65 -67.51 -34.74
CA ILE A 344 34.05 -66.45 -35.56
C ILE A 344 34.73 -66.46 -36.91
N ALA A 345 33.92 -66.54 -37.98
CA ALA A 345 34.46 -66.53 -39.32
C ALA A 345 34.94 -65.14 -39.73
N SER A 346 34.20 -64.11 -39.35
CA SER A 346 34.53 -62.74 -39.70
C SER A 346 33.69 -61.80 -38.85
N PHE A 347 33.94 -60.50 -39.00
CA PHE A 347 33.30 -59.48 -38.18
C PHE A 347 33.23 -58.19 -38.97
N ALA A 348 32.34 -57.29 -38.52
CA ALA A 348 32.14 -56.03 -39.21
C ALA A 348 31.61 -54.99 -38.23
N TRP A 349 32.28 -53.83 -38.21
CA TRP A 349 31.78 -52.67 -37.48
C TRP A 349 30.56 -52.09 -38.18
N HIS A 350 29.54 -51.74 -37.41
CA HIS A 350 28.43 -50.99 -37.95
C HIS A 350 28.90 -49.56 -38.25
N PRO A 351 28.73 -49.08 -39.48
CA PRO A 351 29.30 -47.76 -39.83
C PRO A 351 28.74 -46.61 -39.01
N THR A 352 27.48 -46.68 -38.60
CA THR A 352 26.85 -45.55 -37.91
C THR A 352 26.40 -45.87 -36.49
N SER A 353 25.92 -47.08 -36.23
CA SER A 353 25.49 -47.44 -34.89
C SER A 353 26.67 -47.41 -33.93
N GLN A 354 26.43 -46.89 -32.73
CA GLN A 354 27.51 -46.62 -31.80
C GLN A 354 28.09 -47.91 -31.24
N ASN A 355 29.36 -48.15 -31.54
CA ASN A 355 30.13 -49.25 -30.94
C ASN A 355 29.42 -50.59 -31.12
N ARG A 356 28.92 -50.83 -32.32
CA ARG A 356 28.19 -52.04 -32.67
C ARG A 356 29.00 -52.86 -33.65
N MET A 357 29.04 -54.17 -33.45
CA MET A 357 29.80 -55.05 -34.32
C MET A 357 29.09 -56.37 -34.45
N ILE A 358 29.13 -56.94 -35.66
CA ILE A 358 28.44 -58.18 -35.97
C ILE A 358 29.48 -59.21 -36.43
N VAL A 359 29.36 -60.43 -35.91
CA VAL A 359 30.30 -61.50 -36.21
C VAL A 359 29.54 -62.68 -36.77
N VAL A 360 30.25 -63.51 -37.52
CA VAL A 360 29.67 -64.65 -38.23
C VAL A 360 30.45 -65.91 -37.88
N THR A 361 29.72 -67.00 -37.67
CA THR A 361 30.23 -68.34 -37.40
C THR A 361 30.13 -69.20 -38.65
N PRO A 362 30.98 -70.22 -38.80
CA PRO A 362 30.93 -71.06 -40.00
C PRO A 362 29.62 -71.78 -40.19
N ASN A 363 28.84 -72.00 -39.14
CA ASN A 363 27.57 -72.70 -39.23
C ASN A 363 26.41 -71.79 -39.63
N ARG A 364 26.71 -70.65 -40.27
CA ARG A 364 25.70 -69.70 -40.74
C ARG A 364 24.88 -69.12 -39.60
N THR A 365 25.50 -68.97 -38.43
CA THR A 365 24.90 -68.29 -37.29
C THR A 365 25.64 -66.99 -37.04
N MET A 366 24.91 -65.89 -37.03
CA MET A 366 25.49 -64.56 -36.87
C MET A 366 25.03 -63.95 -35.55
N SER A 367 25.92 -63.20 -34.91
CA SER A 367 25.63 -62.55 -33.64
C SER A 367 26.08 -61.10 -33.69
N ASP A 368 25.17 -60.19 -33.40
CA ASP A 368 25.46 -58.77 -33.34
C ASP A 368 25.44 -58.29 -31.89
N PHE A 369 26.44 -57.48 -31.53
CA PHE A 369 26.58 -57.07 -30.14
C PHE A 369 27.26 -55.72 -30.09
N THR A 370 27.07 -55.03 -28.96
CA THR A 370 27.75 -53.77 -28.69
C THR A 370 28.98 -54.04 -27.83
N VAL A 371 30.03 -53.27 -28.07
CA VAL A 371 31.28 -53.42 -27.33
C VAL A 371 31.28 -52.40 -26.20
N PHE A 372 31.07 -52.89 -24.98
CA PHE A 372 31.06 -52.02 -23.82
C PHE A 372 32.47 -51.55 -23.47
N GLU A 373 32.54 -50.39 -22.81
CA GLU A 373 33.81 -49.82 -22.41
C GLU A 373 34.15 -50.26 -20.98
N ARG A 374 35.32 -49.85 -20.50
CA ARG A 374 35.72 -50.17 -19.15
C ARG A 374 34.82 -49.47 -18.15
N ILE A 375 34.47 -50.18 -17.08
CA ILE A 375 33.46 -49.74 -16.12
C ILE A 375 34.16 -49.34 -14.83
N SER A 376 33.74 -48.22 -14.26
CA SER A 376 34.26 -47.75 -12.99
C SER A 376 33.20 -47.89 -11.90
N LEU A 377 33.65 -48.17 -10.68
CA LEU A 377 32.76 -48.51 -9.58
C LEU A 377 32.97 -47.58 -8.39
N ALA A 378 31.92 -47.44 -7.58
CA ALA A 378 32.01 -46.73 -6.32
C ALA A 378 30.84 -47.14 -5.43
N TRP A 379 31.08 -47.13 -4.12
CA TRP A 379 30.07 -47.47 -3.15
C TRP A 379 29.61 -46.22 -2.39
N SER A 380 28.51 -46.36 -1.67
CA SER A 380 27.96 -45.30 -0.86
C SER A 380 27.64 -45.83 0.53
N PRO A 381 27.65 -44.98 1.56
CA PRO A 381 27.36 -45.46 2.91
C PRO A 381 25.95 -45.94 3.12
N ILE A 382 25.09 -45.86 2.11
CA ILE A 382 23.73 -46.34 2.19
C ILE A 382 23.56 -47.64 1.39
N THR A 383 24.67 -48.31 1.10
CA THR A 383 24.68 -49.58 0.35
C THR A 383 24.04 -49.43 -1.03
N SER A 384 24.37 -48.34 -1.71
CA SER A 384 23.99 -48.14 -3.11
C SER A 384 25.24 -48.10 -3.95
N LEU A 385 25.30 -48.92 -4.99
CA LEU A 385 26.48 -49.06 -5.82
C LEU A 385 26.31 -48.22 -7.07
N MET A 386 27.20 -47.24 -7.26
CA MET A 386 27.12 -46.36 -8.42
C MET A 386 28.28 -46.68 -9.35
N TRP A 387 27.97 -46.90 -10.63
CA TRP A 387 28.99 -47.24 -11.60
C TRP A 387 28.84 -46.40 -12.86
N ALA A 388 29.94 -46.29 -13.58
CA ALA A 388 30.03 -45.50 -14.80
C ALA A 388 30.49 -46.40 -15.94
N CYS A 389 29.78 -46.32 -17.06
CA CYS A 389 30.10 -47.10 -18.26
C CYS A 389 29.98 -46.15 -19.45
N GLY A 390 31.11 -45.62 -19.90
CA GLY A 390 31.10 -44.73 -21.05
C GLY A 390 30.82 -43.29 -20.68
N ARG A 391 29.58 -42.85 -20.91
CA ARG A 391 29.17 -41.49 -20.60
C ARG A 391 27.82 -41.48 -19.89
N HIS A 392 27.56 -42.48 -19.06
CA HIS A 392 26.32 -42.56 -18.30
C HIS A 392 26.61 -43.09 -16.91
N LEU A 393 25.76 -42.73 -15.97
CA LEU A 393 25.90 -43.13 -14.57
C LEU A 393 24.70 -43.96 -14.16
N TYR A 394 24.95 -45.09 -13.52
CA TYR A 394 23.89 -45.97 -13.07
C TYR A 394 24.04 -46.24 -11.59
N GLU A 395 22.91 -46.29 -10.89
CA GLU A 395 22.87 -46.54 -9.46
C GLU A 395 22.06 -47.80 -9.21
N CYS A 396 22.59 -48.68 -8.37
CA CYS A 396 21.98 -49.96 -8.09
C CYS A 396 21.72 -50.09 -6.60
N THR A 397 20.50 -50.47 -6.25
CA THR A 397 20.10 -50.67 -4.87
C THR A 397 19.48 -52.05 -4.69
N GLU A 398 18.97 -52.33 -3.48
CA GLU A 398 18.34 -53.61 -3.22
C GLU A 398 16.86 -53.56 -3.57
N GLU A 399 16.34 -54.69 -4.03
CA GLU A 399 14.92 -54.79 -4.35
C GLU A 399 14.09 -54.64 -3.09
N GLU A 400 13.06 -53.80 -3.16
CA GLU A 400 12.18 -53.54 -2.01
C GLU A 400 11.12 -54.63 -1.94
N ASN A 401 11.55 -55.81 -1.54
CA ASN A 401 10.67 -56.96 -1.39
C ASN A 401 10.20 -57.10 0.05
N ASP A 402 9.09 -57.80 0.22
CA ASP A 402 8.56 -58.03 1.56
C ASP A 402 9.49 -58.90 2.39
N ASN A 403 10.13 -59.89 1.78
CA ASN A 403 11.04 -60.78 2.50
C ASN A 403 12.29 -60.01 2.87
N SER A 404 12.35 -59.54 4.12
CA SER A 404 13.46 -58.73 4.59
C SER A 404 14.51 -59.55 5.34
N LEU A 405 14.32 -60.87 5.46
CA LEU A 405 15.27 -61.68 6.19
C LEU A 405 16.56 -61.89 5.41
N GLU A 406 16.54 -61.68 4.10
CA GLU A 406 17.72 -61.90 3.26
C GLU A 406 18.50 -60.63 3.00
N LYS A 407 18.12 -59.51 3.60
CA LYS A 407 18.81 -58.26 3.34
C LYS A 407 20.19 -58.25 4.01
N ASP A 408 21.02 -57.31 3.57
CA ASP A 408 22.38 -57.21 4.07
C ASP A 408 22.40 -56.72 5.51
N ILE A 409 23.53 -56.96 6.18
CA ILE A 409 23.65 -56.60 7.58
C ILE A 409 23.61 -55.09 7.77
N ALA A 410 24.18 -54.34 6.83
CA ALA A 410 24.21 -52.88 6.97
C ALA A 410 22.80 -52.30 6.93
N THR A 411 21.98 -52.75 6.00
CA THR A 411 20.61 -52.25 5.91
C THR A 411 19.82 -52.60 7.18
N LYS A 412 19.98 -53.83 7.66
CA LYS A 412 19.29 -54.21 8.88
C LYS A 412 19.74 -53.38 10.07
N MET A 413 21.04 -53.07 10.15
CA MET A 413 21.52 -52.24 11.24
C MET A 413 20.94 -50.84 11.15
N ARG A 414 20.86 -50.28 9.94
CA ARG A 414 20.24 -48.97 9.79
C ARG A 414 18.79 -48.98 10.23
N LEU A 415 18.05 -50.01 9.81
CA LEU A 415 16.64 -50.10 10.17
C LEU A 415 16.47 -50.23 11.68
N ARG A 416 17.31 -51.05 12.31
CA ARG A 416 17.23 -51.19 13.77
C ARG A 416 17.57 -49.89 14.47
N ALA A 417 18.58 -49.17 13.96
CA ALA A 417 18.94 -47.90 14.56
C ALA A 417 17.79 -46.90 14.47
N LEU A 418 17.08 -46.90 13.34
CA LEU A 418 15.93 -46.00 13.22
C LEU A 418 14.81 -46.35 14.18
N SER A 419 14.80 -47.56 14.72
CA SER A 419 13.69 -48.03 15.56
C SER A 419 14.10 -48.21 17.02
N ARG A 420 15.13 -47.49 17.48
CA ARG A 420 15.53 -47.51 18.88
C ARG A 420 15.83 -48.92 19.37
N TYR A 421 16.54 -49.70 18.55
CA TYR A 421 16.85 -51.07 18.92
C TYR A 421 17.87 -51.09 20.06
N GLY A 422 17.49 -51.68 21.19
CA GLY A 422 18.40 -51.86 22.30
C GLY A 422 18.27 -50.85 23.41
N LEU A 423 17.46 -49.81 23.23
CA LEU A 423 17.33 -48.76 24.24
C LEU A 423 16.15 -48.98 25.19
N ASP A 424 15.43 -50.09 25.04
CA ASP A 424 14.28 -50.37 25.92
C ASP A 424 14.81 -51.05 27.17
N THR A 425 15.20 -50.25 28.16
CA THR A 425 15.73 -50.78 29.40
C THR A 425 14.66 -51.14 30.41
N GLU A 426 13.40 -50.76 30.19
CA GLU A 426 12.35 -51.11 31.12
C GLU A 426 12.12 -52.62 31.14
N GLN A 427 11.96 -53.22 29.96
CA GLN A 427 11.83 -54.66 29.82
C GLN A 427 12.73 -55.09 28.66
N VAL A 428 13.79 -55.84 28.98
CA VAL A 428 14.83 -56.11 28.00
C VAL A 428 14.32 -56.98 26.86
N TRP A 429 13.44 -57.94 27.17
CA TRP A 429 13.06 -58.93 26.18
C TRP A 429 12.33 -58.33 24.99
N ARG A 430 11.84 -57.10 25.08
CA ARG A 430 11.14 -56.50 23.95
C ARG A 430 12.07 -56.18 22.79
N ASN A 431 13.39 -56.24 22.99
CA ASN A 431 14.29 -55.90 21.90
C ASN A 431 14.18 -56.88 20.74
N HIS A 432 13.90 -58.15 21.02
CA HIS A 432 13.70 -59.09 19.92
C HIS A 432 12.49 -58.71 19.09
N ILE A 433 11.46 -58.14 19.74
CA ILE A 433 10.36 -57.56 18.98
C ILE A 433 10.83 -56.35 18.19
N LEU A 434 11.71 -55.54 18.79
CA LEU A 434 12.27 -54.39 18.10
C LEU A 434 13.28 -54.78 17.02
N ALA A 435 13.71 -56.03 16.99
CA ALA A 435 14.68 -56.45 15.98
C ALA A 435 14.12 -56.32 14.58
N GLY A 436 12.80 -56.43 14.43
CA GLY A 436 12.18 -56.27 13.13
C GLY A 436 11.99 -57.59 12.41
N ASN A 437 12.98 -58.46 12.47
CA ASN A 437 12.95 -59.75 11.83
C ASN A 437 12.87 -60.85 12.89
N GLU A 438 12.80 -62.09 12.42
CA GLU A 438 12.73 -63.26 13.29
C GLU A 438 14.08 -63.99 13.25
N ASP A 439 14.67 -64.17 14.42
CA ASP A 439 15.92 -64.91 14.54
C ASP A 439 16.02 -65.49 15.94
N PRO A 440 16.10 -66.82 16.08
CA PRO A 440 16.11 -67.42 17.42
C PRO A 440 17.25 -66.96 18.29
N GLN A 441 18.42 -66.67 17.71
CA GLN A 441 19.57 -66.30 18.51
C GLN A 441 19.31 -65.02 19.28
N LEU A 442 18.76 -64.01 18.62
CA LEU A 442 18.48 -62.75 19.28
C LEU A 442 17.45 -62.92 20.38
N LYS A 443 16.39 -63.68 20.11
CA LYS A 443 15.38 -63.92 21.13
C LYS A 443 15.98 -64.61 22.35
N SER A 444 16.81 -65.62 22.12
CA SER A 444 17.45 -66.32 23.22
C SER A 444 18.32 -65.37 24.03
N LEU A 445 19.13 -64.56 23.35
CA LEU A 445 20.02 -63.64 24.03
C LEU A 445 19.25 -62.65 24.89
N TRP A 446 18.21 -62.05 24.31
CA TRP A 446 17.47 -61.03 25.04
C TRP A 446 16.70 -61.63 26.21
N TYR A 447 16.13 -62.82 26.03
CA TYR A 447 15.46 -63.46 27.17
C TYR A 447 16.44 -63.81 28.27
N THR A 448 17.64 -64.27 27.91
CA THR A 448 18.65 -64.55 28.92
C THR A 448 19.00 -63.29 29.69
N LEU A 449 19.22 -62.18 28.98
CA LEU A 449 19.54 -60.93 29.66
C LEU A 449 18.40 -60.49 30.56
N HIS A 450 17.16 -60.65 30.09
CA HIS A 450 16.02 -60.27 30.90
C HIS A 450 15.96 -61.07 32.20
N PHE A 451 16.18 -62.38 32.10
CA PHE A 451 16.17 -63.21 33.31
C PHE A 451 17.27 -62.80 34.26
N MET A 452 18.47 -62.57 33.73
CA MET A 452 19.59 -62.19 34.61
C MET A 452 19.31 -60.86 35.28
N LYS A 453 18.77 -59.89 34.55
CA LYS A 453 18.43 -58.60 35.14
C LYS A 453 17.36 -58.75 36.21
N GLN A 454 16.36 -59.60 35.95
CA GLN A 454 15.32 -59.83 36.95
C GLN A 454 15.91 -60.40 38.22
N TYR A 455 16.83 -61.36 38.09
CA TYR A 455 17.46 -61.93 39.27
C TYR A 455 18.29 -60.90 40.01
N THR A 456 19.02 -60.04 39.28
CA THR A 456 19.79 -59.00 39.94
C THR A 456 18.88 -58.06 40.72
N GLU A 457 17.75 -57.67 40.12
CA GLU A 457 16.82 -56.78 40.81
C GLU A 457 16.27 -57.45 42.06
N ASP A 458 15.91 -58.74 41.96
CA ASP A 458 15.40 -59.45 43.13
C ASP A 458 16.45 -59.53 44.22
N MET A 459 17.68 -59.85 43.86
CA MET A 459 18.75 -59.96 44.86
C MET A 459 19.01 -58.61 45.52
N ASP A 460 19.00 -57.53 44.75
CA ASP A 460 19.16 -56.20 45.31
C ASP A 460 18.02 -55.86 46.26
N GLN A 461 16.79 -56.24 45.90
CA GLN A 461 15.66 -56.02 46.78
C GLN A 461 15.81 -56.80 48.09
N LYS A 462 16.30 -58.04 48.01
CA LYS A 462 16.50 -58.85 49.20
C LYS A 462 17.86 -58.56 49.83
N SER A 469 25.86 -60.21 41.05
CA SER A 469 27.19 -60.33 40.46
C SER A 469 27.48 -61.76 40.03
N LEU A 470 27.18 -62.71 40.91
CA LEU A 470 27.40 -64.12 40.61
C LEU A 470 26.58 -64.58 39.41
N VAL A 471 25.45 -63.94 39.14
CA VAL A 471 24.61 -64.33 38.01
C VAL A 471 25.34 -64.09 36.70
N TYR A 472 26.04 -62.96 36.58
CA TYR A 472 26.73 -62.66 35.34
C TYR A 472 27.96 -63.50 35.11
N ALA A 473 28.38 -64.30 36.09
CA ALA A 473 29.51 -65.20 35.91
C ALA A 473 29.19 -66.35 34.96
N GLY A 474 27.92 -66.58 34.63
CA GLY A 474 27.55 -67.63 33.72
C GLY A 474 27.24 -68.94 34.42
N ILE A 475 26.61 -69.83 33.66
CA ILE A 475 26.21 -71.14 34.20
C ILE A 475 27.42 -71.93 34.64
N LYS A 476 28.49 -71.89 33.84
CA LYS A 476 29.67 -72.69 34.13
C LYS A 476 30.25 -72.34 35.50
N SER A 477 30.41 -71.04 35.77
CA SER A 477 30.96 -70.64 37.06
C SER A 477 30.04 -71.01 38.21
N ILE A 478 28.73 -70.85 38.01
CA ILE A 478 27.78 -71.16 39.07
C ILE A 478 27.84 -72.64 39.44
N VAL A 479 27.80 -73.51 38.42
CA VAL A 479 27.79 -74.95 38.68
C VAL A 479 29.17 -75.49 38.99
N LYS A 480 30.23 -74.69 38.81
CA LYS A 480 31.56 -75.15 39.16
C LYS A 480 31.68 -75.45 40.65
N SER A 481 30.90 -74.77 41.48
CA SER A 481 30.97 -74.92 42.93
C SER A 481 29.84 -75.79 43.47
N SER A 482 29.12 -76.49 42.61
CA SER A 482 28.03 -77.34 43.06
C SER A 482 28.57 -78.57 43.77
N LEU A 483 27.83 -79.03 44.77
CA LEU A 483 28.28 -80.15 45.58
C LEU A 483 27.07 -80.84 46.20
N GLY A 484 27.19 -82.16 46.40
CA GLY A 484 26.18 -82.91 47.11
C GLY A 484 24.96 -83.28 46.30
N MET A 485 25.15 -84.07 45.25
CA MET A 485 24.03 -84.57 44.44
C MET A 485 24.16 -86.08 44.32
N VAL A 486 23.03 -86.78 44.48
CA VAL A 486 22.97 -88.23 44.41
C VAL A 486 22.07 -88.61 43.25
N GLU A 487 22.59 -89.44 42.35
CA GLU A 487 21.83 -89.86 41.18
C GLU A 487 20.74 -90.86 41.57
N SER A 488 19.70 -90.91 40.74
CA SER A 488 18.58 -91.83 40.97
C SER A 488 18.80 -93.12 40.19
N SER A 489 18.52 -94.24 40.85
CA SER A 489 18.69 -95.55 40.24
C SER A 489 17.47 -95.99 39.44
N ARG A 490 16.27 -95.57 39.85
CA ARG A 490 15.05 -95.95 39.17
C ARG A 490 14.12 -94.74 39.12
N HIS A 491 13.19 -94.77 38.17
CA HIS A 491 12.28 -93.66 37.93
C HIS A 491 10.95 -93.93 38.62
N ASN A 492 10.57 -93.04 39.53
CA ASN A 492 9.26 -93.07 40.16
C ASN A 492 8.40 -92.00 39.48
N TRP A 493 7.35 -92.43 38.78
CA TRP A 493 6.58 -91.55 37.92
C TRP A 493 5.48 -90.80 38.66
N SER A 494 5.58 -90.70 39.98
CA SER A 494 4.61 -89.97 40.80
C SER A 494 3.19 -90.44 40.56
N ILE A 502 11.54 -81.02 43.76
CA ILE A 502 12.35 -79.97 43.15
C ILE A 502 13.18 -79.24 44.22
N GLN A 503 12.51 -78.87 45.31
CA GLN A 503 13.16 -78.09 46.36
C GLN A 503 14.23 -78.88 47.10
N ASN A 504 14.29 -80.20 46.89
CA ASN A 504 15.33 -81.02 47.51
C ASN A 504 16.68 -80.89 46.83
N LEU A 505 16.75 -80.14 45.73
CA LEU A 505 17.97 -80.02 44.95
C LEU A 505 18.85 -78.90 45.49
N ASN A 506 20.12 -78.93 45.09
CA ASN A 506 21.09 -77.97 45.57
C ASN A 506 20.77 -76.56 45.05
N GLU A 507 21.27 -75.56 45.78
CA GLU A 507 20.94 -74.17 45.46
C GLU A 507 21.44 -73.78 44.08
N GLU A 508 22.65 -74.20 43.72
CA GLU A 508 23.20 -73.85 42.41
C GLU A 508 22.30 -74.34 41.29
N ARG A 509 21.82 -75.58 41.40
CA ARG A 509 20.96 -76.11 40.36
C ARG A 509 19.61 -75.40 40.33
N ILE A 510 19.10 -74.99 41.49
CA ILE A 510 17.87 -74.21 41.52
C ILE A 510 18.07 -72.89 40.78
N LEU A 511 19.20 -72.23 41.03
CA LEU A 511 19.49 -70.98 40.33
C LEU A 511 19.62 -71.20 38.83
N ALA A 512 20.27 -72.30 38.45
CA ALA A 512 20.40 -72.62 37.03
C ALA A 512 19.04 -72.82 36.39
N LEU A 513 18.14 -73.54 37.06
CA LEU A 513 16.80 -73.73 36.54
C LEU A 513 16.06 -72.41 36.43
N GLN A 514 16.23 -71.53 37.41
CA GLN A 514 15.61 -70.21 37.32
C GLN A 514 16.13 -69.44 36.12
N LEU A 515 17.43 -69.52 35.86
CA LEU A 515 17.99 -68.87 34.68
C LEU A 515 17.43 -69.47 33.40
N CYS A 516 17.27 -70.79 33.36
CA CYS A 516 16.72 -71.43 32.17
C CYS A 516 15.26 -71.05 31.94
N GLY A 517 14.57 -70.54 32.95
CA GLY A 517 13.21 -70.11 32.80
C GLY A 517 12.15 -71.14 33.10
N TRP A 518 12.55 -72.35 33.49
CA TRP A 518 11.56 -73.37 33.84
C TRP A 518 10.75 -72.97 35.06
N ILE A 519 11.43 -72.50 36.11
CA ILE A 519 10.78 -72.14 37.37
C ILE A 519 10.84 -70.63 37.53
N LYS A 520 9.72 -70.05 37.96
CA LYS A 520 9.67 -68.62 38.22
C LYS A 520 10.50 -68.28 39.45
N LYS A 521 10.54 -67.00 39.79
CA LYS A 521 11.29 -66.55 40.95
C LYS A 521 10.72 -67.17 42.22
N GLY A 522 11.60 -67.47 43.16
CA GLY A 522 11.21 -68.08 44.42
C GLY A 522 11.64 -69.54 44.48
N THR A 523 11.19 -70.20 45.55
CA THR A 523 11.50 -71.59 45.80
C THR A 523 10.35 -72.52 45.48
N ASP A 524 9.45 -72.13 44.57
CA ASP A 524 8.36 -72.99 44.17
C ASP A 524 8.89 -74.29 43.58
N VAL A 525 8.27 -75.40 43.98
CA VAL A 525 8.73 -76.73 43.56
C VAL A 525 7.76 -77.29 42.53
N ASP A 526 7.08 -76.41 41.80
CA ASP A 526 6.15 -76.82 40.76
C ASP A 526 6.45 -76.04 39.49
N VAL A 527 6.41 -76.75 38.36
CA VAL A 527 6.59 -76.14 37.05
C VAL A 527 5.27 -75.94 36.33
N GLY A 528 4.15 -76.08 37.04
CA GLY A 528 2.83 -75.99 36.45
C GLY A 528 2.56 -74.70 35.69
N PRO A 529 2.91 -73.54 36.28
CA PRO A 529 2.73 -72.28 35.52
C PRO A 529 3.47 -72.29 34.20
N PHE A 530 4.68 -72.83 34.16
CA PHE A 530 5.43 -72.91 32.91
C PHE A 530 4.73 -73.81 31.91
N LEU A 531 4.22 -74.95 32.38
CA LEU A 531 3.51 -75.86 31.49
C LEU A 531 2.26 -75.23 30.91
N ASN A 532 1.50 -74.53 31.76
CA ASN A 532 0.29 -73.88 31.27
C ASN A 532 0.61 -72.73 30.33
N SER A 533 1.71 -72.01 30.58
CA SER A 533 2.13 -70.97 29.66
C SER A 533 2.47 -71.57 28.29
N LEU A 534 3.17 -72.70 28.28
CA LEU A 534 3.48 -73.36 27.02
C LEU A 534 2.20 -73.84 26.33
N VAL A 535 1.26 -74.37 27.10
CA VAL A 535 0.00 -74.83 26.53
C VAL A 535 -0.74 -73.67 25.87
N GLN A 536 -0.83 -72.54 26.55
CA GLN A 536 -1.40 -71.35 25.94
C GLN A 536 -0.59 -70.90 24.74
N GLU A 537 0.73 -71.11 24.77
CA GLU A 537 1.57 -70.77 23.64
C GLU A 537 1.33 -71.68 22.45
N GLY A 538 0.79 -72.88 22.67
CA GLY A 538 0.50 -73.80 21.59
C GLY A 538 1.63 -74.74 21.22
N GLU A 539 2.77 -74.66 21.90
CA GLU A 539 3.89 -75.57 21.63
C GLU A 539 3.65 -76.84 22.42
N TRP A 540 2.90 -77.76 21.82
CA TRP A 540 2.47 -78.95 22.54
C TRP A 540 3.64 -79.88 22.83
N GLU A 541 4.47 -80.16 21.82
CA GLU A 541 5.52 -81.16 21.96
C GLU A 541 6.54 -80.74 23.02
N ARG A 542 6.94 -79.47 23.02
CA ARG A 542 7.90 -79.01 24.00
C ARG A 542 7.35 -79.11 25.41
N ALA A 543 6.08 -78.72 25.59
CA ALA A 543 5.46 -78.83 26.90
C ALA A 543 5.39 -80.28 27.36
N ALA A 544 5.03 -81.20 26.46
CA ALA A 544 4.97 -82.61 26.81
C ALA A 544 6.35 -83.12 27.21
N ALA A 545 7.38 -82.72 26.46
CA ALA A 545 8.73 -83.15 26.79
C ALA A 545 9.16 -82.65 28.16
N VAL A 546 8.85 -81.39 28.47
CA VAL A 546 9.18 -80.85 29.79
C VAL A 546 8.44 -81.61 30.87
N ALA A 547 7.15 -81.87 30.66
CA ALA A 547 6.36 -82.59 31.65
C ALA A 547 6.94 -83.98 31.90
N LEU A 548 7.31 -84.68 30.84
CA LEU A 548 7.92 -85.99 31.02
C LEU A 548 9.24 -85.89 31.75
N PHE A 549 10.05 -84.88 31.41
CA PHE A 549 11.29 -84.65 32.14
C PHE A 549 11.03 -84.40 33.62
N ASN A 550 9.85 -83.90 33.96
CA ASN A 550 9.44 -83.77 35.35
C ASN A 550 8.80 -85.04 35.89
N LEU A 551 8.89 -86.15 35.15
CA LEU A 551 8.51 -87.47 35.63
C LEU A 551 7.02 -87.56 35.93
N ASP A 552 6.20 -87.22 34.92
CA ASP A 552 4.75 -87.38 35.01
C ASP A 552 4.25 -87.82 33.63
N ILE A 553 4.15 -89.14 33.44
CA ILE A 553 3.73 -89.68 32.15
C ILE A 553 2.29 -89.29 31.86
N ARG A 554 1.41 -89.44 32.86
CA ARG A 554 -0.01 -89.21 32.64
C ARG A 554 -0.28 -87.76 32.26
N ARG A 555 0.44 -86.83 32.87
CA ARG A 555 0.29 -85.42 32.50
C ARG A 555 0.66 -85.20 31.04
N ALA A 556 1.75 -85.83 30.59
CA ALA A 556 2.15 -85.71 29.19
C ALA A 556 1.09 -86.29 28.27
N ILE A 557 0.52 -87.44 28.65
CA ILE A 557 -0.51 -88.05 27.84
C ILE A 557 -1.73 -87.13 27.74
N GLN A 558 -2.12 -86.53 28.87
CA GLN A 558 -3.23 -85.60 28.86
C GLN A 558 -2.95 -84.40 27.97
N ILE A 559 -1.73 -83.88 28.04
CA ILE A 559 -1.37 -82.73 27.20
C ILE A 559 -1.41 -83.12 25.73
N LEU A 560 -0.93 -84.31 25.40
CA LEU A 560 -0.98 -84.77 24.01
C LEU A 560 -2.40 -84.91 23.54
N ASN A 561 -3.29 -85.44 24.39
CA ASN A 561 -4.70 -85.53 24.02
C ASN A 561 -5.29 -84.14 23.78
N GLU A 562 -4.96 -83.19 24.65
CA GLU A 562 -5.48 -81.83 24.50
C GLU A 562 -5.00 -81.22 23.19
N GLY A 563 -3.71 -81.41 22.86
CA GLY A 563 -3.20 -80.89 21.62
C GLY A 563 -3.81 -81.54 20.39
N ALA A 564 -4.00 -82.86 20.45
CA ALA A 564 -4.62 -83.57 19.33
C ALA A 564 -6.09 -83.20 19.18
N SER A 565 -6.71 -82.73 20.27
CA SER A 565 -8.09 -82.27 20.18
C SER A 565 -8.23 -81.12 19.18
N SER A 566 -7.30 -80.18 19.22
CA SER A 566 -7.29 -79.08 18.27
C SER A 566 -6.60 -79.52 16.99
N GLU A 567 -6.56 -78.61 16.01
CA GLU A 567 -5.92 -78.84 14.72
C GLU A 567 -6.48 -80.09 14.03
N LEU A 571 -3.19 -85.42 14.06
CA LEU A 571 -3.73 -86.67 14.57
C LEU A 571 -2.62 -87.59 15.06
N ASN A 572 -1.39 -87.31 14.63
CA ASN A 572 -0.26 -88.13 15.05
C ASN A 572 -0.03 -88.03 16.55
N LEU A 573 -0.53 -86.98 17.20
CA LEU A 573 -0.33 -86.84 18.64
C LEU A 573 -1.02 -87.96 19.41
N ASN A 574 -2.21 -88.38 18.95
CA ASN A 574 -2.93 -89.45 19.64
C ASN A 574 -2.17 -90.76 19.57
N VAL A 575 -1.69 -91.13 18.39
CA VAL A 575 -0.96 -92.38 18.28
C VAL A 575 0.37 -92.28 19.03
N VAL A 576 0.99 -91.09 19.05
CA VAL A 576 2.20 -90.91 19.83
C VAL A 576 1.92 -91.16 21.30
N ALA A 577 0.84 -90.59 21.81
CA ALA A 577 0.49 -90.76 23.22
C ALA A 577 0.23 -92.22 23.53
N MET A 578 -0.54 -92.91 22.66
CA MET A 578 -0.85 -94.30 22.93
C MET A 578 0.39 -95.18 22.83
N ALA A 579 1.36 -94.78 22.01
CA ALA A 579 2.65 -95.47 22.01
C ALA A 579 3.41 -95.22 23.30
N LEU A 580 3.26 -94.03 23.87
CA LEU A 580 4.05 -93.65 25.03
C LEU A 580 3.75 -94.51 26.25
N SER A 581 2.58 -95.15 26.29
CA SER A 581 2.19 -95.96 27.43
C SER A 581 2.88 -97.31 27.47
N GLY A 582 3.83 -97.56 26.58
CA GLY A 582 4.49 -98.85 26.53
C GLY A 582 5.80 -98.92 27.27
N TYR A 583 6.03 -97.97 28.19
CA TYR A 583 7.29 -97.93 28.89
C TYR A 583 7.48 -99.19 29.74
N THR A 584 8.62 -99.85 29.56
CA THR A 584 8.96 -101.03 30.32
C THR A 584 10.43 -100.99 30.70
N ASP A 585 10.77 -101.71 31.78
CA ASP A 585 12.14 -101.79 32.25
C ASP A 585 12.82 -103.09 31.85
N GLU A 586 12.19 -103.90 31.02
CA GLU A 586 12.78 -105.17 30.62
C GLU A 586 14.06 -104.93 29.82
N LYS A 587 15.07 -105.76 30.08
CA LYS A 587 16.34 -105.62 29.40
C LYS A 587 16.23 -105.99 27.93
N ASN A 588 15.33 -106.91 27.59
CA ASN A 588 15.11 -107.35 26.22
C ASN A 588 13.68 -107.05 25.79
N SER A 589 13.19 -105.87 26.13
CA SER A 589 11.83 -105.49 25.79
C SER A 589 11.71 -105.27 24.29
N LEU A 590 10.70 -105.91 23.69
CA LEU A 590 10.44 -105.71 22.26
C LEU A 590 10.12 -104.24 21.97
N TRP A 591 9.31 -103.61 22.81
CA TRP A 591 9.02 -102.21 22.65
C TRP A 591 10.29 -101.37 22.72
N ARG A 592 11.15 -101.69 23.68
CA ARG A 592 12.40 -100.95 23.81
C ARG A 592 13.25 -101.08 22.54
N GLU A 593 13.38 -102.30 22.04
CA GLU A 593 14.18 -102.52 20.84
C GLU A 593 13.62 -101.76 19.65
N MET A 594 12.32 -101.90 19.40
CA MET A 594 11.74 -101.27 18.23
C MET A 594 11.77 -99.75 18.33
N CYS A 595 11.47 -99.20 19.51
CA CYS A 595 11.51 -97.77 19.69
C CYS A 595 12.92 -97.23 19.51
N SER A 596 13.92 -97.94 20.03
CA SER A 596 15.30 -97.52 19.82
C SER A 596 15.66 -97.54 18.34
N THR A 597 15.21 -98.57 17.62
CA THR A 597 15.57 -98.68 16.21
C THR A 597 14.93 -97.57 15.37
N LEU A 598 13.63 -97.37 15.50
CA LEU A 598 12.91 -96.48 14.61
C LEU A 598 12.60 -95.13 15.23
N ARG A 599 13.21 -94.80 16.36
CA ARG A 599 12.93 -93.54 17.03
C ARG A 599 13.32 -92.34 16.16
N LEU A 600 14.49 -92.41 15.53
CA LEU A 600 15.02 -91.27 14.80
C LEU A 600 14.26 -90.97 13.53
N GLN A 601 13.35 -91.85 13.10
CA GLN A 601 12.64 -91.63 11.85
C GLN A 601 11.60 -90.53 11.94
N LEU A 602 11.29 -90.06 13.14
CA LEU A 602 10.30 -89.00 13.29
C LEU A 602 10.86 -87.67 12.81
N ASN A 603 9.97 -86.69 12.67
CA ASN A 603 10.35 -85.36 12.21
C ASN A 603 10.54 -84.36 13.34
N ASN A 604 9.66 -84.36 14.33
CA ASN A 604 9.79 -83.41 15.42
C ASN A 604 10.95 -83.79 16.32
N PRO A 605 11.94 -82.92 16.51
CA PRO A 605 13.09 -83.30 17.36
C PRO A 605 12.73 -83.58 18.79
N TYR A 606 11.73 -82.88 19.34
CA TYR A 606 11.38 -83.07 20.75
C TYR A 606 10.88 -84.49 21.01
N LEU A 607 10.07 -85.02 20.09
CA LEU A 607 9.65 -86.41 20.22
C LEU A 607 10.84 -87.35 20.18
N CYS A 608 11.79 -87.08 19.29
CA CYS A 608 12.97 -87.93 19.19
C CYS A 608 13.76 -87.93 20.49
N VAL A 609 13.99 -86.76 21.08
CA VAL A 609 14.76 -86.71 22.31
C VAL A 609 13.97 -87.30 23.47
N MET A 610 12.65 -87.14 23.45
CA MET A 610 11.82 -87.77 24.49
C MET A 610 11.98 -89.28 24.46
N PHE A 611 11.84 -89.88 23.28
CA PHE A 611 12.00 -91.32 23.18
C PHE A 611 13.43 -91.75 23.46
N ALA A 612 14.42 -90.91 23.12
CA ALA A 612 15.79 -91.24 23.45
C ALA A 612 16.00 -91.30 24.95
N PHE A 613 15.43 -90.33 25.68
CA PHE A 613 15.52 -90.36 27.13
C PHE A 613 14.81 -91.59 27.69
N LEU A 614 13.65 -91.93 27.14
CA LEU A 614 12.92 -93.08 27.64
C LEU A 614 13.69 -94.38 27.42
N THR A 615 14.29 -94.53 26.24
CA THR A 615 14.98 -95.77 25.89
C THR A 615 16.41 -95.83 26.40
N SER A 616 16.99 -94.71 26.79
CA SER A 616 18.37 -94.70 27.23
C SER A 616 18.51 -95.43 28.56
N GLU A 617 19.66 -96.06 28.76
CA GLU A 617 19.95 -96.71 30.03
C GLU A 617 20.24 -95.67 31.10
N THR A 618 20.33 -96.13 32.34
CA THR A 618 20.56 -95.24 33.46
C THR A 618 21.91 -94.54 33.32
N GLY A 619 21.91 -93.22 33.52
CA GLY A 619 23.12 -92.44 33.50
C GLY A 619 23.59 -92.04 32.12
N SER A 620 23.47 -92.93 31.14
CA SER A 620 23.96 -92.68 29.80
C SER A 620 22.85 -92.01 29.00
N TYR A 621 22.89 -90.68 28.93
CA TYR A 621 21.87 -89.89 28.25
C TYR A 621 22.48 -89.09 27.11
N ASP A 622 23.46 -89.68 26.43
CA ASP A 622 24.18 -88.94 25.39
C ASP A 622 23.25 -88.51 24.26
N GLY A 623 22.27 -89.35 23.92
CA GLY A 623 21.35 -88.98 22.86
C GLY A 623 20.61 -87.69 23.13
N VAL A 624 20.14 -87.52 24.37
CA VAL A 624 19.46 -86.28 24.73
C VAL A 624 20.44 -85.13 24.80
N LEU A 625 21.60 -85.36 25.42
CA LEU A 625 22.54 -84.26 25.68
C LEU A 625 23.10 -83.68 24.39
N TYR A 626 23.44 -84.53 23.42
CA TYR A 626 24.14 -84.11 22.22
C TYR A 626 23.22 -83.95 21.03
N GLU A 627 21.99 -83.49 21.26
CA GLU A 627 21.06 -83.20 20.17
C GLU A 627 21.12 -81.72 19.86
N ASN A 628 21.43 -81.38 18.60
CA ASN A 628 21.63 -80.01 18.20
C ASN A 628 20.34 -79.30 17.81
N LYS A 629 19.24 -80.03 17.61
CA LYS A 629 18.00 -79.41 17.18
C LYS A 629 17.16 -78.90 18.35
N VAL A 630 17.56 -79.17 19.58
CA VAL A 630 16.83 -78.73 20.76
C VAL A 630 17.50 -77.47 21.29
N ALA A 631 16.69 -76.56 21.83
CA ALA A 631 17.22 -75.34 22.42
C ALA A 631 18.18 -75.68 23.55
N VAL A 632 19.25 -74.89 23.65
CA VAL A 632 20.29 -75.16 24.64
C VAL A 632 19.74 -75.08 26.06
N ARG A 633 18.77 -74.19 26.29
CA ARG A 633 18.25 -74.03 27.65
C ARG A 633 17.64 -75.32 28.18
N ASP A 634 16.85 -76.00 27.35
CA ASP A 634 16.21 -77.23 27.80
C ASP A 634 17.24 -78.32 28.11
N ARG A 635 18.24 -78.47 27.24
CA ARG A 635 19.28 -79.46 27.49
C ARG A 635 20.04 -79.13 28.77
N VAL A 636 20.33 -77.85 28.99
CA VAL A 636 21.04 -77.44 30.19
C VAL A 636 20.24 -77.77 31.42
N ALA A 637 18.93 -77.47 31.40
CA ALA A 637 18.09 -77.77 32.55
C ALA A 637 18.04 -79.27 32.81
N PHE A 638 17.87 -80.06 31.74
CA PHE A 638 17.79 -81.51 31.90
C PHE A 638 19.07 -82.07 32.48
N ALA A 639 20.22 -81.58 32.01
CA ALA A 639 21.48 -82.02 32.59
C ALA A 639 21.60 -81.56 34.04
N CYS A 640 21.08 -80.38 34.37
CA CYS A 640 21.18 -79.88 35.73
C CYS A 640 20.42 -80.76 36.70
N LYS A 641 19.21 -81.17 36.35
CA LYS A 641 18.40 -81.89 37.32
C LYS A 641 18.73 -83.38 37.42
N PHE A 642 19.31 -83.97 36.38
CA PHE A 642 19.56 -85.40 36.38
C PHE A 642 21.04 -85.76 36.44
N LEU A 643 21.87 -85.15 35.61
CA LEU A 643 23.26 -85.57 35.48
C LEU A 643 24.04 -85.32 36.76
N SER A 644 24.98 -86.22 37.05
CA SER A 644 25.81 -86.07 38.24
C SER A 644 26.84 -84.97 38.02
N ASP A 645 27.18 -84.28 39.12
CA ASP A 645 28.04 -83.10 39.03
C ASP A 645 29.41 -83.45 38.47
N THR A 646 29.97 -84.58 38.88
CA THR A 646 31.32 -84.95 38.46
C THR A 646 31.45 -84.99 36.95
N GLN A 647 30.40 -85.45 36.27
CA GLN A 647 30.36 -85.39 34.81
C GLN A 647 29.61 -84.18 34.29
N LEU A 648 28.79 -83.55 35.13
CA LEU A 648 28.12 -82.32 34.72
C LEU A 648 29.12 -81.23 34.39
N ASN A 649 30.18 -81.12 35.19
CA ASN A 649 31.20 -80.11 34.91
C ASN A 649 31.86 -80.38 33.57
N ARG A 650 32.20 -81.64 33.28
CA ARG A 650 32.81 -81.96 32.00
C ARG A 650 31.87 -81.66 30.84
N TYR A 651 30.59 -82.01 31.00
CA TYR A 651 29.61 -81.75 29.95
C TYR A 651 29.48 -80.25 29.69
N ILE A 652 29.43 -79.46 30.77
CA ILE A 652 29.34 -78.01 30.61
C ILE A 652 30.57 -77.47 29.91
N GLU A 653 31.74 -77.96 30.28
CA GLU A 653 32.98 -77.52 29.65
C GLU A 653 32.95 -77.82 28.15
N LYS A 654 32.58 -79.04 27.79
CA LYS A 654 32.56 -79.41 26.37
C LYS A 654 31.55 -78.58 25.60
N LEU A 655 30.35 -78.39 26.17
CA LEU A 655 29.33 -77.61 25.48
C LEU A 655 29.78 -76.16 25.32
N THR A 656 30.40 -75.59 26.35
CA THR A 656 30.88 -74.22 26.26
C THR A 656 31.93 -74.10 25.17
N ASN A 657 32.86 -75.05 25.09
CA ASN A 657 33.89 -74.98 24.06
C ASN A 657 33.28 -75.07 22.67
N GLU A 658 32.37 -76.01 22.46
CA GLU A 658 31.80 -76.17 21.13
C GLU A 658 30.89 -75.01 20.76
N MET A 659 30.31 -74.31 21.74
CA MET A 659 29.57 -73.10 21.43
C MET A 659 30.51 -71.95 21.09
N LYS A 660 31.61 -71.82 21.84
CA LYS A 660 32.54 -70.72 21.60
C LYS A 660 33.16 -70.84 20.22
N GLU A 661 33.60 -72.03 19.84
CA GLU A 661 34.24 -72.19 18.54
C GLU A 661 33.28 -71.90 17.38
N ALA A 662 31.97 -72.04 17.62
CA ALA A 662 31.00 -71.82 16.56
C ALA A 662 30.44 -70.40 16.54
N GLY A 663 30.57 -69.67 17.64
CA GLY A 663 30.08 -68.30 17.68
C GLY A 663 28.59 -68.15 17.84
N ASN A 664 27.86 -69.22 18.15
CA ASN A 664 26.44 -69.11 18.38
C ASN A 664 26.16 -68.32 19.64
N LEU A 665 25.18 -67.41 19.57
CA LEU A 665 24.91 -66.50 20.68
C LEU A 665 24.19 -67.17 21.83
N GLU A 666 23.59 -68.34 21.62
CA GLU A 666 22.88 -69.00 22.71
C GLU A 666 23.80 -69.41 23.85
N GLY A 667 25.10 -69.45 23.60
CA GLY A 667 26.05 -69.82 24.63
C GLY A 667 26.36 -68.76 25.65
N ILE A 668 25.79 -67.55 25.49
CA ILE A 668 26.01 -66.49 26.46
C ILE A 668 25.52 -66.93 27.84
N LEU A 669 24.41 -67.67 27.86
CA LEU A 669 23.92 -68.21 29.13
C LEU A 669 24.97 -69.04 29.82
N LEU A 670 25.76 -69.80 29.06
CA LEU A 670 26.81 -70.62 29.65
C LEU A 670 27.97 -69.76 30.14
N THR A 671 28.61 -69.05 29.22
CA THR A 671 29.82 -68.31 29.56
C THR A 671 29.51 -67.14 30.49
N GLY A 672 28.53 -66.33 30.13
CA GLY A 672 28.27 -65.10 30.85
C GLY A 672 29.14 -63.98 30.33
N LEU A 673 28.98 -62.81 30.95
CA LEU A 673 29.70 -61.62 30.52
C LEU A 673 31.11 -61.61 31.11
N THR A 674 31.91 -62.53 30.60
CA THR A 674 33.32 -62.62 30.99
C THR A 674 34.20 -62.73 29.76
N LYS A 675 35.48 -63.04 29.96
CA LYS A 675 36.39 -63.16 28.82
C LYS A 675 35.90 -64.23 27.85
N ASP A 676 35.33 -65.32 28.36
CA ASP A 676 34.74 -66.32 27.48
C ASP A 676 33.61 -65.73 26.66
N GLY A 677 32.77 -64.91 27.30
CA GLY A 677 31.74 -64.20 26.55
C GLY A 677 32.32 -63.30 25.50
N VAL A 678 33.44 -62.64 25.82
CA VAL A 678 34.09 -61.77 24.83
C VAL A 678 34.57 -62.59 23.64
N ASP A 679 35.16 -63.76 23.89
CA ASP A 679 35.61 -64.59 22.78
C ASP A 679 34.45 -65.08 21.93
N LEU A 680 33.36 -65.49 22.59
CA LEU A 680 32.18 -65.93 21.84
C LEU A 680 31.63 -64.79 20.99
N MET A 681 31.57 -63.58 21.55
CA MET A 681 31.07 -62.45 20.80
C MET A 681 31.99 -62.11 19.64
N GLU A 682 33.30 -62.24 19.84
CA GLU A 682 34.25 -62.00 18.76
C GLU A 682 34.04 -62.97 17.62
N SER A 683 33.83 -64.25 17.95
CA SER A 683 33.54 -65.23 16.92
C SER A 683 32.25 -64.90 16.20
N TYR A 684 31.23 -64.47 16.95
CA TYR A 684 29.97 -64.08 16.34
C TYR A 684 30.15 -62.93 15.37
N VAL A 685 30.91 -61.91 15.78
CA VAL A 685 31.16 -60.76 14.90
C VAL A 685 31.90 -61.21 13.65
N ASP A 686 32.91 -62.06 13.82
CA ASP A 686 33.64 -62.57 12.66
C ASP A 686 32.70 -63.29 11.70
N ARG A 687 31.72 -64.02 12.24
CA ARG A 687 30.81 -64.76 11.37
C ARG A 687 29.90 -63.82 10.60
N THR A 688 29.30 -62.85 11.29
CA THR A 688 28.24 -62.04 10.69
C THR A 688 28.58 -60.57 10.52
N GLY A 689 29.57 -60.05 11.23
CA GLY A 689 29.92 -58.66 11.07
C GLY A 689 29.01 -57.67 11.74
N ASP A 690 28.20 -58.12 12.70
CA ASP A 690 27.31 -57.23 13.43
C ASP A 690 28.01 -56.72 14.68
N VAL A 691 28.12 -55.40 14.80
CA VAL A 691 28.67 -54.78 15.99
C VAL A 691 27.62 -54.11 16.86
N GLN A 692 26.45 -53.80 16.31
CA GLN A 692 25.40 -53.15 17.08
C GLN A 692 24.98 -54.01 18.26
N THR A 693 24.66 -55.28 17.99
CA THR A 693 24.23 -56.18 19.04
C THR A 693 25.32 -56.40 20.07
N ALA A 694 26.56 -56.55 19.61
CA ALA A 694 27.68 -56.76 20.54
C ALA A 694 27.84 -55.57 21.46
N SER A 695 27.81 -54.36 20.90
CA SER A 695 27.97 -53.16 21.71
C SER A 695 26.85 -53.02 22.72
N TYR A 696 25.60 -53.24 22.29
CA TYR A 696 24.49 -53.09 23.22
C TYR A 696 24.53 -54.15 24.31
N CYS A 697 24.90 -55.39 23.95
CA CYS A 697 24.94 -56.47 24.92
C CYS A 697 26.03 -56.24 25.96
N MET A 698 27.24 -55.91 25.52
CA MET A 698 28.36 -55.85 26.45
C MET A 698 28.24 -54.72 27.46
N LEU A 699 27.32 -53.78 27.28
CA LEU A 699 27.14 -52.71 28.24
C LEU A 699 26.15 -53.07 29.34
N GLN A 700 25.53 -54.24 29.27
CA GLN A 700 24.49 -54.62 30.23
C GLN A 700 25.15 -55.07 31.53
N GLY A 701 25.49 -54.09 32.38
CA GLY A 701 26.01 -54.39 33.70
C GLY A 701 27.27 -55.22 33.73
N SER A 702 28.08 -55.16 32.69
CA SER A 702 29.29 -55.96 32.64
C SER A 702 30.27 -55.50 33.71
N PRO A 703 31.09 -56.41 34.23
CA PRO A 703 32.10 -56.01 35.22
C PRO A 703 33.13 -55.08 34.59
N LEU A 704 33.75 -54.26 35.44
CA LEU A 704 34.64 -53.21 34.96
C LEU A 704 35.79 -53.77 34.12
N ASP A 705 36.29 -54.95 34.49
CA ASP A 705 37.38 -55.55 33.74
C ASP A 705 36.96 -55.84 32.31
N VAL A 706 35.72 -56.30 32.12
CA VAL A 706 35.23 -56.62 30.79
C VAL A 706 35.21 -55.36 29.91
N LEU A 707 34.71 -54.26 30.46
CA LEU A 707 34.64 -53.03 29.70
C LEU A 707 36.02 -52.46 29.40
N LYS A 708 37.05 -52.90 30.10
CA LYS A 708 38.41 -52.43 29.87
C LYS A 708 39.10 -53.17 28.73
N ASP A 709 38.47 -54.19 28.16
CA ASP A 709 39.11 -54.94 27.09
C ASP A 709 39.16 -54.11 25.82
N GLU A 710 40.21 -54.35 25.02
CA GLU A 710 40.41 -53.58 23.80
C GLU A 710 39.30 -53.85 22.78
N ARG A 711 38.91 -55.11 22.63
CA ARG A 711 37.99 -55.48 21.56
C ARG A 711 36.62 -54.83 21.75
N VAL A 712 36.14 -54.77 22.98
CA VAL A 712 34.83 -54.18 23.24
C VAL A 712 34.83 -52.70 22.83
N GLN A 713 35.88 -51.98 23.24
CA GLN A 713 35.95 -50.57 22.90
C GLN A 713 36.14 -50.37 21.41
N TYR A 714 36.88 -51.26 20.75
CA TYR A 714 37.00 -51.17 19.30
C TYR A 714 35.65 -51.34 18.62
N TRP A 715 34.85 -52.30 19.10
CA TRP A 715 33.51 -52.48 18.54
C TRP A 715 32.66 -51.24 18.75
N ILE A 716 32.73 -50.65 19.95
CA ILE A 716 31.93 -49.47 20.23
C ILE A 716 32.34 -48.32 19.32
N GLU A 717 33.65 -48.12 19.16
CA GLU A 717 34.12 -47.04 18.29
C GLU A 717 33.70 -47.25 16.85
N ASN A 718 33.77 -48.50 16.37
CA ASN A 718 33.34 -48.76 15.00
C ASN A 718 31.85 -48.48 14.83
N TYR A 719 31.05 -48.85 15.82
CA TYR A 719 29.62 -48.56 15.73
C TYR A 719 29.35 -47.06 15.72
N ARG A 720 30.06 -46.32 16.56
CA ARG A 720 29.87 -44.86 16.57
C ARG A 720 30.28 -44.25 15.23
N ASN A 721 31.37 -44.72 14.66
CA ASN A 721 31.77 -44.24 13.34
C ASN A 721 30.72 -44.56 12.30
N LEU A 722 30.15 -45.76 12.36
CA LEU A 722 29.07 -46.12 11.43
C LEU A 722 27.89 -45.19 11.57
N LEU A 723 27.52 -44.85 12.81
CA LEU A 723 26.42 -43.91 13.01
C LEU A 723 26.77 -42.55 12.42
N ASP A 724 28.01 -42.10 12.60
CA ASP A 724 28.41 -40.82 12.02
C ASP A 724 28.36 -40.86 10.51
N ALA A 725 28.59 -42.02 9.90
CA ALA A 725 28.58 -42.10 8.44
C ALA A 725 27.18 -41.80 7.88
N TRP A 726 26.14 -42.30 8.54
CA TRP A 726 24.78 -42.12 8.07
C TRP A 726 24.17 -40.81 8.52
N ARG A 727 24.91 -39.98 9.23
CA ARG A 727 24.42 -38.69 9.74
C ARG A 727 23.23 -38.88 10.66
N PHE A 728 23.25 -39.95 11.47
CA PHE A 728 22.27 -40.13 12.53
C PHE A 728 22.80 -39.53 13.83
N TRP A 729 23.05 -38.23 13.77
CA TRP A 729 23.80 -37.55 14.83
C TRP A 729 23.08 -37.65 16.16
N HIS A 730 21.77 -37.39 16.18
CA HIS A 730 21.04 -37.39 17.44
C HIS A 730 21.05 -38.77 18.09
N LYS A 731 20.86 -39.81 17.29
CA LYS A 731 20.87 -41.16 17.85
C LYS A 731 22.24 -41.50 18.41
N ARG A 732 23.32 -41.03 17.77
CA ARG A 732 24.64 -41.21 18.34
C ARG A 732 24.76 -40.52 19.69
N ALA A 733 24.15 -39.33 19.82
CA ALA A 733 24.17 -38.64 21.11
C ALA A 733 23.43 -39.44 22.17
N GLU A 734 22.28 -40.02 21.82
CA GLU A 734 21.56 -40.84 22.78
C GLU A 734 22.39 -42.05 23.19
N PHE A 735 23.05 -42.70 22.22
CA PHE A 735 23.91 -43.83 22.54
C PHE A 735 25.05 -43.40 23.46
N ASP A 736 25.62 -42.22 23.21
CA ASP A 736 26.70 -41.74 24.06
C ASP A 736 26.21 -41.52 25.49
N ILE A 737 25.01 -40.95 25.63
CA ILE A 737 24.45 -40.75 26.96
C ILE A 737 24.28 -42.09 27.66
N HIS A 738 23.73 -43.07 26.96
CA HIS A 738 23.51 -44.38 27.54
C HIS A 738 24.83 -45.01 27.98
N ARG A 739 25.84 -44.97 27.10
CA ARG A 739 27.12 -45.56 27.42
C ARG A 739 27.79 -44.87 28.60
N SER A 740 27.74 -43.54 28.64
CA SER A 740 28.32 -42.82 29.76
C SER A 740 27.63 -43.15 31.06
N LYS A 741 26.30 -43.32 31.02
CA LYS A 741 25.58 -43.71 32.22
C LYS A 741 26.01 -45.10 32.68
N LEU A 742 26.16 -46.03 31.75
CA LEU A 742 26.47 -47.40 32.16
C LEU A 742 27.96 -47.59 32.44
N ASP A 743 28.83 -46.99 31.64
CA ASP A 743 30.26 -47.20 31.79
C ASP A 743 30.93 -45.96 32.36
N PRO A 744 31.35 -45.96 33.63
CA PRO A 744 32.06 -44.79 34.17
C PRO A 744 33.46 -44.62 33.62
N SER A 745 34.06 -45.67 33.06
CA SER A 745 35.46 -45.59 32.64
C SER A 745 35.64 -44.67 31.45
N SER A 746 34.62 -44.51 30.61
CA SER A 746 34.76 -43.69 29.42
C SER A 746 34.90 -42.22 29.78
N LYS A 747 35.89 -41.57 29.19
CA LYS A 747 36.09 -40.14 29.38
C LYS A 747 35.40 -39.37 28.26
N PRO A 748 34.51 -38.43 28.56
CA PRO A 748 33.84 -37.68 27.50
C PRO A 748 34.83 -36.87 26.67
N LEU A 749 34.31 -36.33 25.57
CA LEU A 749 35.14 -35.60 24.61
C LEU A 749 35.78 -34.37 25.27
N ALA A 750 36.99 -34.05 24.83
CA ALA A 750 37.72 -32.89 25.32
C ALA A 750 37.58 -31.73 24.34
N GLN A 751 37.36 -30.54 24.86
CA GLN A 751 37.11 -29.36 24.05
C GLN A 751 37.84 -28.19 24.70
N VAL A 752 37.50 -26.97 24.29
CA VAL A 752 38.18 -25.77 24.74
C VAL A 752 37.48 -25.21 25.98
N PHE A 753 38.17 -24.34 26.70
CA PHE A 753 37.61 -23.66 27.85
C PHE A 753 38.10 -22.23 27.90
N VAL A 754 37.35 -21.38 28.57
CA VAL A 754 37.64 -19.95 28.64
C VAL A 754 38.53 -19.67 29.83
N SER A 755 39.41 -18.68 29.68
CA SER A 755 40.34 -18.31 30.74
C SER A 755 40.23 -16.82 31.04
N CYS A 756 40.41 -16.47 32.30
CA CYS A 756 40.42 -15.07 32.72
C CYS A 756 41.64 -14.35 32.15
N ASN A 757 41.46 -13.08 31.81
CA ASN A 757 42.56 -12.30 31.28
C ASN A 757 43.62 -12.03 32.34
N PHE A 758 43.20 -11.76 33.56
CA PHE A 758 44.13 -11.35 34.62
C PHE A 758 44.74 -12.56 35.33
N CYS A 759 43.89 -13.39 35.94
CA CYS A 759 44.41 -14.52 36.70
C CYS A 759 44.92 -15.63 35.79
N GLY A 760 44.32 -15.80 34.62
CA GLY A 760 44.72 -16.85 33.71
C GLY A 760 44.11 -18.21 34.00
N LYS A 761 43.34 -18.34 35.07
CA LYS A 761 42.74 -19.61 35.41
C LYS A 761 41.45 -19.82 34.62
N SER A 762 40.95 -21.05 34.65
CA SER A 762 39.66 -21.35 34.03
C SER A 762 38.55 -20.70 34.83
N ILE A 763 37.50 -20.26 34.12
CA ILE A 763 36.33 -19.69 34.77
C ILE A 763 35.21 -20.70 34.92
N SER A 764 35.43 -21.95 34.52
CA SER A 764 34.41 -22.97 34.67
C SER A 764 34.30 -23.41 36.13
N TYR A 765 33.20 -24.09 36.43
CA TYR A 765 32.97 -24.59 37.78
C TYR A 765 33.12 -26.10 37.84
N SER A 789 29.91 -12.69 46.24
CA SER A 789 30.47 -13.19 45.00
C SER A 789 29.49 -12.99 43.84
N LYS A 790 29.60 -11.87 43.15
CA LYS A 790 28.71 -11.58 42.03
C LYS A 790 28.96 -12.54 40.88
N VAL A 791 27.91 -12.77 40.10
CA VAL A 791 28.01 -13.70 38.98
C VAL A 791 29.00 -13.19 37.94
N THR A 792 28.97 -11.89 37.66
CA THR A 792 29.76 -11.31 36.59
C THR A 792 31.22 -11.12 36.96
N SER A 793 31.71 -11.75 38.02
CA SER A 793 33.09 -11.62 38.44
C SER A 793 33.82 -12.95 38.29
N CYS A 794 35.12 -12.86 38.05
CA CYS A 794 35.95 -14.06 38.01
C CYS A 794 35.93 -14.72 39.39
N PRO A 795 35.71 -16.03 39.48
CA PRO A 795 35.72 -16.67 40.80
C PRO A 795 37.04 -16.52 41.52
N GLY A 796 38.16 -16.51 40.82
CA GLY A 796 39.45 -16.38 41.46
C GLY A 796 39.83 -14.96 41.83
N CYS A 797 40.00 -14.09 40.83
CA CYS A 797 40.49 -12.74 41.07
C CYS A 797 39.39 -11.75 41.38
N ARG A 798 38.12 -12.12 41.26
CA ARG A 798 36.97 -11.26 41.52
C ARG A 798 36.93 -10.05 40.58
N LYS A 799 37.66 -10.11 39.48
CA LYS A 799 37.67 -9.05 38.48
C LYS A 799 36.57 -9.29 37.45
N PRO A 800 36.14 -8.23 36.76
CA PRO A 800 35.03 -8.38 35.82
C PRO A 800 35.38 -9.28 34.64
N LEU A 801 34.37 -9.95 34.13
CA LEU A 801 34.49 -10.81 32.96
C LEU A 801 34.31 -10.00 31.69
N PRO A 802 34.58 -10.59 30.52
CA PRO A 802 34.30 -9.88 29.26
C PRO A 802 32.82 -9.54 29.14
N ARG A 803 32.54 -8.56 28.29
CA ARG A 803 31.19 -8.03 28.14
C ARG A 803 30.67 -8.29 26.74
N CYS A 804 29.36 -8.51 26.66
CA CYS A 804 28.69 -8.72 25.38
C CYS A 804 28.93 -7.53 24.46
N ALA A 805 29.25 -7.81 23.20
CA ALA A 805 29.54 -6.75 22.25
C ALA A 805 28.30 -5.97 21.86
N LEU A 806 27.11 -6.46 22.17
CA LEU A 806 25.87 -5.77 21.79
C LEU A 806 25.20 -5.09 22.98
N CYS A 807 25.04 -5.79 24.09
CA CYS A 807 24.39 -5.20 25.25
C CYS A 807 25.35 -4.45 26.16
N LEU A 808 26.66 -4.57 25.92
CA LEU A 808 27.67 -3.86 26.71
C LEU A 808 27.57 -4.18 28.20
N ILE A 809 27.09 -5.38 28.52
CA ILE A 809 26.99 -5.84 29.90
C ILE A 809 27.91 -7.04 30.06
N ASN A 810 28.57 -7.12 31.21
CA ASN A 810 29.48 -8.23 31.46
C ASN A 810 28.72 -9.55 31.48
N MET A 811 29.28 -10.55 30.80
CA MET A 811 28.64 -11.85 30.74
C MET A 811 28.85 -12.62 32.03
N GLY A 812 28.07 -13.69 32.19
CA GLY A 812 28.13 -14.49 33.39
C GLY A 812 26.94 -15.41 33.53
N THR A 813 27.10 -16.47 34.32
CA THR A 813 26.04 -17.46 34.48
C THR A 813 26.15 -18.08 35.87
N PRO A 814 25.04 -18.22 36.59
CA PRO A 814 25.10 -18.88 37.89
C PRO A 814 25.62 -20.31 37.78
N VAL A 815 26.42 -20.71 38.77
CA VAL A 815 27.02 -22.04 38.79
C VAL A 815 26.71 -22.69 40.13
N SER A 816 26.65 -24.02 40.12
CA SER A 816 26.39 -24.78 41.33
C SER A 816 27.67 -25.44 41.85
N SER A 831 11.66 -30.78 34.18
CA SER A 831 11.02 -31.21 35.41
C SER A 831 9.93 -30.24 35.83
N LYS A 832 9.42 -29.49 34.85
CA LYS A 832 8.34 -28.51 35.05
C LYS A 832 8.70 -27.44 36.07
N ASP A 833 9.99 -27.16 36.24
CA ASP A 833 10.46 -26.14 37.16
C ASP A 833 11.06 -24.97 36.37
N LYS A 834 11.58 -23.99 37.11
CA LYS A 834 12.23 -22.87 36.48
C LYS A 834 13.64 -23.25 36.02
N LYS A 835 14.16 -22.47 35.08
CA LYS A 835 15.48 -22.71 34.51
C LYS A 835 16.43 -21.63 35.01
N LEU A 836 17.52 -22.06 35.64
CA LEU A 836 18.47 -21.10 36.19
C LEU A 836 19.25 -20.38 35.10
N ALA A 837 19.76 -21.14 34.13
CA ALA A 837 20.64 -20.59 33.10
C ALA A 837 20.02 -20.87 31.74
N GLN A 838 19.30 -19.89 31.21
CA GLN A 838 18.68 -20.07 29.91
C GLN A 838 19.75 -20.14 28.83
N PHE A 839 19.36 -20.71 27.69
CA PHE A 839 20.29 -20.84 26.58
C PHE A 839 20.69 -19.50 26.01
N ASN A 840 19.84 -18.48 26.17
CA ASN A 840 20.11 -17.18 25.57
C ASN A 840 21.22 -16.42 26.26
N ASN A 841 21.72 -16.89 27.40
CA ASN A 841 22.74 -16.17 28.15
C ASN A 841 24.08 -16.88 28.16
N TRP A 842 24.29 -17.84 27.26
CA TRP A 842 25.55 -18.56 27.23
C TRP A 842 26.60 -17.78 26.45
N PHE A 843 27.85 -18.17 26.65
CA PHE A 843 28.95 -17.55 25.92
C PHE A 843 28.94 -18.01 24.47
N THR A 844 29.11 -17.06 23.56
CA THR A 844 29.28 -17.37 22.15
C THR A 844 30.41 -16.52 21.61
N TRP A 845 31.25 -17.09 20.75
CA TRP A 845 32.31 -16.29 20.15
C TRP A 845 32.66 -16.82 18.77
N CYS A 846 33.24 -15.94 17.96
CA CYS A 846 33.72 -16.32 16.64
C CYS A 846 35.12 -16.88 16.79
N HIS A 847 35.31 -18.11 16.32
CA HIS A 847 36.58 -18.79 16.58
C HIS A 847 37.74 -18.17 15.83
N ASN A 848 37.47 -17.26 14.89
CA ASN A 848 38.53 -16.61 14.14
C ASN A 848 38.78 -15.18 14.61
N CYS A 849 37.73 -14.37 14.74
CA CYS A 849 37.90 -12.99 15.17
C CYS A 849 37.94 -12.85 16.69
N ARG A 850 37.62 -13.91 17.43
CA ARG A 850 37.68 -13.93 18.89
C ARG A 850 36.80 -12.87 19.54
N HIS A 851 35.80 -12.38 18.83
CA HIS A 851 34.79 -11.49 19.38
C HIS A 851 33.54 -12.29 19.69
N GLY A 852 32.84 -11.91 20.76
CA GLY A 852 31.65 -12.67 21.09
C GLY A 852 30.83 -12.00 22.17
N GLY A 853 29.71 -12.63 22.48
CA GLY A 853 28.82 -12.15 23.51
C GLY A 853 27.75 -13.16 23.92
N HIS A 854 26.54 -12.66 24.15
CA HIS A 854 25.42 -13.52 24.50
C HIS A 854 24.91 -14.26 23.28
N ALA A 855 24.27 -15.40 23.53
CA ALA A 855 23.79 -16.23 22.43
C ALA A 855 22.67 -15.53 21.66
N GLY A 856 21.66 -15.03 22.37
CA GLY A 856 20.51 -14.46 21.68
C GLY A 856 20.86 -13.20 20.90
N HIS A 857 21.65 -12.31 21.53
CA HIS A 857 22.01 -11.06 20.87
C HIS A 857 22.74 -11.33 19.57
N MET A 858 23.79 -12.16 19.62
CA MET A 858 24.56 -12.43 18.41
C MET A 858 23.76 -13.22 17.40
N LEU A 859 22.88 -14.11 17.86
CA LEU A 859 22.01 -14.83 16.94
C LEU A 859 21.18 -13.86 16.13
N SER A 860 20.53 -12.91 16.80
CA SER A 860 19.72 -11.93 16.09
C SER A 860 20.58 -11.08 15.15
N TRP A 861 21.73 -10.62 15.65
CA TRP A 861 22.56 -9.73 14.86
C TRP A 861 23.04 -10.41 13.57
N PHE A 862 23.46 -11.66 13.67
CA PHE A 862 23.88 -12.37 12.47
C PHE A 862 22.71 -12.87 11.64
N ARG A 863 21.50 -12.92 12.21
CA ARG A 863 20.34 -13.16 11.37
C ARG A 863 20.04 -11.96 10.49
N ASP A 864 20.31 -10.75 10.97
CA ASP A 864 20.04 -9.56 10.17
C ASP A 864 21.25 -8.99 9.46
N HIS A 865 22.47 -9.36 9.86
CA HIS A 865 23.69 -8.83 9.26
C HIS A 865 24.64 -9.96 8.95
N ALA A 866 25.79 -9.61 8.37
CA ALA A 866 26.77 -10.61 7.95
C ALA A 866 28.20 -10.18 8.24
N GLU A 867 28.41 -9.38 9.28
CA GLU A 867 29.76 -8.95 9.64
C GLU A 867 29.91 -8.97 11.16
N CYS A 868 31.15 -9.09 11.60
CA CYS A 868 31.44 -9.10 13.04
C CYS A 868 30.96 -7.80 13.66
N PRO A 869 30.21 -7.85 14.76
CA PRO A 869 29.59 -6.63 15.29
C PRO A 869 30.57 -5.67 15.93
N VAL A 870 31.82 -6.06 16.13
CA VAL A 870 32.80 -5.17 16.73
C VAL A 870 33.32 -4.23 15.66
N SER A 871 33.58 -2.98 16.04
CA SER A 871 34.09 -2.00 15.09
C SER A 871 35.44 -2.42 14.54
N ALA A 872 35.66 -2.12 13.27
CA ALA A 872 36.93 -2.40 12.59
C ALA A 872 37.26 -3.88 12.59
N CYS A 873 36.24 -4.72 12.36
CA CYS A 873 36.42 -6.15 12.19
C CYS A 873 35.75 -6.56 10.90
N THR A 874 36.45 -7.32 10.07
CA THR A 874 35.98 -7.68 8.74
C THR A 874 35.62 -9.15 8.61
N CYS A 875 35.60 -9.90 9.71
CA CYS A 875 35.30 -11.32 9.64
C CYS A 875 33.83 -11.55 9.31
N LYS A 876 33.57 -12.41 8.33
CA LYS A 876 32.21 -12.88 8.05
C LYS A 876 32.02 -14.15 8.85
N CYS A 877 31.78 -13.97 10.16
CA CYS A 877 31.92 -15.08 11.10
C CYS A 877 30.96 -16.21 10.79
N MET A 878 29.71 -15.91 10.50
CA MET A 878 28.74 -17.00 10.32
C MET A 878 28.82 -17.65 8.94
N GLN A 879 29.51 -17.04 7.99
CA GLN A 879 29.67 -17.65 6.68
C GLN A 879 30.84 -18.61 6.60
N LEU A 880 31.70 -18.64 7.63
CA LEU A 880 32.85 -19.53 7.58
C LEU A 880 32.46 -20.98 7.69
N ASP A 881 31.39 -21.29 8.43
CA ASP A 881 31.07 -22.67 8.76
C ASP A 881 30.28 -23.39 7.68
N THR A 882 29.81 -22.68 6.66
CA THR A 882 29.08 -23.34 5.57
C THR A 882 29.24 -22.56 4.27
N LYS B 24 -69.67 -17.31 -5.70
CA LYS B 24 -68.92 -16.16 -6.21
C LYS B 24 -67.75 -16.60 -7.08
N PRO B 25 -67.95 -16.59 -8.40
CA PRO B 25 -66.88 -16.97 -9.31
C PRO B 25 -65.68 -16.05 -9.17
N ASP B 26 -64.49 -16.63 -9.36
CA ASP B 26 -63.25 -15.86 -9.25
C ASP B 26 -62.20 -16.47 -10.17
N ILE B 27 -61.24 -15.65 -10.54
CA ILE B 27 -60.13 -16.05 -11.41
C ILE B 27 -58.83 -15.86 -10.65
N LEU B 28 -57.95 -16.84 -10.72
CA LEU B 28 -56.66 -16.80 -10.04
C LEU B 28 -55.55 -17.20 -10.99
N TRP B 29 -54.43 -16.50 -10.91
CA TRP B 29 -53.28 -16.83 -11.74
C TRP B 29 -52.39 -17.86 -11.03
N ALA B 30 -51.52 -18.48 -11.81
CA ALA B 30 -50.58 -19.43 -11.23
C ALA B 30 -49.52 -18.69 -10.43
N PRO B 31 -49.21 -19.14 -9.21
CA PRO B 31 -48.21 -18.42 -8.40
C PRO B 31 -46.84 -18.33 -9.04
N HIS B 32 -46.43 -19.33 -9.82
CA HIS B 32 -45.12 -19.33 -10.44
C HIS B 32 -45.14 -19.37 -11.95
N HIS B 33 -46.32 -19.47 -12.58
CA HIS B 33 -46.44 -19.49 -14.03
C HIS B 33 -47.26 -18.28 -14.47
N VAL B 34 -46.76 -17.57 -15.49
CA VAL B 34 -47.43 -16.37 -15.97
C VAL B 34 -48.51 -16.68 -17.00
N ASP B 35 -48.53 -17.89 -17.56
CA ASP B 35 -49.45 -18.23 -18.63
C ASP B 35 -50.60 -19.12 -18.18
N ARG B 36 -50.68 -19.47 -16.89
CA ARG B 36 -51.69 -20.39 -16.40
C ARG B 36 -52.66 -19.67 -15.48
N PHE B 37 -53.95 -19.96 -15.66
CA PHE B 37 -54.98 -19.35 -14.84
C PHE B 37 -56.07 -20.37 -14.56
N VAL B 38 -56.88 -20.08 -13.55
CA VAL B 38 -57.99 -20.95 -13.14
C VAL B 38 -59.21 -20.08 -12.89
N VAL B 39 -60.36 -20.53 -13.37
CA VAL B 39 -61.64 -19.88 -13.17
C VAL B 39 -62.55 -20.83 -12.39
N CYS B 40 -63.16 -20.32 -11.32
CA CYS B 40 -63.95 -21.13 -10.41
C CYS B 40 -65.44 -20.90 -10.67
N ASP B 41 -66.17 -21.98 -10.89
CA ASP B 41 -67.61 -21.96 -11.08
C ASP B 41 -68.17 -23.29 -10.59
N SER B 42 -69.37 -23.66 -11.04
CA SER B 42 -69.86 -25.00 -10.78
C SER B 42 -68.88 -26.05 -11.29
N GLU B 43 -68.20 -25.76 -12.39
CA GLU B 43 -67.05 -26.53 -12.86
C GLU B 43 -65.84 -25.62 -12.91
N LEU B 44 -64.72 -26.10 -12.38
CA LEU B 44 -63.48 -25.34 -12.32
C LEU B 44 -62.66 -25.59 -13.58
N SER B 45 -62.27 -24.51 -14.26
CA SER B 45 -61.59 -24.60 -15.54
C SER B 45 -60.20 -24.00 -15.42
N LEU B 46 -59.18 -24.82 -15.67
CA LEU B 46 -57.81 -24.35 -15.71
C LEU B 46 -57.41 -24.16 -17.17
N TYR B 47 -57.01 -22.94 -17.52
CA TYR B 47 -56.69 -22.56 -18.88
C TYR B 47 -55.26 -22.03 -18.97
N HIS B 48 -54.73 -22.03 -20.18
CA HIS B 48 -53.40 -21.51 -20.47
C HIS B 48 -53.50 -20.46 -21.57
N VAL B 49 -52.59 -19.49 -21.51
CA VAL B 49 -52.60 -18.34 -22.41
C VAL B 49 -51.53 -18.53 -23.48
N GLU B 50 -51.91 -18.29 -24.73
CA GLU B 50 -50.99 -18.39 -25.86
C GLU B 50 -51.17 -17.18 -26.76
N SER B 51 -50.13 -16.91 -27.56
CA SER B 51 -50.18 -15.79 -28.48
C SER B 51 -50.93 -16.15 -29.76
N THR B 52 -51.63 -15.16 -30.31
CA THR B 52 -52.36 -15.36 -31.55
C THR B 52 -52.22 -14.17 -32.50
N VAL B 53 -51.14 -13.39 -32.39
CA VAL B 53 -50.96 -12.24 -33.26
C VAL B 53 -50.69 -12.68 -34.69
N ASN B 54 -49.77 -13.63 -34.86
CA ASN B 54 -49.35 -14.08 -36.18
C ASN B 54 -50.10 -15.34 -36.65
N SER B 55 -51.08 -15.80 -35.88
CA SER B 55 -51.83 -16.99 -36.23
C SER B 55 -53.32 -16.71 -36.13
N GLU B 56 -54.11 -17.44 -36.92
CA GLU B 56 -55.55 -17.29 -36.89
C GLU B 56 -56.13 -17.85 -35.59
N LEU B 57 -57.42 -17.64 -35.41
CA LEU B 57 -58.11 -18.13 -34.22
C LEU B 57 -58.04 -19.65 -34.16
N LYS B 58 -57.33 -20.16 -33.16
CA LYS B 58 -57.19 -21.60 -33.01
C LYS B 58 -58.51 -22.24 -32.61
N ALA B 59 -58.68 -23.51 -33.01
CA ALA B 59 -59.91 -24.23 -32.70
C ALA B 59 -60.03 -24.46 -31.20
N GLY B 60 -61.15 -24.05 -30.63
CA GLY B 60 -61.38 -24.20 -29.21
C GLY B 60 -60.62 -23.22 -28.33
N SER B 61 -59.99 -22.21 -28.92
CA SER B 61 -59.23 -21.22 -28.16
C SER B 61 -60.05 -19.93 -28.05
N LEU B 62 -60.13 -19.39 -26.83
CA LEU B 62 -60.92 -18.19 -26.58
C LEU B 62 -60.04 -16.97 -26.82
N ARG B 63 -60.52 -16.06 -27.66
CA ARG B 63 -59.77 -14.84 -27.95
C ARG B 63 -59.86 -13.91 -26.76
N LEU B 64 -58.87 -14.00 -25.86
CA LEU B 64 -58.83 -13.13 -24.69
C LEU B 64 -58.67 -11.68 -25.09
N SER B 65 -57.87 -11.41 -26.11
CA SER B 65 -57.65 -10.06 -26.61
C SER B 65 -57.57 -10.14 -28.13
N GLU B 66 -57.16 -9.03 -28.76
CA GLU B 66 -57.04 -9.02 -30.22
C GLU B 66 -55.96 -9.99 -30.69
N ASP B 67 -54.85 -10.06 -29.97
CA ASP B 67 -53.72 -10.91 -30.35
C ASP B 67 -53.38 -11.95 -29.28
N SER B 68 -54.32 -12.22 -28.38
CA SER B 68 -54.11 -13.18 -27.30
C SER B 68 -55.15 -14.29 -27.38
N ALA B 69 -54.71 -15.52 -27.15
CA ALA B 69 -55.59 -16.67 -27.17
C ALA B 69 -55.38 -17.50 -25.91
N ALA B 70 -56.48 -17.99 -25.34
CA ALA B 70 -56.45 -18.83 -24.15
C ALA B 70 -56.93 -20.23 -24.53
N THR B 71 -56.12 -21.23 -24.24
CA THR B 71 -56.44 -22.62 -24.52
C THR B 71 -56.77 -23.33 -23.22
N LEU B 72 -57.93 -23.98 -23.18
CA LEU B 72 -58.34 -24.71 -21.98
C LEU B 72 -57.40 -25.88 -21.74
N LEU B 73 -56.92 -26.00 -20.50
CA LEU B 73 -56.00 -27.08 -20.12
C LEU B 73 -56.70 -28.23 -19.43
N SER B 74 -57.60 -27.95 -18.48
CA SER B 74 -58.30 -28.99 -17.76
C SER B 74 -59.64 -28.48 -17.27
N ILE B 75 -60.57 -29.41 -17.07
CA ILE B 75 -61.88 -29.12 -16.51
C ILE B 75 -62.15 -30.10 -15.40
N ASN B 76 -62.77 -29.61 -14.31
CA ASN B 76 -63.01 -30.41 -13.12
C ASN B 76 -64.41 -30.13 -12.61
N SER B 77 -65.18 -31.18 -12.38
CA SER B 77 -66.54 -31.11 -11.86
C SER B 77 -66.66 -31.76 -10.49
N ASP B 78 -65.53 -31.91 -9.80
CA ASP B 78 -65.38 -32.69 -8.59
C ASP B 78 -65.81 -31.94 -7.33
N THR B 79 -66.19 -30.67 -7.46
CA THR B 79 -66.51 -29.78 -6.34
C THR B 79 -67.84 -29.09 -6.61
N PRO B 80 -68.97 -29.73 -6.29
CA PRO B 80 -70.25 -29.03 -6.41
C PRO B 80 -70.46 -28.12 -5.21
N TYR B 81 -71.12 -27.00 -5.48
CA TYR B 81 -71.40 -25.99 -4.48
C TYR B 81 -70.12 -25.52 -3.78
N MET B 82 -69.15 -25.12 -4.59
CA MET B 82 -67.89 -24.64 -4.05
C MET B 82 -68.09 -23.32 -3.32
N LYS B 83 -67.43 -23.18 -2.17
CA LYS B 83 -67.57 -21.99 -1.34
C LYS B 83 -66.28 -21.18 -1.26
N CYS B 84 -65.16 -21.79 -0.91
CA CYS B 84 -63.89 -21.08 -0.82
C CYS B 84 -62.83 -21.83 -1.59
N VAL B 85 -61.93 -21.07 -2.22
CA VAL B 85 -60.88 -21.63 -3.07
C VAL B 85 -59.55 -20.99 -2.73
N ALA B 86 -58.49 -21.81 -2.69
CA ALA B 86 -57.13 -21.33 -2.48
C ALA B 86 -56.19 -22.14 -3.35
N TRP B 87 -55.02 -21.57 -3.65
CA TRP B 87 -54.01 -22.20 -4.48
C TRP B 87 -52.75 -22.44 -3.66
N TYR B 88 -52.14 -23.62 -3.85
CA TYR B 88 -50.91 -23.94 -3.13
C TYR B 88 -49.78 -23.01 -3.56
N LEU B 89 -48.86 -22.77 -2.63
CA LEU B 89 -47.76 -21.83 -2.86
C LEU B 89 -46.54 -22.50 -3.47
N ASN B 90 -46.21 -23.71 -3.01
CA ASN B 90 -45.01 -24.39 -3.46
C ASN B 90 -45.11 -24.77 -4.94
N TYR B 91 -43.95 -24.90 -5.58
CA TYR B 91 -43.91 -25.20 -7.00
C TYR B 91 -44.44 -26.60 -7.29
N ASP B 92 -44.08 -27.58 -6.46
CA ASP B 92 -44.49 -28.96 -6.67
C ASP B 92 -45.51 -29.35 -5.61
N PRO B 93 -46.65 -29.96 -6.00
CA PRO B 93 -47.01 -30.19 -7.40
C PRO B 93 -47.62 -28.96 -8.08
N GLU B 94 -47.67 -28.97 -9.40
CA GLU B 94 -48.25 -27.86 -10.15
C GLU B 94 -49.76 -27.99 -10.23
N CYS B 95 -50.43 -26.83 -10.30
CA CYS B 95 -51.90 -26.77 -10.39
C CYS B 95 -52.56 -27.49 -9.21
N LEU B 96 -52.17 -27.09 -8.00
CA LEU B 96 -52.70 -27.67 -6.77
C LEU B 96 -53.57 -26.64 -6.07
N LEU B 97 -54.80 -27.00 -5.74
CA LEU B 97 -55.73 -26.09 -5.10
C LEU B 97 -56.41 -26.79 -3.93
N ALA B 98 -57.00 -25.98 -3.06
CA ALA B 98 -57.80 -26.45 -1.93
C ALA B 98 -59.15 -25.78 -2.00
N VAL B 99 -60.21 -26.59 -1.92
CA VAL B 99 -61.58 -26.11 -2.05
C VAL B 99 -62.36 -26.50 -0.80
N GLY B 100 -62.92 -25.51 -0.13
CA GLY B 100 -63.79 -25.74 1.01
C GLY B 100 -65.24 -25.56 0.59
N GLN B 101 -66.07 -26.53 0.94
CA GLN B 101 -67.45 -26.57 0.49
C GLN B 101 -68.39 -26.01 1.56
N ALA B 102 -69.68 -26.01 1.24
CA ALA B 102 -70.68 -25.52 2.19
C ALA B 102 -70.76 -26.42 3.42
N ASN B 103 -70.64 -27.74 3.23
CA ASN B 103 -70.70 -28.66 4.35
C ASN B 103 -69.51 -28.52 5.29
N GLY B 104 -68.45 -27.82 4.87
CA GLY B 104 -67.27 -27.63 5.67
C GLY B 104 -66.09 -28.49 5.26
N ARG B 105 -66.31 -29.48 4.40
CA ARG B 105 -65.21 -30.32 3.94
C ARG B 105 -64.27 -29.50 3.06
N VAL B 106 -62.97 -29.60 3.34
CA VAL B 106 -61.94 -28.94 2.54
C VAL B 106 -61.11 -30.03 1.88
N VAL B 107 -61.12 -30.04 0.54
CA VAL B 107 -60.49 -31.08 -0.24
C VAL B 107 -59.36 -30.48 -1.06
N LEU B 108 -58.21 -31.15 -1.07
CA LEU B 108 -57.07 -30.74 -1.87
C LEU B 108 -57.12 -31.47 -3.21
N THR B 109 -57.23 -30.71 -4.29
CA THR B 109 -57.34 -31.26 -5.63
C THR B 109 -56.18 -30.78 -6.49
N SER B 110 -55.96 -31.49 -7.59
CA SER B 110 -54.92 -31.15 -8.55
C SER B 110 -55.51 -31.19 -9.95
N LEU B 111 -54.98 -30.33 -10.82
CA LEU B 111 -55.45 -30.26 -12.20
C LEU B 111 -54.34 -30.42 -13.24
N GLY B 112 -53.07 -30.42 -12.82
CA GLY B 112 -51.99 -30.61 -13.77
C GLY B 112 -51.77 -32.06 -14.14
N GLN B 113 -51.09 -32.26 -15.27
CA GLN B 113 -50.75 -33.59 -15.75
C GLN B 113 -49.46 -34.03 -15.03
N ASP B 114 -49.62 -34.38 -13.76
CA ASP B 114 -48.49 -34.74 -12.90
C ASP B 114 -48.49 -36.27 -12.74
N HIS B 115 -47.62 -36.93 -13.50
CA HIS B 115 -47.42 -38.37 -13.37
C HIS B 115 -46.31 -38.72 -12.39
N ASN B 116 -45.69 -37.73 -11.75
CA ASN B 116 -44.59 -37.91 -10.83
C ASN B 116 -44.82 -37.09 -9.56
N SER B 117 -46.01 -37.21 -8.99
CA SER B 117 -46.34 -36.47 -7.78
C SER B 117 -45.37 -36.82 -6.65
N LYS B 118 -44.85 -35.80 -5.98
CA LYS B 118 -43.88 -36.02 -4.91
C LYS B 118 -44.51 -36.77 -3.74
N PHE B 119 -45.69 -36.33 -3.32
CA PHE B 119 -46.42 -36.99 -2.22
C PHE B 119 -47.88 -37.09 -2.64
N LYS B 120 -48.24 -38.22 -3.25
CA LYS B 120 -49.61 -38.44 -3.69
C LYS B 120 -50.56 -38.69 -2.52
N ASP B 121 -50.05 -38.91 -1.31
CA ASP B 121 -50.92 -39.10 -0.16
C ASP B 121 -51.72 -37.84 0.13
N LEU B 122 -51.16 -36.67 -0.13
CA LEU B 122 -51.88 -35.42 0.04
C LEU B 122 -52.85 -35.14 -1.08
N ILE B 123 -52.73 -35.85 -2.22
CA ILE B 123 -53.66 -35.67 -3.32
C ILE B 123 -55.01 -36.26 -2.91
N GLY B 124 -56.06 -35.44 -3.00
CA GLY B 124 -57.37 -35.84 -2.56
C GLY B 124 -57.59 -35.81 -1.06
N LYS B 125 -56.62 -35.30 -0.30
CA LYS B 125 -56.78 -35.23 1.16
C LYS B 125 -57.91 -34.28 1.53
N GLU B 126 -58.75 -34.73 2.45
CA GLU B 126 -59.92 -33.96 2.86
C GLU B 126 -59.92 -33.78 4.38
N PHE B 127 -60.24 -32.58 4.82
CA PHE B 127 -60.43 -32.27 6.22
C PHE B 127 -61.91 -31.96 6.47
N VAL B 128 -62.49 -32.64 7.43
CA VAL B 128 -63.92 -32.52 7.75
C VAL B 128 -64.04 -31.88 9.12
N PRO B 129 -64.85 -30.83 9.27
CA PRO B 129 -65.02 -30.21 10.59
C PRO B 129 -65.69 -31.16 11.57
N LYS B 130 -65.36 -30.99 12.85
CA LYS B 130 -66.00 -31.78 13.90
C LYS B 130 -67.50 -31.53 13.93
N HIS B 131 -67.91 -30.28 13.78
CA HIS B 131 -69.31 -29.90 13.68
C HIS B 131 -69.57 -29.33 12.29
N ALA B 132 -70.66 -29.76 11.67
CA ALA B 132 -70.97 -29.34 10.31
C ALA B 132 -71.25 -27.84 10.28
N ARG B 133 -70.36 -27.10 9.63
CA ARG B 133 -70.51 -25.65 9.48
C ARG B 133 -69.85 -25.22 8.18
N GLN B 134 -70.28 -24.07 7.68
CA GLN B 134 -69.80 -23.58 6.38
C GLN B 134 -68.45 -22.89 6.55
N CYS B 135 -67.49 -23.24 5.69
CA CYS B 135 -66.18 -22.61 5.71
C CYS B 135 -66.24 -21.28 4.97
N ASN B 136 -65.90 -20.19 5.65
CA ASN B 136 -66.01 -18.87 5.05
C ASN B 136 -64.80 -18.52 4.19
N THR B 137 -63.59 -18.82 4.68
CA THR B 137 -62.39 -18.45 3.95
C THR B 137 -61.30 -19.48 4.23
N LEU B 138 -60.36 -19.59 3.28
CA LEU B 138 -59.23 -20.50 3.41
C LEU B 138 -58.01 -19.86 2.77
N ALA B 139 -56.85 -20.05 3.40
CA ALA B 139 -55.63 -19.45 2.91
C ALA B 139 -54.44 -20.30 3.33
N TRP B 140 -53.34 -20.14 2.61
CA TRP B 140 -52.09 -20.83 2.92
C TRP B 140 -51.09 -19.87 3.54
N ASN B 141 -50.23 -20.41 4.40
CA ASN B 141 -49.19 -19.60 5.03
C ASN B 141 -48.06 -19.35 4.04
N PRO B 142 -47.70 -18.09 3.78
CA PRO B 142 -46.63 -17.84 2.81
C PRO B 142 -45.26 -18.35 3.26
N LEU B 143 -44.90 -18.13 4.53
CA LEU B 143 -43.59 -18.57 5.01
C LEU B 143 -43.47 -20.09 4.98
N ASP B 144 -44.53 -20.79 5.39
CA ASP B 144 -44.54 -22.26 5.40
C ASP B 144 -45.73 -22.72 4.58
N SER B 145 -45.45 -23.32 3.42
CA SER B 145 -46.51 -23.78 2.52
C SER B 145 -47.32 -24.93 3.09
N ASN B 146 -46.86 -25.57 4.17
CA ASN B 146 -47.54 -26.72 4.75
C ASN B 146 -48.60 -26.33 5.76
N TRP B 147 -48.84 -25.05 5.98
CA TRP B 147 -49.82 -24.57 6.95
C TRP B 147 -51.00 -23.95 6.23
N LEU B 148 -52.20 -24.41 6.57
CA LEU B 148 -53.43 -23.88 5.99
C LEU B 148 -54.35 -23.37 7.09
N ALA B 149 -54.77 -22.12 6.97
CA ALA B 149 -55.68 -21.49 7.91
C ALA B 149 -57.04 -21.33 7.27
N ALA B 150 -58.08 -21.85 7.94
CA ALA B 150 -59.44 -21.81 7.42
C ALA B 150 -60.37 -21.27 8.49
N GLY B 151 -61.15 -20.26 8.13
CA GLY B 151 -62.18 -19.71 9.01
C GLY B 151 -63.55 -20.13 8.51
N LEU B 152 -64.34 -20.68 9.44
CA LEU B 152 -65.61 -21.29 9.11
C LEU B 152 -66.74 -20.54 9.82
N ASP B 153 -67.95 -21.09 9.73
CA ASP B 153 -69.12 -20.47 10.33
C ASP B 153 -69.05 -20.54 11.85
N LYS B 154 -69.87 -19.72 12.50
CA LYS B 154 -69.86 -19.60 13.96
C LYS B 154 -70.58 -20.79 14.57
N HIS B 155 -69.83 -21.66 15.25
CA HIS B 155 -70.42 -22.76 15.98
C HIS B 155 -70.94 -22.28 17.34
N ARG B 156 -71.73 -23.13 18.00
CA ARG B 156 -72.32 -22.76 19.28
C ARG B 156 -71.24 -22.53 20.34
N ALA B 157 -70.36 -23.51 20.52
CA ALA B 157 -69.29 -23.41 21.51
C ALA B 157 -68.00 -24.02 20.98
N ASP B 158 -67.65 -23.74 19.73
CA ASP B 158 -66.47 -24.31 19.10
C ASP B 158 -65.67 -23.22 18.40
N PHE B 159 -64.39 -23.52 18.20
CA PHE B 159 -63.48 -22.58 17.54
C PHE B 159 -63.87 -22.39 16.08
N SER B 160 -63.67 -21.16 15.60
CA SER B 160 -64.03 -20.80 14.24
C SER B 160 -62.87 -20.83 13.25
N VAL B 161 -61.64 -20.60 13.72
CA VAL B 161 -60.47 -20.58 12.85
C VAL B 161 -59.61 -21.78 13.21
N LEU B 162 -59.31 -22.60 12.20
CA LEU B 162 -58.48 -23.79 12.37
C LEU B 162 -57.27 -23.70 11.46
N ILE B 163 -56.10 -24.01 12.01
CA ILE B 163 -54.85 -24.05 11.27
C ILE B 163 -54.37 -25.49 11.29
N TRP B 164 -54.24 -26.07 10.11
CA TRP B 164 -53.85 -27.47 9.98
C TRP B 164 -52.59 -27.59 9.14
N ASP B 165 -51.99 -28.77 9.20
CA ASP B 165 -50.78 -29.06 8.44
C ASP B 165 -51.09 -30.11 7.39
N ILE B 166 -50.82 -29.79 6.13
CA ILE B 166 -51.07 -30.72 5.03
C ILE B 166 -50.07 -31.87 5.04
N CYS B 167 -48.94 -31.73 5.74
CA CYS B 167 -47.89 -32.74 5.76
C CYS B 167 -47.48 -33.14 4.35
N SER B 168 -47.57 -34.43 4.03
CA SER B 168 -47.19 -34.94 2.72
C SER B 168 -47.97 -36.19 2.34
N THR B 194 -54.43 -35.63 11.90
CA THR B 194 -55.58 -36.10 12.67
C THR B 194 -56.45 -34.94 13.11
N LYS B 195 -55.83 -33.95 13.74
CA LYS B 195 -56.50 -32.76 14.25
C LYS B 195 -55.77 -31.52 13.78
N PRO B 196 -56.47 -30.39 13.64
CA PRO B 196 -55.81 -29.15 13.24
C PRO B 196 -54.74 -28.74 14.25
N LEU B 197 -53.65 -28.15 13.73
CA LEU B 197 -52.54 -27.77 14.61
C LEU B 197 -52.94 -26.67 15.58
N TYR B 198 -53.92 -25.84 15.21
CA TYR B 198 -54.38 -24.75 16.06
C TYR B 198 -55.88 -24.53 15.86
N GLU B 199 -56.53 -24.04 16.91
CA GLU B 199 -57.96 -23.74 16.86
C GLU B 199 -58.22 -22.54 17.75
N LEU B 200 -58.96 -21.56 17.24
CA LEU B 200 -59.21 -20.33 17.96
C LEU B 200 -60.52 -19.72 17.48
N GLY B 201 -60.89 -18.60 18.08
CA GLY B 201 -62.13 -17.92 17.74
C GLY B 201 -63.36 -18.68 18.15
N GLN B 202 -63.38 -19.16 19.39
CA GLN B 202 -64.53 -19.91 19.88
C GLN B 202 -65.76 -19.00 19.96
N ASN B 203 -66.89 -19.52 19.48
CA ASN B 203 -68.16 -18.78 19.45
C ASN B 203 -68.02 -17.47 18.68
N ASP B 204 -67.28 -17.51 17.57
CA ASP B 204 -67.06 -16.33 16.73
C ASP B 204 -67.27 -16.71 15.27
N ALA B 205 -67.38 -15.68 14.43
CA ALA B 205 -67.58 -15.86 13.00
C ALA B 205 -66.36 -15.28 12.27
N CYS B 206 -65.59 -16.15 11.63
CA CYS B 206 -64.37 -15.74 10.91
C CYS B 206 -64.77 -15.37 9.48
N LEU B 207 -65.13 -14.09 9.31
CA LEU B 207 -65.51 -13.62 7.98
C LEU B 207 -64.35 -13.71 6.99
N SER B 208 -63.15 -13.32 7.43
CA SER B 208 -61.99 -13.36 6.57
C SER B 208 -60.74 -13.49 7.43
N LEU B 209 -59.66 -13.93 6.79
CA LEU B 209 -58.40 -14.16 7.49
C LEU B 209 -57.23 -13.95 6.54
N CYS B 210 -56.07 -13.66 7.13
CA CYS B 210 -54.85 -13.43 6.37
C CYS B 210 -53.66 -13.64 7.28
N TRP B 211 -52.49 -13.84 6.68
CA TRP B 211 -51.24 -14.00 7.41
C TRP B 211 -50.36 -12.77 7.25
N LEU B 212 -49.42 -12.62 8.18
CA LEU B 212 -48.46 -11.53 8.10
C LEU B 212 -47.41 -11.85 7.05
N PRO B 213 -47.16 -10.94 6.08
CA PRO B 213 -46.17 -11.23 5.05
C PRO B 213 -44.77 -11.50 5.58
N ARG B 214 -44.38 -10.81 6.65
CA ARG B 214 -43.05 -10.98 7.26
C ARG B 214 -43.07 -11.95 8.42
N ASP B 215 -44.07 -11.83 9.31
CA ASP B 215 -44.15 -12.68 10.49
C ASP B 215 -44.81 -14.00 10.12
N GLN B 216 -44.09 -15.09 10.34
CA GLN B 216 -44.62 -16.42 10.04
C GLN B 216 -45.63 -16.91 11.07
N LYS B 217 -45.77 -16.21 12.20
CA LYS B 217 -46.65 -16.65 13.27
C LYS B 217 -47.62 -15.55 13.69
N LEU B 218 -48.03 -14.71 12.73
CA LEU B 218 -49.00 -13.65 12.99
C LEU B 218 -50.13 -13.74 11.98
N LEU B 219 -51.37 -13.72 12.47
CA LEU B 219 -52.54 -13.80 11.61
C LEU B 219 -53.52 -12.71 11.97
N LEU B 220 -54.22 -12.19 10.97
CA LEU B 220 -55.28 -11.21 11.14
C LEU B 220 -56.60 -11.85 10.75
N ALA B 221 -57.63 -11.67 11.58
CA ALA B 221 -58.92 -12.29 11.34
C ALA B 221 -60.02 -11.28 11.59
N GLY B 222 -61.16 -11.49 10.94
CA GLY B 222 -62.32 -10.66 11.15
C GLY B 222 -63.43 -11.40 11.90
N MET B 223 -63.69 -10.97 13.13
CA MET B 223 -64.68 -11.62 13.97
C MET B 223 -66.08 -11.15 13.58
N HIS B 224 -67.07 -11.58 14.37
CA HIS B 224 -68.45 -11.19 14.10
C HIS B 224 -68.63 -9.67 14.16
N ARG B 225 -68.02 -9.03 15.16
CA ARG B 225 -68.15 -7.59 15.33
C ARG B 225 -66.84 -6.92 15.69
N ASN B 226 -65.70 -7.55 15.39
CA ASN B 226 -64.41 -6.99 15.73
C ASN B 226 -63.36 -7.58 14.79
N LEU B 227 -62.18 -6.96 14.79
CA LEU B 227 -61.02 -7.44 14.05
C LEU B 227 -59.92 -7.79 15.04
N ALA B 228 -59.32 -8.96 14.87
CA ALA B 228 -58.34 -9.46 15.82
C ALA B 228 -57.03 -9.79 15.12
N ILE B 229 -55.94 -9.62 15.85
CA ILE B 229 -54.61 -10.05 15.42
C ILE B 229 -54.07 -11.02 16.46
N PHE B 230 -53.70 -12.21 16.01
CA PHE B 230 -53.29 -13.30 16.90
C PHE B 230 -51.88 -13.76 16.55
N ASP B 231 -51.15 -14.18 17.57
CA ASP B 231 -49.80 -14.70 17.43
C ASP B 231 -49.78 -16.17 17.79
N LEU B 232 -49.11 -16.98 16.97
CA LEU B 232 -49.04 -18.42 17.22
C LEU B 232 -48.26 -18.76 18.48
N ARG B 233 -47.41 -17.83 18.97
CA ARG B 233 -46.65 -18.10 20.18
C ARG B 233 -47.57 -18.29 21.37
N ASN B 234 -48.59 -17.43 21.50
CA ASN B 234 -49.55 -17.52 22.60
C ASN B 234 -50.93 -17.21 22.05
N THR B 235 -51.86 -18.17 22.20
CA THR B 235 -53.23 -17.95 21.74
C THR B 235 -53.92 -16.86 22.54
N SER B 236 -53.59 -16.73 23.83
CA SER B 236 -54.19 -15.67 24.64
C SER B 236 -53.68 -14.30 24.23
N GLN B 237 -52.45 -14.22 23.73
CA GLN B 237 -51.89 -12.95 23.29
C GLN B 237 -52.52 -12.56 21.96
N LYS B 238 -53.48 -11.64 22.01
CA LYS B 238 -54.19 -11.20 20.82
C LYS B 238 -54.67 -9.77 21.01
N MET B 239 -54.61 -8.99 19.94
CA MET B 239 -55.07 -7.60 19.94
C MET B 239 -56.38 -7.53 19.18
N PHE B 240 -57.46 -7.22 19.89
CA PHE B 240 -58.80 -7.17 19.32
C PHE B 240 -59.33 -5.74 19.39
N VAL B 241 -59.79 -5.23 18.25
CA VAL B 241 -60.36 -3.89 18.16
C VAL B 241 -61.73 -4.02 17.49
N ASN B 242 -62.75 -3.47 18.14
CA ASN B 242 -64.10 -3.52 17.59
C ASN B 242 -64.18 -2.71 16.30
N THR B 243 -64.85 -3.28 15.30
CA THR B 243 -64.99 -2.61 14.00
C THR B 243 -66.23 -3.14 13.31
N LYS B 244 -66.71 -2.38 12.33
CA LYS B 244 -67.86 -2.76 11.54
C LYS B 244 -67.49 -3.40 10.21
N ALA B 245 -66.42 -2.92 9.57
CA ALA B 245 -65.95 -3.49 8.30
C ALA B 245 -64.98 -4.62 8.61
N VAL B 246 -65.37 -5.85 8.30
CA VAL B 246 -64.55 -7.03 8.58
C VAL B 246 -64.34 -7.90 7.35
N GLN B 247 -64.84 -7.49 6.19
CA GLN B 247 -64.75 -8.28 4.97
C GLN B 247 -63.60 -7.78 4.10
N GLY B 248 -62.98 -8.70 3.37
CA GLY B 248 -61.94 -8.36 2.42
C GLY B 248 -60.70 -7.74 3.02
N VAL B 249 -60.20 -8.33 4.10
CA VAL B 249 -58.98 -7.83 4.73
C VAL B 249 -57.79 -8.20 3.85
N THR B 250 -56.96 -7.21 3.55
CA THR B 250 -55.80 -7.41 2.70
C THR B 250 -54.74 -6.39 3.05
N VAL B 251 -53.48 -6.73 2.77
CA VAL B 251 -52.33 -5.90 3.12
C VAL B 251 -51.59 -5.52 1.84
N ASP B 252 -51.21 -4.26 1.76
CA ASP B 252 -50.43 -3.79 0.62
C ASP B 252 -49.07 -4.48 0.59
N PRO B 253 -48.67 -5.08 -0.53
CA PRO B 253 -47.36 -5.75 -0.58
C PRO B 253 -46.20 -4.81 -0.31
N TYR B 254 -46.27 -3.57 -0.78
CA TYR B 254 -45.18 -2.62 -0.57
C TYR B 254 -45.17 -2.06 0.84
N PHE B 255 -46.34 -1.84 1.43
CA PHE B 255 -46.46 -1.30 2.79
C PHE B 255 -47.14 -2.36 3.65
N HIS B 256 -46.35 -3.09 4.42
CA HIS B 256 -46.87 -4.16 5.27
C HIS B 256 -47.72 -3.63 6.42
N ASP B 257 -47.68 -2.33 6.70
CA ASP B 257 -48.45 -1.74 7.79
C ASP B 257 -49.80 -1.21 7.33
N ARG B 258 -50.16 -1.39 6.07
CA ARG B 258 -51.42 -0.89 5.53
C ARG B 258 -52.37 -2.05 5.29
N VAL B 259 -53.60 -1.92 5.78
CA VAL B 259 -54.63 -2.92 5.59
C VAL B 259 -55.90 -2.24 5.12
N ALA B 260 -56.78 -3.02 4.49
CA ALA B 260 -58.02 -2.51 3.95
C ALA B 260 -59.18 -3.39 4.37
N SER B 261 -60.36 -2.79 4.47
CA SER B 261 -61.58 -3.52 4.80
C SER B 261 -62.75 -2.82 4.13
N PHE B 262 -63.87 -3.53 4.02
CA PHE B 262 -65.04 -2.96 3.38
C PHE B 262 -66.31 -3.58 3.95
N TYR B 263 -67.29 -2.73 4.24
CA TYR B 263 -68.61 -3.16 4.67
C TYR B 263 -69.64 -2.49 3.78
N GLU B 264 -70.47 -3.30 3.13
CA GLU B 264 -71.50 -2.83 2.18
C GLU B 264 -70.80 -2.00 1.12
N GLY B 265 -71.20 -0.75 0.89
CA GLY B 265 -70.57 0.10 -0.10
C GLY B 265 -69.48 1.01 0.43
N GLN B 266 -69.11 0.86 1.70
CA GLN B 266 -68.09 1.71 2.32
C GLN B 266 -66.81 0.93 2.50
N VAL B 267 -65.67 1.60 2.30
CA VAL B 267 -64.36 0.99 2.42
C VAL B 267 -63.50 1.84 3.35
N ALA B 268 -62.75 1.17 4.22
CA ALA B 268 -61.87 1.85 5.17
C ALA B 268 -60.47 1.27 5.08
N ILE B 269 -59.49 2.09 5.45
CA ILE B 269 -58.09 1.69 5.48
C ILE B 269 -57.56 1.88 6.90
N TRP B 270 -56.66 1.00 7.30
CA TRP B 270 -56.10 1.00 8.64
C TRP B 270 -54.59 0.86 8.58
N ASP B 271 -53.93 1.44 9.58
CA ASP B 271 -52.48 1.34 9.75
C ASP B 271 -52.22 0.49 10.98
N LEU B 272 -51.62 -0.69 10.78
CA LEU B 272 -51.47 -1.64 11.88
C LEU B 272 -50.66 -1.08 13.03
N ARG B 273 -49.75 -0.14 12.75
CA ARG B 273 -48.95 0.46 13.82
C ARG B 273 -49.81 1.29 14.76
N LYS B 274 -50.86 1.92 14.24
CA LYS B 274 -51.77 2.74 15.04
C LYS B 274 -53.22 2.41 14.72
N PHE B 275 -53.54 1.11 14.71
CA PHE B 275 -54.88 0.67 14.32
C PHE B 275 -55.83 0.80 15.50
N GLU B 276 -56.37 2.01 15.66
CA GLU B 276 -57.43 2.29 16.63
C GLU B 276 -58.68 2.83 15.96
N LYS B 277 -58.52 3.69 14.97
CA LYS B 277 -59.58 4.17 14.09
C LYS B 277 -59.11 4.05 12.65
N PRO B 278 -60.03 3.91 11.69
CA PRO B 278 -59.61 3.78 10.30
C PRO B 278 -58.82 5.01 9.85
N VAL B 279 -57.73 4.77 9.12
CA VAL B 279 -56.87 5.85 8.66
C VAL B 279 -57.61 6.74 7.67
N LEU B 280 -58.36 6.14 6.76
CA LEU B 280 -59.14 6.89 5.78
C LEU B 280 -60.36 6.07 5.38
N THR B 281 -61.36 6.77 4.85
CA THR B 281 -62.59 6.15 4.38
C THR B 281 -62.87 6.61 2.96
N LEU B 282 -63.04 5.65 2.06
CA LEU B 282 -63.33 5.96 0.67
C LEU B 282 -64.80 6.38 0.52
N THR B 283 -65.11 6.97 -0.64
CA THR B 283 -66.47 7.37 -0.92
C THR B 283 -67.37 6.14 -1.04
N GLU B 284 -68.51 6.18 -0.36
CA GLU B 284 -69.43 5.05 -0.38
C GLU B 284 -70.06 4.91 -1.77
N GLN B 285 -70.10 3.68 -2.27
CA GLN B 285 -70.71 3.42 -3.57
C GLN B 285 -72.15 3.00 -3.41
N PRO B 286 -73.02 3.30 -4.38
CA PRO B 286 -74.42 2.87 -4.30
C PRO B 286 -74.56 1.36 -4.26
N LYS B 287 -73.99 0.68 -5.26
CA LYS B 287 -74.01 -0.78 -5.27
C LYS B 287 -73.00 -1.33 -4.26
N PRO B 288 -73.34 -2.43 -3.59
CA PRO B 288 -72.41 -3.02 -2.63
C PRO B 288 -71.11 -3.48 -3.31
N LEU B 289 -70.01 -3.34 -2.60
CA LEU B 289 -68.72 -3.76 -3.12
C LEU B 289 -68.65 -5.29 -3.20
N THR B 290 -67.83 -5.78 -4.12
CA THR B 290 -67.69 -7.21 -4.34
C THR B 290 -66.26 -7.71 -4.22
N LYS B 291 -65.27 -6.90 -4.60
CA LYS B 291 -63.87 -7.32 -4.51
C LYS B 291 -62.98 -6.10 -4.32
N VAL B 292 -61.94 -6.28 -3.52
CA VAL B 292 -60.91 -5.25 -3.31
C VAL B 292 -59.56 -5.94 -3.33
N ALA B 293 -58.61 -5.35 -4.06
CA ALA B 293 -57.31 -6.00 -4.22
C ALA B 293 -56.23 -4.96 -4.48
N TRP B 294 -55.07 -5.15 -3.85
CA TRP B 294 -53.93 -4.28 -4.08
C TRP B 294 -53.13 -4.75 -5.29
N CYS B 295 -52.55 -3.79 -6.00
CA CYS B 295 -51.74 -4.10 -7.17
C CYS B 295 -50.35 -4.51 -6.74
N PRO B 296 -49.88 -5.71 -7.11
CA PRO B 296 -48.53 -6.13 -6.70
C PRO B 296 -47.41 -5.53 -7.52
N THR B 297 -47.67 -5.13 -8.76
CA THR B 297 -46.64 -4.56 -9.62
C THR B 297 -46.60 -3.04 -9.58
N ARG B 298 -47.44 -2.41 -8.77
CA ARG B 298 -47.48 -0.96 -8.65
C ARG B 298 -47.71 -0.58 -7.20
N THR B 299 -46.91 0.36 -6.71
CA THR B 299 -46.99 0.75 -5.31
C THR B 299 -48.19 1.65 -5.05
N GLY B 300 -48.89 1.38 -3.96
CA GLY B 300 -49.99 2.22 -3.53
C GLY B 300 -51.15 2.30 -4.50
N LEU B 301 -51.49 1.19 -5.15
CA LEU B 301 -52.61 1.12 -6.07
C LEU B 301 -53.60 0.09 -5.56
N LEU B 302 -54.86 0.50 -5.41
CA LEU B 302 -55.93 -0.37 -4.97
C LEU B 302 -57.02 -0.41 -6.02
N ALA B 303 -57.64 -1.58 -6.20
CA ALA B 303 -58.72 -1.74 -7.16
C ALA B 303 -59.94 -2.32 -6.46
N THR B 304 -61.11 -1.79 -6.82
CA THR B 304 -62.38 -2.21 -6.24
C THR B 304 -63.39 -2.46 -7.35
N LEU B 305 -64.16 -3.53 -7.19
CA LEU B 305 -65.25 -3.87 -8.08
C LEU B 305 -66.50 -4.12 -7.25
N THR B 306 -67.62 -3.54 -7.70
CA THR B 306 -68.89 -3.60 -6.99
C THR B 306 -69.85 -4.55 -7.71
N ARG B 307 -71.05 -4.67 -7.16
CA ARG B 307 -72.05 -5.58 -7.71
C ARG B 307 -72.69 -4.99 -8.94
N ASP B 308 -72.81 -5.80 -10.00
CA ASP B 308 -73.47 -5.42 -11.24
C ASP B 308 -72.89 -4.14 -11.82
N SER B 309 -71.57 -4.12 -11.95
CA SER B 309 -70.86 -2.96 -12.49
C SER B 309 -69.93 -3.41 -13.60
N ASN B 310 -69.86 -2.60 -14.66
CA ASN B 310 -68.95 -2.84 -15.77
C ASN B 310 -67.70 -1.98 -15.68
N ILE B 311 -67.49 -1.29 -14.55
CA ILE B 311 -66.36 -0.41 -14.36
C ILE B 311 -65.69 -0.74 -13.04
N ILE B 312 -64.36 -0.76 -13.02
CA ILE B 312 -63.56 -1.01 -11.84
C ILE B 312 -62.94 0.31 -11.38
N ARG B 313 -63.00 0.58 -10.08
CA ARG B 313 -62.53 1.85 -9.53
C ARG B 313 -61.14 1.67 -8.91
N LEU B 314 -60.20 2.49 -9.35
CA LEU B 314 -58.82 2.44 -8.87
C LEU B 314 -58.53 3.65 -8.00
N TYR B 315 -57.79 3.42 -6.92
CA TYR B 315 -57.44 4.45 -5.95
C TYR B 315 -55.93 4.45 -5.75
N ASP B 316 -55.35 5.65 -5.75
CA ASP B 316 -53.92 5.84 -5.54
C ASP B 316 -53.70 6.32 -4.11
N MET B 317 -53.22 5.42 -3.25
CA MET B 317 -52.92 5.74 -1.86
C MET B 317 -51.47 6.11 -1.66
N GLN B 318 -50.69 6.21 -2.73
CA GLN B 318 -49.27 6.55 -2.63
C GLN B 318 -49.03 8.02 -2.30
N HIS B 319 -50.08 8.79 -2.03
CA HIS B 319 -49.89 10.19 -1.66
C HIS B 319 -49.09 10.31 -0.37
N THR B 320 -49.36 9.44 0.60
CA THR B 320 -48.62 9.45 1.86
C THR B 320 -48.05 8.07 2.17
N THR B 331 -54.43 13.72 -0.81
CA THR B 331 -55.61 13.44 -1.61
C THR B 331 -55.43 12.16 -2.42
N ILE B 332 -56.40 11.26 -2.32
CA ILE B 332 -56.35 9.99 -3.03
C ILE B 332 -56.89 10.18 -4.43
N ILE B 333 -56.10 9.80 -5.43
CA ILE B 333 -56.50 9.91 -6.83
C ILE B 333 -57.45 8.77 -7.16
N GLU B 334 -58.58 9.10 -7.77
CA GLU B 334 -59.61 8.13 -8.14
C GLU B 334 -59.73 8.06 -9.65
N ARG B 335 -59.76 6.83 -10.18
CA ARG B 335 -59.91 6.61 -11.61
C ARG B 335 -60.89 5.46 -11.84
N SER B 336 -61.39 5.36 -13.07
CA SER B 336 -62.32 4.30 -13.44
C SER B 336 -61.85 3.65 -14.73
N VAL B 337 -61.99 2.33 -14.81
CA VAL B 337 -61.58 1.56 -15.97
C VAL B 337 -62.74 0.70 -16.44
N GLN B 338 -63.03 0.74 -17.73
CA GLN B 338 -64.10 -0.06 -18.32
C GLN B 338 -63.49 -1.14 -19.21
N PRO B 339 -63.41 -2.39 -18.76
CA PRO B 339 -62.74 -3.41 -19.58
C PRO B 339 -63.61 -4.02 -20.68
N CYS B 340 -64.92 -4.01 -20.53
CA CYS B 340 -65.80 -4.64 -21.51
C CYS B 340 -67.17 -3.96 -21.48
N ASP B 341 -68.05 -4.42 -22.35
CA ASP B 341 -69.40 -3.87 -22.47
C ASP B 341 -70.40 -4.58 -21.58
N ASN B 342 -69.97 -5.55 -20.78
CA ASN B 342 -70.83 -6.30 -19.88
C ASN B 342 -70.29 -6.20 -18.46
N TYR B 343 -71.13 -6.59 -17.50
CA TYR B 343 -70.72 -6.56 -16.10
C TYR B 343 -69.60 -7.57 -15.85
N ILE B 344 -68.68 -7.19 -14.98
CA ILE B 344 -67.52 -8.02 -14.64
C ILE B 344 -67.85 -8.82 -13.38
N ALA B 345 -67.73 -10.14 -13.47
CA ALA B 345 -68.01 -10.97 -12.31
C ALA B 345 -66.90 -10.88 -11.27
N SER B 346 -65.65 -10.78 -11.71
CA SER B 346 -64.50 -10.71 -10.81
C SER B 346 -63.30 -10.20 -11.61
N PHE B 347 -62.17 -10.05 -10.91
CA PHE B 347 -60.95 -9.55 -11.53
C PHE B 347 -59.76 -10.07 -10.72
N ALA B 348 -58.60 -10.10 -11.39
CA ALA B 348 -57.37 -10.60 -10.77
C ALA B 348 -56.17 -9.91 -11.38
N TRP B 349 -55.34 -9.31 -10.53
CA TRP B 349 -54.11 -8.66 -10.98
C TRP B 349 -53.03 -9.71 -11.24
N HIS B 350 -52.26 -9.50 -12.30
CA HIS B 350 -51.18 -10.41 -12.62
C HIS B 350 -50.06 -10.27 -11.60
N PRO B 351 -49.63 -11.35 -10.95
CA PRO B 351 -48.61 -11.23 -9.89
C PRO B 351 -47.28 -10.70 -10.38
N THR B 352 -46.88 -11.01 -11.60
CA THR B 352 -45.57 -10.61 -12.13
C THR B 352 -45.67 -9.69 -13.33
N SER B 353 -46.70 -9.84 -14.16
CA SER B 353 -46.85 -8.96 -15.30
C SER B 353 -47.12 -7.54 -14.83
N GLN B 354 -46.49 -6.58 -15.49
CA GLN B 354 -46.54 -5.19 -15.06
C GLN B 354 -47.92 -4.61 -15.35
N ASN B 355 -48.64 -4.24 -14.29
CA ASN B 355 -49.94 -3.58 -14.39
C ASN B 355 -50.90 -4.36 -15.29
N ARG B 356 -50.95 -5.67 -15.11
CA ARG B 356 -51.84 -6.52 -15.89
C ARG B 356 -52.96 -7.05 -15.02
N MET B 357 -54.18 -7.00 -15.54
CA MET B 357 -55.36 -7.46 -14.81
C MET B 357 -56.30 -8.15 -15.78
N ILE B 358 -56.92 -9.24 -15.33
CA ILE B 358 -57.84 -10.02 -16.14
C ILE B 358 -59.18 -10.04 -15.43
N VAL B 359 -60.26 -9.80 -16.19
CA VAL B 359 -61.60 -9.77 -15.63
C VAL B 359 -62.44 -10.83 -16.33
N VAL B 360 -63.50 -11.25 -15.64
CA VAL B 360 -64.37 -12.33 -16.11
C VAL B 360 -65.81 -11.84 -16.12
N THR B 361 -66.52 -12.16 -17.18
CA THR B 361 -67.93 -11.87 -17.35
C THR B 361 -68.78 -13.09 -17.02
N PRO B 362 -70.04 -12.89 -16.63
CA PRO B 362 -70.91 -14.04 -16.33
C PRO B 362 -71.13 -14.97 -17.52
N ASN B 363 -70.92 -14.49 -18.74
CA ASN B 363 -71.13 -15.29 -19.95
C ASN B 363 -69.90 -16.12 -20.31
N ARG B 364 -69.01 -16.39 -19.35
CA ARG B 364 -67.79 -17.17 -19.57
C ARG B 364 -66.88 -16.51 -20.59
N THR B 365 -66.92 -15.18 -20.65
CA THR B 365 -66.04 -14.41 -21.52
C THR B 365 -65.05 -13.65 -20.63
N MET B 366 -63.77 -13.88 -20.87
CA MET B 366 -62.70 -13.28 -20.07
C MET B 366 -61.91 -12.30 -20.92
N SER B 367 -61.53 -11.18 -20.31
CA SER B 367 -60.77 -10.14 -20.98
C SER B 367 -59.59 -9.75 -20.11
N ASP B 368 -58.39 -9.78 -20.68
CA ASP B 368 -57.18 -9.35 -20.01
C ASP B 368 -56.66 -8.06 -20.65
N PHE B 369 -56.35 -7.08 -19.81
CA PHE B 369 -55.92 -5.78 -20.29
C PHE B 369 -54.95 -5.17 -19.29
N THR B 370 -54.17 -4.20 -19.78
CA THR B 370 -53.18 -3.54 -18.94
C THR B 370 -53.65 -2.17 -18.48
N ILE B 375 -48.27 8.42 -22.36
CA ILE B 375 -47.32 9.01 -23.28
C ILE B 375 -47.28 10.53 -23.10
N SER B 376 -46.08 11.09 -23.14
CA SER B 376 -45.88 12.53 -23.04
C SER B 376 -45.46 13.07 -24.40
N LEU B 377 -45.90 14.30 -24.70
CA LEU B 377 -45.65 14.91 -25.99
C LEU B 377 -45.03 16.28 -25.82
N ALA B 378 -44.32 16.72 -26.85
CA ALA B 378 -43.70 18.04 -26.88
C ALA B 378 -43.45 18.42 -28.33
N TRP B 379 -43.46 19.72 -28.58
CA TRP B 379 -43.22 20.25 -29.92
C TRP B 379 -41.88 20.97 -29.99
N SER B 380 -41.45 21.24 -31.21
CA SER B 380 -40.22 21.95 -31.48
C SER B 380 -40.48 23.06 -32.49
N PRO B 381 -39.69 24.14 -32.46
CA PRO B 381 -39.89 25.23 -33.43
C PRO B 381 -39.57 24.84 -34.87
N ILE B 382 -39.10 23.62 -35.10
CA ILE B 382 -38.84 23.12 -36.45
C ILE B 382 -39.91 22.11 -36.86
N THR B 383 -41.05 22.12 -36.19
CA THR B 383 -42.18 21.23 -36.47
C THR B 383 -41.78 19.76 -36.37
N SER B 384 -41.04 19.43 -35.33
CA SER B 384 -40.73 18.04 -34.99
C SER B 384 -41.35 17.73 -33.64
N LEU B 385 -42.16 16.67 -33.60
CA LEU B 385 -42.88 16.29 -32.39
C LEU B 385 -42.09 15.22 -31.66
N MET B 386 -41.73 15.48 -30.42
CA MET B 386 -40.98 14.53 -29.60
C MET B 386 -41.92 13.93 -28.56
N TRP B 387 -41.94 12.60 -28.49
CA TRP B 387 -42.81 11.89 -27.57
C TRP B 387 -41.99 10.94 -26.72
N ALA B 388 -42.52 10.66 -25.53
CA ALA B 388 -41.93 9.70 -24.61
C ALA B 388 -42.99 8.69 -24.21
N CYS B 389 -42.66 7.41 -24.33
CA CYS B 389 -43.57 6.32 -23.98
C CYS B 389 -42.76 5.30 -23.18
N GLY B 390 -42.86 5.38 -21.85
CA GLY B 390 -42.13 4.49 -20.98
C GLY B 390 -40.73 4.98 -20.67
N ARG B 391 -39.73 4.39 -21.32
CA ARG B 391 -38.34 4.76 -21.13
C ARG B 391 -37.62 4.94 -22.47
N HIS B 392 -38.34 5.42 -23.48
CA HIS B 392 -37.78 5.66 -24.80
C HIS B 392 -38.31 6.97 -25.34
N LEU B 393 -37.52 7.61 -26.19
CA LEU B 393 -37.88 8.87 -26.82
C LEU B 393 -37.99 8.67 -28.33
N TYR B 394 -39.07 9.17 -28.92
CA TYR B 394 -39.27 9.12 -30.36
C TYR B 394 -39.45 10.53 -30.88
N GLU B 395 -38.94 10.78 -32.09
CA GLU B 395 -39.09 12.05 -32.78
C GLU B 395 -39.78 11.80 -34.11
N CYS B 396 -40.80 12.61 -34.39
CA CYS B 396 -41.58 12.48 -35.61
C CYS B 396 -41.49 13.77 -36.41
N THR B 397 -41.13 13.65 -37.68
CA THR B 397 -41.02 14.78 -38.57
C THR B 397 -41.85 14.49 -39.82
N GLU B 398 -41.85 15.45 -40.75
CA GLU B 398 -42.55 15.24 -42.01
C GLU B 398 -41.84 14.19 -42.84
N GLU B 399 -42.60 13.54 -43.72
CA GLU B 399 -42.02 12.51 -44.56
C GLU B 399 -41.06 13.06 -45.60
N GLU B 400 -41.05 14.39 -45.80
CA GLU B 400 -40.16 15.04 -46.77
C GLU B 400 -40.36 14.45 -48.18
N ASN B 401 -41.61 14.19 -48.52
CA ASN B 401 -41.92 13.62 -49.82
C ASN B 401 -41.67 14.63 -50.93
N ASP B 402 -41.61 14.13 -52.17
CA ASP B 402 -41.39 14.99 -53.31
C ASP B 402 -42.53 15.98 -53.54
N ASN B 403 -43.70 15.72 -52.98
CA ASN B 403 -44.81 16.65 -53.11
C ASN B 403 -44.47 17.99 -52.47
N SER B 404 -44.72 19.07 -53.20
CA SER B 404 -44.39 20.40 -52.71
C SER B 404 -45.58 21.08 -52.03
N LEU B 405 -46.77 20.96 -52.62
CA LEU B 405 -47.95 21.62 -52.05
C LEU B 405 -48.42 20.96 -50.75
N GLU B 406 -47.93 19.77 -50.42
CA GLU B 406 -48.33 19.10 -49.20
C GLU B 406 -47.58 19.61 -47.98
N LYS B 407 -46.60 20.47 -48.16
CA LYS B 407 -45.82 20.98 -47.04
C LYS B 407 -46.66 21.93 -46.18
N ASP B 408 -46.34 21.98 -44.89
CA ASP B 408 -47.03 22.85 -43.96
C ASP B 408 -46.57 24.30 -44.14
N ILE B 409 -47.37 25.23 -43.60
CA ILE B 409 -47.07 26.64 -43.76
C ILE B 409 -45.77 27.00 -43.06
N ALA B 410 -45.47 26.36 -41.93
CA ALA B 410 -44.22 26.63 -41.23
C ALA B 410 -43.01 26.30 -42.10
N THR B 411 -43.01 25.09 -42.68
CA THR B 411 -41.91 24.70 -43.56
C THR B 411 -41.89 25.55 -44.82
N LYS B 412 -43.06 25.93 -45.32
CA LYS B 412 -43.11 26.81 -46.49
C LYS B 412 -42.41 28.13 -46.20
N MET B 413 -42.70 28.73 -45.04
CA MET B 413 -42.03 29.99 -44.68
C MET B 413 -40.55 29.76 -44.40
N ARG B 414 -40.19 28.60 -43.86
CA ARG B 414 -38.79 28.25 -43.73
C ARG B 414 -38.08 28.35 -45.07
N LEU B 415 -38.65 27.70 -46.09
CA LEU B 415 -38.05 27.73 -47.42
C LEU B 415 -38.05 29.13 -47.99
N ARG B 416 -39.13 29.89 -47.78
CA ARG B 416 -39.19 31.25 -48.28
C ARG B 416 -38.07 32.10 -47.71
N ALA B 417 -37.83 31.98 -46.39
CA ALA B 417 -36.72 32.70 -45.78
C ALA B 417 -35.39 32.20 -46.34
N LEU B 418 -35.25 30.89 -46.54
CA LEU B 418 -34.04 30.36 -47.14
C LEU B 418 -33.83 30.89 -48.56
N SER B 419 -34.91 31.17 -49.26
CA SER B 419 -34.85 31.58 -50.66
C SER B 419 -34.73 33.09 -50.83
N ARG B 420 -34.60 33.84 -49.74
CA ARG B 420 -34.56 35.30 -49.80
C ARG B 420 -35.80 35.84 -50.50
N TYR B 421 -36.94 35.20 -50.25
CA TYR B 421 -38.17 35.58 -50.91
C TYR B 421 -38.64 36.95 -50.46
N GLY B 422 -39.17 37.72 -51.40
CA GLY B 422 -39.76 39.01 -51.09
C GLY B 422 -38.79 40.16 -50.93
N LEU B 423 -37.49 39.93 -51.14
CA LEU B 423 -36.50 40.98 -51.00
C LEU B 423 -36.08 41.60 -52.32
N ASP B 424 -36.74 41.26 -53.41
CA ASP B 424 -36.43 41.86 -54.70
C ASP B 424 -37.17 43.18 -54.84
N THR B 425 -36.49 44.16 -55.44
CA THR B 425 -37.09 45.46 -55.70
C THR B 425 -36.95 45.93 -57.13
N GLU B 426 -35.97 45.44 -57.89
CA GLU B 426 -35.83 45.85 -59.28
C GLU B 426 -37.04 45.39 -60.10
N GLN B 427 -37.50 44.16 -59.89
CA GLN B 427 -38.66 43.62 -60.58
C GLN B 427 -39.49 42.84 -59.57
N VAL B 428 -40.61 43.46 -59.14
CA VAL B 428 -41.43 42.88 -58.09
C VAL B 428 -42.06 41.57 -58.54
N TRP B 429 -42.44 41.47 -59.82
CA TRP B 429 -43.17 40.31 -60.29
C TRP B 429 -42.40 39.00 -60.11
N ARG B 430 -41.08 39.07 -60.00
CA ARG B 430 -40.27 37.85 -59.88
C ARG B 430 -40.45 37.15 -58.53
N ASN B 431 -41.13 37.79 -57.57
CA ASN B 431 -41.29 37.18 -56.26
C ASN B 431 -42.04 35.87 -56.32
N HIS B 432 -42.99 35.73 -57.25
CA HIS B 432 -43.69 34.47 -57.39
C HIS B 432 -42.73 33.36 -57.80
N ILE B 433 -41.76 33.69 -58.65
CA ILE B 433 -40.68 32.74 -58.93
C ILE B 433 -39.89 32.46 -57.66
N LEU B 434 -39.60 33.52 -56.89
CA LEU B 434 -38.92 33.35 -55.62
C LEU B 434 -39.72 32.53 -54.62
N ALA B 435 -41.05 32.48 -54.79
CA ALA B 435 -41.89 31.71 -53.88
C ALA B 435 -41.65 30.22 -54.01
N GLY B 436 -41.11 29.76 -55.15
CA GLY B 436 -40.82 28.35 -55.32
C GLY B 436 -42.00 27.55 -55.84
N ASN B 437 -43.02 27.35 -55.00
CA ASN B 437 -44.18 26.58 -55.40
C ASN B 437 -45.06 27.39 -56.34
N GLU B 438 -46.20 26.82 -56.70
CA GLU B 438 -47.16 27.45 -57.61
C GLU B 438 -48.40 27.84 -56.82
N ASP B 439 -48.77 29.11 -56.89
CA ASP B 439 -49.98 29.61 -56.22
C ASP B 439 -50.52 30.80 -57.01
N PRO B 440 -51.70 30.66 -57.61
CA PRO B 440 -52.21 31.75 -58.46
C PRO B 440 -52.38 33.07 -57.73
N GLN B 441 -52.82 33.03 -56.46
CA GLN B 441 -53.06 34.27 -55.74
C GLN B 441 -51.77 35.06 -55.56
N LEU B 442 -50.67 34.37 -55.22
CA LEU B 442 -49.40 35.05 -55.06
C LEU B 442 -48.95 35.71 -56.35
N LYS B 443 -49.07 34.98 -57.46
CA LYS B 443 -48.71 35.55 -58.76
C LYS B 443 -49.55 36.77 -59.08
N SER B 444 -50.86 36.68 -58.84
CA SER B 444 -51.74 37.81 -59.12
C SER B 444 -51.35 39.01 -58.27
N LEU B 445 -51.10 38.80 -56.99
CA LEU B 445 -50.74 39.89 -56.10
C LEU B 445 -49.44 40.54 -56.54
N TRP B 446 -48.44 39.74 -56.87
CA TRP B 446 -47.15 40.30 -57.25
C TRP B 446 -47.25 41.03 -58.57
N TYR B 447 -48.03 40.53 -59.52
CA TYR B 447 -48.21 41.25 -60.77
C TYR B 447 -48.95 42.56 -60.57
N THR B 448 -49.95 42.57 -59.68
CA THR B 448 -50.65 43.82 -59.38
C THR B 448 -49.69 44.84 -58.78
N LEU B 449 -48.86 44.40 -57.83
CA LEU B 449 -47.89 45.30 -57.23
C LEU B 449 -46.89 45.80 -58.26
N HIS B 450 -46.46 44.92 -59.16
CA HIS B 450 -45.54 45.32 -60.21
C HIS B 450 -46.16 46.39 -61.10
N PHE B 451 -47.41 46.20 -61.49
CA PHE B 451 -48.09 47.21 -62.31
C PHE B 451 -48.20 48.54 -61.58
N MET B 452 -48.56 48.49 -60.30
CA MET B 452 -48.67 49.73 -59.52
C MET B 452 -47.33 50.44 -59.45
N LYS B 453 -46.26 49.69 -59.18
CA LYS B 453 -44.93 50.29 -59.08
C LYS B 453 -44.51 50.90 -60.41
N GLN B 454 -44.76 50.19 -61.52
CA GLN B 454 -44.39 50.72 -62.82
C GLN B 454 -45.16 52.00 -63.12
N TYR B 455 -46.46 52.03 -62.81
CA TYR B 455 -47.24 53.23 -63.05
C TYR B 455 -46.74 54.39 -62.20
N THR B 456 -46.40 54.12 -60.93
CA THR B 456 -45.89 55.18 -60.07
C THR B 456 -44.57 55.72 -60.59
N GLU B 457 -43.69 54.82 -61.06
CA GLU B 457 -42.41 55.26 -61.62
C GLU B 457 -42.63 56.12 -62.85
N ASP B 458 -43.55 55.70 -63.72
CA ASP B 458 -43.85 56.49 -64.92
C ASP B 458 -44.41 57.86 -64.56
N MET B 459 -45.33 57.90 -63.59
CA MET B 459 -45.92 59.17 -63.18
C MET B 459 -44.87 60.10 -62.59
N ASP B 460 -43.97 59.55 -61.77
CA ASP B 460 -42.88 60.36 -61.23
C ASP B 460 -41.97 60.86 -62.33
N GLN B 461 -41.69 60.02 -63.33
CA GLN B 461 -40.90 60.45 -64.47
C GLN B 461 -41.62 61.55 -65.25
N LYS B 462 -42.93 61.41 -65.43
CA LYS B 462 -43.71 62.41 -66.14
C LYS B 462 -44.07 63.58 -65.22
N GLY B 468 -50.54 60.73 -58.48
CA GLY B 468 -49.43 59.82 -58.33
C GLY B 468 -49.74 58.64 -57.42
N SER B 469 -50.03 58.94 -56.15
CA SER B 469 -50.37 57.90 -55.18
C SER B 469 -51.81 57.43 -55.29
N LEU B 470 -52.62 58.07 -56.14
CA LEU B 470 -54.02 57.68 -56.28
C LEU B 470 -54.19 56.26 -56.80
N VAL B 471 -53.14 55.69 -57.40
CA VAL B 471 -53.24 54.32 -57.90
C VAL B 471 -53.47 53.35 -56.74
N TYR B 472 -52.78 53.56 -55.62
CA TYR B 472 -52.92 52.66 -54.48
C TYR B 472 -54.29 52.73 -53.84
N ALA B 473 -55.12 53.72 -54.19
CA ALA B 473 -56.47 53.79 -53.66
C ALA B 473 -57.33 52.61 -54.11
N GLY B 474 -56.94 51.93 -55.19
CA GLY B 474 -57.67 50.78 -55.67
C GLY B 474 -58.67 51.13 -56.77
N ILE B 475 -59.11 50.07 -57.46
CA ILE B 475 -60.03 50.26 -58.58
C ILE B 475 -61.34 50.87 -58.09
N LYS B 476 -61.80 50.47 -56.91
CA LYS B 476 -63.07 50.95 -56.40
C LYS B 476 -63.09 52.47 -56.27
N SER B 477 -62.01 53.05 -55.75
CA SER B 477 -61.94 54.50 -55.63
C SER B 477 -61.78 55.16 -57.00
N ILE B 478 -60.99 54.55 -57.89
CA ILE B 478 -60.70 55.16 -59.18
C ILE B 478 -61.96 55.28 -60.02
N VAL B 479 -62.72 54.18 -60.13
CA VAL B 479 -63.89 54.15 -61.00
C VAL B 479 -65.08 54.88 -60.43
N LYS B 480 -64.98 55.40 -59.21
CA LYS B 480 -66.13 56.04 -58.58
C LYS B 480 -66.52 57.33 -59.30
N SER B 481 -65.53 58.06 -59.82
CA SER B 481 -65.76 59.38 -60.38
C SER B 481 -65.80 59.38 -61.90
N SER B 482 -66.01 58.22 -62.52
CA SER B 482 -66.10 58.16 -63.98
C SER B 482 -67.48 58.62 -64.44
N LEU B 483 -67.53 59.15 -65.66
CA LEU B 483 -68.79 59.63 -66.21
C LEU B 483 -68.67 59.70 -67.73
N GLY B 484 -69.80 59.50 -68.40
CA GLY B 484 -69.84 59.60 -69.84
C GLY B 484 -69.50 58.31 -70.56
N MET B 485 -70.23 57.24 -70.27
CA MET B 485 -70.05 55.96 -70.93
C MET B 485 -71.36 55.56 -71.59
N VAL B 486 -71.26 55.09 -72.84
CA VAL B 486 -72.43 54.71 -73.64
C VAL B 486 -72.30 53.23 -73.99
N GLU B 487 -73.41 52.50 -73.87
CA GLU B 487 -73.44 51.09 -74.21
C GLU B 487 -73.84 50.93 -75.68
N SER B 488 -73.05 50.16 -76.42
CA SER B 488 -73.33 49.96 -77.84
C SER B 488 -74.59 49.14 -78.04
N SER B 489 -75.34 49.48 -79.09
CA SER B 489 -76.56 48.74 -79.39
C SER B 489 -76.25 47.38 -79.99
N ARG B 490 -75.27 47.31 -80.88
CA ARG B 490 -74.91 46.07 -81.55
C ARG B 490 -73.41 46.06 -81.82
N HIS B 491 -72.89 44.87 -82.11
CA HIS B 491 -71.47 44.70 -82.34
C HIS B 491 -71.09 45.15 -83.74
N ASN B 492 -70.01 45.92 -83.82
CA ASN B 492 -69.46 46.39 -85.09
C ASN B 492 -68.10 45.71 -85.27
N TRP B 493 -68.10 44.59 -85.98
CA TRP B 493 -66.89 43.77 -86.14
C TRP B 493 -65.95 44.47 -87.11
N SER B 494 -64.96 45.17 -86.56
CA SER B 494 -63.97 45.85 -87.38
C SER B 494 -62.68 45.05 -87.44
N ILE B 502 -61.51 53.16 -78.74
CA ILE B 502 -60.84 52.71 -77.54
C ILE B 502 -60.35 53.91 -76.72
N GLN B 503 -59.71 54.86 -77.42
CA GLN B 503 -59.23 56.06 -76.77
C GLN B 503 -60.35 56.98 -76.31
N ASN B 504 -61.58 56.74 -76.74
CA ASN B 504 -62.71 57.58 -76.36
C ASN B 504 -63.20 57.34 -74.95
N LEU B 505 -62.66 56.33 -74.26
CA LEU B 505 -63.07 56.04 -72.90
C LEU B 505 -62.55 57.11 -71.94
N ASN B 506 -63.10 57.12 -70.74
CA ASN B 506 -62.65 58.05 -69.72
C ASN B 506 -61.26 57.68 -69.23
N GLU B 507 -60.57 58.68 -68.67
CA GLU B 507 -59.26 58.43 -68.09
C GLU B 507 -59.34 57.37 -67.00
N GLU B 508 -60.46 57.30 -66.29
CA GLU B 508 -60.64 56.23 -65.31
C GLU B 508 -60.58 54.85 -65.98
N ARG B 509 -61.25 54.71 -67.12
CA ARG B 509 -61.20 53.45 -67.85
C ARG B 509 -59.78 53.15 -68.32
N ILE B 510 -59.05 54.19 -68.76
CA ILE B 510 -57.68 53.98 -69.22
C ILE B 510 -56.81 53.48 -68.08
N LEU B 511 -56.93 54.10 -66.92
CA LEU B 511 -56.16 53.66 -65.76
C LEU B 511 -56.53 52.24 -65.35
N ALA B 512 -57.83 51.92 -65.39
CA ALA B 512 -58.26 50.57 -65.05
C ALA B 512 -57.66 49.56 -66.01
N LEU B 513 -57.65 49.87 -67.31
CA LEU B 513 -57.07 48.95 -68.28
C LEU B 513 -55.57 48.79 -68.05
N GLN B 514 -54.88 49.89 -67.76
CA GLN B 514 -53.45 49.80 -67.51
C GLN B 514 -53.15 48.95 -66.29
N LEU B 515 -53.94 49.12 -65.22
CA LEU B 515 -53.75 48.28 -64.04
C LEU B 515 -54.05 46.82 -64.34
N CYS B 516 -55.09 46.56 -65.14
CA CYS B 516 -55.43 45.18 -65.49
C CYS B 516 -54.34 44.51 -66.31
N GLY B 517 -53.46 45.29 -66.93
CA GLY B 517 -52.37 44.74 -67.71
C GLY B 517 -52.68 44.50 -69.17
N TRP B 518 -53.90 44.78 -69.62
CA TRP B 518 -54.22 44.59 -71.03
C TRP B 518 -53.40 45.51 -71.92
N ILE B 519 -53.22 46.76 -71.49
CA ILE B 519 -52.44 47.73 -72.25
C ILE B 519 -51.23 48.14 -71.41
N LYS B 520 -50.13 48.41 -72.11
CA LYS B 520 -48.91 48.86 -71.45
C LYS B 520 -49.01 50.36 -71.17
N LYS B 521 -47.90 50.95 -70.75
CA LYS B 521 -47.88 52.39 -70.48
C LYS B 521 -48.12 53.17 -71.77
N GLY B 522 -48.67 54.37 -71.61
CA GLY B 522 -48.96 55.23 -72.73
C GLY B 522 -50.41 55.17 -73.14
N THR B 523 -50.76 56.02 -74.10
CA THR B 523 -52.13 56.14 -74.61
C THR B 523 -52.38 55.31 -75.85
N ASP B 524 -51.44 54.45 -76.23
CA ASP B 524 -51.60 53.60 -77.41
C ASP B 524 -52.84 52.74 -77.29
N VAL B 525 -53.83 52.98 -78.14
CA VAL B 525 -55.10 52.23 -78.07
C VAL B 525 -54.90 51.00 -78.96
N ASP B 526 -54.30 49.98 -78.36
CA ASP B 526 -54.03 48.72 -79.05
C ASP B 526 -53.62 47.69 -78.02
N VAL B 527 -53.90 46.42 -78.33
CA VAL B 527 -53.55 45.31 -77.46
C VAL B 527 -52.64 44.31 -78.18
N GLY B 528 -52.06 44.73 -79.30
CA GLY B 528 -51.23 43.88 -80.11
C GLY B 528 -50.07 43.24 -79.36
N PRO B 529 -49.24 44.05 -78.70
CA PRO B 529 -48.16 43.46 -77.89
C PRO B 529 -48.66 42.51 -76.82
N PHE B 530 -49.79 42.83 -76.18
CA PHE B 530 -50.35 41.93 -75.19
C PHE B 530 -50.73 40.60 -75.80
N LEU B 531 -51.37 40.64 -76.97
CA LEU B 531 -51.76 39.41 -77.66
C LEU B 531 -50.52 38.60 -78.05
N ASN B 532 -49.48 39.28 -78.54
CA ASN B 532 -48.27 38.58 -78.92
C ASN B 532 -47.62 37.92 -77.72
N SER B 533 -47.59 38.62 -76.58
CA SER B 533 -47.05 38.04 -75.36
C SER B 533 -47.84 36.81 -74.94
N LEU B 534 -49.17 36.90 -75.02
CA LEU B 534 -50.01 35.74 -74.68
C LEU B 534 -49.74 34.58 -75.63
N VAL B 535 -49.55 34.87 -76.91
CA VAL B 535 -49.22 33.82 -77.87
C VAL B 535 -47.89 33.17 -77.49
N GLN B 536 -46.90 33.98 -77.14
CA GLN B 536 -45.62 33.43 -76.69
C GLN B 536 -45.79 32.60 -75.42
N GLU B 537 -46.78 32.94 -74.59
CA GLU B 537 -47.03 32.16 -73.39
C GLU B 537 -47.53 30.76 -73.73
N GLY B 538 -48.31 30.62 -74.81
CA GLY B 538 -48.82 29.34 -75.24
C GLY B 538 -50.27 29.08 -74.89
N GLU B 539 -50.83 29.84 -73.96
CA GLU B 539 -52.25 29.69 -73.60
C GLU B 539 -53.08 30.39 -74.65
N TRP B 540 -53.25 29.71 -75.78
CA TRP B 540 -53.95 30.31 -76.92
C TRP B 540 -55.40 30.64 -76.60
N GLU B 541 -56.02 29.87 -75.71
CA GLU B 541 -57.43 30.08 -75.41
C GLU B 541 -57.66 31.45 -74.79
N ARG B 542 -56.80 31.82 -73.82
CA ARG B 542 -56.95 33.12 -73.17
C ARG B 542 -56.74 34.25 -74.17
N ALA B 543 -55.73 34.12 -75.04
CA ALA B 543 -55.49 35.14 -76.05
C ALA B 543 -56.68 35.27 -77.00
N ALA B 544 -57.24 34.13 -77.42
CA ALA B 544 -58.41 34.18 -78.28
C ALA B 544 -59.59 34.84 -77.59
N ALA B 545 -59.76 34.55 -76.30
CA ALA B 545 -60.84 35.20 -75.55
C ALA B 545 -60.63 36.70 -75.48
N VAL B 546 -59.40 37.14 -75.25
CA VAL B 546 -59.10 38.57 -75.19
C VAL B 546 -59.40 39.21 -76.55
N ALA B 547 -58.95 38.58 -77.62
CA ALA B 547 -59.18 39.14 -78.96
C ALA B 547 -60.67 39.23 -79.26
N LEU B 548 -61.43 38.19 -78.91
CA LEU B 548 -62.86 38.23 -79.11
C LEU B 548 -63.50 39.35 -78.31
N PHE B 549 -63.07 39.53 -77.06
CA PHE B 549 -63.57 40.63 -76.26
C PHE B 549 -63.24 41.97 -76.90
N ASN B 550 -62.14 42.04 -77.65
CA ASN B 550 -61.77 43.25 -78.35
C ASN B 550 -62.34 43.29 -79.76
N LEU B 551 -63.30 42.42 -80.07
CA LEU B 551 -64.08 42.47 -81.31
C LEU B 551 -63.19 42.29 -82.55
N ASP B 552 -62.59 41.09 -82.64
CA ASP B 552 -61.80 40.70 -83.82
C ASP B 552 -62.04 39.21 -84.08
N ILE B 553 -63.04 38.91 -84.92
CA ILE B 553 -63.36 37.52 -85.21
C ILE B 553 -62.22 36.86 -86.00
N ARG B 554 -61.76 37.54 -87.05
CA ARG B 554 -60.74 36.96 -87.91
C ARG B 554 -59.45 36.71 -87.14
N ARG B 555 -59.06 37.66 -86.30
CA ARG B 555 -57.88 37.47 -85.46
C ARG B 555 -58.05 36.27 -84.54
N ALA B 556 -59.23 36.14 -83.94
CA ALA B 556 -59.48 35.01 -83.05
C ALA B 556 -59.37 33.69 -83.80
N ILE B 557 -59.93 33.63 -85.00
CA ILE B 557 -59.86 32.40 -85.79
C ILE B 557 -58.41 32.08 -86.15
N GLN B 558 -57.64 33.09 -86.54
CA GLN B 558 -56.24 32.88 -86.88
C GLN B 558 -55.47 32.36 -85.67
N ILE B 559 -55.72 32.95 -84.50
CA ILE B 559 -55.03 32.52 -83.29
C ILE B 559 -55.39 31.08 -82.95
N LEU B 560 -56.68 30.75 -83.06
CA LEU B 560 -57.10 29.38 -82.76
C LEU B 560 -56.45 28.39 -83.71
N ASN B 561 -56.39 28.73 -85.00
CA ASN B 561 -55.75 27.82 -85.96
C ASN B 561 -54.27 27.68 -85.67
N GLU B 562 -53.60 28.77 -85.33
CA GLU B 562 -52.19 28.71 -85.00
C GLU B 562 -51.94 27.83 -83.78
N GLY B 563 -52.78 27.97 -82.75
CA GLY B 563 -52.65 27.12 -81.59
C GLY B 563 -52.90 25.66 -81.91
N ALA B 564 -53.91 25.39 -82.74
CA ALA B 564 -54.20 24.02 -83.15
C ALA B 564 -53.09 23.43 -83.99
N SER B 565 -52.32 24.27 -84.69
CA SER B 565 -51.24 23.76 -85.53
C SER B 565 -50.19 23.02 -84.70
N SER B 566 -50.01 23.40 -83.45
CA SER B 566 -49.05 22.76 -82.56
C SER B 566 -49.73 21.68 -81.73
N GLU B 567 -48.91 20.91 -81.01
CA GLU B 567 -49.38 19.84 -80.15
C GLU B 567 -50.26 18.84 -80.90
N LEU B 571 -56.44 19.01 -81.71
CA LEU B 571 -57.30 18.93 -82.88
C LEU B 571 -58.66 19.55 -82.58
N ASN B 572 -59.01 19.59 -81.29
CA ASN B 572 -60.28 20.16 -80.89
C ASN B 572 -60.38 21.63 -81.28
N LEU B 573 -59.25 22.34 -81.26
CA LEU B 573 -59.27 23.79 -81.49
C LEU B 573 -59.78 24.14 -82.88
N ASN B 574 -59.47 23.30 -83.88
CA ASN B 574 -59.97 23.57 -85.23
C ASN B 574 -61.48 23.50 -85.27
N VAL B 575 -62.06 22.48 -84.62
CA VAL B 575 -63.52 22.36 -84.58
C VAL B 575 -64.11 23.51 -83.79
N VAL B 576 -63.45 23.93 -82.71
CA VAL B 576 -63.94 25.06 -81.93
C VAL B 576 -63.98 26.31 -82.79
N ALA B 577 -62.91 26.56 -83.55
CA ALA B 577 -62.89 27.72 -84.43
C ALA B 577 -63.98 27.63 -85.48
N MET B 578 -64.19 26.44 -86.05
CA MET B 578 -65.25 26.27 -87.03
C MET B 578 -66.62 26.59 -86.42
N ALA B 579 -66.84 26.13 -85.19
CA ALA B 579 -68.11 26.43 -84.51
C ALA B 579 -68.25 27.91 -84.24
N LEU B 580 -67.15 28.58 -83.90
CA LEU B 580 -67.21 29.99 -83.55
C LEU B 580 -67.69 30.86 -84.69
N SER B 581 -67.52 30.41 -85.94
CA SER B 581 -67.90 31.21 -87.10
C SER B 581 -69.41 31.40 -87.22
N GLY B 582 -70.21 30.67 -86.45
CA GLY B 582 -71.64 30.69 -86.63
C GLY B 582 -72.37 31.79 -85.90
N TYR B 583 -71.66 32.84 -85.50
CA TYR B 583 -72.29 33.92 -84.76
C TYR B 583 -73.44 34.53 -85.55
N THR B 584 -74.58 34.69 -84.89
CA THR B 584 -75.75 35.29 -85.49
C THR B 584 -76.52 36.05 -84.43
N ASP B 585 -77.15 37.15 -84.84
CA ASP B 585 -77.97 37.96 -83.95
C ASP B 585 -79.47 37.67 -84.12
N GLU B 586 -79.82 36.65 -84.90
CA GLU B 586 -81.22 36.32 -85.09
C GLU B 586 -81.84 35.87 -83.77
N LYS B 587 -83.10 36.26 -83.56
CA LYS B 587 -83.76 35.98 -82.28
C LYS B 587 -83.94 34.49 -82.07
N ASN B 588 -84.45 33.79 -83.07
CA ASN B 588 -84.78 32.37 -82.96
C ASN B 588 -83.86 31.51 -83.82
N SER B 589 -82.59 31.90 -83.90
CA SER B 589 -81.63 31.12 -84.67
C SER B 589 -81.34 29.78 -83.99
N LEU B 590 -81.25 28.73 -84.79
CA LEU B 590 -80.89 27.43 -84.26
C LEU B 590 -79.53 27.46 -83.59
N TRP B 591 -78.62 28.28 -84.11
CA TRP B 591 -77.31 28.44 -83.49
C TRP B 591 -77.48 28.86 -82.04
N ARG B 592 -78.01 30.07 -81.82
CA ARG B 592 -78.23 30.54 -80.46
C ARG B 592 -79.06 29.57 -79.64
N GLU B 593 -79.96 28.83 -80.29
CA GLU B 593 -80.76 27.85 -79.56
C GLU B 593 -79.90 26.75 -78.97
N MET B 594 -78.92 26.26 -79.72
CA MET B 594 -78.15 25.09 -79.30
C MET B 594 -76.83 25.43 -78.60
N CYS B 595 -76.18 26.52 -78.98
CA CYS B 595 -74.87 26.85 -78.42
C CYS B 595 -74.96 27.13 -76.93
N SER B 596 -75.98 27.89 -76.51
CA SER B 596 -76.14 28.18 -75.09
C SER B 596 -76.33 26.91 -74.28
N THR B 597 -77.13 25.99 -74.80
CA THR B 597 -77.35 24.72 -74.10
C THR B 597 -76.09 23.89 -74.03
N LEU B 598 -75.36 23.79 -75.14
CA LEU B 598 -74.24 22.86 -75.20
C LEU B 598 -72.95 23.42 -74.63
N ARG B 599 -72.86 24.73 -74.45
CA ARG B 599 -71.59 25.32 -74.02
C ARG B 599 -71.23 24.92 -72.59
N LEU B 600 -72.19 24.47 -71.80
CA LEU B 600 -71.94 24.15 -70.40
C LEU B 600 -71.18 22.85 -70.22
N GLN B 601 -70.97 22.08 -71.29
CA GLN B 601 -70.32 20.79 -71.21
C GLN B 601 -68.87 20.82 -71.68
N LEU B 602 -68.27 22.00 -71.75
CA LEU B 602 -66.87 22.12 -72.12
C LEU B 602 -66.00 22.19 -70.87
N ASN B 603 -64.70 22.03 -71.07
CA ASN B 603 -63.74 21.99 -69.98
C ASN B 603 -63.07 23.35 -69.73
N ASN B 604 -62.54 23.96 -70.76
CA ASN B 604 -61.87 25.25 -70.58
C ASN B 604 -62.90 26.32 -70.29
N PRO B 605 -62.81 27.02 -69.16
CA PRO B 605 -63.81 28.06 -68.86
C PRO B 605 -63.81 29.20 -69.85
N TYR B 606 -62.69 29.48 -70.50
CA TYR B 606 -62.64 30.59 -71.45
C TYR B 606 -63.59 30.37 -72.61
N LEU B 607 -63.65 29.16 -73.13
CA LEU B 607 -64.61 28.86 -74.19
C LEU B 607 -66.04 29.09 -73.72
N CYS B 608 -66.34 28.64 -72.50
CA CYS B 608 -67.68 28.82 -71.96
C CYS B 608 -68.04 30.29 -71.83
N VAL B 609 -67.12 31.10 -71.33
CA VAL B 609 -67.43 32.52 -71.15
C VAL B 609 -67.54 33.21 -72.50
N MET B 610 -66.74 32.81 -73.48
CA MET B 610 -66.86 33.38 -74.82
C MET B 610 -68.24 33.10 -75.40
N PHE B 611 -68.68 31.84 -75.34
CA PHE B 611 -69.98 31.50 -75.90
C PHE B 611 -71.11 32.15 -75.11
N ALA B 612 -70.95 32.26 -73.79
CA ALA B 612 -71.97 32.94 -72.99
C ALA B 612 -72.08 34.40 -73.40
N PHE B 613 -70.95 35.08 -73.57
CA PHE B 613 -70.97 36.47 -74.00
C PHE B 613 -71.61 36.60 -75.37
N LEU B 614 -71.28 35.70 -76.30
CA LEU B 614 -71.87 35.79 -77.63
C LEU B 614 -73.38 35.56 -77.59
N THR B 615 -73.84 34.59 -76.82
CA THR B 615 -75.25 34.24 -76.79
C THR B 615 -76.06 35.07 -75.81
N SER B 616 -75.41 35.87 -74.97
CA SER B 616 -76.15 36.63 -73.96
C SER B 616 -76.99 37.72 -74.61
N GLU B 617 -78.10 38.05 -73.95
CA GLU B 617 -78.88 39.20 -74.38
C GLU B 617 -78.11 40.48 -74.15
N THR B 618 -78.41 41.49 -74.96
CA THR B 618 -77.68 42.76 -74.88
C THR B 618 -77.90 43.41 -73.52
N GLY B 619 -76.81 43.92 -72.95
CA GLY B 619 -76.85 44.66 -71.70
C GLY B 619 -76.65 43.82 -70.45
N SER B 620 -77.17 42.59 -70.43
CA SER B 620 -77.12 41.74 -69.25
C SER B 620 -76.10 40.63 -69.48
N TYR B 621 -74.82 40.97 -69.32
CA TYR B 621 -73.73 40.01 -69.47
C TYR B 621 -73.35 39.40 -68.13
N ASP B 622 -74.35 38.88 -67.42
CA ASP B 622 -74.11 38.36 -66.07
C ASP B 622 -73.33 37.06 -66.10
N GLY B 623 -73.54 36.23 -67.12
CA GLY B 623 -72.89 34.92 -67.15
C GLY B 623 -71.37 35.02 -67.13
N VAL B 624 -70.81 35.93 -67.92
CA VAL B 624 -69.37 36.12 -67.92
C VAL B 624 -68.93 36.77 -66.61
N LEU B 625 -69.70 37.74 -66.11
CA LEU B 625 -69.28 38.49 -64.94
C LEU B 625 -69.19 37.61 -63.70
N TYR B 626 -70.14 36.70 -63.52
CA TYR B 626 -70.23 35.90 -62.31
C TYR B 626 -69.60 34.52 -62.47
N GLU B 627 -68.68 34.36 -63.41
CA GLU B 627 -67.96 33.10 -63.59
C GLU B 627 -66.69 33.16 -62.76
N ASN B 628 -66.60 32.32 -61.73
CA ASN B 628 -65.49 32.36 -60.79
C ASN B 628 -64.32 31.50 -61.20
N LYS B 629 -64.44 30.72 -62.27
CA LYS B 629 -63.33 29.89 -62.73
C LYS B 629 -62.35 30.65 -63.62
N VAL B 630 -62.57 31.95 -63.82
CA VAL B 630 -61.71 32.76 -64.67
C VAL B 630 -61.04 33.82 -63.81
N ALA B 631 -59.88 34.29 -64.28
CA ALA B 631 -59.13 35.30 -63.54
C ALA B 631 -59.93 36.58 -63.40
N VAL B 632 -59.78 37.23 -62.25
CA VAL B 632 -60.57 38.42 -61.95
C VAL B 632 -60.21 39.57 -62.88
N ARG B 633 -58.93 39.68 -63.27
CA ARG B 633 -58.50 40.83 -64.06
C ARG B 633 -59.25 40.92 -65.38
N ASP B 634 -59.41 39.79 -66.07
CA ASP B 634 -60.12 39.80 -67.35
C ASP B 634 -61.57 40.23 -67.17
N ARG B 635 -62.24 39.70 -66.14
CA ARG B 635 -63.62 40.08 -65.89
C ARG B 635 -63.72 41.57 -65.57
N VAL B 636 -62.78 42.09 -64.78
CA VAL B 636 -62.79 43.51 -64.44
C VAL B 636 -62.64 44.35 -65.69
N ALA B 637 -61.69 44.00 -66.54
CA ALA B 637 -61.48 44.77 -67.76
C ALA B 637 -62.71 44.71 -68.66
N PHE B 638 -63.31 43.53 -68.79
CA PHE B 638 -64.51 43.40 -69.61
C PHE B 638 -65.63 44.26 -69.08
N ALA B 639 -65.85 44.25 -67.76
CA ALA B 639 -66.90 45.07 -67.17
C ALA B 639 -66.62 46.55 -67.39
N CYS B 640 -65.36 46.97 -67.23
CA CYS B 640 -65.01 48.36 -67.42
C CYS B 640 -65.27 48.81 -68.85
N LYS B 641 -64.98 47.94 -69.82
CA LYS B 641 -65.07 48.35 -71.21
C LYS B 641 -66.52 48.53 -71.67
N PHE B 642 -67.47 47.83 -71.05
CA PHE B 642 -68.82 47.77 -71.61
C PHE B 642 -69.90 48.28 -70.67
N LEU B 643 -69.83 47.99 -69.38
CA LEU B 643 -70.95 48.27 -68.49
C LEU B 643 -71.17 49.78 -68.32
N SER B 644 -72.41 50.14 -68.07
CA SER B 644 -72.75 51.53 -67.77
C SER B 644 -72.19 51.92 -66.41
N ASP B 645 -72.16 53.23 -66.16
CA ASP B 645 -71.51 53.74 -64.95
C ASP B 645 -72.17 53.20 -63.69
N THR B 646 -73.50 53.31 -63.61
CA THR B 646 -74.21 52.83 -62.42
C THR B 646 -74.05 51.34 -62.25
N GLN B 647 -74.23 50.58 -63.34
CA GLN B 647 -74.07 49.14 -63.28
C GLN B 647 -72.64 48.77 -62.93
N LEU B 648 -71.67 49.50 -63.48
CA LEU B 648 -70.26 49.24 -63.16
C LEU B 648 -70.01 49.45 -61.68
N ASN B 649 -70.54 50.54 -61.11
CA ASN B 649 -70.33 50.82 -59.69
C ASN B 649 -70.96 49.72 -58.83
N ARG B 650 -72.20 49.34 -59.15
CA ARG B 650 -72.87 48.32 -58.36
C ARG B 650 -72.13 47.00 -58.42
N TYR B 651 -71.71 46.59 -59.63
CA TYR B 651 -70.99 45.34 -59.78
C TYR B 651 -69.66 45.36 -59.04
N ILE B 652 -68.93 46.48 -59.15
CA ILE B 652 -67.65 46.59 -58.48
C ILE B 652 -67.83 46.48 -56.97
N GLU B 653 -68.83 47.18 -56.43
CA GLU B 653 -69.08 47.13 -55.00
C GLU B 653 -69.42 45.71 -54.56
N LYS B 654 -70.32 45.05 -55.29
CA LYS B 654 -70.73 43.71 -54.89
C LYS B 654 -69.55 42.74 -54.94
N LEU B 655 -68.77 42.80 -56.01
CA LEU B 655 -67.64 41.89 -56.14
C LEU B 655 -66.59 42.16 -55.06
N THR B 656 -66.36 43.43 -54.75
CA THR B 656 -65.40 43.78 -53.71
C THR B 656 -65.85 43.25 -52.36
N ASN B 657 -67.13 43.42 -52.04
CA ASN B 657 -67.65 42.89 -50.78
C ASN B 657 -67.52 41.38 -50.72
N GLU B 658 -67.85 40.70 -51.82
CA GLU B 658 -67.72 39.25 -51.86
C GLU B 658 -66.27 38.83 -51.63
N MET B 659 -65.32 39.49 -52.30
CA MET B 659 -63.93 39.14 -52.15
C MET B 659 -63.44 39.38 -50.73
N LYS B 660 -63.85 40.49 -50.12
CA LYS B 660 -63.46 40.76 -48.74
C LYS B 660 -64.01 39.68 -47.82
N GLU B 661 -65.27 39.28 -48.01
CA GLU B 661 -65.83 38.21 -47.21
C GLU B 661 -65.26 36.85 -47.57
N ALA B 662 -64.53 36.75 -48.68
CA ALA B 662 -63.96 35.47 -49.10
C ALA B 662 -62.52 35.28 -48.65
N GLY B 663 -61.71 36.33 -48.72
CA GLY B 663 -60.34 36.24 -48.29
C GLY B 663 -59.36 35.85 -49.38
N ASN B 664 -59.62 36.22 -50.63
CA ASN B 664 -58.71 35.95 -51.73
C ASN B 664 -57.84 37.17 -51.98
N LEU B 665 -56.53 36.95 -52.11
CA LEU B 665 -55.59 38.04 -52.29
C LEU B 665 -55.80 38.79 -53.60
N GLU B 666 -56.50 38.19 -54.56
CA GLU B 666 -56.68 38.83 -55.86
C GLU B 666 -57.52 40.09 -55.77
N GLY B 667 -58.32 40.24 -54.72
CA GLY B 667 -59.18 41.40 -54.59
C GLY B 667 -58.46 42.70 -54.25
N ILE B 668 -57.15 42.63 -54.00
CA ILE B 668 -56.39 43.84 -53.68
C ILE B 668 -56.48 44.84 -54.81
N LEU B 669 -56.51 44.36 -56.06
CA LEU B 669 -56.64 45.25 -57.20
C LEU B 669 -57.84 46.16 -57.06
N LEU B 670 -58.96 45.65 -56.54
CA LEU B 670 -60.13 46.47 -56.33
C LEU B 670 -59.94 47.39 -55.13
N THR B 671 -59.65 46.81 -53.98
CA THR B 671 -59.57 47.59 -52.74
C THR B 671 -58.40 48.55 -52.75
N GLY B 672 -57.23 48.09 -53.18
CA GLY B 672 -56.02 48.87 -53.00
C GLY B 672 -55.49 48.74 -51.58
N LEU B 673 -54.37 49.41 -51.33
CA LEU B 673 -53.71 49.36 -50.03
C LEU B 673 -54.38 50.36 -49.10
N THR B 674 -55.59 50.02 -48.67
CA THR B 674 -56.33 50.84 -47.73
C THR B 674 -56.89 49.98 -46.59
N LYS B 675 -57.78 50.57 -45.78
CA LYS B 675 -58.36 49.82 -44.68
C LYS B 675 -59.09 48.57 -45.17
N ASP B 676 -59.76 48.68 -46.31
CA ASP B 676 -60.41 47.51 -46.89
C ASP B 676 -59.38 46.43 -47.23
N GLY B 677 -58.25 46.84 -47.78
CA GLY B 677 -57.17 45.90 -48.01
C GLY B 677 -56.67 45.28 -46.71
N VAL B 678 -56.64 46.07 -45.64
CA VAL B 678 -56.24 45.53 -44.34
C VAL B 678 -57.21 44.46 -43.89
N ASP B 679 -58.51 44.71 -44.06
CA ASP B 679 -59.51 43.72 -43.68
C ASP B 679 -59.36 42.46 -44.51
N LEU B 680 -59.12 42.62 -45.82
CA LEU B 680 -58.95 41.46 -46.68
C LEU B 680 -57.73 40.65 -46.25
N MET B 681 -56.63 41.32 -45.93
CA MET B 681 -55.45 40.60 -45.46
C MET B 681 -55.73 39.91 -44.14
N GLU B 682 -56.50 40.56 -43.26
CA GLU B 682 -56.87 39.92 -42.00
C GLU B 682 -57.65 38.65 -42.24
N SER B 683 -58.61 38.70 -43.16
CA SER B 683 -59.37 37.49 -43.49
C SER B 683 -58.47 36.41 -44.06
N TYR B 684 -57.54 36.81 -44.93
CA TYR B 684 -56.62 35.83 -45.52
C TYR B 684 -55.76 35.17 -44.45
N VAL B 685 -55.26 35.96 -43.50
CA VAL B 685 -54.49 35.40 -42.40
C VAL B 685 -55.35 34.45 -41.58
N ASP B 686 -56.60 34.84 -41.33
CA ASP B 686 -57.51 33.97 -40.59
C ASP B 686 -57.67 32.64 -41.29
N ARG B 687 -57.82 32.65 -42.61
CA ARG B 687 -57.94 31.38 -43.33
C ARG B 687 -56.61 30.64 -43.39
N THR B 688 -55.52 31.35 -43.68
CA THR B 688 -54.25 30.72 -43.99
C THR B 688 -53.23 30.80 -42.87
N GLY B 689 -53.15 31.93 -42.17
CA GLY B 689 -52.11 32.10 -41.18
C GLY B 689 -50.78 32.57 -41.71
N ASP B 690 -50.68 32.87 -43.00
CA ASP B 690 -49.44 33.37 -43.59
C ASP B 690 -49.29 34.84 -43.18
N VAL B 691 -48.25 35.13 -42.41
CA VAL B 691 -47.95 36.51 -42.02
C VAL B 691 -46.79 37.08 -42.83
N GLN B 692 -45.91 36.24 -43.36
CA GLN B 692 -44.78 36.75 -44.14
C GLN B 692 -45.27 37.51 -45.36
N THR B 693 -46.20 36.92 -46.12
CA THR B 693 -46.70 37.56 -47.33
C THR B 693 -47.43 38.85 -47.01
N ALA B 694 -48.27 38.84 -45.97
CA ALA B 694 -48.98 40.05 -45.58
C ALA B 694 -48.00 41.15 -45.18
N SER B 695 -46.99 40.79 -44.40
CA SER B 695 -46.00 41.78 -43.97
C SER B 695 -45.29 42.38 -45.18
N TYR B 696 -44.83 41.54 -46.10
CA TYR B 696 -44.11 42.06 -47.26
C TYR B 696 -45.01 42.93 -48.14
N CYS B 697 -46.24 42.49 -48.38
CA CYS B 697 -47.12 43.24 -49.26
C CYS B 697 -47.52 44.57 -48.66
N MET B 698 -47.77 44.60 -47.36
CA MET B 698 -48.20 45.85 -46.73
C MET B 698 -47.13 46.91 -46.74
N LEU B 699 -45.87 46.55 -46.96
CA LEU B 699 -44.79 47.53 -46.94
C LEU B 699 -44.59 48.23 -48.28
N GLN B 700 -45.26 47.80 -49.34
CA GLN B 700 -44.99 48.31 -50.68
C GLN B 700 -45.73 49.64 -50.86
N GLY B 701 -45.02 50.74 -50.60
CA GLY B 701 -45.56 52.06 -50.88
C GLY B 701 -46.80 52.42 -50.11
N SER B 702 -47.08 51.73 -49.01
CA SER B 702 -48.28 52.03 -48.24
C SER B 702 -48.15 53.40 -47.60
N PRO B 703 -49.23 54.18 -47.54
CA PRO B 703 -49.17 55.48 -46.87
C PRO B 703 -48.97 55.31 -45.37
N LEU B 704 -48.49 56.39 -44.75
CA LEU B 704 -48.13 56.33 -43.33
C LEU B 704 -49.33 56.00 -42.47
N ASP B 705 -50.50 56.58 -42.77
CA ASP B 705 -51.69 56.28 -41.98
C ASP B 705 -52.07 54.82 -42.11
N VAL B 706 -51.93 54.24 -43.30
CA VAL B 706 -52.20 52.82 -43.48
C VAL B 706 -51.25 51.98 -42.62
N LEU B 707 -49.97 52.35 -42.63
CA LEU B 707 -48.98 51.64 -41.82
C LEU B 707 -49.19 51.83 -40.33
N LYS B 708 -50.04 52.77 -39.92
CA LYS B 708 -50.24 53.07 -38.51
C LYS B 708 -51.23 52.11 -37.84
N ASP B 709 -51.82 51.18 -38.58
CA ASP B 709 -52.75 50.24 -37.97
C ASP B 709 -52.03 49.32 -37.00
N GLU B 710 -52.76 48.88 -35.98
CA GLU B 710 -52.19 47.96 -35.00
C GLU B 710 -52.01 46.56 -35.57
N ARG B 711 -52.94 46.13 -36.44
CA ARG B 711 -52.90 44.75 -36.93
C ARG B 711 -51.65 44.48 -37.75
N VAL B 712 -51.27 45.41 -38.62
CA VAL B 712 -50.07 45.21 -39.43
C VAL B 712 -48.83 45.16 -38.55
N GLN B 713 -48.75 46.05 -37.57
CA GLN B 713 -47.62 46.02 -36.64
C GLN B 713 -47.57 44.70 -35.89
N TYR B 714 -48.73 44.19 -35.47
CA TYR B 714 -48.78 42.92 -34.76
C TYR B 714 -48.30 41.79 -35.65
N TRP B 715 -48.72 41.78 -36.92
CA TRP B 715 -48.25 40.76 -37.84
C TRP B 715 -46.73 40.84 -38.02
N ILE B 716 -46.20 42.05 -38.15
CA ILE B 716 -44.76 42.21 -38.31
C ILE B 716 -44.04 41.68 -37.08
N GLU B 717 -44.53 42.00 -35.89
CA GLU B 717 -43.90 41.54 -34.67
C GLU B 717 -43.96 40.02 -34.55
N ASN B 718 -45.09 39.42 -34.93
CA ASN B 718 -45.18 37.96 -34.92
C ASN B 718 -44.18 37.34 -35.87
N TYR B 719 -44.03 37.91 -37.06
CA TYR B 719 -43.05 37.39 -38.01
C TYR B 719 -41.64 37.51 -37.46
N ARG B 720 -41.32 38.65 -36.83
CA ARG B 720 -40.00 38.83 -36.24
C ARG B 720 -39.75 37.79 -35.15
N ASN B 721 -40.74 37.57 -34.28
CA ASN B 721 -40.59 36.61 -33.20
C ASN B 721 -40.39 35.20 -33.76
N LEU B 722 -41.15 34.84 -34.78
CA LEU B 722 -40.98 33.52 -35.39
C LEU B 722 -39.60 33.38 -35.99
N LEU B 723 -39.10 34.42 -36.67
CA LEU B 723 -37.77 34.36 -37.25
C LEU B 723 -36.71 34.21 -36.16
N ASP B 724 -36.89 34.91 -35.04
CA ASP B 724 -35.98 34.75 -33.91
C ASP B 724 -36.00 33.33 -33.39
N ALA B 725 -37.19 32.72 -33.32
CA ALA B 725 -37.30 31.34 -32.86
C ALA B 725 -36.67 30.34 -33.81
N TRP B 726 -36.14 30.79 -34.95
CA TRP B 726 -35.46 29.93 -35.88
C TRP B 726 -33.97 30.21 -35.99
N ARG B 727 -33.45 31.15 -35.21
CA ARG B 727 -32.05 31.55 -35.19
C ARG B 727 -31.59 32.17 -36.52
N PHE B 728 -32.52 32.56 -37.38
CA PHE B 728 -32.18 33.27 -38.62
C PHE B 728 -32.00 34.76 -38.33
N TRP B 729 -31.05 35.06 -37.45
CA TRP B 729 -30.89 36.43 -36.97
C TRP B 729 -30.52 37.38 -38.10
N HIS B 730 -29.62 36.95 -39.00
CA HIS B 730 -29.22 37.83 -40.09
C HIS B 730 -30.39 38.15 -41.01
N LYS B 731 -31.27 37.17 -41.24
CA LYS B 731 -32.47 37.44 -42.02
C LYS B 731 -33.33 38.50 -41.34
N ARG B 732 -33.45 38.42 -40.01
CA ARG B 732 -34.21 39.42 -39.28
C ARG B 732 -33.57 40.79 -39.42
N ALA B 733 -32.24 40.85 -39.37
CA ALA B 733 -31.55 42.13 -39.55
C ALA B 733 -31.82 42.70 -40.94
N GLU B 734 -31.78 41.87 -41.97
CA GLU B 734 -32.06 42.35 -43.31
C GLU B 734 -33.49 42.85 -43.42
N PHE B 735 -34.43 42.12 -42.81
CA PHE B 735 -35.82 42.57 -42.82
C PHE B 735 -35.97 43.91 -42.13
N ASP B 736 -35.28 44.10 -41.00
CA ASP B 736 -35.34 45.37 -40.30
C ASP B 736 -34.75 46.49 -41.15
N ILE B 737 -33.67 46.20 -41.88
CA ILE B 737 -33.08 47.19 -42.76
C ILE B 737 -34.08 47.60 -43.83
N HIS B 738 -34.74 46.62 -44.44
CA HIS B 738 -35.73 46.91 -45.46
C HIS B 738 -36.88 47.73 -44.90
N ARG B 739 -37.36 47.36 -43.71
CA ARG B 739 -38.46 48.08 -43.09
C ARG B 739 -38.08 49.52 -42.78
N SER B 740 -36.87 49.72 -42.26
CA SER B 740 -36.39 51.08 -41.99
C SER B 740 -36.27 51.88 -43.26
N LYS B 741 -35.77 51.26 -44.33
CA LYS B 741 -35.65 51.96 -45.61
C LYS B 741 -37.02 52.40 -46.11
N LEU B 742 -38.01 51.52 -46.02
CA LEU B 742 -39.35 51.89 -46.44
C LEU B 742 -40.04 52.78 -45.41
N ASP B 743 -39.97 52.41 -44.14
CA ASP B 743 -40.62 53.18 -43.08
C ASP B 743 -39.57 53.90 -42.25
N PRO B 744 -39.49 55.23 -42.33
CA PRO B 744 -38.58 55.96 -41.43
C PRO B 744 -39.12 56.12 -40.02
N SER B 745 -40.44 56.04 -39.83
CA SER B 745 -41.01 56.23 -38.51
C SER B 745 -40.67 55.11 -37.55
N SER B 746 -40.26 53.95 -38.08
CA SER B 746 -39.95 52.79 -37.24
C SER B 746 -38.48 52.72 -36.86
N LYS B 747 -37.80 53.86 -36.80
CA LYS B 747 -36.40 53.86 -36.39
C LYS B 747 -36.27 53.42 -34.93
N PRO B 748 -35.27 52.61 -34.60
CA PRO B 748 -35.06 52.22 -33.20
C PRO B 748 -34.48 53.38 -32.39
N LEU B 749 -34.28 53.16 -31.10
CA LEU B 749 -33.75 54.18 -30.19
C LEU B 749 -32.34 53.83 -29.77
N ALA B 750 -31.62 54.84 -29.29
CA ALA B 750 -30.28 54.64 -28.79
C ALA B 750 -30.30 53.83 -27.50
N GLN B 751 -29.24 53.07 -27.28
CA GLN B 751 -29.14 52.17 -26.13
C GLN B 751 -28.09 52.56 -25.11
N VAL B 752 -27.01 53.22 -25.53
CA VAL B 752 -25.89 53.53 -24.66
C VAL B 752 -25.64 55.03 -24.69
N PHE B 753 -25.48 55.63 -23.51
CA PHE B 753 -25.15 57.04 -23.37
C PHE B 753 -23.84 57.17 -22.61
N VAL B 754 -23.25 58.36 -22.71
CA VAL B 754 -21.95 58.66 -22.12
C VAL B 754 -22.15 59.66 -20.99
N SER B 755 -21.73 59.28 -19.79
CA SER B 755 -21.80 60.14 -18.63
C SER B 755 -20.49 60.07 -17.86
N CYS B 756 -19.94 61.24 -17.52
CA CYS B 756 -18.73 61.27 -16.72
C CYS B 756 -19.04 60.94 -15.26
N ASN B 757 -18.14 60.20 -14.63
CA ASN B 757 -18.30 59.82 -13.23
C ASN B 757 -17.76 60.89 -12.28
N PHE B 758 -17.15 61.94 -12.81
CA PHE B 758 -16.62 63.03 -12.01
C PHE B 758 -17.42 64.31 -12.22
N CYS B 759 -17.56 64.76 -13.47
CA CYS B 759 -18.37 65.94 -13.74
C CYS B 759 -19.86 65.64 -13.62
N GLY B 760 -20.25 64.37 -13.75
CA GLY B 760 -21.65 64.00 -13.65
C GLY B 760 -22.53 64.51 -14.76
N LYS B 761 -21.96 65.01 -15.85
CA LYS B 761 -22.73 65.57 -16.95
C LYS B 761 -22.80 64.59 -18.10
N SER B 762 -23.99 64.44 -18.68
CA SER B 762 -24.15 63.59 -19.85
C SER B 762 -23.44 64.20 -21.04
N ILE B 763 -22.77 63.35 -21.81
CA ILE B 763 -21.95 63.78 -22.94
C ILE B 763 -22.51 63.16 -24.21
N SER B 764 -22.73 63.99 -25.22
CA SER B 764 -23.21 63.56 -26.52
C SER B 764 -22.09 63.71 -27.55
N TYR B 765 -21.77 62.63 -28.25
CA TYR B 765 -20.72 62.65 -29.26
C TYR B 765 -21.30 62.41 -30.64
N LYS B 790 -14.79 61.10 -32.43
CA LYS B 790 -15.78 61.81 -31.62
C LYS B 790 -15.10 62.83 -30.70
N VAL B 791 -15.49 62.83 -29.43
CA VAL B 791 -14.93 63.75 -28.45
C VAL B 791 -13.64 63.17 -27.89
N THR B 792 -12.65 64.02 -27.68
CA THR B 792 -11.34 63.58 -27.20
C THR B 792 -11.28 63.49 -25.69
N SER B 793 -11.70 64.55 -24.99
CA SER B 793 -11.66 64.60 -23.54
C SER B 793 -13.01 65.06 -23.01
N CYS B 794 -13.16 64.98 -21.69
CA CYS B 794 -14.39 65.44 -21.05
C CYS B 794 -14.60 66.91 -21.33
N PRO B 795 -15.75 67.31 -21.87
CA PRO B 795 -15.98 68.74 -22.10
C PRO B 795 -15.92 69.57 -20.82
N GLY B 796 -16.34 69.01 -19.70
CA GLY B 796 -16.33 69.74 -18.44
C GLY B 796 -15.05 69.60 -17.66
N CYS B 797 -14.65 68.37 -17.38
CA CYS B 797 -13.53 68.09 -16.49
C CYS B 797 -12.23 67.74 -17.23
N ARG B 798 -12.26 67.69 -18.56
CA ARG B 798 -11.10 67.38 -19.39
C ARG B 798 -10.51 66.00 -19.12
N LYS B 799 -11.22 65.16 -18.37
CA LYS B 799 -10.71 63.82 -18.11
C LYS B 799 -10.77 62.97 -19.37
N PRO B 800 -9.79 62.12 -19.61
CA PRO B 800 -9.71 61.38 -20.87
C PRO B 800 -10.53 60.11 -20.83
N LEU B 801 -10.56 59.42 -21.97
CA LEU B 801 -11.24 58.15 -22.08
C LEU B 801 -10.47 57.06 -21.33
N PRO B 802 -11.15 55.99 -20.94
CA PRO B 802 -10.44 54.87 -20.30
C PRO B 802 -9.45 54.25 -21.27
N ARG B 803 -8.38 53.68 -20.71
CA ARG B 803 -7.32 53.08 -21.50
C ARG B 803 -7.53 51.59 -21.67
N CYS B 804 -6.93 51.03 -22.71
CA CYS B 804 -6.96 49.60 -22.91
C CYS B 804 -6.25 48.89 -21.78
N ALA B 805 -6.83 47.78 -21.33
CA ALA B 805 -6.27 47.06 -20.20
C ALA B 805 -4.95 46.37 -20.53
N LEU B 806 -4.69 46.09 -21.80
CA LEU B 806 -3.48 45.39 -22.19
C LEU B 806 -2.46 46.27 -22.90
N CYS B 807 -2.89 47.29 -23.61
CA CYS B 807 -1.97 48.16 -24.33
C CYS B 807 -1.81 49.52 -23.68
N LEU B 808 -2.63 49.86 -22.69
CA LEU B 808 -2.52 51.11 -21.95
C LEU B 808 -2.62 52.32 -22.88
N ILE B 809 -3.41 52.20 -23.94
CA ILE B 809 -3.61 53.28 -24.90
C ILE B 809 -5.01 53.84 -24.71
N ASN B 810 -5.13 55.16 -24.76
CA ASN B 810 -6.42 55.79 -24.58
C ASN B 810 -7.36 55.46 -25.74
N MET B 811 -8.65 55.41 -25.43
CA MET B 811 -9.64 55.11 -26.46
C MET B 811 -9.71 56.23 -27.48
N GLY B 812 -10.06 55.87 -28.72
CA GLY B 812 -10.18 56.82 -29.79
C GLY B 812 -8.90 57.09 -30.56
N THR B 813 -7.75 56.73 -30.00
CA THR B 813 -6.50 56.93 -30.70
C THR B 813 -6.33 55.86 -31.78
N PRO B 814 -6.07 56.24 -33.02
CA PRO B 814 -5.93 55.24 -34.09
C PRO B 814 -4.74 54.33 -33.84
N VAL B 815 -4.88 53.08 -34.28
CA VAL B 815 -3.85 52.06 -34.11
C VAL B 815 -3.47 51.90 -32.65
N LEU B 836 -12.44 43.91 -43.36
CA LEU B 836 -11.16 43.31 -43.03
C LEU B 836 -10.94 43.28 -41.52
N ALA B 837 -9.67 43.35 -41.11
CA ALA B 837 -9.31 43.34 -39.69
C ALA B 837 -9.52 44.69 -39.02
N GLN B 838 -10.19 45.62 -39.69
CA GLN B 838 -10.44 46.94 -39.10
C GLN B 838 -11.28 46.84 -37.84
N PHE B 839 -12.04 45.76 -37.67
CA PHE B 839 -12.88 45.60 -36.49
C PHE B 839 -12.07 45.52 -35.20
N ASN B 840 -10.79 45.16 -35.29
CA ASN B 840 -9.97 44.99 -34.10
C ASN B 840 -9.73 46.30 -33.35
N ASN B 841 -10.04 47.45 -33.96
CA ASN B 841 -9.85 48.74 -33.31
C ASN B 841 -11.10 49.24 -32.63
N TRP B 842 -11.96 48.33 -32.18
CA TRP B 842 -13.13 48.68 -31.38
C TRP B 842 -12.82 48.49 -29.91
N PHE B 843 -13.72 48.97 -29.07
CA PHE B 843 -13.53 48.90 -27.63
C PHE B 843 -14.55 47.95 -27.02
N THR B 844 -14.07 46.79 -26.59
CA THR B 844 -14.91 45.83 -25.89
C THR B 844 -15.04 46.28 -24.45
N TRP B 845 -16.29 46.35 -23.97
CA TRP B 845 -16.59 46.80 -22.63
C TRP B 845 -17.40 45.73 -21.90
N CYS B 846 -17.11 45.52 -20.62
CA CYS B 846 -17.82 44.55 -19.81
C CYS B 846 -18.56 45.30 -18.70
N HIS B 847 -19.87 45.41 -18.83
CA HIS B 847 -20.64 46.17 -17.84
C HIS B 847 -20.63 45.52 -16.47
N ASN B 848 -20.19 44.27 -16.37
CA ASN B 848 -20.08 43.64 -15.06
C ASN B 848 -18.82 44.11 -14.34
N CYS B 849 -17.66 43.94 -14.96
CA CYS B 849 -16.40 44.36 -14.35
C CYS B 849 -16.04 45.81 -14.68
N ARG B 850 -16.82 46.48 -15.53
CA ARG B 850 -16.57 47.87 -15.92
C ARG B 850 -15.17 48.06 -16.47
N HIS B 851 -14.61 47.04 -17.09
CA HIS B 851 -13.30 47.09 -17.73
C HIS B 851 -13.47 46.82 -19.22
N GLY B 852 -12.45 47.20 -19.98
CA GLY B 852 -12.52 46.98 -21.42
C GLY B 852 -11.18 47.27 -22.07
N GLY B 853 -11.18 47.13 -23.38
CA GLY B 853 -9.96 47.39 -24.13
C GLY B 853 -10.14 47.12 -25.61
N HIS B 854 -9.00 47.05 -26.30
CA HIS B 854 -9.01 46.81 -27.73
C HIS B 854 -9.56 45.41 -28.03
N ALA B 855 -10.34 45.31 -29.10
CA ALA B 855 -11.03 44.07 -29.40
C ALA B 855 -10.05 42.93 -29.62
N GLY B 856 -9.02 43.16 -30.45
CA GLY B 856 -8.07 42.10 -30.74
C GLY B 856 -7.30 41.66 -29.52
N HIS B 857 -6.80 42.62 -28.74
CA HIS B 857 -6.03 42.29 -27.54
C HIS B 857 -6.88 41.49 -26.56
N MET B 858 -8.08 42.00 -26.26
CA MET B 858 -8.93 41.33 -25.28
C MET B 858 -9.33 39.93 -25.75
N LEU B 859 -9.66 39.79 -27.04
CA LEU B 859 -10.03 38.48 -27.55
C LEU B 859 -8.85 37.51 -27.46
N SER B 860 -7.65 37.97 -27.82
CA SER B 860 -6.49 37.10 -27.72
C SER B 860 -6.23 36.69 -26.27
N TRP B 861 -6.38 37.61 -25.34
CA TRP B 861 -6.19 37.28 -23.94
C TRP B 861 -7.21 36.26 -23.46
N PHE B 862 -8.48 36.47 -23.80
CA PHE B 862 -9.52 35.56 -23.35
C PHE B 862 -9.48 34.22 -24.06
N ARG B 863 -8.81 34.13 -25.20
CA ARG B 863 -8.73 32.86 -25.90
C ARG B 863 -7.98 31.81 -25.08
N ASP B 864 -7.06 32.24 -24.21
CA ASP B 864 -6.29 31.30 -23.40
C ASP B 864 -6.55 31.41 -21.92
N HIS B 865 -7.06 32.53 -21.44
CA HIS B 865 -7.38 32.72 -20.03
C HIS B 865 -8.89 32.91 -19.87
N ALA B 866 -9.34 32.92 -18.62
CA ALA B 866 -10.77 32.99 -18.36
C ALA B 866 -11.09 33.98 -17.24
N GLU B 867 -10.34 35.07 -17.15
CA GLU B 867 -10.60 36.08 -16.13
C GLU B 867 -10.32 37.46 -16.70
N CYS B 868 -10.90 38.47 -16.06
CA CYS B 868 -10.65 39.84 -16.45
C CYS B 868 -9.17 40.13 -16.26
N PRO B 869 -8.46 40.58 -17.29
CA PRO B 869 -7.01 40.74 -17.19
C PRO B 869 -6.57 41.79 -16.18
N VAL B 870 -7.46 42.70 -15.78
CA VAL B 870 -7.10 43.70 -14.79
C VAL B 870 -6.81 43.01 -13.46
N SER B 871 -5.81 43.52 -12.75
CA SER B 871 -5.48 42.96 -11.45
C SER B 871 -6.64 43.15 -10.48
N ALA B 872 -6.81 42.17 -9.59
CA ALA B 872 -7.87 42.19 -8.58
C ALA B 872 -9.26 42.21 -9.20
N CYS B 873 -9.40 41.62 -10.38
CA CYS B 873 -10.69 41.46 -11.04
C CYS B 873 -10.93 39.98 -11.29
N THR B 874 -12.15 39.53 -11.04
CA THR B 874 -12.48 38.12 -11.15
C THR B 874 -13.63 37.85 -12.12
N CYS B 875 -14.22 38.88 -12.73
CA CYS B 875 -15.30 38.66 -13.68
C CYS B 875 -14.81 37.87 -14.88
N LYS B 876 -15.56 36.84 -15.25
CA LYS B 876 -15.27 36.05 -16.45
C LYS B 876 -16.18 36.59 -17.56
N CYS B 877 -15.80 37.76 -18.08
CA CYS B 877 -16.69 38.51 -18.95
C CYS B 877 -17.02 37.74 -20.22
N MET B 878 -16.04 37.08 -20.82
CA MET B 878 -16.31 36.34 -22.06
C MET B 878 -17.10 35.07 -21.78
N GLN B 879 -16.72 34.34 -20.75
CA GLN B 879 -17.37 33.06 -20.46
C GLN B 879 -18.73 33.22 -19.78
N LEU B 880 -19.10 34.44 -19.40
CA LEU B 880 -20.33 34.64 -18.65
C LEU B 880 -21.56 34.40 -19.52
N ASP B 881 -21.52 34.83 -20.77
CA ASP B 881 -22.72 34.84 -21.61
C ASP B 881 -23.07 33.44 -22.11
N THR B 882 -22.10 32.76 -22.73
CA THR B 882 -22.31 31.44 -23.34
C THR B 882 -23.46 31.48 -24.36
N VAL C 15 -7.57 22.96 86.68
CA VAL C 15 -6.41 22.10 86.46
C VAL C 15 -5.13 22.91 86.57
N LEU C 16 -3.99 22.21 86.51
CA LEU C 16 -2.70 22.89 86.59
C LEU C 16 -2.47 23.77 85.36
N THR C 17 -1.81 24.89 85.58
CA THR C 17 -1.53 25.86 84.53
C THR C 17 -0.03 26.17 84.51
N GLY C 18 0.46 26.49 83.32
CA GLY C 18 1.87 26.81 83.17
C GLY C 18 2.26 26.81 81.70
N ARG C 19 3.56 26.77 81.46
CA ARG C 19 4.09 26.77 80.10
C ARG C 19 5.37 25.96 80.07
N THR C 20 5.78 25.60 78.86
CA THR C 20 7.02 24.84 78.69
C THR C 20 8.20 25.64 79.24
N MET C 21 9.01 24.97 80.06
CA MET C 21 10.10 25.68 80.73
C MET C 21 11.18 24.69 81.13
N HIS C 22 12.44 25.05 80.88
CA HIS C 22 13.57 24.21 81.19
C HIS C 22 14.45 24.87 82.24
N CYS C 23 15.19 24.05 82.98
CA CYS C 23 16.14 24.52 83.96
C CYS C 23 17.37 23.62 83.91
N HIS C 24 18.50 24.17 84.36
CA HIS C 24 19.78 23.47 84.32
C HIS C 24 20.16 23.04 85.73
N LEU C 25 20.54 21.77 85.87
CA LEU C 25 21.01 21.25 87.15
C LEU C 25 22.53 21.39 87.22
N ASP C 26 23.12 20.89 88.31
CA ASP C 26 24.55 20.93 88.49
C ASP C 26 25.24 19.59 88.23
N ALA C 27 24.48 18.50 88.22
CA ALA C 27 25.02 17.17 87.99
C ALA C 27 24.08 16.42 87.07
N PRO C 28 24.57 15.42 86.34
CA PRO C 28 23.69 14.61 85.51
C PRO C 28 22.61 13.94 86.34
N ALA C 29 21.41 13.89 85.78
CA ALA C 29 20.24 13.36 86.47
C ALA C 29 19.92 11.96 85.96
N ASN C 30 19.62 11.05 86.88
CA ASN C 30 19.30 9.67 86.54
C ASN C 30 17.88 9.26 86.90
N ALA C 31 17.19 9.99 87.76
CA ALA C 31 15.83 9.62 88.14
C ALA C 31 15.08 10.87 88.60
N ILE C 32 13.79 10.91 88.28
CA ILE C 32 12.90 11.98 88.69
C ILE C 32 11.60 11.38 89.22
N SER C 33 10.99 12.07 90.17
CA SER C 33 9.72 11.63 90.73
C SER C 33 8.89 12.85 91.11
N VAL C 34 7.59 12.66 91.21
CA VAL C 34 6.65 13.75 91.42
C VAL C 34 5.83 13.48 92.68
N CYS C 35 5.43 14.55 93.35
CA CYS C 35 4.55 14.46 94.49
C CYS C 35 3.10 14.36 94.02
N ARG C 36 2.18 14.23 94.98
CA ARG C 36 0.77 14.14 94.63
C ARG C 36 0.15 15.50 94.33
N ASP C 37 0.73 16.57 94.88
CA ASP C 37 0.20 17.91 94.69
C ASP C 37 0.68 18.56 93.39
N ALA C 38 1.55 17.89 92.64
CA ALA C 38 2.10 18.42 91.39
C ALA C 38 2.77 19.77 91.59
N ALA C 39 3.34 19.98 92.77
CA ALA C 39 4.04 21.22 93.09
C ALA C 39 5.53 21.05 93.27
N GLN C 40 5.99 19.87 93.68
CA GLN C 40 7.40 19.61 93.88
C GLN C 40 7.79 18.33 93.16
N VAL C 41 9.00 18.35 92.59
CA VAL C 41 9.56 17.21 91.88
C VAL C 41 10.95 16.95 92.45
N VAL C 42 11.22 15.70 92.78
CA VAL C 42 12.51 15.30 93.34
C VAL C 42 13.35 14.71 92.22
N VAL C 43 14.61 15.13 92.16
CA VAL C 43 15.55 14.69 91.14
C VAL C 43 16.77 14.11 91.86
N ALA C 44 17.17 12.90 91.45
CA ALA C 44 18.31 12.22 92.05
C ALA C 44 19.18 11.64 90.96
N GLY C 45 20.46 11.49 91.28
CA GLY C 45 21.41 10.93 90.35
C GLY C 45 22.66 10.47 91.06
N ARG C 46 23.76 10.43 90.31
CA ARG C 46 25.03 10.01 90.90
C ARG C 46 25.51 11.01 91.95
N SER C 47 25.35 12.31 91.67
CA SER C 47 25.84 13.32 92.60
C SER C 47 24.85 14.47 92.79
N ILE C 48 23.58 14.27 92.47
CA ILE C 48 22.56 15.30 92.62
C ILE C 48 21.38 14.70 93.35
N PHE C 49 20.84 15.44 94.33
CA PHE C 49 19.68 14.99 95.09
C PHE C 49 18.98 16.24 95.63
N LYS C 50 17.93 16.68 94.93
CA LYS C 50 17.25 17.89 95.37
C LYS C 50 15.80 17.88 94.93
N ILE C 51 14.98 18.65 95.64
CA ILE C 51 13.56 18.82 95.33
C ILE C 51 13.35 20.23 94.83
N TYR C 52 12.45 20.39 93.86
CA TYR C 52 12.21 21.67 93.22
C TYR C 52 10.72 21.97 93.19
N ALA C 53 10.38 23.23 93.42
CA ALA C 53 9.01 23.72 93.30
C ALA C 53 8.88 24.43 91.97
N ILE C 54 7.94 23.99 91.15
CA ILE C 54 7.73 24.53 89.81
C ILE C 54 6.59 25.55 89.88
N GLU C 55 6.88 26.80 89.53
CA GLU C 55 5.89 27.85 89.49
C GLU C 55 5.50 28.15 88.05
N GLU C 56 4.52 29.05 87.90
CA GLU C 56 4.05 29.42 86.57
C GLU C 56 5.13 30.12 85.76
N GLU C 57 6.17 30.64 86.41
CA GLU C 57 7.28 31.30 85.71
C GLU C 57 8.49 30.41 85.58
N GLN C 58 8.90 29.74 86.66
CA GLN C 58 10.06 28.86 86.65
C GLN C 58 10.01 28.00 87.90
N PHE C 59 11.02 27.15 88.06
CA PHE C 59 11.15 26.29 89.23
C PHE C 59 12.36 26.72 90.05
N VAL C 60 12.30 26.44 91.35
CA VAL C 60 13.36 26.81 92.29
C VAL C 60 13.59 25.66 93.25
N GLU C 61 14.85 25.39 93.55
CA GLU C 61 15.17 24.35 94.51
C GLU C 61 14.67 24.72 95.90
N LYS C 62 14.18 23.72 96.63
CA LYS C 62 13.69 23.92 97.99
C LYS C 62 14.68 23.46 99.04
N LEU C 63 15.14 22.22 98.94
CA LEU C 63 16.14 21.69 99.87
C LEU C 63 16.82 20.49 99.23
N ASN C 64 18.14 20.52 99.18
CA ASN C 64 18.92 19.41 98.64
C ASN C 64 19.15 18.37 99.71
N LEU C 65 19.15 17.10 99.30
CA LEU C 65 19.41 16.00 100.21
C LEU C 65 20.89 15.67 100.31
N ARG C 66 21.74 16.41 99.60
CA ARG C 66 23.19 16.20 99.67
C ARG C 66 23.78 16.96 100.86
N VAL C 67 23.35 16.54 102.05
CA VAL C 67 23.79 17.16 103.30
C VAL C 67 24.96 16.37 103.85
N GLY C 68 26.00 17.09 104.27
CA GLY C 68 27.22 16.48 104.75
C GLY C 68 28.28 16.38 103.68
N ARG C 69 29.47 16.93 103.96
CA ARG C 69 30.53 16.94 102.97
C ARG C 69 31.17 15.58 102.76
N LYS C 70 30.87 14.60 103.60
CA LYS C 70 31.47 13.28 103.45
C LYS C 70 30.70 12.47 102.42
N PRO C 71 31.31 12.09 101.30
CA PRO C 71 30.61 11.25 100.33
C PRO C 71 30.37 9.85 100.88
N SER C 72 29.28 9.24 100.43
CA SER C 72 28.92 7.89 100.84
C SER C 72 28.53 7.08 99.62
N LEU C 73 28.83 5.77 99.67
CA LEU C 73 28.39 4.88 98.60
C LEU C 73 26.86 4.82 98.52
N ASN C 74 26.18 5.05 99.64
CA ASN C 74 24.73 5.09 99.63
C ASN C 74 24.20 6.35 98.96
N LEU C 75 25.04 7.38 98.79
CA LEU C 75 24.58 8.61 98.17
C LEU C 75 24.37 8.44 96.67
N SER C 76 25.14 7.56 96.03
CA SER C 76 25.01 7.34 94.59
C SER C 76 23.75 6.52 94.33
N CYS C 77 22.63 7.24 94.25
CA CYS C 77 21.33 6.61 94.07
C CYS C 77 20.97 6.52 92.59
N ALA C 78 20.33 5.41 92.22
CA ALA C 78 19.91 5.17 90.85
C ALA C 78 18.40 5.25 90.65
N ASP C 79 17.61 4.98 91.68
CA ASP C 79 16.17 5.01 91.58
C ASP C 79 15.59 5.66 92.82
N VAL C 80 14.74 6.67 92.62
CA VAL C 80 14.11 7.39 93.72
C VAL C 80 12.60 7.38 93.51
N VAL C 81 11.85 7.11 94.57
CA VAL C 81 10.39 7.04 94.50
C VAL C 81 9.80 7.85 95.65
N TRP C 82 8.76 8.61 95.34
CA TRP C 82 8.01 9.40 96.29
C TRP C 82 6.77 8.61 96.71
N HIS C 83 6.59 8.42 98.02
CA HIS C 83 5.48 7.61 98.49
C HIS C 83 4.15 8.22 98.07
N GLN C 84 3.30 7.40 97.47
CA GLN C 84 1.99 7.86 97.02
C GLN C 84 0.96 7.90 98.15
N MET C 85 1.32 7.43 99.34
CA MET C 85 0.44 7.48 100.49
C MET C 85 0.74 8.66 101.41
N ASP C 86 2.01 8.89 101.72
CA ASP C 86 2.44 9.98 102.58
C ASP C 86 3.34 10.92 101.79
N GLU C 87 3.13 12.22 101.99
CA GLU C 87 3.89 13.24 101.27
C GLU C 87 5.23 13.55 101.94
N ASN C 88 5.63 12.79 102.96
CA ASN C 88 6.89 13.01 103.65
C ASN C 88 7.82 11.81 103.54
N LEU C 89 7.52 10.84 102.69
CA LEU C 89 8.29 9.61 102.60
C LEU C 89 8.91 9.47 101.22
N LEU C 90 10.22 9.25 101.20
CA LEU C 90 10.97 9.06 99.97
C LEU C 90 11.84 7.82 100.11
N ALA C 91 12.05 7.11 99.01
CA ALA C 91 12.89 5.93 99.02
C ALA C 91 13.90 6.00 97.89
N THR C 92 15.13 5.56 98.18
CA THR C 92 16.21 5.61 97.21
C THR C 92 16.95 4.28 97.21
N ALA C 93 17.39 3.86 96.02
CA ALA C 93 18.17 2.64 95.85
C ALA C 93 19.56 3.04 95.38
N ALA C 94 20.56 2.81 96.24
CA ALA C 94 21.92 3.19 95.91
C ALA C 94 22.57 2.17 95.01
N THR C 95 23.75 2.51 94.51
CA THR C 95 24.55 1.60 93.70
C THR C 95 25.39 0.65 94.53
N ASN C 96 25.37 0.79 95.86
CA ASN C 96 26.11 -0.07 96.75
C ASN C 96 25.27 -1.22 97.29
N GLY C 97 24.09 -1.45 96.73
CA GLY C 97 23.23 -2.52 97.21
C GLY C 97 22.47 -2.17 98.47
N VAL C 98 22.18 -0.90 98.70
CA VAL C 98 21.48 -0.45 99.90
C VAL C 98 20.24 0.33 99.49
N VAL C 99 19.26 0.33 100.39
CA VAL C 99 18.02 1.10 100.22
C VAL C 99 17.91 2.06 101.38
N VAL C 100 17.66 3.34 101.08
CA VAL C 100 17.61 4.38 102.08
C VAL C 100 16.23 5.01 102.08
N THR C 101 15.72 5.28 103.27
CA THR C 101 14.44 5.96 103.45
C THR C 101 14.69 7.38 103.94
N TRP C 102 13.86 8.31 103.47
CA TRP C 102 14.01 9.72 103.81
C TRP C 102 12.67 10.25 104.30
N ASN C 103 12.69 10.89 105.46
CA ASN C 103 11.50 11.46 106.07
C ASN C 103 11.69 12.97 106.18
N LEU C 104 10.98 13.72 105.34
CA LEU C 104 11.06 15.17 105.40
C LEU C 104 10.58 15.73 106.73
N GLY C 105 9.75 14.98 107.45
CA GLY C 105 9.28 15.43 108.74
C GLY C 105 10.35 15.49 109.81
N ARG C 106 11.44 14.76 109.63
CA ARG C 106 12.52 14.77 110.61
C ARG C 106 13.16 16.15 110.63
N PRO C 107 13.25 16.81 111.79
CA PRO C 107 13.85 18.16 111.83
C PRO C 107 15.32 18.19 111.47
N SER C 108 16.02 17.06 111.55
CA SER C 108 17.44 17.02 111.24
C SER C 108 17.67 17.33 109.76
N ARG C 109 18.81 17.96 109.48
CA ARG C 109 19.17 18.25 108.09
C ARG C 109 19.30 16.96 107.30
N ASN C 110 19.94 15.95 107.87
CA ASN C 110 19.99 14.63 107.26
C ASN C 110 18.70 13.91 107.59
N LYS C 111 17.79 13.82 106.61
CA LYS C 111 16.48 13.23 106.81
C LYS C 111 16.48 11.72 106.64
N GLN C 112 17.65 11.09 106.66
CA GLN C 112 17.73 9.64 106.57
C GLN C 112 17.04 9.01 107.77
N ASP C 113 16.22 7.99 107.52
CA ASP C 113 15.41 7.36 108.54
C ASP C 113 15.82 5.90 108.78
N GLN C 114 15.83 5.08 107.74
CA GLN C 114 16.18 3.67 107.87
C GLN C 114 17.05 3.26 106.69
N LEU C 115 17.94 2.30 106.96
CA LEU C 115 18.85 1.76 105.96
C LEU C 115 18.76 0.24 105.99
N PHE C 116 18.62 -0.36 104.81
CA PHE C 116 18.49 -1.81 104.68
C PHE C 116 19.56 -2.31 103.71
N THR C 117 20.49 -3.12 104.23
CA THR C 117 21.58 -3.67 103.43
C THR C 117 21.35 -5.13 103.07
N GLU C 118 20.09 -5.50 102.80
CA GLU C 118 19.79 -6.90 102.52
C GLU C 118 20.45 -7.37 101.22
N HIS C 119 20.51 -6.51 100.21
CA HIS C 119 21.07 -6.88 98.92
C HIS C 119 22.59 -6.80 98.93
N LYS C 120 23.20 -7.60 98.07
CA LYS C 120 24.65 -7.58 97.88
C LYS C 120 25.08 -7.00 96.54
N ARG C 121 24.19 -7.00 95.55
CA ARG C 121 24.46 -6.41 94.24
C ARG C 121 23.70 -5.10 94.11
N THR C 122 23.89 -4.43 92.98
CA THR C 122 23.29 -3.12 92.79
C THR C 122 21.77 -3.24 92.70
N VAL C 123 21.07 -2.45 93.50
CA VAL C 123 19.62 -2.41 93.49
C VAL C 123 19.17 -1.58 92.29
N ASN C 124 18.43 -2.22 91.38
CA ASN C 124 18.03 -1.56 90.14
C ASN C 124 16.76 -0.72 90.30
N LYS C 125 15.72 -1.30 90.88
CA LYS C 125 14.42 -0.62 90.94
C LYS C 125 13.82 -0.78 92.33
N VAL C 126 13.14 0.26 92.79
CA VAL C 126 12.37 0.21 94.03
C VAL C 126 10.98 0.74 93.75
N CYS C 127 10.00 0.26 94.53
CA CYS C 127 8.62 0.65 94.32
C CYS C 127 7.87 0.64 95.64
N PHE C 128 6.86 1.51 95.72
CA PHE C 128 5.99 1.64 96.88
C PHE C 128 4.69 0.89 96.66
N HIS C 129 3.87 0.84 97.71
CA HIS C 129 2.54 0.31 97.48
C HIS C 129 1.54 1.46 97.37
N PRO C 130 0.59 1.37 96.43
CA PRO C 130 -0.34 2.49 96.23
C PRO C 130 -1.12 2.88 97.47
N THR C 131 -1.54 1.91 98.28
CA THR C 131 -2.32 2.17 99.48
C THR C 131 -1.54 1.94 100.75
N GLU C 132 -0.89 0.78 100.89
CA GLU C 132 -0.09 0.49 102.07
C GLU C 132 1.11 1.41 102.12
N ALA C 133 1.29 2.12 103.23
CA ALA C 133 2.40 3.04 103.42
C ALA C 133 3.55 2.40 104.18
N HIS C 134 3.61 1.08 104.21
CA HIS C 134 4.68 0.40 104.95
C HIS C 134 5.25 -0.79 104.18
N VAL C 135 4.96 -0.92 102.89
CA VAL C 135 5.45 -2.03 102.08
C VAL C 135 6.21 -1.49 100.89
N LEU C 136 7.43 -1.98 100.69
CA LEU C 136 8.25 -1.59 99.56
C LEU C 136 8.82 -2.82 98.89
N LEU C 137 9.06 -2.71 97.58
CA LEU C 137 9.63 -3.79 96.79
C LEU C 137 10.92 -3.31 96.13
N SER C 138 11.89 -4.22 96.00
CA SER C 138 13.17 -3.87 95.42
C SER C 138 13.67 -5.00 94.54
N GLY C 139 14.04 -4.68 93.30
CA GLY C 139 14.69 -5.60 92.40
C GLY C 139 16.11 -5.16 92.13
N SER C 140 17.04 -6.11 92.25
CA SER C 140 18.47 -5.83 92.16
C SER C 140 19.11 -6.73 91.11
N GLN C 141 20.42 -6.58 90.95
CA GLN C 141 21.18 -7.38 89.99
C GLN C 141 21.46 -8.78 90.49
N ASP C 142 21.18 -9.08 91.76
CA ASP C 142 21.44 -10.39 92.33
C ASP C 142 20.53 -11.47 91.77
N GLY C 143 19.50 -11.10 91.02
CA GLY C 143 18.53 -12.06 90.56
C GLY C 143 17.41 -12.35 91.54
N PHE C 144 17.36 -11.63 92.66
CA PHE C 144 16.31 -11.80 93.65
C PHE C 144 15.53 -10.50 93.78
N MET C 145 14.35 -10.61 94.40
CA MET C 145 13.53 -9.47 94.72
C MET C 145 13.24 -9.48 96.22
N LYS C 146 13.37 -8.32 96.86
CA LYS C 146 13.22 -8.22 98.30
C LYS C 146 12.04 -7.33 98.65
N CYS C 147 11.21 -7.81 99.56
CA CYS C 147 10.11 -7.03 100.12
C CYS C 147 10.53 -6.49 101.49
N PHE C 148 10.08 -5.29 101.80
CA PHE C 148 10.42 -4.64 103.06
C PHE C 148 9.17 -4.08 103.71
N ASP C 149 9.02 -4.33 105.00
CA ASP C 149 7.93 -3.79 105.80
C ASP C 149 8.49 -2.65 106.64
N LEU C 150 7.84 -1.47 106.54
CA LEU C 150 8.29 -0.32 107.30
C LEU C 150 7.94 -0.42 108.79
N ARG C 151 7.20 -1.44 109.20
CA ARG C 151 6.87 -1.63 110.61
C ARG C 151 8.07 -2.11 111.43
N ARG C 152 9.25 -2.20 110.83
CA ARG C 152 10.49 -2.59 111.50
C ARG C 152 10.41 -4.01 112.08
N LYS C 153 9.53 -4.84 111.56
CA LYS C 153 9.41 -6.22 112.00
C LYS C 153 10.36 -7.08 111.16
N ASP C 154 10.18 -8.40 111.23
CA ASP C 154 10.95 -9.29 110.37
C ASP C 154 10.45 -9.17 108.94
N SER C 155 11.07 -8.28 108.17
CA SER C 155 10.58 -7.91 106.84
C SER C 155 11.23 -8.70 105.72
N VAL C 156 12.11 -9.65 106.02
CA VAL C 156 12.83 -10.36 104.98
C VAL C 156 11.86 -11.24 104.20
N SER C 157 11.72 -10.95 102.90
CA SER C 157 10.89 -11.76 102.02
C SER C 157 11.52 -11.71 100.64
N THR C 158 12.14 -12.81 100.23
CA THR C 158 12.92 -12.87 98.99
C THR C 158 12.20 -13.76 97.99
N PHE C 159 11.97 -13.21 96.80
CA PHE C 159 11.41 -13.95 95.67
C PHE C 159 12.55 -14.20 94.68
N SER C 160 12.86 -15.48 94.45
CA SER C 160 13.91 -15.86 93.51
C SER C 160 13.25 -16.22 92.18
N GLY C 161 13.49 -15.39 91.17
CA GLY C 161 12.92 -15.63 89.87
C GLY C 161 13.62 -16.69 89.05
N GLN C 162 14.75 -17.21 89.53
CA GLN C 162 15.51 -18.23 88.83
C GLN C 162 15.89 -17.79 87.41
N SER C 163 16.20 -16.51 87.26
CA SER C 163 16.50 -15.94 85.95
C SER C 163 17.60 -14.90 86.10
N GLU C 164 17.83 -14.16 85.01
CA GLU C 164 18.85 -13.11 85.00
C GLU C 164 18.44 -11.97 85.94
N SER C 165 19.27 -10.93 85.96
CA SER C 165 19.04 -9.80 86.85
C SER C 165 17.68 -9.17 86.58
N VAL C 166 17.05 -8.69 87.65
CA VAL C 166 15.73 -8.09 87.59
C VAL C 166 15.88 -6.64 87.18
N ARG C 167 15.04 -6.19 86.25
CA ARG C 167 15.10 -4.85 85.71
C ARG C 167 13.99 -3.95 86.24
N ASP C 168 12.74 -4.38 86.15
CA ASP C 168 11.62 -3.57 86.59
C ASP C 168 10.64 -4.43 87.39
N VAL C 169 10.09 -3.83 88.45
CA VAL C 169 9.07 -4.49 89.28
C VAL C 169 7.98 -3.46 89.57
N GLN C 170 6.72 -3.87 89.42
CA GLN C 170 5.63 -2.92 89.58
C GLN C 170 4.40 -3.60 90.15
N PHE C 171 3.78 -2.96 91.14
CA PHE C 171 2.49 -3.39 91.66
C PHE C 171 1.39 -3.14 90.64
N SER C 172 0.34 -3.95 90.69
CA SER C 172 -0.86 -3.64 89.94
C SER C 172 -1.63 -2.53 90.65
N ILE C 173 -2.41 -1.78 89.88
CA ILE C 173 -3.20 -0.71 90.45
C ILE C 173 -4.55 -1.22 90.93
N ARG C 174 -5.15 -2.17 90.22
CA ARG C 174 -6.44 -2.71 90.63
C ARG C 174 -6.28 -3.78 91.70
N ASP C 175 -5.31 -4.67 91.54
CA ASP C 175 -5.09 -5.73 92.51
C ASP C 175 -4.26 -5.21 93.68
N TYR C 176 -4.49 -5.80 94.84
CA TYR C 176 -3.79 -5.38 96.05
C TYR C 176 -2.54 -6.20 96.33
N PHE C 177 -2.49 -7.45 95.87
CA PHE C 177 -1.40 -8.36 96.20
C PHE C 177 -0.56 -8.77 94.99
N THR C 178 -0.91 -8.32 93.79
CA THR C 178 -0.27 -8.80 92.58
C THR C 178 0.72 -7.77 92.04
N PHE C 179 1.90 -8.24 91.64
CA PHE C 179 2.88 -7.40 90.99
C PHE C 179 3.51 -8.18 89.84
N ALA C 180 4.32 -7.47 89.06
CA ALA C 180 4.97 -8.03 87.89
C ALA C 180 6.45 -7.66 87.90
N SER C 181 7.26 -8.55 87.34
CA SER C 181 8.70 -8.35 87.27
C SER C 181 9.19 -8.71 85.88
N THR C 182 10.22 -7.98 85.42
CA THR C 182 10.86 -8.21 84.15
C THR C 182 12.32 -8.58 84.39
N PHE C 183 12.87 -9.46 83.55
CA PHE C 183 14.22 -9.93 83.72
C PHE C 183 15.03 -9.71 82.46
N GLU C 184 16.35 -9.61 82.64
CA GLU C 184 17.26 -9.35 81.53
C GLU C 184 17.35 -10.51 80.55
N ASN C 185 16.80 -11.67 80.90
CA ASN C 185 16.77 -12.79 79.95
C ASN C 185 15.66 -12.65 78.92
N GLY C 186 14.75 -11.71 79.10
CA GLY C 186 13.61 -11.56 78.24
C GLY C 186 12.34 -12.21 78.71
N ASN C 187 12.16 -12.35 80.03
CA ASN C 187 11.00 -13.01 80.59
C ASN C 187 10.33 -12.13 81.63
N VAL C 188 9.00 -12.22 81.68
CA VAL C 188 8.18 -11.47 82.59
C VAL C 188 7.43 -12.46 83.48
N GLN C 189 7.48 -12.23 84.79
CA GLN C 189 6.85 -13.09 85.79
C GLN C 189 5.83 -12.28 86.57
N LEU C 190 4.61 -12.80 86.64
CA LEU C 190 3.54 -12.24 87.45
C LEU C 190 3.51 -12.99 88.77
N TRP C 191 3.64 -12.26 89.88
CA TRP C 191 3.71 -12.81 91.21
C TRP C 191 2.62 -12.22 92.10
N ASP C 192 2.36 -12.90 93.20
CA ASP C 192 1.53 -12.39 94.28
C ASP C 192 2.37 -12.31 95.55
N ILE C 193 2.01 -11.35 96.42
CA ILE C 193 2.79 -11.14 97.63
C ILE C 193 2.44 -12.13 98.73
N ARG C 194 1.27 -12.76 98.65
CA ARG C 194 0.83 -13.68 99.70
C ARG C 194 1.37 -15.09 99.52
N ARG C 195 1.94 -15.42 98.35
CA ARG C 195 2.46 -16.75 98.07
C ARG C 195 3.88 -16.63 97.53
N PRO C 196 4.86 -16.36 98.40
CA PRO C 196 6.25 -16.26 97.94
C PRO C 196 6.85 -17.60 97.52
N ASP C 197 6.13 -18.71 97.67
CA ASP C 197 6.69 -20.01 97.36
C ASP C 197 6.99 -20.15 95.87
N ARG C 198 6.07 -19.71 95.01
CA ARG C 198 6.26 -19.86 93.59
C ARG C 198 5.55 -18.72 92.86
N CYS C 199 5.92 -18.53 91.60
CA CYS C 199 5.32 -17.50 90.76
C CYS C 199 3.95 -17.94 90.26
N GLU C 200 3.19 -17.00 89.74
CA GLU C 200 1.87 -17.27 89.19
C GLU C 200 1.88 -17.36 87.67
N ARG C 201 2.53 -16.44 86.99
CA ARG C 201 2.64 -16.49 85.54
C ARG C 201 4.07 -16.22 85.11
N MET C 202 4.46 -16.78 83.97
CA MET C 202 5.76 -16.51 83.41
C MET C 202 5.69 -16.66 81.90
N PHE C 203 6.23 -15.67 81.18
CA PHE C 203 6.21 -15.76 79.72
C PHE C 203 7.32 -14.89 79.14
N THR C 204 7.83 -15.32 77.98
CA THR C 204 8.88 -14.60 77.28
C THR C 204 8.25 -13.46 76.49
N ALA C 205 8.49 -12.22 76.91
CA ALA C 205 7.87 -11.07 76.28
C ALA C 205 8.67 -10.52 75.11
N HIS C 206 9.99 -10.48 75.23
CA HIS C 206 10.83 -9.88 74.21
C HIS C 206 12.04 -10.76 73.94
N ASN C 207 12.65 -10.54 72.78
CA ASN C 207 13.93 -11.16 72.44
C ASN C 207 15.03 -10.26 72.96
N GLY C 208 15.62 -10.64 74.09
CA GLY C 208 16.59 -9.81 74.77
C GLY C 208 16.01 -9.20 76.02
N PRO C 209 16.83 -8.44 76.75
CA PRO C 209 16.38 -7.91 78.04
C PRO C 209 15.21 -6.95 77.89
N VAL C 210 14.35 -6.95 78.91
CA VAL C 210 13.20 -6.06 79.00
C VAL C 210 13.52 -4.99 80.03
N PHE C 211 13.31 -3.72 79.66
CA PHE C 211 13.78 -2.61 80.47
C PHE C 211 12.67 -1.89 81.23
N CYS C 212 11.43 -1.95 80.76
CA CYS C 212 10.38 -1.19 81.44
C CYS C 212 9.03 -1.89 81.27
N CYS C 213 8.13 -1.59 82.21
CA CYS C 213 6.77 -2.12 82.18
C CYS C 213 5.85 -1.14 82.89
N ASP C 214 4.56 -1.21 82.55
CA ASP C 214 3.58 -0.30 83.13
C ASP C 214 2.18 -0.85 82.94
N TRP C 215 1.38 -0.83 84.00
CA TRP C 215 -0.03 -1.21 83.90
C TRP C 215 -0.84 -0.08 83.29
N HIS C 216 -1.92 -0.45 82.62
CA HIS C 216 -2.81 0.57 82.06
C HIS C 216 -3.57 1.25 83.18
N PRO C 217 -3.58 2.59 83.22
CA PRO C 217 -4.24 3.28 84.34
C PRO C 217 -5.71 2.99 84.48
N GLU C 218 -6.41 2.71 83.37
CA GLU C 218 -7.84 2.45 83.41
C GLU C 218 -8.19 1.00 83.16
N ASP C 219 -7.55 0.34 82.20
CA ASP C 219 -7.80 -1.06 81.95
C ASP C 219 -7.32 -1.91 83.12
N ARG C 220 -8.02 -3.00 83.37
CA ARG C 220 -7.75 -3.86 84.50
C ARG C 220 -6.92 -5.09 84.14
N GLY C 221 -6.56 -5.26 82.87
CA GLY C 221 -5.81 -6.43 82.46
C GLY C 221 -4.78 -6.17 81.39
N TRP C 222 -4.35 -4.91 81.24
CA TRP C 222 -3.41 -4.53 80.19
C TRP C 222 -2.09 -4.08 80.80
N LEU C 223 -1.01 -4.70 80.35
CA LEU C 223 0.34 -4.38 80.80
C LEU C 223 1.22 -4.16 79.58
N ALA C 224 1.90 -3.02 79.54
CA ALA C 224 2.80 -2.68 78.44
C ALA C 224 4.24 -2.92 78.86
N THR C 225 5.02 -3.53 77.97
CA THR C 225 6.40 -3.91 78.23
C THR C 225 7.30 -3.38 77.13
N GLY C 226 8.55 -3.12 77.48
CA GLY C 226 9.52 -2.63 76.52
C GLY C 226 10.94 -3.01 76.85
N GLY C 227 11.70 -3.42 75.84
CA GLY C 227 13.08 -3.83 76.02
C GLY C 227 14.02 -3.31 74.96
N ARG C 228 15.17 -3.96 74.79
CA ARG C 228 16.17 -3.51 73.83
C ARG C 228 15.82 -3.85 72.39
N ASP C 229 14.81 -4.68 72.17
CA ASP C 229 14.45 -5.11 70.82
C ASP C 229 13.81 -4.02 69.99
N LYS C 230 13.80 -2.78 70.49
CA LYS C 230 13.23 -1.63 69.79
C LYS C 230 11.74 -1.79 69.51
N MET C 231 11.06 -2.63 70.28
CA MET C 231 9.62 -2.82 70.14
C MET C 231 8.95 -2.75 71.49
N VAL C 232 7.77 -2.16 71.52
CA VAL C 232 6.93 -2.08 72.71
C VAL C 232 5.63 -2.78 72.40
N LYS C 233 5.28 -3.77 73.20
CA LYS C 233 4.09 -4.59 72.97
C LYS C 233 3.20 -4.58 74.20
N VAL C 234 1.89 -4.55 73.95
CA VAL C 234 0.89 -4.52 75.01
C VAL C 234 0.37 -5.93 75.22
N TRP C 235 0.35 -6.37 76.49
CA TRP C 235 -0.09 -7.71 76.84
C TRP C 235 -1.43 -7.64 77.56
N ASP C 236 -2.29 -8.62 77.27
CA ASP C 236 -3.57 -8.78 77.95
C ASP C 236 -3.46 -9.92 78.92
N MET C 237 -3.91 -9.70 80.16
CA MET C 237 -3.72 -10.68 81.23
C MET C 237 -5.03 -11.22 81.78
N THR C 238 -6.17 -10.90 81.16
CA THR C 238 -7.45 -11.37 81.67
C THR C 238 -7.57 -12.88 81.53
N THR C 239 -7.11 -13.44 80.40
CA THR C 239 -7.24 -14.86 80.16
C THR C 239 -6.13 -15.63 80.88
N HIS C 240 -6.28 -16.96 80.89
CA HIS C 240 -5.24 -17.81 81.47
C HIS C 240 -3.92 -17.66 80.72
N ARG C 241 -3.98 -17.59 79.39
CA ARG C 241 -2.81 -17.38 78.57
C ARG C 241 -2.79 -15.92 78.12
N ALA C 242 -1.67 -15.24 78.39
CA ALA C 242 -1.55 -13.84 78.04
C ALA C 242 -1.56 -13.67 76.52
N LYS C 243 -2.27 -12.65 76.06
CA LYS C 243 -2.43 -12.37 74.64
C LYS C 243 -1.80 -11.03 74.30
N GLU C 244 -1.06 -10.99 73.20
CA GLU C 244 -0.45 -9.75 72.71
C GLU C 244 -1.45 -9.02 71.82
N MET C 245 -1.67 -7.74 72.13
CA MET C 245 -2.67 -6.94 71.41
C MET C 245 -2.03 -6.04 70.37
N HIS C 246 -1.10 -5.18 70.79
CA HIS C 246 -0.51 -4.19 69.90
C HIS C 246 1.00 -4.22 70.01
N CYS C 247 1.67 -3.94 68.89
CA CYS C 247 3.13 -3.89 68.86
C CYS C 247 3.55 -2.66 68.07
N VAL C 248 4.47 -1.88 68.64
CA VAL C 248 4.97 -0.66 68.03
C VAL C 248 6.48 -0.76 67.94
N GLN C 249 7.04 -0.28 66.83
CA GLN C 249 8.48 -0.32 66.60
C GLN C 249 9.06 1.08 66.67
N THR C 250 10.09 1.26 67.48
CA THR C 250 10.79 2.53 67.60
C THR C 250 12.08 2.47 66.79
N ILE C 251 12.91 3.50 66.91
CA ILE C 251 14.16 3.56 66.17
C ILE C 251 15.37 3.23 67.03
N ALA C 252 15.18 2.97 68.32
CA ALA C 252 16.28 2.67 69.21
C ALA C 252 15.78 1.80 70.35
N SER C 253 16.69 1.42 71.24
CA SER C 253 16.33 0.62 72.39
C SER C 253 15.44 1.44 73.32
N VAL C 254 14.26 0.91 73.62
CA VAL C 254 13.29 1.63 74.44
C VAL C 254 13.71 1.55 75.89
N ALA C 255 13.85 2.72 76.54
CA ALA C 255 14.27 2.76 77.93
C ALA C 255 13.06 2.76 78.86
N ARG C 256 12.18 3.76 78.74
CA ARG C 256 11.07 3.88 79.68
C ARG C 256 9.79 4.25 78.95
N VAL C 257 8.67 3.77 79.49
CA VAL C 257 7.35 3.93 78.90
C VAL C 257 6.37 4.32 80.01
N LYS C 258 5.49 5.28 79.72
CA LYS C 258 4.47 5.71 80.67
C LYS C 258 3.16 5.97 79.93
N TRP C 259 2.09 5.33 80.38
CA TRP C 259 0.78 5.60 79.81
C TRP C 259 0.39 7.06 80.03
N ARG C 260 -0.20 7.67 79.01
CA ARG C 260 -0.66 9.04 79.20
C ARG C 260 -1.96 9.04 80.00
N PRO C 261 -2.07 9.92 81.00
CA PRO C 261 -3.31 10.00 81.78
C PRO C 261 -4.47 10.48 80.92
N GLU C 262 -5.66 10.03 81.29
CA GLU C 262 -6.95 10.42 80.69
C GLU C 262 -7.08 9.99 79.24
N CYS C 263 -6.08 9.35 78.66
CA CYS C 263 -6.15 8.86 77.29
C CYS C 263 -5.93 7.36 77.30
N ARG C 264 -6.85 6.62 76.68
CA ARG C 264 -6.83 5.17 76.79
C ARG C 264 -5.81 4.51 75.87
N HIS C 265 -5.35 5.21 74.84
CA HIS C 265 -4.52 4.60 73.81
C HIS C 265 -3.32 5.50 73.46
N HIS C 266 -2.72 6.12 74.47
CA HIS C 266 -1.56 6.98 74.26
C HIS C 266 -0.48 6.66 75.28
N LEU C 267 0.75 6.53 74.83
CA LEU C 267 1.86 6.25 75.73
C LEU C 267 3.10 7.05 75.32
N ALA C 268 3.80 7.60 76.31
CA ALA C 268 5.05 8.30 76.07
C ALA C 268 6.22 7.36 76.27
N THR C 269 7.23 7.50 75.42
CA THR C 269 8.40 6.65 75.43
C THR C 269 9.67 7.49 75.32
N CYS C 270 10.68 7.09 76.10
CA CYS C 270 12.01 7.66 76.01
C CYS C 270 13.02 6.53 75.83
N SER C 271 14.03 6.79 74.99
CA SER C 271 15.01 5.78 74.62
C SER C 271 16.21 5.84 75.56
N MET C 272 17.14 4.91 75.35
CA MET C 272 18.32 4.78 76.21
C MET C 272 19.61 5.21 75.54
N MET C 273 19.72 5.09 74.23
CA MET C 273 20.95 5.44 73.52
C MET C 273 20.60 6.00 72.15
N VAL C 274 21.62 6.54 71.48
CA VAL C 274 21.54 7.00 70.10
C VAL C 274 20.59 8.18 69.96
N ASP C 275 19.33 7.99 70.35
CA ASP C 275 18.31 9.00 70.16
C ASP C 275 18.10 9.80 71.44
N HIS C 276 17.69 11.05 71.28
CA HIS C 276 17.44 11.95 72.39
C HIS C 276 16.00 12.44 72.48
N ASN C 277 15.19 12.21 71.45
CA ASN C 277 13.84 12.75 71.40
C ASN C 277 12.87 11.86 72.17
N ILE C 278 11.84 12.50 72.70
CA ILE C 278 10.77 11.81 73.43
C ILE C 278 9.58 11.66 72.51
N TYR C 279 8.95 10.49 72.51
CA TYR C 279 7.87 10.23 71.59
C TYR C 279 6.57 9.98 72.36
N VAL C 280 5.45 10.29 71.71
CA VAL C 280 4.12 9.95 72.19
C VAL C 280 3.44 9.17 71.09
N TRP C 281 3.11 7.91 71.37
CA TRP C 281 2.55 6.99 70.40
C TRP C 281 1.09 6.70 70.72
N ASP C 282 0.32 6.49 69.66
CA ASP C 282 -1.04 5.96 69.74
C ASP C 282 -1.01 4.52 69.21
N VAL C 283 -1.43 3.58 70.06
CA VAL C 283 -1.28 2.16 69.72
C VAL C 283 -2.10 1.80 68.50
N ARG C 284 -3.21 2.50 68.25
CA ARG C 284 -4.04 2.17 67.10
C ARG C 284 -3.32 2.39 65.78
N ARG C 285 -2.38 3.33 65.74
CA ARG C 285 -1.53 3.55 64.57
C ARG C 285 -0.08 3.34 65.00
N PRO C 286 0.44 2.12 64.88
CA PRO C 286 1.72 1.80 65.52
C PRO C 286 2.95 2.10 64.68
N PHE C 287 2.81 2.90 63.62
CA PHE C 287 3.94 3.09 62.71
C PHE C 287 4.51 4.49 62.69
N VAL C 288 3.75 5.51 63.08
CA VAL C 288 4.30 6.87 63.15
C VAL C 288 3.96 7.47 64.50
N PRO C 289 4.88 8.21 65.11
CA PRO C 289 4.60 8.80 66.42
C PRO C 289 3.48 9.82 66.33
N ALA C 290 2.64 9.86 67.36
CA ALA C 290 1.59 10.86 67.42
C ALA C 290 2.17 12.24 67.71
N ALA C 291 3.16 12.31 68.58
CA ALA C 291 3.78 13.60 68.90
C ALA C 291 5.25 13.39 69.22
N MET C 292 6.04 14.44 69.02
CA MET C 292 7.48 14.38 69.25
C MET C 292 7.95 15.60 70.04
N PHE C 293 8.89 15.35 70.96
CA PHE C 293 9.58 16.41 71.68
C PHE C 293 11.07 16.28 71.42
N GLU C 294 11.70 17.38 71.00
CA GLU C 294 13.11 17.39 70.63
C GLU C 294 13.89 18.43 71.44
N GLU C 295 13.40 18.78 72.62
CA GLU C 295 14.01 19.86 73.39
C GLU C 295 15.41 19.48 73.87
N HIS C 296 15.58 18.26 74.36
CA HIS C 296 16.85 17.88 74.97
C HIS C 296 17.93 17.68 73.91
N ARG C 297 19.18 17.82 74.35
CA ARG C 297 20.33 17.57 73.50
C ARG C 297 21.10 16.33 73.88
N ASP C 298 20.97 15.85 75.10
CA ASP C 298 21.59 14.62 75.56
C ASP C 298 20.53 13.54 75.69
N VAL C 299 20.96 12.35 76.09
CA VAL C 299 20.04 11.22 76.19
C VAL C 299 19.08 11.45 77.34
N THR C 300 17.79 11.33 77.07
CA THR C 300 16.78 11.45 78.11
C THR C 300 16.90 10.29 79.08
N THR C 301 16.69 10.58 80.36
CA THR C 301 16.82 9.56 81.40
C THR C 301 15.56 9.35 82.22
N GLY C 302 14.85 10.42 82.57
CA GLY C 302 13.65 10.25 83.36
C GLY C 302 12.47 11.03 82.80
N ILE C 303 11.33 10.36 82.62
CA ILE C 303 10.11 10.98 82.13
C ILE C 303 8.98 10.67 83.09
N ALA C 304 8.10 11.63 83.31
CA ALA C 304 6.98 11.44 84.24
C ALA C 304 5.86 12.41 83.90
N TRP C 305 4.63 11.89 83.87
CA TRP C 305 3.48 12.77 83.75
C TRP C 305 3.29 13.55 85.04
N ARG C 306 3.02 14.85 84.92
CA ARG C 306 2.96 15.71 86.09
C ARG C 306 1.82 15.28 87.02
N HIS C 307 0.59 15.35 86.55
CA HIS C 307 -0.54 15.02 87.40
C HIS C 307 -1.24 13.76 86.89
N PRO C 308 -1.62 12.86 87.79
CA PRO C 308 -2.24 11.59 87.33
C PRO C 308 -3.53 11.79 86.56
N HIS C 309 -4.17 12.95 86.66
CA HIS C 309 -5.41 13.21 85.91
C HIS C 309 -5.29 14.43 85.01
N ASP C 310 -4.08 14.87 84.71
CA ASP C 310 -3.85 15.99 83.81
C ASP C 310 -2.99 15.54 82.63
N PRO C 311 -3.55 15.36 81.45
CA PRO C 311 -2.75 14.91 80.31
C PRO C 311 -2.04 16.05 79.60
N SER C 312 -1.91 17.20 80.26
CA SER C 312 -1.41 18.39 79.60
C SER C 312 0.09 18.58 79.72
N PHE C 313 0.70 18.15 80.83
CA PHE C 313 2.08 18.47 81.12
C PHE C 313 2.91 17.19 81.32
N LEU C 314 4.18 17.28 80.92
CA LEU C 314 5.12 16.18 81.09
C LEU C 314 6.43 16.75 81.64
N LEU C 315 7.19 15.91 82.34
CA LEU C 315 8.46 16.33 82.93
C LEU C 315 9.54 15.36 82.50
N SER C 316 10.72 15.89 82.17
CA SER C 316 11.80 15.04 81.67
C SER C 316 13.15 15.60 82.07
N GLY C 317 13.98 14.74 82.64
CA GLY C 317 15.34 15.10 83.00
C GLY C 317 16.34 14.23 82.24
N SER C 318 17.42 14.84 81.79
CA SER C 318 18.39 14.17 80.94
C SER C 318 19.79 14.23 81.54
N LYS C 319 20.74 13.63 80.84
CA LYS C 319 22.13 13.57 81.29
C LYS C 319 22.89 14.86 81.08
N ASP C 320 22.31 15.83 80.38
CA ASP C 320 22.92 17.13 80.20
C ASP C 320 22.69 18.05 81.39
N SER C 321 22.35 17.48 82.55
CA SER C 321 22.05 18.25 83.76
C SER C 321 20.92 19.25 83.49
N SER C 322 19.93 18.82 82.72
CA SER C 322 18.80 19.67 82.36
C SER C 322 17.49 18.94 82.62
N LEU C 323 16.55 19.66 83.23
CA LEU C 323 15.21 19.15 83.51
C LEU C 323 14.20 20.13 82.95
N CYS C 324 13.26 19.64 82.16
CA CYS C 324 12.31 20.51 81.49
C CYS C 324 10.89 19.98 81.62
N GLN C 325 9.95 20.91 81.71
CA GLN C 325 8.53 20.63 81.67
C GLN C 325 8.00 21.02 80.29
N HIS C 326 7.28 20.09 79.66
CA HIS C 326 6.78 20.24 78.31
C HIS C 326 5.25 20.23 78.32
N LEU C 327 4.68 20.95 77.37
CA LEU C 327 3.23 20.99 77.17
C LEU C 327 2.89 20.23 75.90
N PHE C 328 1.81 19.46 75.95
CA PHE C 328 1.47 18.57 74.84
C PHE C 328 1.18 19.36 73.57
N ARG C 329 0.50 20.50 73.68
CA ARG C 329 0.15 21.29 72.50
C ARG C 329 1.37 21.84 71.79
N ASP C 330 2.52 21.87 72.45
CA ASP C 330 3.74 22.42 71.86
C ASP C 330 4.58 21.36 71.16
N ALA C 331 4.14 20.10 71.15
CA ALA C 331 4.91 19.05 70.51
C ALA C 331 4.83 19.16 69.00
N SER C 332 5.84 18.62 68.33
CA SER C 332 5.85 18.57 66.88
C SER C 332 5.05 17.37 66.38
N GLN C 333 4.35 17.56 65.27
CA GLN C 333 3.53 16.50 64.68
C GLN C 333 4.07 16.14 63.30
N PRO C 334 4.84 15.05 63.19
CA PRO C 334 5.34 14.66 61.85
C PRO C 334 4.23 14.33 60.88
N VAL C 335 3.11 13.78 61.34
CA VAL C 335 2.04 13.37 60.43
C VAL C 335 1.41 14.58 59.77
N GLU C 336 1.39 15.73 60.44
CA GLU C 336 0.76 16.92 59.87
C GLU C 336 1.60 17.52 58.74
N ARG C 337 2.89 17.19 58.65
CA ARG C 337 3.77 17.76 57.65
C ARG C 337 4.36 16.70 56.72
N ALA C 338 3.77 15.51 56.67
CA ALA C 338 4.27 14.46 55.80
C ALA C 338 3.77 14.66 54.37
N ASN C 339 4.60 14.23 53.43
CA ASN C 339 4.23 14.32 52.02
C ASN C 339 3.27 13.18 51.68
N PRO C 340 2.04 13.47 51.22
CA PRO C 340 1.02 12.42 51.08
C PRO C 340 0.88 11.81 49.69
N GLU C 341 1.76 12.12 48.74
CA GLU C 341 1.55 11.63 47.37
C GLU C 341 2.86 11.18 46.77
N GLY C 342 2.75 10.23 45.84
CA GLY C 342 3.88 9.81 45.03
C GLY C 342 3.48 9.74 43.58
N LEU C 343 4.39 10.13 42.70
CA LEU C 343 4.10 10.25 41.28
C LEU C 343 5.33 9.89 40.48
N CYS C 344 5.15 9.20 39.37
CA CYS C 344 6.29 8.87 38.52
C CYS C 344 5.82 8.61 37.10
N TYR C 345 6.74 8.79 36.17
CA TYR C 345 6.52 8.52 34.76
C TYR C 345 7.21 7.22 34.36
N GLY C 346 6.79 6.68 33.22
CA GLY C 346 7.38 5.47 32.69
C GLY C 346 7.86 5.67 31.27
N LEU C 347 8.66 4.70 30.82
CA LEU C 347 9.22 4.78 29.48
C LEU C 347 8.15 4.71 28.40
N PHE C 348 7.01 4.07 28.67
CA PHE C 348 5.97 3.89 27.67
C PHE C 348 4.81 4.87 27.85
N GLY C 349 5.06 6.01 28.49
CA GLY C 349 4.02 6.98 28.70
C GLY C 349 3.06 6.66 29.84
N ASP C 350 3.32 5.60 30.60
CA ASP C 350 2.49 5.27 31.74
C ASP C 350 2.79 6.21 32.89
N LEU C 351 1.76 6.48 33.69
CA LEU C 351 1.88 7.41 34.81
C LEU C 351 1.42 6.69 36.07
N ALA C 352 2.35 6.47 37.00
CA ALA C 352 2.01 5.83 38.27
C ALA C 352 1.74 6.91 39.31
N PHE C 353 0.62 6.78 40.02
CA PHE C 353 0.18 7.80 40.96
C PHE C 353 -0.40 7.14 42.19
N ALA C 354 0.18 7.41 43.35
CA ALA C 354 -0.30 6.89 44.62
C ALA C 354 -0.67 8.06 45.52
N ALA C 355 -1.88 8.03 46.06
CA ALA C 355 -2.37 9.16 46.84
C ALA C 355 -3.08 8.67 48.09
N LYS C 356 -3.15 9.55 49.08
CA LYS C 356 -3.89 9.23 50.29
C LYS C 356 -5.37 9.03 49.97
N GLU C 357 -6.00 8.11 50.69
CA GLU C 357 -7.39 7.77 50.42
C GLU C 357 -8.30 8.98 50.61
N SER C 358 -8.02 9.80 51.62
CA SER C 358 -8.89 10.94 51.90
C SER C 358 -8.90 11.92 50.74
N LEU C 359 -7.74 12.19 50.15
CA LEU C 359 -7.66 13.19 49.10
C LEU C 359 -8.33 12.76 47.81
N VAL C 360 -8.57 11.45 47.63
CA VAL C 360 -9.18 10.95 46.40
C VAL C 360 -10.69 10.87 46.51
N ALA C 361 -11.19 10.27 47.60
CA ALA C 361 -12.62 10.12 47.79
C ALA C 361 -13.30 11.46 48.04
N PHE C 389 -11.49 3.57 62.59
CA PHE C 389 -10.76 4.46 63.49
C PHE C 389 -10.39 5.75 62.78
N ALA C 390 -9.71 5.62 61.64
CA ALA C 390 -9.28 6.77 60.86
C ALA C 390 -9.08 6.34 59.42
N GLY C 391 -9.70 7.07 58.49
CA GLY C 391 -9.57 6.81 57.08
C GLY C 391 -8.35 7.42 56.42
N LEU C 392 -7.48 8.04 57.22
CA LEU C 392 -6.29 8.71 56.71
C LEU C 392 -5.05 7.82 56.72
N ALA C 393 -5.19 6.55 57.09
CA ALA C 393 -4.06 5.65 57.22
C ALA C 393 -3.90 4.72 56.03
N SER C 394 -4.61 4.98 54.93
CA SER C 394 -4.55 4.14 53.75
C SER C 394 -4.34 4.99 52.52
N SER C 395 -3.87 4.34 51.45
CA SER C 395 -3.60 5.03 50.20
C SER C 395 -4.03 4.15 49.05
N ALA C 396 -4.31 4.78 47.91
CA ALA C 396 -4.72 4.12 46.69
C ALA C 396 -3.67 4.33 45.62
N LEU C 397 -3.37 3.27 44.87
CA LEU C 397 -2.37 3.27 43.82
C LEU C 397 -3.04 3.02 42.48
N SER C 398 -2.75 3.89 41.51
CA SER C 398 -3.34 3.80 40.19
C SER C 398 -2.27 3.99 39.12
N VAL C 399 -2.54 3.44 37.95
CA VAL C 399 -1.66 3.60 36.79
C VAL C 399 -2.52 4.08 35.63
N PHE C 400 -2.08 5.16 34.99
CA PHE C 400 -2.77 5.72 33.83
C PHE C 400 -1.98 5.38 32.58
N GLU C 401 -2.69 4.93 31.54
CA GLU C 401 -2.09 4.45 30.32
C GLU C 401 -2.65 5.18 29.12
N THR C 402 -1.84 5.30 28.07
CA THR C 402 -2.26 5.90 26.82
C THR C 402 -2.76 4.82 25.87
N GLU C 403 -3.80 5.15 25.11
CA GLU C 403 -4.36 4.22 24.14
C GLU C 403 -3.37 3.91 23.03
N GLY C 408 2.90 5.21 23.23
CA GLY C 408 2.80 6.66 23.18
C GLY C 408 3.80 7.29 22.22
N MET C 409 4.90 6.59 22.00
CA MET C 409 5.97 7.05 21.10
C MET C 409 6.38 5.93 20.17
N ARG C 410 5.39 5.26 19.59
CA ARG C 410 5.67 4.13 18.69
C ARG C 410 6.36 4.58 17.42
N TRP C 411 6.12 5.83 17.00
CA TRP C 411 6.78 6.34 15.81
C TRP C 411 8.29 6.29 15.94
N PHE C 412 8.80 6.50 17.15
CA PHE C 412 10.24 6.42 17.38
C PHE C 412 10.76 5.03 17.03
N VAL C 413 10.13 3.99 17.59
CA VAL C 413 10.59 2.63 17.34
C VAL C 413 10.47 2.29 15.86
N ASP C 414 9.31 2.60 15.27
CA ASP C 414 9.10 2.25 13.87
C ASP C 414 10.11 2.93 12.96
N THR C 415 10.38 4.22 13.20
CA THR C 415 11.39 4.91 12.41
C THR C 415 12.76 4.29 12.61
N ALA C 416 13.11 3.98 13.86
CA ALA C 416 14.44 3.44 14.13
C ALA C 416 14.64 2.08 13.50
N GLU C 417 13.57 1.33 13.30
CA GLU C 417 13.71 -0.03 12.81
C GLU C 417 13.86 -0.14 11.29
N ARG C 418 13.36 0.83 10.53
CA ARG C 418 13.32 0.68 9.08
C ARG C 418 14.08 1.76 8.33
N TYR C 419 14.76 2.67 9.01
CA TYR C 419 15.61 3.62 8.31
C TYR C 419 16.79 2.90 7.68
N ALA C 420 17.32 3.48 6.61
CA ALA C 420 18.52 2.97 5.94
C ALA C 420 19.64 3.98 6.14
N LEU C 421 20.84 3.49 6.46
CA LEU C 421 21.94 4.36 6.81
C LEU C 421 23.21 4.15 6.00
N ALA C 422 23.36 3.03 5.29
CA ALA C 422 24.59 2.80 4.55
C ALA C 422 24.36 1.69 3.52
N GLY C 423 25.37 1.48 2.69
CA GLY C 423 25.34 0.44 1.69
C GLY C 423 24.78 0.82 0.34
N ARG C 424 24.29 2.05 0.18
CA ARG C 424 23.66 2.50 -1.05
C ARG C 424 24.06 3.93 -1.31
N PRO C 425 23.98 4.38 -2.56
CA PRO C 425 24.32 5.78 -2.86
C PRO C 425 23.39 6.76 -2.15
N LEU C 426 23.82 8.02 -2.12
CA LEU C 426 23.13 9.03 -1.34
C LEU C 426 21.69 9.22 -1.78
N ALA C 427 21.45 9.26 -3.09
CA ALA C 427 20.10 9.51 -3.59
C ALA C 427 19.14 8.40 -3.16
N GLU C 428 19.59 7.14 -3.26
CA GLU C 428 18.74 6.03 -2.86
C GLU C 428 18.40 6.11 -1.39
N LEU C 429 19.40 6.40 -0.55
CA LEU C 429 19.14 6.50 0.89
C LEU C 429 18.15 7.61 1.19
N CYS C 430 18.32 8.78 0.56
CA CYS C 430 17.41 9.88 0.81
C CYS C 430 15.99 9.52 0.39
N ASP C 431 15.84 8.90 -0.78
CA ASP C 431 14.50 8.54 -1.24
C ASP C 431 13.86 7.51 -0.32
N HIS C 432 14.64 6.50 0.10
CA HIS C 432 14.09 5.47 0.96
C HIS C 432 13.64 6.05 2.30
N ASN C 433 14.50 6.89 2.90
CA ASN C 433 14.14 7.50 4.17
C ASN C 433 12.93 8.41 4.03
N ALA C 434 12.85 9.17 2.93
CA ALA C 434 11.70 10.04 2.73
C ALA C 434 10.42 9.23 2.61
N LYS C 435 10.47 8.12 1.87
CA LYS C 435 9.29 7.27 1.74
C LYS C 435 8.88 6.70 3.10
N VAL C 436 9.86 6.25 3.88
CA VAL C 436 9.56 5.70 5.20
C VAL C 436 8.90 6.76 6.08
N ALA C 437 9.45 7.97 6.07
CA ALA C 437 8.88 9.04 6.89
C ALA C 437 7.47 9.38 6.44
N ARG C 438 7.23 9.42 5.13
CA ARG C 438 5.89 9.71 4.64
C ARG C 438 4.91 8.61 5.02
N GLU C 439 5.38 7.38 5.17
CA GLU C 439 4.49 6.30 5.56
C GLU C 439 3.87 6.55 6.93
N LEU C 440 4.65 7.06 7.87
CA LEU C 440 4.16 7.28 9.23
C LEU C 440 3.43 8.60 9.39
N GLY C 441 3.38 9.43 8.36
CA GLY C 441 2.66 10.69 8.41
C GLY C 441 3.47 11.89 8.81
N ARG C 442 4.78 11.74 9.02
CA ARG C 442 5.64 12.87 9.35
C ARG C 442 6.07 13.52 8.04
N ASN C 443 5.22 14.42 7.54
CA ASN C 443 5.44 14.98 6.21
C ASN C 443 6.69 15.86 6.18
N GLN C 444 6.90 16.66 7.21
CA GLN C 444 8.01 17.61 7.19
C GLN C 444 9.35 16.89 7.12
N VAL C 445 9.48 15.76 7.79
CA VAL C 445 10.71 14.98 7.73
C VAL C 445 10.96 14.50 6.30
N ALA C 446 9.90 14.01 5.64
CA ALA C 446 10.04 13.55 4.26
C ALA C 446 10.47 14.69 3.35
N GLN C 447 9.87 15.87 3.53
CA GLN C 447 10.27 17.01 2.73
C GLN C 447 11.72 17.37 2.98
N THR C 448 12.16 17.28 4.24
CA THR C 448 13.56 17.56 4.56
C THR C 448 14.49 16.59 3.85
N TRP C 449 14.14 15.30 3.85
CA TRP C 449 14.97 14.33 3.15
C TRP C 449 15.05 14.63 1.66
N THR C 450 13.91 14.95 1.06
CA THR C 450 13.91 15.25 -0.37
C THR C 450 14.75 16.48 -0.68
N MET C 451 14.63 17.51 0.15
CA MET C 451 15.43 18.71 -0.08
C MET C 451 16.90 18.43 0.10
N LEU C 452 17.26 17.56 1.04
CA LEU C 452 18.66 17.17 1.18
C LEU C 452 19.16 16.50 -0.10
N ARG C 453 18.35 15.59 -0.66
CA ARG C 453 18.77 14.93 -1.88
C ARG C 453 18.98 15.93 -3.00
N ILE C 454 18.08 16.91 -3.12
CA ILE C 454 18.22 17.91 -4.16
C ILE C 454 19.46 18.76 -3.92
N ILE C 455 19.73 19.14 -2.67
CA ILE C 455 20.84 20.02 -2.38
C ILE C 455 22.17 19.34 -2.70
N TYR C 456 22.34 18.10 -2.26
CA TYR C 456 23.65 17.50 -2.39
C TYR C 456 23.80 16.67 -3.66
N CYS C 457 22.88 15.75 -3.91
CA CYS C 457 22.97 14.88 -5.08
C CYS C 457 22.54 15.69 -6.31
N SER C 458 23.52 16.32 -6.95
CA SER C 458 23.27 17.12 -8.14
C SER C 458 22.79 16.25 -9.31
N SER C 626 28.07 29.33 -14.21
CA SER C 626 26.65 29.59 -14.11
C SER C 626 26.01 28.70 -13.05
N ARG C 627 26.70 28.53 -11.93
CA ARG C 627 26.23 27.72 -10.83
C ARG C 627 26.32 28.51 -9.53
N LEU C 628 25.62 28.02 -8.52
CA LEU C 628 25.70 28.61 -7.19
C LEU C 628 27.08 28.36 -6.59
N PRO C 629 27.47 29.16 -5.61
CA PRO C 629 28.76 28.92 -4.96
C PRO C 629 28.80 27.52 -4.35
N PRO C 630 29.98 26.91 -4.31
CA PRO C 630 30.06 25.48 -3.92
C PRO C 630 29.52 25.19 -2.53
N ASP C 631 29.62 26.13 -1.59
CA ASP C 631 29.18 25.87 -0.23
C ASP C 631 28.05 26.83 0.16
N PHE C 632 27.08 26.99 -0.74
CA PHE C 632 26.02 27.96 -0.50
C PHE C 632 25.10 27.54 0.63
N PHE C 633 24.95 26.24 0.87
CA PHE C 633 23.93 25.74 1.77
C PHE C 633 24.48 25.20 3.08
N GLY C 634 25.76 25.38 3.38
CA GLY C 634 26.32 24.81 4.59
C GLY C 634 25.67 25.36 5.84
N VAL C 635 25.50 26.68 5.92
CA VAL C 635 24.93 27.29 7.10
C VAL C 635 23.51 26.80 7.32
N LEU C 636 22.74 26.67 6.25
CA LEU C 636 21.37 26.20 6.38
C LEU C 636 21.32 24.78 6.92
N VAL C 637 22.20 23.91 6.43
CA VAL C 637 22.21 22.53 6.91
C VAL C 637 22.59 22.49 8.39
N ARG C 638 23.60 23.27 8.78
CA ARG C 638 23.99 23.29 10.19
C ARG C 638 22.85 23.78 11.06
N ASP C 639 22.16 24.84 10.63
CA ASP C 639 21.04 25.34 11.42
C ASP C 639 19.89 24.36 11.47
N MET C 640 19.65 23.61 10.38
CA MET C 640 18.61 22.59 10.42
C MET C 640 18.94 21.51 11.43
N LEU C 641 20.21 21.08 11.45
CA LEU C 641 20.60 20.08 12.44
C LEU C 641 20.39 20.60 13.86
N HIS C 642 20.83 21.83 14.12
CA HIS C 642 20.63 22.40 15.45
C HIS C 642 19.15 22.48 15.79
N PHE C 643 18.32 22.93 14.84
CA PHE C 643 16.90 23.06 15.08
C PHE C 643 16.27 21.73 15.43
N TYR C 644 16.64 20.67 14.72
CA TYR C 644 16.07 19.36 15.02
C TYR C 644 16.59 18.81 16.34
N ALA C 645 17.81 19.17 16.73
CA ALA C 645 18.35 18.68 17.99
C ALA C 645 17.88 19.51 19.19
N GLU C 646 17.41 20.74 18.97
CA GLU C 646 17.03 21.59 20.09
C GLU C 646 15.66 21.26 20.66
N GLN C 647 14.91 20.35 20.03
CA GLN C 647 13.58 20.00 20.50
C GLN C 647 13.49 18.53 20.88
N GLY C 648 14.61 17.91 21.22
CA GLY C 648 14.61 16.54 21.67
C GLY C 648 14.48 15.49 20.59
N ASP C 649 14.51 15.88 19.32
CA ASP C 649 14.44 14.92 18.22
C ASP C 649 15.85 14.58 17.75
N VAL C 650 16.57 13.89 18.62
CA VAL C 650 17.97 13.56 18.33
C VAL C 650 18.05 12.55 17.20
N GLN C 651 17.01 11.72 17.02
CA GLN C 651 17.05 10.67 16.03
C GLN C 651 17.27 11.22 14.63
N MET C 652 16.50 12.25 14.27
CA MET C 652 16.63 12.82 12.93
C MET C 652 18.00 13.42 12.72
N ALA C 653 18.51 14.15 13.72
CA ALA C 653 19.81 14.78 13.58
C ALA C 653 20.91 13.74 13.41
N VAL C 654 20.87 12.68 14.22
CA VAL C 654 21.91 11.65 14.12
C VAL C 654 21.82 10.92 12.79
N SER C 655 20.60 10.61 12.34
CA SER C 655 20.46 9.93 11.06
C SER C 655 21.01 10.79 9.92
N VAL C 656 20.69 12.08 9.92
CA VAL C 656 21.21 12.95 8.87
C VAL C 656 22.73 13.04 8.95
N LEU C 657 23.27 13.14 10.16
CA LEU C 657 24.72 13.23 10.31
C LEU C 657 25.40 11.98 9.77
N ILE C 658 24.85 10.80 10.06
CA ILE C 658 25.45 9.58 9.56
C ILE C 658 25.36 9.51 8.05
N VAL C 659 24.20 9.84 7.49
CA VAL C 659 24.01 9.70 6.05
C VAL C 659 24.90 10.65 5.28
N LEU C 660 24.94 11.93 5.69
CA LEU C 660 25.73 12.90 4.96
C LEU C 660 27.22 12.58 5.03
N GLY C 661 27.71 12.19 6.18
CA GLY C 661 29.11 11.83 6.31
C GLY C 661 29.99 13.06 6.35
N GLU C 662 31.07 13.03 5.55
CA GLU C 662 32.08 14.08 5.61
C GLU C 662 31.61 15.40 5.02
N ARG C 663 30.51 15.42 4.26
CA ARG C 663 30.08 16.65 3.63
C ARG C 663 29.67 17.72 4.62
N VAL C 664 29.35 17.35 5.86
CA VAL C 664 28.95 18.30 6.88
C VAL C 664 29.67 18.07 8.21
N ARG C 665 30.59 17.11 8.28
CA ARG C 665 31.15 16.71 9.57
C ARG C 665 31.97 17.84 10.19
N LYS C 666 32.67 18.62 9.38
CA LYS C 666 33.61 19.60 9.91
C LYS C 666 32.95 20.88 10.39
N ASP C 667 31.64 21.04 10.20
CA ASP C 667 30.96 22.25 10.62
C ASP C 667 30.38 22.15 12.04
N ILE C 668 30.47 20.98 12.68
CA ILE C 668 29.92 20.77 14.01
C ILE C 668 31.07 20.36 14.93
N ASP C 669 31.17 21.03 16.08
CA ASP C 669 32.22 20.70 17.03
C ASP C 669 31.99 19.31 17.61
N GLU C 670 33.09 18.69 18.05
CA GLU C 670 33.04 17.29 18.46
C GLU C 670 32.15 17.08 19.69
N GLN C 671 32.14 18.04 20.61
CA GLN C 671 31.38 17.87 21.84
C GLN C 671 29.90 17.71 21.56
N THR C 672 29.35 18.53 20.67
CA THR C 672 27.93 18.44 20.35
C THR C 672 27.62 17.10 19.68
N GLN C 673 28.49 16.65 18.78
CA GLN C 673 28.27 15.37 18.14
C GLN C 673 28.26 14.24 19.15
N GLU C 674 29.21 14.24 20.09
CA GLU C 674 29.25 13.21 21.10
C GLU C 674 28.00 13.26 21.97
N HIS C 675 27.55 14.47 22.32
CA HIS C 675 26.33 14.60 23.11
C HIS C 675 25.14 13.97 22.39
N TRP C 676 24.98 14.30 21.11
CA TRP C 676 23.86 13.74 20.36
C TRP C 676 23.96 12.22 20.24
N TYR C 677 25.16 11.72 19.93
CA TYR C 677 25.32 10.27 19.78
C TYR C 677 24.99 9.55 21.08
N THR C 678 25.51 10.05 22.20
CA THR C 678 25.26 9.40 23.48
C THR C 678 23.78 9.42 23.82
N SER C 679 23.10 10.55 23.58
CA SER C 679 21.68 10.61 23.88
C SER C 679 20.89 9.60 23.04
N TYR C 680 21.19 9.53 21.74
CA TYR C 680 20.47 8.60 20.88
C TYR C 680 20.72 7.16 21.30
N ILE C 681 21.97 6.83 21.64
CA ILE C 681 22.29 5.47 22.05
C ILE C 681 21.57 5.13 23.34
N ASP C 682 21.51 6.08 24.29
CA ASP C 682 20.82 5.82 25.54
C ASP C 682 19.34 5.55 25.29
N LEU C 683 18.70 6.33 24.42
CA LEU C 683 17.30 6.06 24.13
C LEU C 683 17.11 4.69 23.49
N LEU C 684 17.98 4.34 22.55
CA LEU C 684 17.86 3.04 21.90
C LEU C 684 18.01 1.91 22.91
N GLN C 685 18.97 2.03 23.81
CA GLN C 685 19.15 0.99 24.83
C GLN C 685 17.96 0.95 25.78
N ARG C 686 17.37 2.09 26.10
CA ARG C 686 16.17 2.09 26.93
C ARG C 686 15.07 1.28 26.26
N PHE C 687 14.85 1.50 24.96
CA PHE C 687 13.83 0.75 24.27
C PHE C 687 14.27 -0.67 23.91
N ARG C 688 15.50 -1.05 24.25
CA ARG C 688 16.00 -2.40 24.04
C ARG C 688 16.01 -2.76 22.55
N LEU C 689 16.73 -1.93 21.79
CA LEU C 689 16.96 -2.15 20.37
C LEU C 689 18.48 -2.25 20.17
N TRP C 690 19.03 -3.44 20.37
CA TRP C 690 20.48 -3.58 20.38
C TRP C 690 21.06 -3.49 18.98
N ASN C 691 20.37 -4.04 17.99
CA ASN C 691 20.90 -4.04 16.63
C ASN C 691 21.11 -2.62 16.12
N VAL C 692 20.12 -1.76 16.33
CA VAL C 692 20.22 -0.38 15.86
C VAL C 692 21.32 0.36 16.63
N SER C 693 21.43 0.10 17.93
CA SER C 693 22.47 0.75 18.72
C SER C 693 23.85 0.39 18.20
N ASN C 694 24.10 -0.90 17.99
CA ASN C 694 25.40 -1.32 17.49
C ASN C 694 25.63 -0.79 16.08
N GLU C 695 24.58 -0.73 15.26
CA GLU C 695 24.73 -0.18 13.92
C GLU C 695 25.17 1.28 13.98
N VAL C 696 24.57 2.06 14.88
CA VAL C 696 24.97 3.44 15.05
C VAL C 696 26.42 3.53 15.51
N VAL C 697 26.80 2.67 16.45
CA VAL C 697 28.16 2.72 16.98
C VAL C 697 29.17 2.42 15.88
N LYS C 698 28.89 1.42 15.05
CA LYS C 698 29.84 1.05 14.01
C LYS C 698 30.04 2.19 13.01
N LEU C 699 28.96 2.86 12.62
CA LEU C 699 29.02 3.89 11.59
C LEU C 699 29.26 5.28 12.15
N SER C 700 29.58 5.39 13.44
CA SER C 700 29.77 6.70 14.05
C SER C 700 30.95 7.43 13.42
N THR C 701 30.81 8.76 13.36
CA THR C 701 31.87 9.62 12.83
C THR C 701 32.74 10.21 13.93
N SER C 702 32.53 9.83 15.18
CA SER C 702 33.31 10.32 16.31
C SER C 702 34.21 9.22 16.84
N ARG C 703 35.44 9.60 17.16
CA ARG C 703 36.43 8.62 17.59
C ARG C 703 36.02 7.91 18.87
N ALA C 704 35.55 8.68 19.86
CA ALA C 704 35.18 8.09 21.15
C ALA C 704 34.01 7.12 20.98
N VAL C 705 33.00 7.53 20.22
CA VAL C 705 31.84 6.67 20.02
C VAL C 705 32.22 5.42 19.25
N SER C 706 33.10 5.56 18.26
CA SER C 706 33.57 4.38 17.51
C SER C 706 34.33 3.42 18.42
N CYS C 707 35.16 3.97 19.30
CA CYS C 707 35.95 3.13 20.21
C CYS C 707 35.14 2.60 21.39
N LEU C 708 33.90 3.08 21.57
CA LEU C 708 33.09 2.62 22.68
C LEU C 708 32.83 1.12 22.64
N ASN C 709 32.85 0.52 21.45
CA ASN C 709 32.44 -0.87 21.27
C ASN C 709 33.57 -1.88 21.47
N GLN C 710 34.81 -1.42 21.59
CA GLN C 710 35.97 -2.32 21.60
C GLN C 710 36.58 -2.49 22.98
N ALA C 711 35.83 -2.20 24.03
CA ALA C 711 36.36 -2.25 25.40
C ALA C 711 36.11 -3.64 25.97
N SER C 712 37.14 -4.47 25.98
CA SER C 712 37.14 -5.77 26.65
C SER C 712 36.03 -6.68 26.12
N THR C 713 36.11 -6.96 24.81
CA THR C 713 35.20 -7.89 24.16
C THR C 713 35.96 -9.00 23.46
N THR C 714 37.15 -9.34 23.96
CA THR C 714 37.98 -10.39 23.39
C THR C 714 38.13 -11.51 24.40
N LEU C 715 37.93 -12.74 23.95
CA LEU C 715 37.95 -13.90 24.83
C LEU C 715 39.23 -14.70 24.63
N HIS C 716 39.70 -15.33 25.70
CA HIS C 716 40.89 -16.17 25.67
C HIS C 716 40.47 -17.62 25.91
N VAL C 717 40.88 -18.51 25.01
CA VAL C 717 40.47 -19.89 25.02
C VAL C 717 41.70 -20.79 25.07
N ASN C 718 41.61 -21.89 25.80
CA ASN C 718 42.68 -22.86 25.90
C ASN C 718 42.14 -24.26 25.70
N CYS C 719 42.98 -25.13 25.15
CA CYS C 719 42.63 -26.54 25.01
C CYS C 719 42.59 -27.20 26.39
N SER C 720 41.53 -27.96 26.66
CA SER C 720 41.40 -28.60 27.96
C SER C 720 42.31 -29.81 28.11
N HIS C 721 42.91 -30.30 27.03
CA HIS C 721 43.77 -31.47 27.10
C HIS C 721 45.20 -31.08 27.50
N CYS C 722 45.81 -30.17 26.74
CA CYS C 722 47.16 -29.71 27.04
C CYS C 722 47.19 -28.51 27.97
N LYS C 723 46.03 -27.91 28.27
CA LYS C 723 45.91 -26.75 29.15
C LYS C 723 46.68 -25.53 28.64
N ARG C 724 47.05 -25.54 27.37
CA ARG C 724 47.81 -24.41 26.86
C ARG C 724 46.90 -23.48 26.06
N PRO C 725 47.17 -22.18 26.10
CA PRO C 725 46.39 -21.24 25.29
C PRO C 725 46.65 -21.46 23.81
N MET C 726 45.63 -21.13 23.01
CA MET C 726 45.70 -21.32 21.57
C MET C 726 45.93 -19.99 20.86
N SER C 727 46.28 -20.10 19.57
CA SER C 727 46.47 -18.91 18.76
C SER C 727 45.12 -18.30 18.39
N SER C 728 45.17 -17.13 17.76
CA SER C 728 43.96 -16.39 17.42
C SER C 728 43.46 -16.63 16.01
N ARG C 729 44.21 -17.38 15.19
CA ARG C 729 43.83 -17.58 13.80
C ARG C 729 43.87 -19.05 13.40
N GLY C 730 43.82 -19.97 14.36
CA GLY C 730 43.87 -21.38 14.04
C GLY C 730 42.87 -22.16 14.89
N TRP C 731 42.62 -23.39 14.46
CA TRP C 731 41.72 -24.29 15.17
C TRP C 731 42.41 -25.55 15.67
N VAL C 732 43.71 -25.70 15.46
CA VAL C 732 44.44 -26.89 15.86
C VAL C 732 45.35 -26.54 17.02
N CYS C 733 45.45 -27.44 18.00
CA CYS C 733 46.35 -27.23 19.12
C CYS C 733 47.80 -27.36 18.65
N ASP C 734 48.63 -26.42 19.11
CA ASP C 734 50.03 -26.43 18.69
C ASP C 734 50.78 -27.62 19.24
N ARG C 735 50.56 -27.95 20.51
CA ARG C 735 51.25 -29.07 21.13
C ARG C 735 50.48 -30.39 21.03
N CYS C 736 49.15 -30.34 21.15
CA CYS C 736 48.36 -31.57 21.12
C CYS C 736 48.15 -32.07 19.70
N HIS C 737 48.19 -31.18 18.71
CA HIS C 737 47.88 -31.53 17.32
C HIS C 737 46.50 -32.16 17.21
N ARG C 738 45.54 -31.64 17.96
CA ARG C 738 44.18 -32.14 17.98
C ARG C 738 43.20 -31.03 17.63
N CYS C 739 42.11 -31.41 16.97
CA CYS C 739 41.06 -30.46 16.66
C CYS C 739 40.27 -30.15 17.93
N ALA C 740 40.67 -29.11 18.65
CA ALA C 740 40.04 -28.80 19.92
C ALA C 740 38.65 -28.19 19.77
N SER C 741 38.24 -27.86 18.55
CA SER C 741 36.97 -27.17 18.30
C SER C 741 36.03 -28.05 17.49
N MET C 742 35.93 -29.32 17.85
CA MET C 742 35.04 -30.24 17.16
C MET C 742 33.67 -30.17 17.81
N CYS C 743 32.64 -29.90 17.01
CA CYS C 743 31.29 -29.77 17.53
C CYS C 743 30.85 -31.08 18.21
N ALA C 744 30.19 -30.94 19.34
CA ALA C 744 29.78 -32.12 20.09
C ALA C 744 28.66 -32.89 19.42
N VAL C 745 27.93 -32.26 18.50
CA VAL C 745 26.81 -32.92 17.85
C VAL C 745 27.18 -33.47 16.50
N CYS C 746 27.72 -32.63 15.61
CA CYS C 746 28.00 -33.03 14.25
C CYS C 746 29.40 -33.63 14.07
N HIS C 747 30.26 -33.51 15.08
CA HIS C 747 31.61 -34.05 15.04
C HIS C 747 32.40 -33.53 13.83
N HIS C 748 32.21 -32.25 13.52
CA HIS C 748 32.99 -31.56 12.51
C HIS C 748 33.76 -30.42 13.15
N VAL C 749 34.79 -29.96 12.45
CA VAL C 749 35.59 -28.84 12.94
C VAL C 749 34.77 -27.57 12.79
N VAL C 750 34.78 -26.72 13.83
CA VAL C 750 34.02 -25.49 13.84
C VAL C 750 34.96 -24.34 13.54
N LYS C 751 34.65 -23.59 12.48
CA LYS C 751 35.48 -22.45 12.10
C LYS C 751 34.94 -21.13 12.65
N GLY C 752 33.63 -20.95 12.62
CA GLY C 752 33.05 -19.66 12.95
C GLY C 752 32.49 -19.55 14.35
N LEU C 753 31.17 -19.48 14.47
CA LEU C 753 30.53 -19.25 15.75
C LEU C 753 30.56 -20.52 16.60
N PHE C 754 30.89 -20.35 17.87
CA PHE C 754 30.99 -21.45 18.82
C PHE C 754 30.27 -21.04 20.09
N VAL C 755 29.33 -21.86 20.54
CA VAL C 755 28.61 -21.64 21.78
C VAL C 755 29.14 -22.61 22.82
N TRP C 756 29.32 -22.12 24.05
CA TRP C 756 30.02 -22.85 25.09
C TRP C 756 29.25 -22.77 26.40
N CYS C 757 29.21 -23.86 27.14
CA CYS C 757 28.52 -23.92 28.42
C CYS C 757 29.52 -23.76 29.55
N GLN C 758 29.17 -22.94 30.54
CA GLN C 758 30.09 -22.69 31.65
C GLN C 758 30.12 -23.85 32.64
N GLY C 759 29.14 -24.73 32.60
CA GLY C 759 29.08 -25.81 33.57
C GLY C 759 29.94 -27.02 33.22
N CYS C 760 29.68 -27.63 32.07
CA CYS C 760 30.37 -28.86 31.68
C CYS C 760 31.48 -28.61 30.67
N SER C 761 31.75 -27.36 30.31
CA SER C 761 32.83 -27.01 29.39
C SER C 761 32.66 -27.70 28.04
N HIS C 762 31.42 -27.81 27.58
CA HIS C 762 31.11 -28.41 26.30
C HIS C 762 30.33 -27.42 25.44
N GLY C 763 30.34 -27.66 24.14
CA GLY C 763 29.63 -26.77 23.25
C GLY C 763 29.76 -27.21 21.81
N GLY C 764 29.54 -26.26 20.91
CA GLY C 764 29.61 -26.60 19.49
C GLY C 764 29.00 -25.50 18.63
N HIS C 765 28.48 -25.92 17.49
CA HIS C 765 27.82 -24.97 16.59
C HIS C 765 26.62 -24.36 17.28
N LEU C 766 26.36 -23.09 16.94
CA LEU C 766 25.27 -22.38 17.60
C LEU C 766 23.93 -23.04 17.30
N GLN C 767 23.63 -23.26 16.02
CA GLN C 767 22.33 -23.80 15.66
C GLN C 767 22.19 -25.27 16.07
N HIS C 768 23.26 -26.05 15.93
CA HIS C 768 23.22 -27.43 16.37
C HIS C 768 22.86 -27.53 17.84
N ILE C 769 23.58 -26.79 18.69
CA ILE C 769 23.33 -26.87 20.12
C ILE C 769 21.94 -26.35 20.46
N MET C 770 21.52 -25.26 19.81
CA MET C 770 20.18 -24.73 20.09
C MET C 770 19.12 -25.76 19.76
N LYS C 771 19.20 -26.38 18.59
CA LYS C 771 18.21 -27.36 18.20
C LYS C 771 18.23 -28.57 19.13
N TRP C 772 19.42 -29.03 19.50
CA TRP C 772 19.51 -30.18 20.39
C TRP C 772 18.88 -29.88 21.75
N LEU C 773 19.18 -28.71 22.32
CA LEU C 773 18.61 -28.36 23.62
C LEU C 773 17.13 -28.07 23.53
N GLU C 774 16.61 -27.78 22.34
CA GLU C 774 15.15 -27.66 22.21
C GLU C 774 14.45 -29.00 22.36
N GLY C 775 15.18 -30.11 22.23
CA GLY C 775 14.55 -31.41 22.26
C GLY C 775 14.84 -32.24 23.50
N SER C 776 15.91 -31.92 24.21
CA SER C 776 16.27 -32.66 25.40
C SER C 776 16.89 -31.70 26.41
N SER C 777 17.37 -32.26 27.52
CA SER C 777 17.98 -31.49 28.59
C SER C 777 19.23 -32.20 29.11
N HIS C 778 20.07 -32.65 28.19
CA HIS C 778 21.32 -33.32 28.57
C HIS C 778 22.45 -32.75 27.72
N CYS C 779 23.64 -32.72 28.30
CA CYS C 779 24.81 -32.28 27.55
C CYS C 779 25.05 -33.28 26.41
N PRO C 780 25.01 -32.83 25.15
CA PRO C 780 25.12 -33.79 24.04
C PRO C 780 26.42 -34.56 24.02
N ALA C 781 27.45 -34.08 24.71
CA ALA C 781 28.69 -34.83 24.84
C ALA C 781 28.54 -36.04 25.75
N GLY C 782 27.43 -36.15 26.46
CA GLY C 782 27.23 -37.29 27.33
C GLY C 782 27.99 -37.20 28.64
N CYS C 783 28.01 -36.03 29.27
CA CYS C 783 28.69 -35.86 30.54
C CYS C 783 27.76 -36.02 31.73
N GLY C 784 26.46 -35.86 31.54
CA GLY C 784 25.48 -35.98 32.58
C GLY C 784 24.98 -34.66 33.11
N HIS C 785 25.71 -33.58 32.86
CA HIS C 785 25.31 -32.26 33.33
C HIS C 785 24.02 -31.83 32.62
N LEU C 786 23.07 -31.34 33.40
CA LEU C 786 21.87 -30.70 32.83
C LEU C 786 22.19 -29.23 32.70
N CYS C 787 22.71 -28.85 31.53
CA CYS C 787 23.30 -27.53 31.35
C CYS C 787 22.28 -26.40 31.40
N GLU C 788 20.99 -26.72 31.34
CA GLU C 788 19.92 -25.73 31.31
C GLU C 788 18.83 -26.14 32.29
N TYR C 789 19.21 -26.34 33.56
CA TYR C 789 18.48 -27.11 34.55
C TYR C 789 16.97 -27.07 34.36
N SER C 790 16.35 -28.24 34.30
CA SER C 790 14.96 -28.39 33.91
C SER C 790 14.75 -27.80 32.51
N ALA D 525 26.24 85.89 -33.42
CA ALA D 525 27.36 85.26 -34.10
C ALA D 525 27.69 83.91 -33.46
N TYR D 526 27.66 82.85 -34.27
CA TYR D 526 27.91 81.52 -33.76
C TYR D 526 29.38 81.34 -33.40
N GLY D 527 29.64 80.83 -32.20
CA GLY D 527 31.00 80.62 -31.76
C GLY D 527 31.77 81.88 -31.47
N SER D 528 31.09 82.98 -31.19
CA SER D 528 31.75 84.25 -30.91
C SER D 528 32.14 84.32 -29.44
N TYR D 529 32.62 85.49 -29.01
CA TYR D 529 33.01 85.69 -27.62
C TYR D 529 31.82 85.70 -26.67
N GLN D 530 30.60 85.86 -27.19
CA GLN D 530 29.42 85.86 -26.34
C GLN D 530 29.04 84.47 -25.84
N ASP D 531 29.67 83.41 -26.36
CA ASP D 531 29.30 82.04 -26.04
C ASP D 531 30.34 81.38 -25.14
N ALA D 532 30.87 82.14 -24.18
CA ALA D 532 31.83 81.56 -23.24
C ALA D 532 31.18 80.55 -22.31
N ASN D 533 29.88 80.71 -22.03
CA ASN D 533 29.20 79.81 -21.12
C ASN D 533 28.72 78.53 -21.79
N ILE D 534 28.71 78.48 -23.11
CA ILE D 534 28.22 77.31 -23.83
C ILE D 534 29.34 76.29 -23.95
N PRO D 535 29.14 75.06 -23.47
CA PRO D 535 30.21 74.06 -23.52
C PRO D 535 30.49 73.63 -24.96
N PHE D 536 31.67 73.06 -25.14
CA PHE D 536 32.07 72.58 -26.45
C PHE D 536 31.13 71.44 -26.88
N PRO D 537 30.70 71.43 -28.14
CA PRO D 537 29.72 70.42 -28.58
C PRO D 537 30.29 69.02 -28.52
N ARG D 538 29.41 68.06 -28.27
CA ARG D 538 29.79 66.66 -28.30
C ARG D 538 30.02 66.20 -29.74
N THR D 539 30.85 65.17 -29.90
CA THR D 539 31.05 64.53 -31.19
C THR D 539 30.97 63.02 -31.11
N SER D 540 30.78 62.44 -29.93
CA SER D 540 30.67 61.01 -29.78
C SER D 540 29.67 60.72 -28.66
N GLY D 541 29.06 59.55 -28.72
CA GLY D 541 28.08 59.19 -27.73
C GLY D 541 27.80 57.71 -27.72
N ALA D 542 27.36 57.22 -26.57
CA ALA D 542 26.94 55.83 -26.41
C ALA D 542 25.81 55.81 -25.39
N ARG D 543 24.76 55.05 -25.69
CA ARG D 543 23.56 55.09 -24.87
C ARG D 543 22.84 53.76 -24.93
N PHE D 544 22.38 53.31 -23.77
CA PHE D 544 21.52 52.13 -23.72
C PHE D 544 20.11 52.50 -24.16
N CYS D 545 19.48 51.60 -24.90
CA CYS D 545 18.15 51.86 -25.44
C CYS D 545 17.45 50.53 -25.64
N GLY D 546 16.12 50.59 -25.70
CA GLY D 546 15.41 49.34 -25.78
C GLY D 546 15.64 48.54 -24.52
N ALA D 547 15.62 47.22 -24.67
CA ALA D 547 15.90 46.34 -23.55
C ALA D 547 17.25 45.65 -23.65
N GLY D 548 17.80 45.46 -24.85
CA GLY D 548 19.07 44.79 -24.99
C GLY D 548 19.94 45.38 -26.08
N TYR D 549 19.81 46.68 -26.32
CA TYR D 549 20.51 47.32 -27.44
C TYR D 549 21.37 48.47 -26.92
N LEU D 550 22.53 48.63 -27.52
CA LEU D 550 23.42 49.75 -27.26
C LEU D 550 23.61 50.51 -28.56
N VAL D 551 23.32 51.82 -28.53
CA VAL D 551 23.42 52.66 -29.71
C VAL D 551 24.56 53.64 -29.50
N TYR D 552 25.50 53.67 -30.44
CA TYR D 552 26.62 54.58 -30.27
C TYR D 552 27.10 55.12 -31.61
N PHE D 553 27.86 56.20 -31.51
CA PHE D 553 28.43 56.88 -32.66
C PHE D 553 29.72 57.57 -32.23
N THR D 554 30.65 57.68 -33.16
CA THR D 554 31.96 58.24 -32.87
C THR D 554 32.38 59.18 -34.01
N ARG D 555 33.38 59.99 -33.71
CA ARG D 555 33.92 60.92 -34.69
C ARG D 555 34.51 60.14 -35.85
N PRO D 556 34.27 60.53 -37.10
CA PRO D 556 34.83 59.79 -38.24
C PRO D 556 36.35 59.69 -38.19
N MET D 557 37.02 60.76 -37.76
CA MET D 557 38.48 60.78 -37.65
C MET D 557 39.17 60.44 -38.97
N ALA D 643 32.27 64.84 -42.90
CA ALA D 643 31.19 64.36 -43.75
C ALA D 643 30.28 63.39 -42.99
N ALA D 644 30.24 63.58 -41.66
CA ALA D 644 29.41 62.78 -40.76
C ALA D 644 29.85 61.33 -40.69
N GLY D 645 29.55 60.66 -39.59
CA GLY D 645 29.89 59.27 -39.38
C GLY D 645 28.72 58.34 -39.60
N LYS D 646 28.77 57.19 -38.93
CA LYS D 646 27.72 56.19 -38.98
C LYS D 646 27.12 56.03 -37.60
N VAL D 647 26.09 55.18 -37.50
CA VAL D 647 25.49 54.84 -36.22
C VAL D 647 25.53 53.33 -36.07
N ILE D 648 25.92 52.85 -34.90
CA ILE D 648 26.08 51.42 -34.67
C ILE D 648 25.11 51.00 -33.58
N ILE D 649 24.33 49.96 -33.86
CA ILE D 649 23.42 49.35 -32.90
C ILE D 649 23.91 47.94 -32.65
N GLN D 650 24.17 47.62 -31.38
CA GLN D 650 24.74 46.34 -31.02
C GLN D 650 23.87 45.66 -29.98
N ASP D 651 23.68 44.34 -30.13
CA ASP D 651 22.91 43.56 -29.20
C ASP D 651 23.81 43.08 -28.07
N ILE D 652 23.37 43.31 -26.83
CA ILE D 652 24.20 43.03 -25.66
C ILE D 652 23.44 42.14 -24.69
N ALA D 653 22.55 41.29 -25.20
CA ALA D 653 21.76 40.43 -24.34
C ALA D 653 22.61 39.46 -23.53
N CYS D 654 23.87 39.26 -23.93
CA CYS D 654 24.77 38.37 -23.21
C CYS D 654 25.39 39.03 -21.98
N LEU D 655 24.98 40.26 -21.64
CA LEU D 655 25.51 40.95 -20.48
C LEU D 655 24.49 41.12 -19.37
N LEU D 656 23.22 41.30 -19.70
CA LEU D 656 22.22 41.54 -18.67
C LEU D 656 21.90 40.26 -17.92
N PRO D 657 21.50 40.36 -16.65
CA PRO D 657 21.12 39.19 -15.87
C PRO D 657 19.74 38.64 -16.18
N VAL D 658 19.09 39.10 -17.25
CA VAL D 658 17.77 38.61 -17.62
C VAL D 658 17.81 38.12 -19.06
N HIS D 659 16.90 37.20 -19.38
CA HIS D 659 16.85 36.60 -20.71
C HIS D 659 15.46 36.76 -21.29
N LYS D 660 15.40 37.10 -22.58
CA LYS D 660 14.11 37.25 -23.24
C LYS D 660 13.44 35.91 -23.47
N SER D 661 14.22 34.89 -23.83
CA SER D 661 13.66 33.58 -24.09
C SER D 661 12.99 33.01 -22.84
N LEU D 662 13.63 33.16 -21.67
CA LEU D 662 13.01 32.71 -20.44
C LEU D 662 11.71 33.46 -20.17
N GLY D 663 11.70 34.77 -20.45
CA GLY D 663 10.47 35.52 -20.31
C GLY D 663 9.37 34.99 -21.21
N GLU D 664 9.74 34.53 -22.40
CA GLU D 664 8.75 33.95 -23.30
C GLU D 664 8.30 32.57 -22.86
N LEU D 665 9.14 31.83 -22.14
CA LEU D 665 8.84 30.45 -21.80
C LEU D 665 8.20 30.28 -20.42
N TYR D 666 8.39 31.22 -19.50
CA TYR D 666 7.84 31.07 -18.17
C TYR D 666 6.31 31.13 -18.19
N ILE D 667 5.70 30.40 -17.26
CA ILE D 667 4.25 30.42 -17.07
C ILE D 667 3.96 30.56 -15.59
N LEU D 668 2.74 31.00 -15.29
CA LEU D 668 2.31 31.19 -13.90
C LEU D 668 0.82 30.84 -13.81
N ASN D 669 0.53 29.61 -13.40
CA ASN D 669 -0.84 29.16 -13.19
C ASN D 669 -1.11 29.18 -11.69
N VAL D 670 -2.16 29.91 -11.28
CA VAL D 670 -2.50 29.98 -9.87
C VAL D 670 -3.04 28.64 -9.38
N ASN D 671 -3.82 27.95 -10.22
CA ASN D 671 -4.49 26.74 -9.78
C ASN D 671 -3.50 25.64 -9.43
N ASP D 672 -2.47 25.45 -10.25
CA ASP D 672 -1.46 24.42 -10.04
C ASP D 672 -0.11 25.08 -9.85
N ILE D 673 0.59 24.69 -8.80
CA ILE D 673 1.92 25.18 -8.52
C ILE D 673 2.99 24.19 -8.95
N GLN D 674 2.77 22.90 -8.70
CA GLN D 674 3.77 21.90 -9.05
C GLN D 674 4.00 21.85 -10.55
N GLU D 675 2.93 21.91 -11.34
CA GLU D 675 3.10 21.89 -12.79
C GLU D 675 3.90 23.09 -13.26
N THR D 676 3.59 24.28 -12.72
CA THR D 676 4.34 25.47 -13.11
C THR D 676 5.81 25.34 -12.74
N CYS D 677 6.09 24.84 -11.54
CA CYS D 677 7.49 24.70 -11.13
C CYS D 677 8.23 23.72 -12.02
N GLN D 678 7.60 22.57 -12.33
CA GLN D 678 8.25 21.58 -13.17
C GLN D 678 8.51 22.14 -14.57
N LYS D 679 7.52 22.82 -15.15
CA LYS D 679 7.72 23.35 -16.49
C LYS D 679 8.77 24.44 -16.51
N ASN D 680 8.79 25.30 -15.48
CA ASN D 680 9.82 26.33 -15.40
C ASN D 680 11.20 25.70 -15.28
N ALA D 681 11.32 24.64 -14.48
CA ALA D 681 12.60 23.96 -14.36
C ALA D 681 13.03 23.37 -15.70
N ALA D 682 12.09 22.76 -16.43
CA ALA D 682 12.42 22.20 -17.74
C ALA D 682 12.89 23.27 -18.70
N SER D 683 12.18 24.41 -18.73
CA SER D 683 12.57 25.49 -19.63
C SER D 683 13.93 26.06 -19.25
N ALA D 684 14.19 26.21 -17.94
CA ALA D 684 15.49 26.71 -17.51
C ALA D 684 16.60 25.76 -17.91
N LEU D 685 16.36 24.45 -17.80
CA LEU D 685 17.32 23.47 -18.28
C LEU D 685 17.55 23.64 -19.78
N LEU D 686 16.47 23.87 -20.53
CA LEU D 686 16.59 24.04 -21.97
C LEU D 686 17.46 25.24 -22.31
N VAL D 687 17.29 26.36 -21.59
CA VAL D 687 18.05 27.56 -21.91
C VAL D 687 19.52 27.35 -21.61
N GLY D 688 19.85 26.82 -20.44
CA GLY D 688 21.23 26.58 -20.10
C GLY D 688 21.65 27.04 -18.71
N ARG D 689 20.70 27.48 -17.91
CA ARG D 689 20.97 27.87 -16.53
C ARG D 689 20.76 26.69 -15.62
N LYS D 690 21.78 26.35 -14.83
CA LYS D 690 21.71 25.22 -13.92
C LYS D 690 21.25 25.61 -12.52
N ASP D 691 21.77 26.72 -12.00
CA ASP D 691 21.30 27.22 -10.71
C ASP D 691 19.80 27.44 -10.74
N LEU D 692 19.27 27.90 -11.87
CA LEU D 692 17.82 28.06 -11.99
C LEU D 692 17.13 26.71 -11.88
N VAL D 693 17.70 25.66 -12.46
CA VAL D 693 17.11 24.33 -12.35
C VAL D 693 17.06 23.90 -10.90
N GLN D 694 18.17 24.09 -10.18
CA GLN D 694 18.21 23.69 -8.78
C GLN D 694 17.19 24.48 -7.96
N VAL D 695 17.11 25.79 -8.18
CA VAL D 695 16.20 26.63 -7.43
C VAL D 695 14.76 26.23 -7.71
N TRP D 696 14.43 25.97 -8.97
CA TRP D 696 13.06 25.61 -9.30
C TRP D 696 12.69 24.24 -8.71
N SER D 697 13.63 23.30 -8.70
CA SER D 697 13.34 22.02 -8.05
C SER D 697 13.10 22.21 -6.56
N LEU D 698 13.93 23.03 -5.90
CA LEU D 698 13.72 23.29 -4.49
C LEU D 698 12.36 23.93 -4.24
N ALA D 699 11.98 24.88 -5.08
CA ALA D 699 10.65 25.49 -4.95
C ALA D 699 9.55 24.47 -5.18
N THR D 700 9.78 23.51 -6.09
CA THR D 700 8.81 22.44 -6.30
C THR D 700 8.59 21.67 -5.01
N VAL D 701 9.67 21.29 -4.33
CA VAL D 701 9.51 20.52 -3.10
C VAL D 701 8.94 21.39 -1.98
N ALA D 702 9.43 22.61 -1.84
CA ALA D 702 9.12 23.42 -0.67
C ALA D 702 7.72 23.99 -0.67
N THR D 703 6.97 23.86 -1.75
CA THR D 703 5.63 24.44 -1.84
C THR D 703 4.57 23.39 -2.08
N ASP D 704 4.78 22.18 -1.57
CA ASP D 704 3.77 21.15 -1.70
C ASP D 704 2.57 21.44 -0.80
N LEU D 705 1.44 20.83 -1.13
CA LEU D 705 0.21 21.09 -0.41
C LEU D 705 0.19 20.46 0.97
N CYS D 706 0.96 19.38 1.17
CA CYS D 706 0.90 18.68 2.45
C CYS D 706 1.51 19.46 3.61
N LEU D 707 2.17 20.58 3.34
CA LEU D 707 2.79 21.39 4.38
C LEU D 707 1.92 22.59 4.76
N GLY D 708 0.61 22.50 4.55
CA GLY D 708 -0.29 23.57 4.88
C GLY D 708 -0.31 23.88 6.37
N PRO D 709 -0.28 25.16 6.71
CA PRO D 709 -0.33 25.55 8.12
C PRO D 709 -1.67 25.23 8.75
N LYS D 710 -1.65 25.09 10.08
CA LYS D 710 -2.85 24.84 10.86
C LYS D 710 -3.31 26.11 11.55
N SER D 711 -4.61 26.17 11.84
CA SER D 711 -5.16 27.33 12.53
C SER D 711 -4.67 27.40 13.97
N ASP D 712 -4.72 26.29 14.69
CA ASP D 712 -4.30 26.26 16.07
C ASP D 712 -2.78 26.26 16.15
N PRO D 713 -2.16 27.25 16.77
CA PRO D 713 -0.69 27.27 16.85
C PRO D 713 -0.11 26.13 17.66
N ASP D 714 -0.89 25.47 18.50
CA ASP D 714 -0.37 24.48 19.42
C ASP D 714 -0.34 23.07 18.84
N LEU D 715 -0.72 22.90 17.58
CA LEU D 715 -0.74 21.56 17.01
C LEU D 715 0.61 21.14 16.46
N GLU D 716 1.27 22.00 15.69
CA GLU D 716 2.56 21.67 15.12
C GLU D 716 3.30 22.96 14.77
N THR D 717 4.61 22.83 14.64
CA THR D 717 5.42 23.97 14.24
C THR D 717 5.18 24.29 12.77
N PRO D 718 4.82 25.52 12.43
CA PRO D 718 4.56 25.84 11.03
C PRO D 718 5.81 25.67 10.19
N TRP D 719 5.62 25.23 8.94
CA TRP D 719 6.74 24.99 8.05
C TRP D 719 7.54 26.26 7.78
N ALA D 720 6.91 27.43 7.93
CA ALA D 720 7.64 28.68 7.77
C ALA D 720 8.74 28.82 8.81
N ARG D 721 8.56 28.21 9.99
CA ARG D 721 9.59 28.27 11.02
C ARG D 721 10.77 27.35 10.72
N HIS D 722 10.54 26.30 9.95
CA HIS D 722 11.59 25.35 9.65
C HIS D 722 12.72 26.07 8.90
N PRO D 723 13.98 25.75 9.22
CA PRO D 723 15.09 26.45 8.55
C PRO D 723 15.11 26.29 7.05
N PHE D 724 14.51 25.23 6.52
CA PHE D 724 14.39 25.06 5.08
C PHE D 724 13.23 25.81 4.49
N GLY D 725 12.66 26.76 5.22
CA GLY D 725 11.58 27.57 4.72
C GLY D 725 11.95 29.03 4.55
N ARG D 726 11.53 29.84 5.52
CA ARG D 726 11.71 31.28 5.41
C ARG D 726 13.18 31.66 5.29
N GLN D 727 14.04 31.01 6.07
CA GLN D 727 15.46 31.37 6.04
C GLN D 727 16.07 31.05 4.67
N LEU D 728 15.74 29.90 4.11
CA LEU D 728 16.23 29.56 2.78
C LEU D 728 15.74 30.56 1.74
N LEU D 729 14.46 30.93 1.82
CA LEU D 729 13.93 31.91 0.88
C LEU D 729 14.66 33.25 1.01
N GLU D 730 14.92 33.67 2.24
CA GLU D 730 15.63 34.93 2.45
C GLU D 730 17.03 34.86 1.88
N SER D 731 17.73 33.73 2.06
CA SER D 731 19.07 33.59 1.51
C SER D 731 19.06 33.69 0.00
N LEU D 732 18.11 33.00 -0.66
CA LEU D 732 18.04 33.07 -2.11
C LEU D 732 17.74 34.48 -2.58
N LEU D 733 16.81 35.16 -1.90
CA LEU D 733 16.47 36.53 -2.28
C LEU D 733 17.68 37.44 -2.13
N ALA D 734 18.45 37.28 -1.05
CA ALA D 734 19.64 38.11 -0.87
C ALA D 734 20.65 37.86 -1.98
N HIS D 735 20.87 36.60 -2.33
CA HIS D 735 21.84 36.29 -3.38
C HIS D 735 21.43 36.92 -4.71
N TYR D 736 20.16 36.77 -5.07
CA TYR D 736 19.74 37.31 -6.37
C TYR D 736 19.62 38.83 -6.35
N CYS D 737 19.37 39.43 -5.18
CA CYS D 737 19.44 40.88 -5.08
C CYS D 737 20.86 41.36 -5.31
N ARG D 738 21.85 40.63 -4.79
CA ARG D 738 23.23 40.97 -5.11
C ARG D 738 23.50 40.82 -6.60
N LEU D 739 22.94 39.78 -7.22
CA LEU D 739 23.12 39.59 -8.65
C LEU D 739 22.28 40.53 -9.50
N ARG D 740 21.24 41.15 -8.92
CA ARG D 740 20.33 42.04 -9.64
C ARG D 740 19.58 41.31 -10.75
N ASP D 741 19.04 40.15 -10.43
CA ASP D 741 18.21 39.37 -11.36
C ASP D 741 16.75 39.61 -10.98
N VAL D 742 16.16 40.63 -11.60
CA VAL D 742 14.77 40.97 -11.27
C VAL D 742 13.82 39.86 -11.66
N GLN D 743 14.11 39.17 -12.77
CA GLN D 743 13.21 38.13 -13.26
C GLN D 743 12.99 37.03 -12.24
N THR D 744 14.09 36.47 -11.72
CA THR D 744 13.98 35.39 -10.74
C THR D 744 13.31 35.88 -9.46
N LEU D 745 13.63 37.10 -9.03
CA LEU D 745 13.02 37.65 -7.83
C LEU D 745 11.51 37.74 -7.99
N ALA D 746 11.05 38.27 -9.12
CA ALA D 746 9.62 38.38 -9.34
C ALA D 746 8.96 37.02 -9.38
N MET D 747 9.59 36.06 -10.07
CA MET D 747 8.99 34.73 -10.17
C MET D 747 8.86 34.08 -8.80
N LEU D 748 9.91 34.15 -7.99
CA LEU D 748 9.86 33.53 -6.67
C LEU D 748 8.85 34.22 -5.77
N CYS D 749 8.88 35.55 -5.73
CA CYS D 749 7.95 36.28 -4.89
C CYS D 749 6.51 36.11 -5.34
N SER D 750 6.29 35.71 -6.59
CA SER D 750 4.94 35.39 -7.02
C SER D 750 4.56 33.98 -6.60
N VAL D 751 5.44 33.00 -6.87
CA VAL D 751 5.10 31.61 -6.62
C VAL D 751 4.86 31.36 -5.14
N PHE D 752 5.78 31.84 -4.29
CA PHE D 752 5.64 31.56 -2.87
C PHE D 752 4.46 32.30 -2.27
N GLU D 753 4.19 33.52 -2.73
CA GLU D 753 3.05 34.26 -2.23
C GLU D 753 1.73 33.60 -2.62
N ALA D 754 1.68 33.02 -3.82
CA ALA D 754 0.43 32.44 -4.31
C ALA D 754 -0.09 31.34 -3.39
N GLN D 755 0.80 30.67 -2.66
CA GLN D 755 0.36 29.62 -1.74
C GLN D 755 -0.52 30.17 -0.63
N SER D 756 -0.34 31.45 -0.28
CA SER D 756 -1.17 32.05 0.77
C SER D 756 -2.63 32.06 0.36
N ARG D 757 -2.91 32.39 -0.90
CA ARG D 757 -4.27 32.45 -1.43
C ARG D 757 -5.17 33.38 -0.60
N ASP D 835 -7.08 40.63 24.86
CA ASP D 835 -6.91 39.28 25.37
C ASP D 835 -5.65 38.64 24.79
N PRO D 836 -4.90 37.92 25.63
CA PRO D 836 -3.68 37.26 25.14
C PRO D 836 -3.96 36.23 24.07
N ARG D 837 -5.14 35.61 24.08
CA ARG D 837 -5.47 34.61 23.07
C ARG D 837 -5.47 35.23 21.68
N GLU D 838 -6.11 36.39 21.54
CA GLU D 838 -6.16 37.06 20.24
C GLU D 838 -4.77 37.48 19.78
N ARG D 839 -3.96 38.00 20.70
CA ARG D 839 -2.60 38.40 20.34
C ARG D 839 -1.78 37.19 19.87
N GLU D 840 -1.90 36.07 20.59
CA GLU D 840 -1.16 34.88 20.20
C GLU D 840 -1.62 34.37 18.84
N ARG D 841 -2.93 34.38 18.58
CA ARG D 841 -3.42 33.92 17.29
C ARG D 841 -2.95 34.84 16.17
N ASP D 842 -2.94 36.15 16.41
CA ASP D 842 -2.44 37.07 15.39
C ASP D 842 -0.96 36.84 15.12
N GLN D 843 -0.18 36.62 16.17
CA GLN D 843 1.23 36.31 15.97
C GLN D 843 1.42 35.03 15.19
N HIS D 844 0.61 34.01 15.49
CA HIS D 844 0.70 32.75 14.76
C HIS D 844 0.37 32.95 13.29
N ASP D 845 -0.66 33.75 13.00
CA ASP D 845 -1.00 34.03 11.62
C ASP D 845 0.13 34.78 10.92
N LYS D 846 0.78 35.69 11.63
CA LYS D 846 1.89 36.43 11.05
C LYS D 846 3.14 35.57 10.88
N ASN D 847 3.23 34.46 11.60
CA ASN D 847 4.44 33.63 11.55
C ASN D 847 4.36 32.51 10.54
N LYS D 848 3.18 32.16 10.05
CA LYS D 848 3.01 31.00 9.20
C LYS D 848 3.11 31.32 7.71
N ARG D 849 3.74 32.43 7.36
CA ARG D 849 3.89 32.82 5.96
C ARG D 849 5.36 32.84 5.58
N LEU D 850 5.70 32.19 4.46
CA LEU D 850 7.08 32.12 4.02
C LEU D 850 7.63 33.48 3.62
N LEU D 851 6.77 34.46 3.35
CA LEU D 851 7.19 35.81 3.00
C LEU D 851 6.90 36.72 4.18
N ASP D 852 7.93 37.43 4.63
CA ASP D 852 7.79 38.32 5.77
C ASP D 852 6.81 39.44 5.43
N PRO D 853 5.73 39.61 6.19
CA PRO D 853 4.79 40.70 5.88
C PRO D 853 5.40 42.08 5.97
N ALA D 854 6.54 42.23 6.65
CA ALA D 854 7.16 43.54 6.78
C ALA D 854 7.74 44.04 5.47
N ASN D 855 7.91 43.18 4.47
CA ASN D 855 8.56 43.56 3.22
C ASN D 855 7.65 43.33 2.03
N THR D 856 6.36 43.64 2.16
CA THR D 856 5.47 43.53 1.03
C THR D 856 5.81 44.56 -0.04
N GLN D 857 6.23 45.76 0.38
CA GLN D 857 6.53 46.82 -0.58
C GLN D 857 7.66 46.43 -1.51
N GLN D 858 8.71 45.80 -0.98
CA GLN D 858 9.83 45.42 -1.82
C GLN D 858 9.42 44.39 -2.86
N PHE D 859 8.60 43.42 -2.46
CA PHE D 859 8.14 42.41 -3.40
C PHE D 859 7.27 43.03 -4.48
N ASP D 860 6.38 43.94 -4.09
CA ASP D 860 5.55 44.61 -5.08
C ASP D 860 6.39 45.44 -6.05
N ASP D 861 7.44 46.08 -5.55
CA ASP D 861 8.33 46.83 -6.44
C ASP D 861 9.03 45.90 -7.42
N PHE D 862 9.49 44.74 -6.93
CA PHE D 862 10.07 43.74 -7.83
C PHE D 862 9.10 43.39 -8.94
N LYS D 863 7.87 43.10 -8.57
CA LYS D 863 6.88 42.69 -9.56
C LYS D 863 6.61 43.80 -10.57
N LYS D 864 6.48 45.04 -10.08
CA LYS D 864 6.22 46.16 -11.00
C LYS D 864 7.37 46.37 -11.96
N CYS D 865 8.61 46.30 -11.48
CA CYS D 865 9.75 46.49 -12.37
C CYS D 865 9.81 45.39 -13.42
N TYR D 866 9.58 44.15 -13.01
CA TYR D 866 9.61 43.07 -14.00
C TYR D 866 8.47 43.23 -15.01
N GLY D 867 7.31 43.69 -14.55
CA GLY D 867 6.22 43.92 -15.47
C GLY D 867 6.55 45.00 -16.49
N GLU D 868 7.20 46.07 -16.05
CA GLU D 868 7.59 47.11 -16.98
C GLU D 868 8.60 46.59 -17.99
N ILE D 869 9.56 45.78 -17.53
CA ILE D 869 10.52 45.18 -18.45
C ILE D 869 9.81 44.32 -19.48
N LEU D 870 8.87 43.49 -19.03
CA LEU D 870 8.13 42.66 -19.96
C LEU D 870 7.38 43.50 -20.99
N TYR D 871 6.75 44.58 -20.54
CA TYR D 871 6.03 45.45 -21.46
C TYR D 871 6.99 46.06 -22.48
N ARG D 872 8.17 46.47 -22.04
CA ARG D 872 9.16 46.99 -22.98
C ARG D 872 9.58 45.92 -23.98
N TRP D 873 9.61 44.65 -23.56
CA TRP D 873 9.98 43.59 -24.48
C TRP D 873 8.92 43.34 -25.55
N GLY D 874 7.71 43.83 -25.35
CA GLY D 874 6.63 43.63 -26.30
C GLY D 874 5.66 42.52 -25.92
N LEU D 875 5.96 41.76 -24.88
CA LEU D 875 5.05 40.72 -24.40
C LEU D 875 4.07 41.34 -23.41
N ARG D 876 2.79 41.28 -23.73
CA ARG D 876 1.78 41.92 -22.90
C ARG D 876 1.08 40.96 -21.95
N GLU D 877 0.74 39.76 -22.42
CA GLU D 877 0.01 38.83 -21.57
C GLU D 877 0.81 38.47 -20.33
N LYS D 878 2.12 38.23 -20.49
CA LYS D 878 2.95 37.92 -19.34
C LYS D 878 2.94 39.05 -18.32
N ARG D 879 2.86 40.30 -18.79
CA ARG D 879 2.79 41.43 -17.88
C ARG D 879 1.55 41.35 -17.02
N ALA D 880 0.40 41.07 -17.63
CA ALA D 880 -0.83 40.94 -16.86
C ALA D 880 -0.74 39.77 -15.88
N GLU D 881 -0.21 38.63 -16.35
CA GLU D 881 -0.10 37.48 -15.47
C GLU D 881 0.74 37.79 -14.24
N VAL D 882 1.88 38.47 -14.44
CA VAL D 882 2.72 38.84 -13.30
C VAL D 882 1.99 39.82 -12.40
N LEU D 883 1.35 40.83 -12.98
CA LEU D 883 0.71 41.86 -12.16
C LEU D 883 -0.50 41.33 -11.41
N LYS D 884 -1.03 40.17 -11.79
CA LYS D 884 -2.16 39.63 -11.03
C LYS D 884 -1.77 39.20 -9.63
N PHE D 885 -0.47 39.14 -9.30
CA PHE D 885 -0.02 38.72 -7.99
C PHE D 885 0.33 39.88 -7.08
N VAL D 886 0.04 41.11 -7.48
CA VAL D 886 0.35 42.27 -6.65
C VAL D 886 -0.68 42.38 -5.54
N SER D 887 -0.19 42.53 -4.31
CA SER D 887 -1.10 42.67 -3.17
C SER D 887 -1.90 43.95 -3.25
N CYS D 888 -1.26 45.06 -3.60
CA CYS D 888 -1.94 46.35 -3.63
C CYS D 888 -2.75 46.50 -4.91
N PRO D 889 -4.06 46.69 -4.82
CA PRO D 889 -4.87 46.88 -6.02
C PRO D 889 -4.71 48.30 -6.55
N PRO D 890 -5.01 48.53 -7.83
CA PRO D 890 -4.94 49.90 -8.36
C PRO D 890 -6.26 50.65 -8.18
N ASP D 891 -6.32 51.89 -8.69
CA ASP D 891 -7.52 52.68 -8.54
C ASP D 891 -8.35 52.68 -9.82
N PRO D 892 -9.68 52.79 -9.68
CA PRO D 892 -10.54 52.78 -10.87
C PRO D 892 -10.35 54.04 -11.70
N HIS D 893 -10.77 53.94 -12.97
CA HIS D 893 -10.65 55.06 -13.89
C HIS D 893 -11.61 56.16 -13.50
N LYS D 894 -11.08 57.36 -13.29
CA LYS D 894 -11.88 58.54 -12.99
C LYS D 894 -12.04 59.35 -14.28
N GLY D 895 -13.23 59.30 -14.88
CA GLY D 895 -13.45 59.97 -16.14
C GLY D 895 -14.75 59.61 -16.81
N ILE D 896 -14.69 59.41 -18.13
CA ILE D 896 -15.91 59.13 -18.90
C ILE D 896 -16.35 57.69 -18.66
N GLU D 897 -17.64 57.50 -18.43
CA GLU D 897 -18.23 56.20 -18.18
C GLU D 897 -19.43 56.02 -19.12
N PHE D 898 -19.86 54.77 -19.27
CA PHE D 898 -20.96 54.42 -20.17
C PHE D 898 -22.14 53.93 -19.35
N GLY D 899 -23.31 54.52 -19.61
CA GLY D 899 -24.55 54.04 -19.03
C GLY D 899 -25.47 53.52 -20.12
N VAL D 900 -26.48 52.75 -19.74
CA VAL D 900 -27.39 52.13 -20.71
C VAL D 900 -28.81 52.54 -20.40
N TYR D 901 -29.56 52.89 -21.44
CA TYR D 901 -30.99 53.13 -21.28
C TYR D 901 -31.71 51.82 -21.03
N CYS D 902 -32.58 51.81 -20.04
CA CYS D 902 -33.35 50.60 -19.73
C CYS D 902 -34.23 50.23 -20.91
N SER D 903 -34.25 48.94 -21.24
CA SER D 903 -35.10 48.46 -22.32
C SER D 903 -36.57 48.50 -21.96
N HIS D 904 -36.92 48.73 -20.70
CA HIS D 904 -38.30 48.74 -20.25
C HIS D 904 -38.77 50.13 -19.85
N CYS D 905 -38.09 50.77 -18.90
CA CYS D 905 -38.49 52.07 -18.40
C CYS D 905 -37.75 53.22 -19.07
N ARG D 906 -36.78 52.93 -19.93
CA ARG D 906 -35.98 53.92 -20.65
C ARG D 906 -35.23 54.86 -19.72
N SER D 907 -35.09 54.51 -18.45
CA SER D 907 -34.37 55.37 -17.51
C SER D 907 -32.87 55.10 -17.59
N GLU D 908 -32.10 56.07 -17.09
CA GLU D 908 -30.65 55.93 -17.05
C GLU D 908 -30.27 55.00 -15.91
N VAL D 909 -29.70 53.85 -16.26
CA VAL D 909 -29.33 52.83 -15.29
C VAL D 909 -27.84 52.56 -15.41
N ARG D 910 -27.13 52.63 -14.29
CA ARG D 910 -25.71 52.32 -14.24
C ARG D 910 -25.54 50.90 -13.70
N GLY D 911 -25.73 49.94 -14.59
CA GLY D 911 -25.62 48.54 -14.22
C GLY D 911 -26.33 47.65 -15.22
N THR D 912 -26.06 46.36 -15.10
CA THR D 912 -26.68 45.38 -15.98
C THR D 912 -28.15 45.14 -15.65
N GLN D 913 -28.59 45.51 -14.46
CA GLN D 913 -29.97 45.32 -14.04
C GLN D 913 -30.57 46.67 -13.65
N CYS D 914 -31.81 46.90 -14.08
CA CYS D 914 -32.48 48.15 -13.77
C CYS D 914 -32.77 48.26 -12.27
N ALA D 915 -32.74 49.49 -11.77
CA ALA D 915 -33.13 49.76 -10.39
C ALA D 915 -34.61 50.07 -10.24
N ILE D 916 -35.30 50.39 -11.34
CA ILE D 916 -36.72 50.72 -11.30
C ILE D 916 -37.52 49.52 -11.78
N CYS D 917 -37.28 49.11 -13.03
CA CYS D 917 -38.00 47.97 -13.58
C CYS D 917 -37.42 46.64 -13.14
N LYS D 918 -36.22 46.64 -12.55
CA LYS D 918 -35.55 45.44 -12.05
C LYS D 918 -35.26 44.42 -13.13
N GLY D 919 -35.36 44.79 -14.40
CA GLY D 919 -35.06 43.91 -15.51
C GLY D 919 -33.73 44.23 -16.15
N PHE D 920 -33.37 43.39 -17.13
CA PHE D 920 -32.13 43.60 -17.86
C PHE D 920 -32.24 44.84 -18.75
N THR D 921 -31.25 45.71 -18.67
CA THR D 921 -31.27 46.98 -19.38
C THR D 921 -30.64 46.91 -20.76
N PHE D 922 -29.72 45.99 -20.99
CA PHE D 922 -28.99 45.90 -22.25
C PHE D 922 -29.36 44.60 -22.95
N GLN D 923 -29.83 44.72 -24.19
CA GLN D 923 -30.24 43.56 -24.97
C GLN D 923 -29.54 43.59 -26.32
N CYS D 924 -29.04 42.43 -26.75
CA CYS D 924 -28.29 42.35 -27.99
C CYS D 924 -29.14 42.77 -29.18
N ALA D 925 -28.51 43.46 -30.12
CA ALA D 925 -29.21 43.90 -31.32
C ALA D 925 -29.34 42.81 -32.36
N ILE D 926 -28.72 41.66 -32.15
CA ILE D 926 -28.79 40.53 -33.08
C ILE D 926 -29.62 39.39 -32.49
N CYS D 927 -29.19 38.85 -31.36
CA CYS D 927 -29.87 37.71 -30.75
C CYS D 927 -31.04 38.14 -29.86
N HIS D 928 -31.15 39.42 -29.55
CA HIS D 928 -32.22 39.94 -28.69
C HIS D 928 -32.25 39.24 -27.34
N VAL D 929 -31.09 38.85 -26.85
CA VAL D 929 -30.97 38.26 -25.52
C VAL D 929 -30.29 39.27 -24.61
N ALA D 930 -30.53 39.13 -23.32
CA ALA D 930 -29.87 39.99 -22.35
C ALA D 930 -28.36 39.78 -22.41
N VAL D 931 -27.62 40.88 -22.29
CA VAL D 931 -26.17 40.87 -22.37
C VAL D 931 -25.61 41.19 -21.00
N ARG D 932 -24.70 40.34 -20.51
CA ARG D 932 -24.13 40.51 -19.19
C ARG D 932 -22.61 40.59 -19.16
N GLY D 933 -21.93 40.16 -20.21
CA GLY D 933 -20.48 40.16 -20.21
C GLY D 933 -19.87 41.19 -21.13
N SER D 934 -19.02 40.73 -22.04
CA SER D 934 -18.36 41.62 -22.98
C SER D 934 -19.33 42.04 -24.08
N SER D 935 -19.21 43.29 -24.51
CA SER D 935 -20.11 43.83 -25.51
C SER D 935 -19.41 44.94 -26.28
N ASN D 936 -19.97 45.27 -27.43
CA ASN D 936 -19.46 46.34 -28.27
C ASN D 936 -20.62 47.17 -28.79
N PHE D 937 -20.38 48.46 -29.00
CA PHE D 937 -21.44 49.33 -29.49
C PHE D 937 -20.86 50.50 -30.24
N CYS D 938 -21.69 51.13 -31.07
CA CYS D 938 -21.30 52.26 -31.88
C CYS D 938 -21.64 53.54 -31.14
N LEU D 939 -20.62 54.36 -30.88
CA LEU D 939 -20.84 55.63 -30.20
C LEU D 939 -21.68 56.59 -31.02
N THR D 940 -21.61 56.50 -32.35
CA THR D 940 -22.39 57.41 -33.18
C THR D 940 -23.86 57.00 -33.23
N CYS D 941 -24.13 55.70 -33.31
CA CYS D 941 -25.51 55.24 -33.45
C CYS D 941 -26.14 54.83 -32.13
N GLY D 942 -25.35 54.44 -31.14
CA GLY D 942 -25.89 54.06 -29.86
C GLY D 942 -26.43 52.66 -29.78
N HIS D 943 -26.08 51.80 -30.74
CA HIS D 943 -26.57 50.43 -30.78
C HIS D 943 -25.39 49.47 -30.66
N GLY D 944 -25.65 48.32 -30.04
CA GLY D 944 -24.61 47.33 -29.90
C GLY D 944 -25.13 46.04 -29.32
N GLY D 945 -24.20 45.18 -28.91
CA GLY D 945 -24.57 43.90 -28.35
C GLY D 945 -23.37 42.99 -28.15
N HIS D 946 -23.65 41.68 -28.20
CA HIS D 946 -22.65 40.67 -27.88
C HIS D 946 -21.44 40.80 -28.79
N THR D 947 -20.27 40.53 -28.22
CA THR D 947 -19.01 40.71 -28.95
C THR D 947 -18.93 39.76 -30.14
N SER D 948 -19.14 38.46 -29.89
CA SER D 948 -19.05 37.48 -30.97
C SER D 948 -20.12 37.72 -32.03
N HIS D 949 -21.34 38.02 -31.59
CA HIS D 949 -22.43 38.25 -32.54
C HIS D 949 -22.11 39.43 -33.44
N MET D 950 -21.70 40.55 -32.87
CA MET D 950 -21.42 41.72 -33.68
C MET D 950 -20.19 41.52 -34.55
N MET D 951 -19.20 40.76 -34.06
CA MET D 951 -18.06 40.42 -34.91
C MET D 951 -18.52 39.64 -36.14
N GLU D 952 -19.37 38.63 -35.93
CA GLU D 952 -19.88 37.86 -37.06
C GLU D 952 -20.66 38.74 -38.01
N TRP D 953 -21.49 39.64 -37.48
CA TRP D 953 -22.31 40.49 -38.33
C TRP D 953 -21.44 41.43 -39.17
N PHE D 954 -20.46 42.07 -38.54
CA PHE D 954 -19.62 43.03 -39.26
C PHE D 954 -18.51 42.36 -40.04
N ARG D 955 -18.36 41.04 -39.94
CA ARG D 955 -17.42 40.33 -40.80
C ARG D 955 -17.74 40.55 -42.27
N THR D 956 -19.01 40.66 -42.63
CA THR D 956 -19.40 40.76 -44.03
C THR D 956 -20.19 42.03 -44.31
N GLN D 957 -20.96 42.50 -43.34
CA GLN D 957 -21.83 43.64 -43.52
C GLN D 957 -21.17 44.91 -43.00
N GLU D 958 -21.68 46.05 -43.46
CA GLU D 958 -21.08 47.34 -43.13
C GLU D 958 -22.11 48.37 -42.67
N VAL D 959 -23.36 47.97 -42.45
CA VAL D 959 -24.37 48.88 -41.95
C VAL D 959 -24.78 48.45 -40.55
N CYS D 960 -25.28 49.40 -39.77
CA CYS D 960 -25.72 49.12 -38.43
C CYS D 960 -26.83 48.08 -38.47
N PRO D 961 -26.71 46.96 -37.76
CA PRO D 961 -27.69 45.87 -37.90
C PRO D 961 -29.08 46.20 -37.37
N THR D 962 -29.29 47.36 -36.79
CA THR D 962 -30.60 47.76 -36.31
C THR D 962 -31.36 48.62 -37.31
N GLY D 963 -30.77 48.89 -38.48
CA GLY D 963 -31.42 49.70 -39.48
C GLY D 963 -31.26 51.19 -39.31
N CYS D 964 -30.46 51.64 -38.34
CA CYS D 964 -30.26 53.07 -38.11
C CYS D 964 -29.58 53.76 -39.28
N GLY D 965 -28.96 53.00 -40.18
CA GLY D 965 -28.29 53.58 -41.33
C GLY D 965 -26.89 54.08 -41.07
N CYS D 966 -26.39 53.97 -39.83
CA CYS D 966 -25.06 54.41 -39.51
C CYS D 966 -24.03 53.40 -39.98
N HIS D 967 -22.96 53.90 -40.60
CA HIS D 967 -21.80 53.07 -40.91
C HIS D 967 -20.92 53.04 -39.67
N CYS D 968 -21.29 52.17 -38.74
CA CYS D 968 -20.69 52.17 -37.42
C CYS D 968 -19.19 51.90 -37.47
N LEU D 969 -18.72 51.13 -38.45
CA LEU D 969 -17.29 50.90 -38.58
C LEU D 969 -16.54 52.21 -38.82
N LEU D 970 -16.98 52.97 -39.82
CA LEU D 970 -16.30 54.20 -40.16
C LEU D 970 -16.51 55.29 -39.12
N GLU D 971 -17.60 55.22 -38.37
CA GLU D 971 -17.87 56.20 -37.32
C GLU D 971 -17.30 55.80 -35.97
N SER D 972 -16.76 54.60 -35.84
CA SER D 972 -16.20 54.12 -34.59
C SER D 972 -14.69 53.92 -34.64
N THR D 973 -14.16 53.35 -35.71
CA THR D 973 -12.73 53.11 -35.79
C THR D 973 -11.99 54.42 -36.01
N PHE D 974 -11.73 55.15 -34.95
CA PHE D 974 -11.05 56.44 -35.05
C PHE D 974 -9.53 56.24 -35.09
N MET E 1 18.86 -59.72 -5.97
CA MET E 1 17.93 -58.84 -5.29
C MET E 1 18.30 -57.38 -5.49
N PHE E 2 19.11 -57.12 -6.51
CA PHE E 2 19.60 -55.78 -6.80
C PHE E 2 18.99 -55.28 -8.10
N VAL E 3 18.48 -54.05 -8.06
CA VAL E 3 17.85 -53.41 -9.21
C VAL E 3 18.64 -52.15 -9.56
N ALA E 4 18.56 -51.76 -10.82
CA ALA E 4 19.37 -50.67 -11.36
C ALA E 4 18.49 -49.53 -11.85
N ARG E 5 19.11 -48.36 -11.94
CA ARG E 5 18.46 -47.15 -12.43
C ARG E 5 19.52 -46.26 -13.06
N SER E 6 19.09 -45.36 -13.93
CA SER E 6 20.00 -44.44 -14.61
C SER E 6 19.85 -43.05 -14.01
N ILE E 7 20.97 -42.45 -13.62
CA ILE E 7 20.96 -41.12 -13.03
C ILE E 7 21.09 -40.09 -14.14
N ALA E 8 20.23 -39.07 -14.09
CA ALA E 8 20.18 -38.03 -15.12
C ALA E 8 21.39 -37.10 -14.94
N ALA E 9 22.55 -37.59 -15.34
CA ALA E 9 23.77 -36.80 -15.38
C ALA E 9 24.30 -36.77 -16.81
N ASP E 10 24.65 -35.58 -17.29
CA ASP E 10 25.06 -35.39 -18.66
C ASP E 10 26.58 -35.25 -18.73
N HIS E 11 27.22 -36.09 -19.53
CA HIS E 11 28.65 -36.01 -19.78
C HIS E 11 28.89 -36.03 -21.28
N LYS E 12 29.87 -35.26 -21.73
CA LYS E 12 30.20 -35.20 -23.14
C LYS E 12 31.30 -36.17 -23.55
N ASP E 13 32.23 -36.46 -22.65
CA ASP E 13 33.36 -37.33 -22.96
C ASP E 13 33.30 -38.58 -22.10
N LEU E 14 34.20 -39.52 -22.42
CA LEU E 14 34.26 -40.78 -21.71
C LEU E 14 34.73 -40.57 -20.27
N ILE E 15 34.09 -41.26 -19.35
CA ILE E 15 34.41 -41.17 -17.94
C ILE E 15 35.45 -42.22 -17.58
N HIS E 16 36.55 -41.79 -16.96
CA HIS E 16 37.58 -42.72 -16.52
C HIS E 16 37.31 -43.25 -15.11
N ASP E 17 37.17 -42.36 -14.14
CA ASP E 17 37.01 -42.77 -12.75
C ASP E 17 35.98 -41.88 -12.05
N VAL E 18 35.20 -42.51 -11.17
CA VAL E 18 34.23 -41.82 -10.31
C VAL E 18 34.54 -42.19 -8.87
N SER E 19 34.33 -41.23 -7.97
CA SER E 19 34.63 -41.45 -6.56
C SER E 19 33.67 -40.67 -5.68
N PHE E 20 33.32 -41.25 -4.54
CA PHE E 20 32.41 -40.65 -3.59
C PHE E 20 33.18 -39.97 -2.46
N ASP E 21 32.49 -39.06 -1.79
CA ASP E 21 33.01 -38.48 -0.56
C ASP E 21 32.68 -39.40 0.61
N PHE E 22 32.99 -38.97 1.82
CA PHE E 22 32.78 -39.81 2.99
C PHE E 22 31.30 -40.04 3.26
N HIS E 23 30.51 -38.97 3.27
CA HIS E 23 29.10 -39.08 3.60
C HIS E 23 28.25 -39.55 2.44
N GLY E 24 28.81 -39.66 1.24
CA GLY E 24 28.02 -40.05 0.09
C GLY E 24 27.15 -38.96 -0.47
N ARG E 25 27.53 -37.71 -0.30
CA ARG E 25 26.78 -36.58 -0.86
C ARG E 25 27.54 -35.85 -1.95
N ARG E 26 28.81 -36.19 -2.20
CA ARG E 26 29.62 -35.50 -3.18
C ARG E 26 30.28 -36.54 -4.08
N MET E 27 30.32 -36.24 -5.38
CA MET E 27 30.94 -37.13 -6.36
C MET E 27 31.98 -36.37 -7.15
N ALA E 28 33.07 -37.06 -7.48
CA ALA E 28 34.12 -36.51 -8.33
C ALA E 28 34.33 -37.45 -9.50
N THR E 29 34.29 -36.91 -10.71
CA THR E 29 34.46 -37.71 -11.92
C THR E 29 35.50 -37.10 -12.82
N CYS E 30 36.39 -37.94 -13.34
CA CYS E 30 37.40 -37.51 -14.29
C CYS E 30 37.03 -38.02 -15.68
N SER E 31 37.12 -37.15 -16.67
CA SER E 31 36.73 -37.47 -18.03
C SER E 31 37.97 -37.68 -18.90
N SER E 32 37.72 -37.94 -20.18
CA SER E 32 38.80 -38.24 -21.12
C SER E 32 39.51 -37.00 -21.64
N ASP E 33 38.97 -35.81 -21.40
CA ASP E 33 39.55 -34.57 -21.91
C ASP E 33 40.30 -33.81 -20.83
N GLN E 34 40.97 -34.51 -19.92
CA GLN E 34 41.74 -33.89 -18.85
C GLN E 34 40.86 -32.99 -17.99
N SER E 35 39.59 -33.35 -17.85
CA SER E 35 38.62 -32.52 -17.15
C SER E 35 38.13 -33.25 -15.91
N VAL E 36 37.83 -32.47 -14.87
CA VAL E 36 37.37 -32.99 -13.58
C VAL E 36 36.09 -32.26 -13.23
N LYS E 37 35.08 -33.02 -12.79
CA LYS E 37 33.80 -32.45 -12.44
C LYS E 37 33.37 -32.93 -11.07
N VAL E 38 32.65 -32.05 -10.36
CA VAL E 38 32.16 -32.31 -9.02
C VAL E 38 30.64 -32.21 -9.03
N TRP E 39 29.99 -33.19 -8.44
CA TRP E 39 28.53 -33.27 -8.43
C TRP E 39 28.04 -33.32 -6.99
N ASP E 40 26.97 -32.59 -6.71
CA ASP E 40 26.34 -32.56 -5.41
C ASP E 40 24.91 -33.05 -5.51
N LYS E 41 24.46 -33.72 -4.46
CA LYS E 41 23.09 -34.22 -4.38
C LYS E 41 22.24 -33.23 -3.59
N SER E 42 21.12 -32.83 -4.15
CA SER E 42 20.20 -31.93 -3.47
C SER E 42 19.40 -32.70 -2.42
N GLU E 43 18.64 -31.95 -1.62
CA GLU E 43 17.77 -32.58 -0.64
C GLU E 43 16.69 -33.40 -1.33
N SER E 44 16.24 -32.98 -2.51
CA SER E 44 15.25 -33.74 -3.26
C SER E 44 15.82 -35.07 -3.75
N GLY E 45 17.15 -35.15 -3.89
CA GLY E 45 17.79 -36.34 -4.41
C GLY E 45 18.35 -36.21 -5.81
N ASP E 46 18.39 -35.01 -6.37
CA ASP E 46 18.90 -34.80 -7.71
C ASP E 46 20.35 -34.36 -7.66
N TRP E 47 21.07 -34.64 -8.75
CA TRP E 47 22.49 -34.35 -8.84
C TRP E 47 22.73 -33.14 -9.73
N HIS E 48 23.62 -32.26 -9.30
CA HIS E 48 23.95 -31.05 -10.05
C HIS E 48 25.45 -30.85 -10.04
N CYS E 49 26.00 -30.50 -11.19
CA CYS E 49 27.41 -30.14 -11.26
C CYS E 49 27.64 -28.81 -10.55
N THR E 50 28.82 -28.67 -9.96
CA THR E 50 29.18 -27.44 -9.27
C THR E 50 30.53 -26.87 -9.67
N ALA E 51 31.39 -27.63 -10.34
CA ALA E 51 32.69 -27.12 -10.76
C ALA E 51 33.22 -27.97 -11.90
N SER E 52 34.18 -27.41 -12.62
CA SER E 52 34.81 -28.09 -13.74
C SER E 52 36.05 -27.32 -14.15
N TRP E 53 37.13 -28.04 -14.42
CA TRP E 53 38.37 -27.41 -14.88
C TRP E 53 39.27 -28.48 -15.46
N LYS E 54 40.25 -28.03 -16.24
CA LYS E 54 41.28 -28.90 -16.79
C LYS E 54 42.52 -28.81 -15.91
N THR E 55 43.19 -29.94 -15.73
CA THR E 55 44.19 -30.07 -14.68
C THR E 55 45.61 -30.26 -15.23
N HIS E 56 45.84 -31.30 -16.01
CA HIS E 56 47.19 -31.72 -16.34
C HIS E 56 47.43 -31.64 -17.84
N SER E 57 48.69 -31.90 -18.22
CA SER E 57 49.05 -31.97 -19.62
C SER E 57 48.74 -33.33 -20.23
N GLY E 58 48.88 -34.39 -19.45
CA GLY E 58 48.61 -35.73 -19.93
C GLY E 58 47.23 -36.22 -19.53
N SER E 59 47.03 -37.51 -19.70
CA SER E 59 45.77 -38.12 -19.31
C SER E 59 45.65 -38.16 -17.79
N VAL E 60 44.41 -38.16 -17.31
CA VAL E 60 44.11 -38.21 -15.88
C VAL E 60 43.55 -39.59 -15.57
N TRP E 61 44.22 -40.31 -14.67
CA TRP E 61 43.81 -41.67 -14.35
C TRP E 61 42.84 -41.73 -13.17
N ARG E 62 43.27 -41.25 -12.01
CA ARG E 62 42.53 -41.45 -10.78
C ARG E 62 42.37 -40.14 -10.02
N VAL E 63 41.21 -40.00 -9.38
CA VAL E 63 40.89 -38.87 -8.52
C VAL E 63 40.20 -39.42 -7.27
N THR E 64 40.62 -38.95 -6.10
CA THR E 64 40.10 -39.48 -4.85
C THR E 64 39.89 -38.35 -3.84
N TRP E 65 39.01 -38.61 -2.89
CA TRP E 65 38.67 -37.66 -1.83
C TRP E 65 39.53 -37.89 -0.60
N ALA E 66 39.59 -36.85 0.24
CA ALA E 66 40.19 -36.97 1.56
C ALA E 66 39.11 -36.91 2.63
N HIS E 67 39.49 -37.23 3.85
CA HIS E 67 38.52 -37.27 4.93
C HIS E 67 38.02 -35.86 5.24
N PRO E 68 36.73 -35.72 5.57
CA PRO E 68 36.19 -34.37 5.81
C PRO E 68 36.84 -33.62 6.95
N GLU E 69 37.44 -34.33 7.91
CA GLU E 69 38.05 -33.65 9.05
C GLU E 69 39.14 -32.67 8.61
N PHE E 70 39.80 -32.96 7.49
CA PHE E 70 40.81 -32.06 6.96
C PHE E 70 40.25 -31.05 5.98
N GLY E 71 38.94 -31.03 5.80
CA GLY E 71 38.31 -30.15 4.83
C GLY E 71 37.86 -30.89 3.59
N GLN E 72 37.77 -30.13 2.50
CA GLN E 72 37.40 -30.68 1.20
C GLN E 72 38.65 -30.74 0.34
N VAL E 73 39.23 -31.93 0.20
CA VAL E 73 40.50 -32.10 -0.48
C VAL E 73 40.37 -33.23 -1.49
N LEU E 74 40.86 -32.98 -2.71
CA LEU E 74 40.91 -33.98 -3.76
C LEU E 74 42.35 -34.20 -4.19
N ALA E 75 42.66 -35.44 -4.57
CA ALA E 75 43.98 -35.78 -5.08
C ALA E 75 43.82 -36.44 -6.44
N SER E 76 44.58 -35.97 -7.42
CA SER E 76 44.46 -36.47 -8.78
C SER E 76 45.84 -36.86 -9.30
N CYS E 77 45.95 -38.07 -9.85
CA CYS E 77 47.19 -38.52 -10.48
C CYS E 77 47.06 -38.45 -11.98
N SER E 78 48.16 -38.11 -12.66
CA SER E 78 48.11 -37.94 -14.11
C SER E 78 49.23 -38.70 -14.79
N PHE E 79 49.02 -38.95 -16.09
CA PHE E 79 50.04 -39.58 -16.91
C PHE E 79 51.23 -38.68 -17.15
N ASP E 80 51.11 -37.38 -16.90
CA ASP E 80 52.18 -36.45 -17.21
C ASP E 80 53.16 -36.36 -16.04
N ARG E 81 53.25 -37.45 -15.26
CA ARG E 81 54.24 -37.64 -14.21
C ARG E 81 53.99 -36.73 -13.02
N THR E 82 52.74 -36.35 -12.77
CA THR E 82 52.42 -35.42 -11.70
C THR E 82 51.26 -35.94 -10.85
N ALA E 83 51.20 -35.44 -9.62
CA ALA E 83 50.08 -35.69 -8.71
C ALA E 83 49.69 -34.37 -8.06
N ALA E 84 48.48 -33.92 -8.31
CA ALA E 84 48.04 -32.60 -7.86
C ALA E 84 47.06 -32.72 -6.70
N VAL E 85 47.09 -31.74 -5.81
CA VAL E 85 46.19 -31.68 -4.67
C VAL E 85 45.35 -30.41 -4.79
N TRP E 86 44.03 -30.56 -4.72
CA TRP E 86 43.10 -29.46 -4.90
C TRP E 86 42.26 -29.28 -3.65
N GLU E 87 42.00 -28.02 -3.29
CA GLU E 87 41.14 -27.69 -2.18
C GLU E 87 40.08 -26.70 -2.63
N GLU E 88 38.88 -26.83 -2.09
CA GLU E 88 37.77 -25.96 -2.44
C GLU E 88 37.75 -24.74 -1.53
N ILE E 89 37.67 -23.56 -2.14
CA ILE E 89 37.50 -22.30 -1.44
C ILE E 89 36.30 -21.59 -2.04
N VAL E 90 35.38 -21.13 -1.20
CA VAL E 90 34.15 -20.49 -1.65
C VAL E 90 34.02 -19.15 -0.96
N GLY E 91 33.55 -18.15 -1.70
CA GLY E 91 33.34 -16.82 -1.17
C GLY E 91 31.96 -16.28 -1.44
N GLY E 99 27.17 -18.34 -2.99
CA GLY E 99 28.61 -18.53 -2.99
C GLY E 99 29.07 -19.58 -3.98
N GLN E 100 29.73 -19.13 -5.04
CA GLN E 100 30.21 -20.04 -6.07
C GLN E 100 31.47 -20.76 -5.60
N SER E 101 31.49 -22.08 -5.78
CA SER E 101 32.67 -22.85 -5.43
C SER E 101 33.83 -22.50 -6.36
N HIS E 102 35.02 -22.39 -5.78
CA HIS E 102 36.22 -22.01 -6.51
C HIS E 102 37.35 -22.94 -6.08
N TRP E 103 37.52 -24.04 -6.79
CA TRP E 103 38.58 -24.99 -6.48
C TRP E 103 39.93 -24.43 -6.87
N VAL E 104 40.91 -24.61 -5.99
CA VAL E 104 42.24 -24.06 -6.18
C VAL E 104 43.27 -25.17 -5.99
N LYS E 105 44.19 -25.29 -6.92
CA LYS E 105 45.33 -26.19 -6.72
C LYS E 105 46.22 -25.63 -5.62
N ARG E 106 46.65 -26.52 -4.73
CA ARG E 106 47.52 -26.11 -3.63
C ARG E 106 48.94 -26.64 -3.74
N THR E 107 49.13 -27.82 -4.33
CA THR E 107 50.48 -28.33 -4.47
C THR E 107 50.52 -29.39 -5.56
N THR E 108 51.72 -29.63 -6.06
CA THR E 108 51.97 -30.60 -7.12
C THR E 108 53.20 -31.41 -6.74
N LEU E 109 53.09 -32.73 -6.83
CA LEU E 109 54.19 -33.64 -6.57
C LEU E 109 54.71 -34.17 -7.91
N VAL E 110 56.02 -34.03 -8.12
CA VAL E 110 56.63 -34.27 -9.43
C VAL E 110 57.86 -35.17 -9.30
N ASP E 111 58.01 -35.83 -8.15
CA ASP E 111 59.22 -36.62 -7.92
C ASP E 111 59.28 -37.88 -8.76
N SER E 112 58.18 -38.28 -9.39
CA SER E 112 58.17 -39.51 -10.18
C SER E 112 58.92 -39.31 -11.50
N ARG E 113 59.64 -40.35 -11.91
CA ARG E 113 60.33 -40.36 -13.20
C ARG E 113 59.54 -41.05 -14.29
N THR E 114 58.49 -41.79 -13.94
CA THR E 114 57.59 -42.40 -14.91
C THR E 114 56.17 -41.91 -14.63
N SER E 115 55.23 -42.43 -15.41
CA SER E 115 53.84 -42.04 -15.22
C SER E 115 53.35 -42.47 -13.85
N VAL E 116 52.69 -41.56 -13.16
CA VAL E 116 52.12 -41.86 -11.84
C VAL E 116 50.88 -42.70 -12.05
N THR E 117 50.95 -43.97 -11.65
CA THR E 117 49.87 -44.90 -11.97
C THR E 117 48.71 -44.80 -10.99
N ASP E 118 48.97 -44.66 -9.70
CA ASP E 118 47.87 -44.60 -8.76
C ASP E 118 48.23 -43.74 -7.55
N VAL E 119 47.19 -43.21 -6.91
CA VAL E 119 47.33 -42.36 -5.73
C VAL E 119 46.23 -42.71 -4.75
N LYS E 120 46.58 -42.76 -3.46
CA LYS E 120 45.62 -43.09 -2.41
C LYS E 120 45.90 -42.25 -1.18
N PHE E 121 44.87 -42.11 -0.36
CA PHE E 121 44.96 -41.41 0.91
C PHE E 121 45.09 -42.41 2.06
N ALA E 122 45.85 -42.03 3.07
CA ALA E 122 46.01 -42.85 4.25
C ALA E 122 44.76 -42.78 5.12
N PRO E 123 44.57 -43.77 6.01
CA PRO E 123 43.44 -43.69 6.93
C PRO E 123 43.57 -42.50 7.87
N LYS E 124 42.43 -42.09 8.42
CA LYS E 124 42.37 -40.84 9.17
C LYS E 124 43.27 -40.85 10.40
N HIS E 125 43.30 -41.97 11.12
CA HIS E 125 43.97 -41.99 12.41
C HIS E 125 45.48 -41.85 12.32
N MET E 126 46.05 -41.83 11.11
CA MET E 126 47.48 -41.64 10.94
C MET E 126 47.84 -40.22 10.51
N GLY E 127 46.89 -39.30 10.58
CA GLY E 127 47.13 -37.96 10.09
C GLY E 127 46.78 -37.83 8.61
N LEU E 128 47.37 -36.83 7.98
CA LEU E 128 47.14 -36.55 6.57
C LEU E 128 48.36 -37.04 5.78
N MET E 129 48.33 -38.31 5.40
CA MET E 129 49.37 -38.91 4.58
C MET E 129 48.80 -39.29 3.22
N LEU E 130 49.69 -39.42 2.25
CA LEU E 130 49.31 -39.75 0.88
C LEU E 130 50.35 -40.67 0.27
N ALA E 131 49.89 -41.55 -0.62
CA ALA E 131 50.77 -42.53 -1.23
C ALA E 131 50.57 -42.55 -2.74
N THR E 132 51.65 -42.68 -3.48
CA THR E 132 51.61 -42.72 -4.94
C THR E 132 52.49 -43.85 -5.45
N CYS E 133 51.95 -44.68 -6.32
CA CYS E 133 52.71 -45.72 -6.98
C CYS E 133 52.87 -45.36 -8.45
N SER E 134 54.10 -45.47 -8.95
CA SER E 134 54.45 -45.09 -10.31
C SER E 134 54.73 -46.33 -11.15
N ALA E 135 54.95 -46.11 -12.44
CA ALA E 135 55.17 -47.22 -13.36
C ALA E 135 56.57 -47.80 -13.27
N ASP E 136 57.53 -47.06 -12.72
CA ASP E 136 58.90 -47.55 -12.63
C ASP E 136 59.11 -48.53 -11.49
N GLY E 137 58.10 -48.75 -10.66
CA GLY E 137 58.23 -49.61 -9.51
C GLY E 137 58.53 -48.88 -8.22
N ILE E 138 58.10 -47.64 -8.06
CA ILE E 138 58.41 -46.83 -6.90
C ILE E 138 57.11 -46.42 -6.23
N VAL E 139 57.04 -46.62 -4.91
CA VAL E 139 55.93 -46.16 -4.10
C VAL E 139 56.46 -45.09 -3.16
N ARG E 140 55.86 -43.91 -3.20
CA ARG E 140 56.31 -42.77 -2.43
C ARG E 140 55.21 -42.37 -1.46
N ILE E 141 55.58 -42.17 -0.20
CA ILE E 141 54.64 -41.79 0.86
C ILE E 141 55.03 -40.41 1.37
N TYR E 142 54.11 -39.46 1.23
CA TYR E 142 54.28 -38.09 1.67
C TYR E 142 53.37 -37.80 2.84
N GLU E 143 53.75 -36.79 3.62
CA GLU E 143 52.97 -36.34 4.76
C GLU E 143 52.98 -34.83 4.82
N ALA E 144 51.86 -34.25 5.27
CA ALA E 144 51.78 -32.82 5.49
C ALA E 144 51.88 -32.55 6.98
N PRO E 145 52.99 -32.03 7.48
CA PRO E 145 53.12 -31.83 8.94
C PRO E 145 52.07 -30.89 9.53
N ASP E 146 51.66 -29.87 8.78
CA ASP E 146 50.68 -28.90 9.26
C ASP E 146 49.41 -29.04 8.45
N VAL E 147 48.30 -29.31 9.15
CA VAL E 147 47.02 -29.50 8.46
C VAL E 147 46.38 -28.18 8.02
N MET E 148 46.86 -27.06 8.53
CA MET E 148 46.34 -25.75 8.12
C MET E 148 47.12 -25.14 6.98
N ASN E 149 48.19 -25.79 6.52
CA ASN E 149 49.00 -25.31 5.41
C ASN E 149 49.25 -26.49 4.49
N LEU E 150 48.37 -26.66 3.51
CA LEU E 150 48.49 -27.78 2.58
C LEU E 150 49.49 -27.51 1.47
N SER E 151 50.03 -26.30 1.37
CA SER E 151 51.01 -26.00 0.33
C SER E 151 52.35 -26.67 0.56
N GLN E 152 52.58 -27.23 1.76
CA GLN E 152 53.85 -27.84 2.10
C GLN E 152 53.69 -29.34 2.29
N TRP E 153 54.54 -30.11 1.63
CA TRP E 153 54.56 -31.56 1.79
C TRP E 153 56.00 -32.03 1.81
N SER E 154 56.23 -33.12 2.52
CA SER E 154 57.56 -33.70 2.63
C SER E 154 57.50 -35.17 2.28
N LEU E 155 58.48 -35.64 1.51
CA LEU E 155 58.57 -37.05 1.16
C LEU E 155 59.06 -37.83 2.37
N GLN E 156 58.19 -38.66 2.94
CA GLN E 156 58.56 -39.40 4.14
C GLN E 156 59.21 -40.73 3.83
N HIS E 157 58.65 -41.49 2.90
CA HIS E 157 59.18 -42.82 2.63
C HIS E 157 59.18 -43.10 1.14
N GLU E 158 60.10 -43.97 0.73
CA GLU E 158 60.21 -44.39 -0.66
C GLU E 158 60.57 -45.87 -0.69
N ILE E 159 59.82 -46.64 -1.47
CA ILE E 159 59.97 -48.09 -1.54
C ILE E 159 60.10 -48.51 -2.99
N SER E 160 61.03 -49.42 -3.25
CA SER E 160 61.23 -49.99 -4.58
C SER E 160 60.67 -51.40 -4.62
N CYS E 161 59.92 -51.71 -5.69
CA CYS E 161 59.24 -52.99 -5.82
C CYS E 161 59.86 -53.89 -6.87
N LYS E 162 60.79 -53.38 -7.69
CA LYS E 162 61.43 -54.12 -8.76
C LYS E 162 60.45 -54.59 -9.84
N LEU E 163 59.20 -54.15 -9.77
CA LEU E 163 58.21 -54.50 -10.78
C LEU E 163 57.28 -53.30 -10.99
N SER E 164 56.65 -53.26 -12.16
CA SER E 164 55.80 -52.14 -12.52
C SER E 164 54.57 -52.11 -11.61
N CYS E 165 54.54 -51.14 -10.71
CA CYS E 165 53.38 -50.98 -9.84
C CYS E 165 52.16 -50.59 -10.66
N SER E 166 50.99 -51.08 -10.24
CA SER E 166 49.76 -50.82 -10.98
C SER E 166 48.65 -50.33 -10.06
N CYS E 167 48.70 -50.70 -8.79
CA CYS E 167 47.67 -50.31 -7.85
C CYS E 167 48.16 -50.55 -6.44
N ILE E 168 47.66 -49.74 -5.50
CA ILE E 168 48.02 -49.86 -4.09
C ILE E 168 46.75 -49.75 -3.25
N SER E 169 46.86 -50.19 -2.00
CA SER E 169 45.75 -50.07 -1.06
C SER E 169 46.28 -50.06 0.37
N TRP E 170 45.73 -49.15 1.17
CA TRP E 170 46.05 -49.09 2.59
C TRP E 170 45.23 -50.12 3.36
N ASN E 171 45.64 -50.38 4.59
CA ASN E 171 44.85 -51.21 5.48
C ASN E 171 43.97 -50.32 6.35
N PRO E 172 42.65 -50.37 6.21
CA PRO E 172 41.79 -49.45 6.96
C PRO E 172 41.67 -49.76 8.44
N SER E 173 42.42 -50.73 8.96
CA SER E 173 42.33 -51.05 10.38
C SER E 173 42.82 -49.88 11.22
N SER E 174 42.14 -49.65 12.34
CA SER E 174 42.49 -48.57 13.25
C SER E 174 42.73 -49.06 14.68
N SER E 175 42.94 -50.36 14.85
CA SER E 175 43.19 -50.90 16.18
C SER E 175 44.56 -50.47 16.67
N ARG E 176 44.73 -50.55 17.99
CA ARG E 176 46.00 -50.18 18.60
C ARG E 176 47.06 -51.27 18.48
N ALA E 177 46.70 -52.44 17.96
CA ALA E 177 47.61 -53.56 17.87
C ALA E 177 48.07 -53.86 16.45
N HIS E 178 47.54 -53.15 15.45
CA HIS E 178 47.88 -53.41 14.05
C HIS E 178 48.74 -52.27 13.53
N SER E 179 49.97 -52.58 13.14
CA SER E 179 50.83 -51.60 12.52
C SER E 179 50.31 -51.25 11.14
N PRO E 180 50.64 -50.05 10.64
CA PRO E 180 50.16 -49.66 9.31
C PRO E 180 50.62 -50.63 8.24
N MET E 181 49.73 -50.92 7.29
CA MET E 181 50.01 -51.86 6.23
C MET E 181 49.58 -51.28 4.89
N ILE E 182 50.37 -51.55 3.87
CA ILE E 182 50.08 -51.12 2.51
C ILE E 182 50.40 -52.26 1.57
N ALA E 183 49.53 -52.50 0.60
CA ALA E 183 49.68 -53.61 -0.34
C ALA E 183 49.78 -53.06 -1.75
N VAL E 184 50.68 -53.63 -2.53
CA VAL E 184 51.00 -53.15 -3.87
C VAL E 184 50.86 -54.31 -4.86
N GLY E 185 50.23 -54.03 -6.00
CA GLY E 185 50.10 -54.99 -7.07
C GLY E 185 50.97 -54.64 -8.26
N SER E 186 50.90 -55.50 -9.27
CA SER E 186 51.66 -55.29 -10.50
C SER E 186 50.88 -55.87 -11.67
N ASP E 187 51.19 -55.37 -12.86
CA ASP E 187 50.52 -55.82 -14.08
C ASP E 187 51.52 -56.29 -15.13
N ASP E 188 52.76 -56.54 -14.72
CA ASP E 188 53.75 -57.03 -15.66
C ASP E 188 53.33 -58.40 -16.20
N SER E 189 53.51 -58.58 -17.50
CA SER E 189 53.13 -59.80 -18.19
C SER E 189 54.36 -60.60 -18.62
N SER E 190 55.39 -60.61 -17.78
CA SER E 190 56.60 -61.35 -18.11
C SER E 190 56.30 -62.85 -18.19
N PRO E 191 56.92 -63.56 -19.13
CA PRO E 191 56.65 -64.99 -19.24
C PRO E 191 57.03 -65.78 -18.00
N ASN E 192 58.03 -65.31 -17.25
CA ASN E 192 58.43 -66.00 -16.04
C ASN E 192 57.31 -65.94 -14.99
N ALA E 193 57.27 -66.95 -14.14
CA ALA E 193 56.29 -67.02 -13.06
C ALA E 193 56.88 -66.36 -11.83
N MET E 194 56.54 -65.10 -11.62
CA MET E 194 57.02 -64.32 -10.49
C MET E 194 55.83 -63.78 -9.70
N ALA E 195 56.08 -63.52 -8.42
CA ALA E 195 55.02 -63.02 -7.55
C ALA E 195 54.55 -61.64 -8.02
N LYS E 196 53.28 -61.36 -7.77
CA LYS E 196 52.67 -60.12 -8.23
C LYS E 196 52.12 -59.24 -7.14
N VAL E 197 52.01 -59.74 -5.90
CA VAL E 197 51.44 -58.98 -4.80
C VAL E 197 52.37 -59.08 -3.60
N GLN E 198 52.76 -57.93 -3.06
CA GLN E 198 53.62 -57.85 -1.90
C GLN E 198 52.98 -56.94 -0.87
N ILE E 199 53.31 -57.17 0.40
CA ILE E 199 52.73 -56.41 1.51
C ILE E 199 53.87 -55.85 2.35
N PHE E 200 53.78 -54.57 2.70
CA PHE E 200 54.77 -53.90 3.52
C PHE E 200 54.13 -53.47 4.83
N GLU E 201 54.78 -53.80 5.94
CA GLU E 201 54.30 -53.46 7.27
C GLU E 201 55.29 -52.50 7.92
N TYR E 202 54.78 -51.38 8.42
CA TYR E 202 55.63 -50.43 9.11
C TYR E 202 56.17 -51.02 10.39
N ASN E 203 57.40 -50.65 10.73
CA ASN E 203 58.05 -51.09 11.96
C ASN E 203 58.33 -49.88 12.82
N GLU E 204 57.79 -49.87 14.04
CA GLU E 204 58.01 -48.75 14.94
C GLU E 204 59.46 -48.72 15.42
N ASN E 205 60.07 -49.88 15.64
CA ASN E 205 61.42 -49.92 16.18
C ASN E 205 62.44 -49.37 15.19
N THR E 206 62.15 -49.44 13.89
CA THR E 206 63.06 -48.94 12.87
C THR E 206 62.53 -47.72 12.13
N ARG E 207 61.24 -47.41 12.26
CA ARG E 207 60.61 -46.31 11.52
C ARG E 207 60.82 -46.46 10.02
N LYS E 208 60.78 -47.70 9.55
CA LYS E 208 60.97 -48.01 8.14
C LYS E 208 60.02 -49.12 7.74
N TYR E 209 59.48 -49.03 6.53
CA TYR E 209 58.63 -50.08 6.00
C TYR E 209 59.47 -51.22 5.46
N ALA E 210 59.03 -52.45 5.74
CA ALA E 210 59.71 -53.65 5.28
C ALA E 210 58.70 -54.62 4.71
N LYS E 211 59.14 -55.39 3.72
CA LYS E 211 58.28 -56.43 3.15
C LYS E 211 57.95 -57.47 4.22
N ALA E 212 56.68 -57.83 4.30
CA ALA E 212 56.21 -58.80 5.28
C ALA E 212 55.78 -60.12 4.64
N GLU E 213 54.87 -60.06 3.68
CA GLU E 213 54.37 -61.28 3.05
C GLU E 213 54.17 -61.03 1.55
N THR E 214 54.50 -62.04 0.76
CA THR E 214 54.35 -61.98 -0.68
C THR E 214 53.48 -63.15 -1.13
N LEU E 215 52.47 -62.84 -1.94
CA LEU E 215 51.50 -63.86 -2.38
C LEU E 215 52.12 -64.68 -3.50
N MET E 216 52.55 -65.90 -3.17
CA MET E 216 53.20 -66.75 -4.17
C MET E 216 52.18 -67.30 -5.17
N THR E 217 50.98 -67.61 -4.72
CA THR E 217 49.99 -68.25 -5.58
C THR E 217 49.50 -67.35 -6.71
N VAL E 218 49.80 -66.06 -6.66
CA VAL E 218 49.36 -65.11 -7.68
C VAL E 218 50.51 -64.86 -8.64
N THR E 219 50.34 -65.23 -9.90
CA THR E 219 51.37 -65.04 -10.92
C THR E 219 50.88 -64.31 -12.16
N ASP E 220 49.59 -64.25 -12.41
CA ASP E 220 49.07 -63.51 -13.54
C ASP E 220 49.11 -62.00 -13.26
N PRO E 221 49.06 -61.16 -14.29
CA PRO E 221 49.04 -59.72 -14.05
C PRO E 221 47.83 -59.32 -13.22
N VAL E 222 48.03 -58.33 -12.35
CA VAL E 222 47.01 -57.88 -11.41
C VAL E 222 46.64 -56.45 -11.76
N HIS E 223 45.35 -56.17 -11.85
CA HIS E 223 44.86 -54.85 -12.18
C HIS E 223 44.36 -54.07 -10.98
N ASP E 224 43.78 -54.75 -9.99
CA ASP E 224 43.19 -54.05 -8.86
C ASP E 224 43.33 -54.89 -7.60
N ILE E 225 43.52 -54.21 -6.47
CA ILE E 225 43.65 -54.84 -5.17
C ILE E 225 42.94 -53.97 -4.14
N ALA E 226 42.21 -54.60 -3.23
CA ALA E 226 41.41 -53.83 -2.28
C ALA E 226 41.32 -54.54 -0.95
N PHE E 227 41.74 -53.87 0.12
CA PHE E 227 41.47 -54.35 1.45
C PHE E 227 40.00 -54.16 1.80
N ALA E 228 39.53 -54.95 2.71
CA ALA E 228 38.17 -54.71 3.16
C ALA E 228 38.17 -53.98 4.50
N PRO E 229 37.11 -53.21 4.79
CA PRO E 229 37.05 -52.52 6.09
C PRO E 229 37.14 -53.52 7.23
N ASN E 230 37.87 -53.12 8.28
CA ASN E 230 38.16 -54.06 9.37
C ASN E 230 36.90 -54.36 10.17
N LEU E 231 36.26 -53.33 10.72
CA LEU E 231 35.02 -53.47 11.47
C LEU E 231 35.18 -54.36 12.70
N GLY E 232 36.38 -54.39 13.27
CA GLY E 232 36.58 -55.10 14.52
C GLY E 232 36.79 -56.59 14.41
N ARG E 233 37.06 -57.12 13.23
CA ARG E 233 37.31 -58.54 13.09
C ARG E 233 38.68 -58.90 13.68
N SER E 234 39.02 -60.18 13.60
CA SER E 234 40.30 -60.67 14.10
C SER E 234 41.30 -60.92 12.98
N PHE E 235 40.92 -60.70 11.73
CA PHE E 235 41.81 -60.95 10.59
C PHE E 235 41.51 -59.93 9.51
N HIS E 236 42.31 -59.95 8.45
CA HIS E 236 42.19 -59.00 7.36
C HIS E 236 41.73 -59.73 6.10
N ILE E 237 40.90 -59.05 5.31
CA ILE E 237 40.34 -59.60 4.09
C ILE E 237 40.86 -58.78 2.91
N LEU E 238 41.37 -59.47 1.90
CA LEU E 238 41.94 -58.84 0.72
C LEU E 238 41.27 -59.38 -0.53
N ALA E 239 41.05 -58.52 -1.51
CA ALA E 239 40.44 -58.89 -2.77
C ALA E 239 41.39 -58.55 -3.91
N ILE E 240 41.62 -59.52 -4.79
CA ILE E 240 42.55 -59.41 -5.91
C ILE E 240 41.79 -59.61 -7.20
N ALA E 241 41.99 -58.70 -8.15
CA ALA E 241 41.36 -58.76 -9.46
C ALA E 241 42.38 -59.22 -10.49
N THR E 242 42.08 -60.31 -11.16
CA THR E 242 42.92 -60.91 -12.20
C THR E 242 41.98 -61.52 -13.23
N LYS E 243 42.49 -62.47 -14.01
CA LYS E 243 41.60 -63.26 -14.86
C LYS E 243 40.44 -63.87 -14.08
N ASP E 244 40.60 -64.02 -12.76
CA ASP E 244 39.55 -64.50 -11.88
C ASP E 244 39.61 -63.74 -10.57
N VAL E 245 38.45 -63.45 -10.00
CA VAL E 245 38.41 -62.74 -8.73
C VAL E 245 38.84 -63.66 -7.61
N ARG E 246 39.75 -63.19 -6.76
CA ARG E 246 40.24 -64.00 -5.65
C ARG E 246 40.09 -63.25 -4.34
N ILE E 247 39.82 -63.99 -3.27
CA ILE E 247 39.69 -63.41 -1.93
C ILE E 247 40.61 -64.15 -0.98
N PHE E 248 41.36 -63.41 -0.19
CA PHE E 248 42.32 -63.97 0.75
C PHE E 248 42.04 -63.45 2.15
N THR E 249 42.38 -64.26 3.15
CA THR E 249 42.25 -63.89 4.55
C THR E 249 43.61 -64.05 5.22
N LEU E 250 44.04 -63.02 5.93
CA LEU E 250 45.32 -63.03 6.62
C LEU E 250 45.07 -62.91 8.11
N LYS E 251 45.61 -63.85 8.88
CA LYS E 251 45.45 -63.85 10.32
C LYS E 251 46.81 -63.72 11.00
N PRO E 252 47.02 -62.72 11.84
CA PRO E 252 48.29 -62.61 12.56
C PRO E 252 48.47 -63.76 13.52
N VAL E 253 49.73 -64.14 13.73
CA VAL E 253 50.07 -65.17 14.69
C VAL E 253 50.42 -64.51 16.02
N ARG E 254 50.26 -65.27 17.10
CA ARG E 254 50.57 -64.76 18.43
C ARG E 254 52.07 -64.50 18.55
N LYS E 255 52.43 -63.25 18.76
CA LYS E 255 53.83 -62.87 18.88
C LYS E 255 54.35 -63.27 20.25
N GLU E 256 55.43 -64.06 20.27
CA GLU E 256 56.00 -64.50 21.53
C GLU E 256 56.57 -63.32 22.30
N LEU E 257 56.35 -63.32 23.62
CA LEU E 257 56.84 -62.24 24.47
C LEU E 257 58.33 -62.32 24.72
N THR E 258 58.99 -63.41 24.29
CA THR E 258 60.42 -63.54 24.52
C THR E 258 61.21 -62.44 23.84
N SER E 259 60.85 -62.11 22.59
CA SER E 259 61.54 -61.06 21.85
C SER E 259 60.63 -60.57 20.73
N SER E 260 60.57 -59.25 20.57
CA SER E 260 59.84 -58.63 19.47
C SER E 260 60.84 -58.29 18.37
N GLY E 261 60.65 -58.86 17.19
CA GLY E 261 61.60 -58.69 16.11
C GLY E 261 61.06 -57.94 14.91
N GLY E 262 61.14 -58.56 13.74
CA GLY E 262 60.76 -57.93 12.50
C GLY E 262 59.27 -57.98 12.23
N PRO E 263 58.91 -58.21 10.98
CA PRO E 263 57.49 -58.19 10.60
C PRO E 263 56.72 -59.33 11.23
N THR E 264 55.43 -59.09 11.44
CA THR E 264 54.55 -60.11 12.00
C THR E 264 54.32 -61.22 10.99
N LYS E 265 54.39 -62.47 11.46
CA LYS E 265 54.09 -63.61 10.60
C LYS E 265 52.60 -63.77 10.44
N PHE E 266 52.19 -64.24 9.26
CA PHE E 266 50.78 -64.33 8.90
C PHE E 266 50.46 -65.71 8.35
N GLU E 267 49.19 -66.07 8.45
CA GLU E 267 48.66 -67.29 7.85
C GLU E 267 47.76 -66.88 6.69
N ILE E 268 48.04 -67.40 5.51
CA ILE E 268 47.34 -67.02 4.29
C ILE E 268 46.43 -68.17 3.87
N HIS E 269 45.15 -67.87 3.67
CA HIS E 269 44.19 -68.86 3.20
C HIS E 269 43.27 -68.21 2.19
N ILE E 270 43.04 -68.88 1.09
CA ILE E 270 42.09 -68.43 0.09
C ILE E 270 40.70 -68.95 0.44
N VAL E 271 39.71 -68.08 0.37
CA VAL E 271 38.35 -68.45 0.75
C VAL E 271 37.37 -68.36 -0.40
N ALA E 272 37.75 -67.77 -1.54
CA ALA E 272 36.83 -67.66 -2.66
C ALA E 272 37.63 -67.36 -3.93
N GLN E 273 37.25 -68.04 -5.01
CA GLN E 273 37.88 -67.82 -6.31
C GLN E 273 36.79 -67.97 -7.37
N PHE E 274 36.35 -66.85 -7.91
CA PHE E 274 35.27 -66.84 -8.90
C PHE E 274 35.83 -66.58 -10.29
N ASP E 275 35.26 -67.26 -11.27
CA ASP E 275 35.67 -67.12 -12.67
C ASP E 275 34.46 -66.92 -13.58
N ASN E 276 33.41 -66.28 -13.06
CA ASN E 276 32.20 -66.10 -13.85
C ASN E 276 32.34 -65.04 -14.91
N HIS E 277 33.31 -64.12 -14.78
CA HIS E 277 33.50 -63.09 -15.80
C HIS E 277 34.04 -63.68 -17.09
N ASN E 278 34.87 -64.72 -17.00
CA ASN E 278 35.51 -65.32 -18.16
C ASN E 278 36.30 -64.29 -18.96
N SER E 279 36.95 -63.38 -18.26
CA SER E 279 37.70 -62.30 -18.88
C SER E 279 38.60 -61.67 -17.82
N GLN E 280 39.28 -60.60 -18.20
CA GLN E 280 40.14 -59.87 -17.28
C GLN E 280 39.28 -58.97 -16.40
N VAL E 281 39.14 -59.33 -15.12
CA VAL E 281 38.42 -58.49 -14.19
C VAL E 281 39.18 -57.18 -14.00
N TRP E 282 38.45 -56.08 -13.99
CA TRP E 282 39.08 -54.76 -14.01
C TRP E 282 39.01 -54.01 -12.69
N ARG E 283 37.86 -54.03 -12.01
CA ARG E 283 37.73 -53.26 -10.77
C ARG E 283 37.06 -54.11 -9.70
N VAL E 284 37.46 -53.87 -8.45
CA VAL E 284 36.87 -54.51 -7.28
C VAL E 284 36.70 -53.46 -6.20
N SER E 285 35.62 -53.56 -5.43
CA SER E 285 35.38 -52.61 -4.35
C SER E 285 34.53 -53.26 -3.27
N TRP E 286 34.63 -52.69 -2.07
CA TRP E 286 33.89 -53.17 -0.90
C TRP E 286 32.86 -52.14 -0.48
N ASN E 287 31.83 -52.62 0.22
CA ASN E 287 30.84 -51.72 0.80
C ASN E 287 31.39 -51.17 2.10
N ILE E 288 30.54 -50.50 2.88
CA ILE E 288 31.00 -49.87 4.10
C ILE E 288 31.37 -50.90 5.16
N THR E 289 30.56 -51.95 5.30
CA THR E 289 30.77 -52.94 6.35
C THR E 289 31.70 -54.06 5.94
N GLY E 290 32.20 -54.05 4.70
CA GLY E 290 33.06 -55.14 4.25
C GLY E 290 32.36 -56.47 4.21
N THR E 291 31.12 -56.50 3.70
CA THR E 291 30.38 -57.74 3.58
C THR E 291 29.88 -58.01 2.17
N VAL E 292 29.95 -57.04 1.27
CA VAL E 292 29.53 -57.20 -0.11
C VAL E 292 30.67 -56.77 -1.01
N LEU E 293 30.98 -57.57 -2.01
CA LEU E 293 32.07 -57.29 -2.94
C LEU E 293 31.50 -57.03 -4.32
N ALA E 294 31.95 -55.94 -4.95
CA ALA E 294 31.50 -55.57 -6.29
C ALA E 294 32.67 -55.72 -7.25
N SER E 295 32.44 -56.42 -8.36
CA SER E 295 33.50 -56.69 -9.33
C SER E 295 33.01 -56.36 -10.73
N SER E 296 33.89 -55.79 -11.53
CA SER E 296 33.59 -55.44 -12.92
C SER E 296 34.73 -55.90 -13.81
N GLY E 297 34.39 -56.59 -14.89
CA GLY E 297 35.38 -57.09 -15.83
C GLY E 297 35.10 -56.70 -17.26
N ASP E 298 35.75 -57.38 -18.21
CA ASP E 298 35.60 -57.05 -19.62
C ASP E 298 34.29 -57.54 -20.23
N ASP E 299 33.56 -58.39 -19.55
CA ASP E 299 32.30 -58.88 -20.11
C ASP E 299 31.20 -57.84 -20.08
N GLY E 300 31.47 -56.60 -19.67
CA GLY E 300 30.43 -55.61 -19.60
C GLY E 300 29.40 -55.86 -18.52
N CYS E 301 29.76 -56.59 -17.48
CA CYS E 301 28.83 -56.97 -16.43
C CYS E 301 29.41 -56.62 -15.07
N VAL E 302 28.52 -56.31 -14.13
CA VAL E 302 28.89 -56.02 -12.75
C VAL E 302 28.32 -57.11 -11.87
N ARG E 303 29.15 -57.71 -11.04
CA ARG E 303 28.77 -58.86 -10.23
C ARG E 303 28.96 -58.53 -8.76
N LEU E 304 27.95 -58.84 -7.96
CA LEU E 304 27.95 -58.60 -6.53
C LEU E 304 27.97 -59.94 -5.80
N TRP E 305 28.95 -60.12 -4.93
CA TRP E 305 29.18 -61.34 -4.18
C TRP E 305 29.00 -61.09 -2.70
N LYS E 306 28.49 -62.10 -2.01
CA LYS E 306 28.21 -62.01 -0.58
C LYS E 306 28.35 -63.40 0.03
N ALA E 307 28.52 -63.42 1.36
CA ALA E 307 28.62 -64.67 2.08
C ALA E 307 27.23 -65.23 2.34
N ASN E 308 27.17 -66.42 2.96
CA ASN E 308 25.90 -67.07 3.23
C ASN E 308 25.81 -67.56 4.67
N TYR E 309 24.77 -68.35 4.96
CA TYR E 309 24.63 -68.91 6.30
C TYR E 309 25.80 -69.82 6.65
N MET E 310 26.27 -70.60 5.69
CA MET E 310 27.41 -71.49 5.91
C MET E 310 28.75 -70.78 5.78
N ASP E 311 28.75 -69.45 5.80
CA ASP E 311 29.97 -68.65 5.67
C ASP E 311 30.72 -69.01 4.39
N ASN E 312 29.98 -69.18 3.29
CA ASN E 312 30.55 -69.45 1.98
C ASN E 312 30.19 -68.32 1.03
N TRP E 313 31.07 -68.05 0.09
CA TRP E 313 30.90 -66.94 -0.84
C TRP E 313 30.19 -67.40 -2.10
N LYS E 314 29.12 -66.71 -2.45
CA LYS E 314 28.35 -67.01 -3.64
C LYS E 314 27.84 -65.71 -4.26
N CYS E 315 27.64 -65.74 -5.57
CA CYS E 315 27.15 -64.55 -6.27
C CYS E 315 25.74 -64.22 -5.83
N THR E 316 25.46 -62.92 -5.73
CA THR E 316 24.13 -62.44 -5.38
C THR E 316 23.53 -61.50 -6.41
N GLY E 317 24.36 -60.87 -7.25
CA GLY E 317 23.79 -59.97 -8.24
C GLY E 317 24.58 -59.92 -9.54
N ILE E 318 23.89 -59.82 -10.67
CA ILE E 318 24.52 -59.69 -11.97
C ILE E 318 23.79 -58.60 -12.76
N LEU E 319 24.55 -57.64 -13.28
CA LEU E 319 24.01 -56.55 -14.07
C LEU E 319 24.88 -56.33 -15.29
N LYS E 320 24.38 -55.51 -16.22
CA LYS E 320 25.10 -55.17 -17.44
C LYS E 320 25.33 -53.67 -17.49
N GLY E 321 26.35 -53.28 -18.26
CA GLY E 321 26.76 -51.89 -18.30
C GLY E 321 25.66 -50.96 -18.77
N ASN E 322 24.85 -51.41 -19.73
CA ASN E 322 23.74 -50.60 -20.21
C ASN E 322 22.67 -50.39 -19.15
N GLY E 323 22.71 -51.15 -18.05
CA GLY E 323 21.68 -51.10 -17.05
C GLY E 323 20.57 -52.11 -17.23
N SER E 324 20.59 -52.86 -18.32
CA SER E 324 19.57 -53.88 -18.53
C SER E 324 19.81 -55.04 -17.57
N PRO E 325 18.82 -55.43 -16.78
CA PRO E 325 19.00 -56.57 -15.88
C PRO E 325 19.16 -57.87 -16.65
N VAL E 326 19.88 -58.81 -16.05
CA VAL E 326 20.10 -60.10 -16.67
C VAL E 326 19.01 -61.08 -16.24
N MET F 1 -48.32 11.91 -43.56
CA MET F 1 -47.01 12.30 -44.08
C MET F 1 -46.00 12.53 -42.96
N PHE F 2 -46.14 11.78 -41.88
CA PHE F 2 -45.25 11.88 -40.73
C PHE F 2 -44.45 10.58 -40.58
N VAL F 3 -43.13 10.70 -40.45
CA VAL F 3 -42.26 9.56 -40.19
C VAL F 3 -41.63 9.73 -38.82
N ALA F 4 -41.30 8.60 -38.20
CA ALA F 4 -40.82 8.56 -36.83
C ALA F 4 -39.45 7.89 -36.76
N ARG F 5 -38.72 8.22 -35.70
CA ARG F 5 -37.42 7.64 -35.42
C ARG F 5 -37.21 7.63 -33.91
N SER F 6 -36.25 6.83 -33.46
CA SER F 6 -35.97 6.70 -32.03
C SER F 6 -34.70 7.46 -31.70
N ILE F 7 -34.77 8.31 -30.67
CA ILE F 7 -33.63 9.07 -30.20
C ILE F 7 -32.82 8.21 -29.26
N ALA F 8 -31.50 8.14 -29.48
CA ALA F 8 -30.62 7.30 -28.68
C ALA F 8 -30.39 7.96 -27.33
N ALA F 9 -31.43 7.91 -26.49
CA ALA F 9 -31.37 8.42 -25.13
C ALA F 9 -31.67 7.29 -24.16
N ASP F 10 -30.85 7.17 -23.11
CA ASP F 10 -30.96 6.08 -22.16
C ASP F 10 -31.61 6.58 -20.88
N HIS F 11 -32.71 5.94 -20.49
CA HIS F 11 -33.41 6.25 -19.26
C HIS F 11 -33.64 4.95 -18.48
N LYS F 12 -33.46 5.02 -17.16
CA LYS F 12 -33.58 3.86 -16.31
C LYS F 12 -34.95 3.70 -15.70
N ASP F 13 -35.66 4.80 -15.45
CA ASP F 13 -36.98 4.77 -14.85
C ASP F 13 -38.01 5.24 -15.87
N LEU F 14 -39.27 5.13 -15.49
CA LEU F 14 -40.35 5.59 -16.35
C LEU F 14 -40.34 7.11 -16.45
N ILE F 15 -40.51 7.61 -17.66
CA ILE F 15 -40.50 9.05 -17.91
C ILE F 15 -41.91 9.60 -17.70
N HIS F 16 -42.02 10.62 -16.86
CA HIS F 16 -43.33 11.21 -16.55
C HIS F 16 -43.67 12.35 -17.51
N ASP F 17 -42.82 13.37 -17.58
CA ASP F 17 -43.07 14.54 -18.42
C ASP F 17 -41.79 14.97 -19.12
N VAL F 18 -41.94 15.44 -20.35
CA VAL F 18 -40.83 15.97 -21.14
C VAL F 18 -41.19 17.37 -21.62
N SER F 19 -40.20 18.25 -21.66
CA SER F 19 -40.44 19.64 -22.02
C SER F 19 -39.27 20.19 -22.81
N PHE F 20 -39.56 21.06 -23.77
CA PHE F 20 -38.56 21.70 -24.60
C PHE F 20 -38.28 23.12 -24.12
N ASP F 21 -37.11 23.62 -24.52
CA ASP F 21 -36.77 25.02 -24.30
C ASP F 21 -37.40 25.86 -25.41
N PHE F 22 -37.13 27.17 -25.39
CA PHE F 22 -37.70 28.05 -26.40
C PHE F 22 -37.13 27.77 -27.79
N HIS F 23 -35.80 27.69 -27.88
CA HIS F 23 -35.16 27.44 -29.16
C HIS F 23 -35.16 25.98 -29.57
N GLY F 24 -35.63 25.09 -28.70
CA GLY F 24 -35.67 23.68 -29.03
C GLY F 24 -34.32 23.00 -29.02
N ARG F 25 -33.37 23.53 -28.25
CA ARG F 25 -32.04 22.93 -28.13
C ARG F 25 -31.79 22.29 -26.77
N ARG F 26 -32.71 22.46 -25.81
CA ARG F 26 -32.58 21.89 -24.48
C ARG F 26 -33.88 21.19 -24.11
N MET F 27 -33.76 20.03 -23.47
CA MET F 27 -34.92 19.25 -23.05
C MET F 27 -34.80 18.91 -21.57
N ALA F 28 -35.94 18.91 -20.89
CA ALA F 28 -36.02 18.57 -19.48
C ALA F 28 -36.98 17.41 -19.30
N THR F 29 -36.54 16.36 -18.60
CA THR F 29 -37.33 15.15 -18.42
C THR F 29 -37.47 14.81 -16.95
N CYS F 30 -38.67 14.42 -16.54
CA CYS F 30 -38.95 13.98 -15.19
C CYS F 30 -39.16 12.48 -15.18
N SER F 31 -38.53 11.80 -14.24
CA SER F 31 -38.59 10.35 -14.14
C SER F 31 -39.49 9.94 -12.97
N SER F 32 -39.68 8.63 -12.83
CA SER F 32 -40.52 8.10 -11.78
C SER F 32 -39.81 8.02 -10.43
N ASP F 33 -38.50 8.24 -10.39
CA ASP F 33 -37.73 8.14 -9.16
C ASP F 33 -37.44 9.52 -8.57
N GLN F 34 -38.37 10.47 -8.75
CA GLN F 34 -38.21 11.84 -8.29
C GLN F 34 -36.93 12.48 -8.83
N SER F 35 -36.59 12.15 -10.07
CA SER F 35 -35.36 12.62 -10.70
C SER F 35 -35.67 13.50 -11.89
N VAL F 36 -34.81 14.49 -12.12
CA VAL F 36 -34.94 15.42 -13.24
C VAL F 36 -33.64 15.39 -14.02
N LYS F 37 -33.75 15.29 -15.35
CA LYS F 37 -32.59 15.22 -16.22
C LYS F 37 -32.69 16.30 -17.29
N VAL F 38 -31.54 16.83 -17.68
CA VAL F 38 -31.44 17.86 -18.71
C VAL F 38 -30.60 17.30 -19.85
N TRP F 39 -31.09 17.44 -21.07
CA TRP F 39 -30.40 16.97 -22.26
C TRP F 39 -30.18 18.13 -23.22
N ASP F 40 -28.99 18.19 -23.80
CA ASP F 40 -28.64 19.22 -24.77
C ASP F 40 -28.27 18.57 -26.09
N LYS F 41 -28.63 19.23 -27.19
CA LYS F 41 -28.38 18.73 -28.53
C LYS F 41 -27.09 19.35 -29.06
N SER F 42 -26.20 18.50 -29.55
CA SER F 42 -24.92 18.97 -30.08
C SER F 42 -25.10 19.50 -31.50
N GLU F 43 -24.04 20.11 -32.02
CA GLU F 43 -24.07 20.62 -33.39
C GLU F 43 -24.25 19.50 -34.39
N SER F 44 -23.66 18.33 -34.13
CA SER F 44 -23.86 17.19 -35.00
C SER F 44 -25.31 16.69 -34.95
N GLY F 45 -26.03 17.02 -33.88
CA GLY F 45 -27.40 16.60 -33.73
C GLY F 45 -27.65 15.53 -32.68
N ASP F 46 -26.64 15.19 -31.89
CA ASP F 46 -26.78 14.16 -30.87
C ASP F 46 -27.16 14.80 -29.54
N TRP F 47 -27.82 14.01 -28.70
CA TRP F 47 -28.30 14.47 -27.41
C TRP F 47 -27.43 13.89 -26.29
N HIS F 48 -27.06 14.75 -25.35
CA HIS F 48 -26.24 14.34 -24.23
C HIS F 48 -26.80 14.94 -22.94
N CYS F 49 -26.86 14.11 -21.90
CA CYS F 49 -27.30 14.60 -20.60
C CYS F 49 -26.24 15.51 -19.99
N THR F 50 -26.70 16.49 -19.22
CA THR F 50 -25.81 17.47 -18.60
C THR F 50 -26.03 17.65 -17.11
N ALA F 51 -27.16 17.24 -16.56
CA ALA F 51 -27.41 17.37 -15.13
C ALA F 51 -28.47 16.37 -14.72
N SER F 52 -28.51 16.09 -13.42
CA SER F 52 -29.46 15.15 -12.84
C SER F 52 -29.41 15.30 -11.32
N TRP F 53 -30.60 15.33 -10.71
CA TRP F 53 -30.69 15.45 -9.26
C TRP F 53 -32.09 15.06 -8.82
N LYS F 54 -32.23 14.77 -7.53
CA LYS F 54 -33.52 14.52 -6.91
C LYS F 54 -34.03 15.82 -6.31
N THR F 55 -35.35 16.05 -6.43
CA THR F 55 -35.94 17.33 -6.10
C THR F 55 -36.85 17.29 -4.88
N HIS F 56 -37.88 16.44 -4.89
CA HIS F 56 -38.92 16.48 -3.87
C HIS F 56 -39.05 15.12 -3.19
N SER F 57 -39.81 15.14 -2.08
CA SER F 57 -40.09 13.93 -1.34
C SER F 57 -41.19 13.09 -1.98
N GLY F 58 -42.15 13.74 -2.63
CA GLY F 58 -43.21 13.05 -3.32
C GLY F 58 -42.92 12.88 -4.80
N SER F 59 -43.93 12.39 -5.53
CA SER F 59 -43.78 12.20 -6.95
C SER F 59 -43.69 13.55 -7.66
N VAL F 60 -42.98 13.56 -8.79
CA VAL F 60 -42.80 14.75 -9.60
C VAL F 60 -43.72 14.63 -10.81
N TRP F 61 -44.66 15.58 -10.92
CA TRP F 61 -45.67 15.52 -11.97
C TRP F 61 -45.24 16.29 -13.22
N ARG F 62 -44.99 17.59 -13.09
CA ARG F 62 -44.73 18.45 -14.24
C ARG F 62 -43.49 19.29 -14.02
N VAL F 63 -42.74 19.50 -15.10
CA VAL F 63 -41.58 20.37 -15.12
C VAL F 63 -41.63 21.19 -16.41
N THR F 64 -41.37 22.50 -16.28
CA THR F 64 -41.53 23.40 -17.41
C THR F 64 -40.37 24.40 -17.45
N TRP F 65 -40.10 24.91 -18.64
CA TRP F 65 -39.07 25.91 -18.86
C TRP F 65 -39.65 27.32 -18.75
N ALA F 66 -38.77 28.29 -18.55
CA ALA F 66 -39.13 29.70 -18.63
C ALA F 66 -38.52 30.32 -19.88
N HIS F 67 -38.92 31.55 -20.16
CA HIS F 67 -38.41 32.24 -21.33
C HIS F 67 -36.92 32.55 -21.17
N PRO F 68 -36.12 32.44 -22.23
CA PRO F 68 -34.68 32.71 -22.12
C PRO F 68 -34.35 34.13 -21.71
N GLU F 69 -35.26 35.09 -21.93
CA GLU F 69 -34.99 36.47 -21.55
C GLU F 69 -34.71 36.61 -20.07
N PHE F 70 -35.30 35.73 -19.26
CA PHE F 70 -35.04 35.70 -17.83
C PHE F 70 -33.94 34.72 -17.45
N GLY F 71 -33.29 34.11 -18.43
CA GLY F 71 -32.23 33.15 -18.19
C GLY F 71 -32.70 31.72 -18.36
N GLN F 72 -32.00 30.81 -17.68
CA GLN F 72 -32.32 29.39 -17.69
C GLN F 72 -33.03 29.07 -16.38
N VAL F 73 -34.35 28.98 -16.43
CA VAL F 73 -35.17 28.77 -15.23
C VAL F 73 -36.13 27.61 -15.50
N LEU F 74 -36.22 26.69 -14.55
CA LEU F 74 -37.15 25.58 -14.62
C LEU F 74 -38.06 25.58 -13.39
N ALA F 75 -39.31 25.19 -13.59
CA ALA F 75 -40.29 25.11 -12.51
C ALA F 75 -40.84 23.70 -12.45
N SER F 76 -40.84 23.11 -11.26
CA SER F 76 -41.28 21.73 -11.08
C SER F 76 -42.34 21.65 -9.99
N CYS F 77 -43.44 20.98 -10.28
CA CYS F 77 -44.49 20.75 -9.30
C CYS F 77 -44.38 19.33 -8.76
N SER F 78 -44.69 19.17 -7.48
CA SER F 78 -44.53 17.87 -6.82
C SER F 78 -45.82 17.48 -6.12
N PHE F 79 -45.97 16.17 -5.94
CA PHE F 79 -47.11 15.62 -5.19
C PHE F 79 -46.98 15.89 -3.70
N ASP F 80 -45.83 16.39 -3.25
CA ASP F 80 -45.58 16.69 -1.85
C ASP F 80 -46.03 18.10 -1.51
N ARG F 81 -46.98 18.64 -2.28
CA ARG F 81 -47.57 19.96 -2.06
C ARG F 81 -46.56 21.08 -2.19
N THR F 82 -45.54 20.90 -3.02
CA THR F 82 -44.48 21.88 -3.20
C THR F 82 -44.30 22.20 -4.67
N ALA F 83 -43.77 23.38 -4.94
CA ALA F 83 -43.40 23.81 -6.28
C ALA F 83 -42.04 24.50 -6.21
N ALA F 84 -41.05 23.91 -6.86
CA ALA F 84 -39.67 24.36 -6.75
C ALA F 84 -39.24 25.08 -8.02
N VAL F 85 -38.39 26.09 -7.84
CA VAL F 85 -37.81 26.86 -8.94
C VAL F 85 -36.31 26.62 -8.94
N TRP F 86 -35.79 26.21 -10.09
CA TRP F 86 -34.38 25.88 -10.24
C TRP F 86 -33.74 26.78 -11.29
N GLU F 87 -32.53 27.24 -10.99
CA GLU F 87 -31.76 28.07 -11.89
C GLU F 87 -30.38 27.43 -12.09
N GLU F 88 -29.87 27.54 -13.31
CA GLU F 88 -28.60 26.93 -13.66
C GLU F 88 -27.46 27.92 -13.42
N ILE F 89 -26.45 27.47 -12.68
CA ILE F 89 -25.23 28.25 -12.45
C ILE F 89 -24.04 27.39 -12.86
N VAL F 90 -23.17 27.94 -13.70
CA VAL F 90 -22.02 27.22 -14.22
C VAL F 90 -20.76 28.04 -13.93
N GLY F 91 -19.69 27.35 -13.54
CA GLY F 91 -18.43 28.00 -13.26
C GLY F 91 -17.25 27.35 -13.95
N GLY F 99 -16.68 23.97 -18.13
CA GLY F 99 -17.61 24.47 -17.12
C GLY F 99 -18.79 23.56 -16.90
N GLN F 100 -18.75 22.80 -15.80
CA GLN F 100 -19.82 21.88 -15.48
C GLN F 100 -21.04 22.64 -14.96
N SER F 101 -22.21 22.30 -15.50
CA SER F 101 -23.45 22.92 -15.05
C SER F 101 -23.76 22.49 -13.61
N HIS F 102 -24.23 23.45 -12.80
CA HIS F 102 -24.59 23.20 -11.41
C HIS F 102 -25.92 23.87 -11.15
N TRP F 103 -27.01 23.11 -11.31
CA TRP F 103 -28.34 23.63 -11.03
C TRP F 103 -28.54 23.82 -9.54
N VAL F 104 -29.10 24.96 -9.16
CA VAL F 104 -29.34 25.29 -7.76
C VAL F 104 -30.79 25.73 -7.60
N LYS F 105 -31.48 25.16 -6.63
CA LYS F 105 -32.83 25.60 -6.31
C LYS F 105 -32.78 27.00 -5.72
N ARG F 106 -33.70 27.85 -6.18
CA ARG F 106 -33.75 29.24 -5.74
C ARG F 106 -34.93 29.57 -4.84
N THR F 107 -36.07 28.91 -5.03
CA THR F 107 -37.24 29.19 -4.21
C THR F 107 -38.18 28.00 -4.25
N THR F 108 -39.05 27.93 -3.25
CA THR F 108 -40.05 26.87 -3.14
C THR F 108 -41.36 27.47 -2.61
N LEU F 109 -42.47 27.15 -3.26
CA LEU F 109 -43.80 27.54 -2.82
C LEU F 109 -44.51 26.32 -2.25
N VAL F 110 -44.99 26.45 -1.01
CA VAL F 110 -45.67 25.35 -0.33
C VAL F 110 -46.99 25.87 0.25
N ASP F 111 -47.51 26.95 -0.32
CA ASP F 111 -48.78 27.52 0.12
C ASP F 111 -49.96 26.60 -0.17
N SER F 112 -49.79 25.58 -1.00
CA SER F 112 -50.88 24.66 -1.28
C SER F 112 -51.12 23.75 -0.08
N ARG F 113 -52.40 23.51 0.21
CA ARG F 113 -52.79 22.58 1.25
C ARG F 113 -52.98 21.17 0.73
N THR F 114 -53.06 20.99 -0.57
CA THR F 114 -53.17 19.69 -1.22
C THR F 114 -51.98 19.51 -2.17
N SER F 115 -51.99 18.39 -2.89
CA SER F 115 -50.95 18.13 -3.87
C SER F 115 -51.02 19.15 -5.00
N VAL F 116 -49.87 19.71 -5.36
CA VAL F 116 -49.80 20.67 -6.46
C VAL F 116 -49.95 19.89 -7.77
N THR F 117 -51.05 20.12 -8.47
CA THR F 117 -51.37 19.34 -9.66
C THR F 117 -50.71 19.87 -10.91
N ASP F 118 -50.71 21.19 -11.12
CA ASP F 118 -50.13 21.75 -12.33
C ASP F 118 -49.41 23.05 -12.02
N VAL F 119 -48.40 23.36 -12.83
CA VAL F 119 -47.64 24.60 -12.71
C VAL F 119 -47.30 25.08 -14.13
N LYS F 120 -47.44 26.38 -14.36
CA LYS F 120 -47.24 26.96 -15.69
C LYS F 120 -46.64 28.36 -15.55
N PHE F 121 -46.00 28.79 -16.64
CA PHE F 121 -45.42 30.13 -16.72
C PHE F 121 -46.31 31.06 -17.54
N ALA F 122 -46.33 32.32 -17.13
CA ALA F 122 -47.06 33.35 -17.83
C ALA F 122 -46.34 33.77 -19.11
N PRO F 123 -47.03 34.42 -20.05
CA PRO F 123 -46.37 34.90 -21.26
C PRO F 123 -45.31 35.96 -20.94
N LYS F 124 -44.35 36.08 -21.86
CA LYS F 124 -43.18 36.92 -21.61
C LYS F 124 -43.56 38.38 -21.43
N HIS F 125 -44.54 38.87 -22.22
CA HIS F 125 -44.88 40.29 -22.17
C HIS F 125 -45.53 40.70 -20.86
N MET F 126 -45.92 39.75 -20.01
CA MET F 126 -46.53 40.06 -18.73
C MET F 126 -45.55 39.97 -17.58
N GLY F 127 -44.25 39.89 -17.87
CA GLY F 127 -43.26 39.77 -16.83
C GLY F 127 -42.95 38.33 -16.50
N LEU F 128 -42.40 38.15 -15.29
CA LEU F 128 -42.04 36.83 -14.79
C LEU F 128 -43.08 36.42 -13.76
N MET F 129 -44.17 35.83 -14.24
CA MET F 129 -45.23 35.32 -13.38
C MET F 129 -45.36 33.81 -13.52
N LEU F 130 -45.99 33.20 -12.53
CA LEU F 130 -46.20 31.77 -12.51
C LEU F 130 -47.56 31.47 -11.92
N ALA F 131 -48.16 30.36 -12.37
CA ALA F 131 -49.46 29.92 -11.89
C ALA F 131 -49.37 28.47 -11.45
N THR F 132 -50.03 28.15 -10.34
CA THR F 132 -50.06 26.79 -9.81
C THR F 132 -51.49 26.42 -9.47
N CYS F 133 -51.96 25.30 -10.01
CA CYS F 133 -53.28 24.78 -9.73
C CYS F 133 -53.15 23.54 -8.87
N SER F 134 -53.88 23.50 -7.77
CA SER F 134 -53.80 22.42 -6.80
C SER F 134 -55.04 21.55 -6.89
N ALA F 135 -55.01 20.43 -6.16
CA ALA F 135 -56.11 19.48 -6.17
C ALA F 135 -57.30 19.95 -5.36
N ASP F 136 -57.12 20.91 -4.46
CA ASP F 136 -58.20 21.41 -3.63
C ASP F 136 -59.12 22.36 -4.36
N GLY F 137 -58.79 22.73 -5.60
CA GLY F 137 -59.56 23.72 -6.33
C GLY F 137 -59.02 25.13 -6.21
N ILE F 138 -57.72 25.30 -5.98
CA ILE F 138 -57.12 26.60 -5.76
C ILE F 138 -56.07 26.85 -6.84
N VAL F 139 -56.18 28.00 -7.50
CA VAL F 139 -55.21 28.45 -8.48
C VAL F 139 -54.53 29.69 -7.89
N ARG F 140 -53.20 29.63 -7.77
CA ARG F 140 -52.43 30.71 -7.20
C ARG F 140 -51.51 31.27 -8.26
N ILE F 141 -51.53 32.59 -8.43
CA ILE F 141 -50.67 33.28 -9.38
C ILE F 141 -49.71 34.15 -8.59
N TYR F 142 -48.41 33.85 -8.72
CA TYR F 142 -47.37 34.58 -8.03
C TYR F 142 -46.48 35.31 -9.05
N GLU F 143 -45.82 36.36 -8.58
CA GLU F 143 -44.96 37.16 -9.43
C GLU F 143 -43.67 37.50 -8.69
N ALA F 144 -42.58 37.62 -9.44
CA ALA F 144 -41.31 38.03 -8.88
C ALA F 144 -41.05 39.48 -9.24
N PRO F 145 -41.13 40.41 -8.28
CA PRO F 145 -40.94 41.83 -8.64
C PRO F 145 -39.58 42.14 -9.24
N ASP F 146 -38.52 41.46 -8.82
CA ASP F 146 -37.18 41.72 -9.32
C ASP F 146 -36.70 40.50 -10.10
N VAL F 147 -36.33 40.73 -11.36
CA VAL F 147 -35.83 39.64 -12.20
C VAL F 147 -34.40 39.24 -11.87
N MET F 148 -33.68 40.08 -11.13
CA MET F 148 -32.30 39.78 -10.77
C MET F 148 -32.19 39.04 -9.45
N ASN F 149 -33.31 38.80 -8.76
CA ASN F 149 -33.32 38.10 -7.47
C ASN F 149 -34.41 37.01 -7.50
N LEU F 150 -34.01 35.77 -7.78
CA LEU F 150 -34.94 34.68 -7.94
C LEU F 150 -35.48 34.15 -6.61
N SER F 151 -34.82 34.47 -5.49
CA SER F 151 -35.20 33.87 -4.22
C SER F 151 -36.44 34.48 -3.60
N GLN F 152 -36.97 35.56 -4.15
CA GLN F 152 -38.12 36.25 -3.58
C GLN F 152 -39.29 36.14 -4.54
N TRP F 153 -40.46 35.79 -4.01
CA TRP F 153 -41.69 35.68 -4.77
C TRP F 153 -42.86 36.10 -3.89
N SER F 154 -43.88 36.68 -4.52
CA SER F 154 -45.05 37.17 -3.82
C SER F 154 -46.31 36.61 -4.46
N LEU F 155 -47.25 36.17 -3.61
CA LEU F 155 -48.51 35.64 -4.10
C LEU F 155 -49.41 36.80 -4.54
N GLN F 156 -49.66 36.90 -5.84
CA GLN F 156 -50.38 38.03 -6.41
C GLN F 156 -51.89 37.80 -6.42
N HIS F 157 -52.32 36.61 -6.84
CA HIS F 157 -53.75 36.32 -6.95
C HIS F 157 -54.03 34.91 -6.48
N GLU F 158 -55.25 34.70 -5.99
CA GLU F 158 -55.72 33.39 -5.55
C GLU F 158 -57.17 33.23 -5.96
N ILE F 159 -57.49 32.11 -6.60
CA ILE F 159 -58.83 31.85 -7.12
C ILE F 159 -59.28 30.48 -6.66
N SER F 160 -60.55 30.38 -6.26
CA SER F 160 -61.17 29.12 -5.89
C SER F 160 -62.11 28.69 -7.01
N CYS F 161 -62.01 27.42 -7.40
CA CYS F 161 -62.81 26.90 -8.51
C CYS F 161 -63.96 26.01 -8.07
N LYS F 162 -64.04 25.66 -6.78
CA LYS F 162 -65.06 24.79 -6.22
C LYS F 162 -65.03 23.39 -6.83
N LEU F 163 -64.02 23.07 -7.64
CA LEU F 163 -63.88 21.75 -8.23
C LEU F 163 -62.40 21.42 -8.32
N SER F 164 -62.10 20.13 -8.37
CA SER F 164 -60.72 19.66 -8.38
C SER F 164 -60.03 20.08 -9.67
N CYS F 165 -59.13 21.04 -9.58
CA CYS F 165 -58.38 21.48 -10.75
C CYS F 165 -57.45 20.37 -11.21
N SER F 166 -57.30 20.25 -12.54
CA SER F 166 -56.48 19.20 -13.11
C SER F 166 -55.47 19.75 -14.11
N CYS F 167 -55.78 20.90 -14.71
CA CYS F 167 -54.90 21.49 -15.71
C CYS F 167 -55.26 22.96 -15.90
N ILE F 168 -54.25 23.76 -16.24
CA ILE F 168 -54.43 25.19 -16.49
C ILE F 168 -53.68 25.56 -17.76
N SER F 169 -54.07 26.69 -18.34
CA SER F 169 -53.43 27.17 -19.56
C SER F 169 -53.61 28.67 -19.68
N TRP F 170 -52.52 29.36 -20.02
CA TRP F 170 -52.55 30.79 -20.26
C TRP F 170 -53.00 31.09 -21.68
N ASN F 171 -53.37 32.34 -21.93
CA ASN F 171 -53.67 32.79 -23.28
C ASN F 171 -52.41 33.39 -23.90
N PRO F 172 -51.84 32.78 -24.93
CA PRO F 172 -50.59 33.30 -25.50
C PRO F 172 -50.73 34.59 -26.28
N SER F 173 -51.92 35.19 -26.32
CA SER F 173 -52.10 36.44 -27.04
C SER F 173 -51.29 37.55 -26.39
N SER F 174 -50.68 38.38 -27.22
CA SER F 174 -49.86 39.49 -26.75
C SER F 174 -50.34 40.83 -27.31
N SER F 175 -51.56 40.86 -27.84
CA SER F 175 -52.09 42.10 -28.41
C SER F 175 -52.38 43.11 -27.32
N ARG F 176 -52.48 44.38 -27.72
CA ARG F 176 -52.79 45.45 -26.80
C ARG F 176 -54.28 45.54 -26.48
N ALA F 177 -55.12 44.74 -27.13
CA ALA F 177 -56.55 44.77 -26.91
C ALA F 177 -57.08 43.55 -26.18
N HIS F 178 -56.23 42.57 -25.87
CA HIS F 178 -56.65 41.35 -25.20
C HIS F 178 -56.14 41.35 -23.76
N SER F 179 -57.07 41.30 -22.81
CA SER F 179 -56.70 41.16 -21.42
C SER F 179 -56.16 39.76 -21.15
N PRO F 180 -55.31 39.60 -20.14
CA PRO F 180 -54.80 38.27 -19.82
C PRO F 180 -55.93 37.30 -19.49
N MET F 181 -55.79 36.07 -19.98
CA MET F 181 -56.80 35.05 -19.78
C MET F 181 -56.16 33.75 -19.34
N ILE F 182 -56.83 33.04 -18.44
CA ILE F 182 -56.38 31.75 -17.96
C ILE F 182 -57.58 30.81 -17.94
N ALA F 183 -57.36 29.58 -18.39
CA ALA F 183 -58.41 28.56 -18.43
C ALA F 183 -58.00 27.40 -17.55
N VAL F 184 -58.95 26.89 -16.77
CA VAL F 184 -58.71 25.79 -15.85
C VAL F 184 -59.74 24.69 -16.12
N GLY F 185 -59.26 23.45 -16.18
CA GLY F 185 -60.11 22.30 -16.33
C GLY F 185 -60.25 21.54 -15.01
N SER F 186 -61.04 20.47 -15.07
CA SER F 186 -61.27 19.65 -13.90
C SER F 186 -61.37 18.20 -14.32
N ASP F 187 -61.07 17.30 -13.38
CA ASP F 187 -61.14 15.87 -13.63
C ASP F 187 -62.11 15.18 -12.70
N ASP F 188 -62.98 15.94 -12.03
CA ASP F 188 -63.97 15.35 -11.14
C ASP F 188 -64.94 14.49 -11.92
N SER F 189 -65.24 13.32 -11.39
CA SER F 189 -66.14 12.35 -12.01
C SER F 189 -67.45 12.23 -11.24
N SER F 190 -67.98 13.36 -10.76
CA SER F 190 -69.22 13.35 -10.03
C SER F 190 -70.36 12.91 -10.96
N PRO F 191 -71.32 12.14 -10.46
CA PRO F 191 -72.45 11.72 -11.32
C PRO F 191 -73.26 12.89 -11.83
N ASN F 192 -73.32 13.99 -11.09
CA ASN F 192 -74.05 15.16 -11.54
C ASN F 192 -73.39 15.77 -12.78
N ALA F 193 -74.21 16.37 -13.63
CA ALA F 193 -73.74 16.98 -14.87
C ALA F 193 -73.40 18.44 -14.58
N MET F 194 -72.11 18.72 -14.38
CA MET F 194 -71.64 20.06 -14.08
C MET F 194 -70.56 20.46 -15.08
N ALA F 195 -70.39 21.77 -15.23
CA ALA F 195 -69.36 22.29 -16.12
C ALA F 195 -67.99 21.92 -15.60
N LYS F 196 -67.07 21.69 -16.54
CA LYS F 196 -65.71 21.28 -16.20
C LYS F 196 -64.64 22.25 -16.69
N VAL F 197 -65.01 23.27 -17.46
CA VAL F 197 -64.06 24.24 -17.99
C VAL F 197 -64.60 25.64 -17.69
N GLN F 198 -63.77 26.48 -17.06
CA GLN F 198 -64.10 27.87 -16.80
C GLN F 198 -62.92 28.74 -17.21
N ILE F 199 -63.22 29.98 -17.57
CA ILE F 199 -62.20 30.92 -18.03
C ILE F 199 -62.27 32.18 -17.17
N PHE F 200 -61.11 32.65 -16.73
CA PHE F 200 -61.01 33.86 -15.92
C PHE F 200 -60.24 34.92 -16.71
N GLU F 201 -60.81 36.12 -16.80
CA GLU F 201 -60.21 37.23 -17.50
C GLU F 201 -59.88 38.34 -16.51
N TYR F 202 -58.62 38.78 -16.51
CA TYR F 202 -58.22 39.86 -15.63
C TYR F 202 -58.92 41.16 -16.01
N ASN F 203 -59.27 41.94 -15.00
CA ASN F 203 -59.94 43.22 -15.19
C ASN F 203 -59.02 44.34 -14.69
N GLU F 204 -58.66 45.24 -15.59
CA GLU F 204 -57.75 46.33 -15.23
C GLU F 204 -58.42 47.30 -14.28
N ASN F 205 -59.72 47.56 -14.47
CA ASN F 205 -60.42 48.52 -13.61
C ASN F 205 -60.49 48.05 -12.17
N THR F 206 -60.48 46.73 -11.94
CA THR F 206 -60.56 46.18 -10.60
C THR F 206 -59.27 45.51 -10.16
N ARG F 207 -58.32 45.28 -11.07
CA ARG F 207 -57.07 44.58 -10.75
C ARG F 207 -57.36 43.22 -10.12
N LYS F 208 -58.43 42.56 -10.59
CA LYS F 208 -58.84 41.28 -10.07
C LYS F 208 -59.37 40.42 -11.21
N TYR F 209 -59.06 39.14 -11.16
CA TYR F 209 -59.54 38.20 -12.16
C TYR F 209 -60.96 37.77 -11.83
N ALA F 210 -61.80 37.69 -12.87
CA ALA F 210 -63.19 37.31 -12.71
C ALA F 210 -63.54 36.25 -13.75
N LYS F 211 -64.43 35.34 -13.38
CA LYS F 211 -64.90 34.32 -14.30
C LYS F 211 -65.64 34.98 -15.46
N ALA F 212 -65.31 34.57 -16.68
CA ALA F 212 -65.88 35.16 -17.88
C ALA F 212 -66.85 34.21 -18.58
N GLU F 213 -66.42 32.99 -18.89
CA GLU F 213 -67.27 32.03 -19.59
C GLU F 213 -67.00 30.64 -19.06
N THR F 214 -68.07 29.84 -18.97
CA THR F 214 -67.98 28.44 -18.57
C THR F 214 -68.51 27.57 -19.69
N LEU F 215 -67.75 26.53 -20.03
CA LEU F 215 -68.12 25.62 -21.11
C LEU F 215 -69.21 24.69 -20.58
N MET F 216 -70.46 24.98 -20.93
CA MET F 216 -71.57 24.15 -20.48
C MET F 216 -71.59 22.80 -21.19
N THR F 217 -71.19 22.79 -22.46
CA THR F 217 -71.25 21.57 -23.26
C THR F 217 -70.28 20.49 -22.80
N VAL F 218 -69.34 20.83 -21.93
CA VAL F 218 -68.35 19.87 -21.43
C VAL F 218 -68.78 19.44 -20.03
N THR F 219 -69.10 18.15 -19.90
CA THR F 219 -69.45 17.58 -18.60
C THR F 219 -68.60 16.39 -18.22
N ASP F 220 -67.91 15.74 -19.16
CA ASP F 220 -67.02 14.64 -18.84
C ASP F 220 -65.76 15.16 -18.17
N PRO F 221 -65.07 14.32 -17.40
CA PRO F 221 -63.80 14.76 -16.80
C PRO F 221 -62.80 15.17 -17.87
N VAL F 222 -62.04 16.21 -17.57
CA VAL F 222 -61.10 16.80 -18.51
C VAL F 222 -59.69 16.57 -17.98
N HIS F 223 -58.81 16.05 -18.84
CA HIS F 223 -57.44 15.76 -18.47
C HIS F 223 -56.46 16.83 -18.94
N ASP F 224 -56.71 17.48 -20.08
CA ASP F 224 -55.79 18.46 -20.61
C ASP F 224 -56.56 19.56 -21.34
N ILE F 225 -56.04 20.78 -21.26
CA ILE F 225 -56.57 21.93 -21.97
C ILE F 225 -55.40 22.73 -22.52
N ALA F 226 -55.52 23.20 -23.75
CA ALA F 226 -54.40 23.87 -24.41
C ALA F 226 -54.90 24.97 -25.32
N PHE F 227 -54.47 26.20 -25.05
CA PHE F 227 -54.68 27.29 -25.98
C PHE F 227 -53.77 27.15 -27.19
N ALA F 228 -54.21 27.68 -28.29
CA ALA F 228 -53.33 27.67 -29.46
C ALA F 228 -52.64 29.01 -29.62
N PRO F 229 -51.47 29.04 -30.25
CA PRO F 229 -50.80 30.33 -30.48
C PRO F 229 -51.69 31.28 -31.26
N ASN F 230 -51.68 32.54 -30.84
CA ASN F 230 -52.57 33.53 -31.45
C ASN F 230 -52.17 33.80 -32.90
N LEU F 231 -50.91 34.20 -33.11
CA LEU F 231 -50.37 34.41 -34.45
C LEU F 231 -51.16 35.46 -35.23
N GLY F 232 -51.72 36.44 -34.53
CA GLY F 232 -52.39 37.55 -35.20
C GLY F 232 -53.80 37.28 -35.67
N ARG F 233 -54.44 36.20 -35.22
CA ARG F 233 -55.81 35.93 -35.63
C ARG F 233 -56.76 36.89 -34.92
N SER F 234 -58.05 36.78 -35.27
CA SER F 234 -59.09 37.61 -34.69
C SER F 234 -59.87 36.90 -33.60
N PHE F 235 -59.54 35.64 -33.29
CA PHE F 235 -60.25 34.86 -32.31
C PHE F 235 -59.27 33.92 -31.62
N HIS F 236 -59.75 33.17 -30.63
CA HIS F 236 -58.92 32.29 -29.84
C HIS F 236 -59.34 30.84 -30.05
N ILE F 237 -58.35 29.96 -30.09
CA ILE F 237 -58.56 28.54 -30.35
C ILE F 237 -58.18 27.75 -29.11
N LEU F 238 -59.07 26.86 -28.66
CA LEU F 238 -58.84 26.05 -27.48
C LEU F 238 -59.05 24.58 -27.82
N ALA F 239 -58.21 23.73 -27.24
CA ALA F 239 -58.29 22.28 -27.42
C ALA F 239 -58.50 21.62 -26.07
N ILE F 240 -59.48 20.72 -25.99
CA ILE F 240 -59.85 20.04 -24.75
C ILE F 240 -59.72 18.54 -24.95
N ALA F 241 -59.09 17.86 -23.99
CA ALA F 241 -58.87 16.43 -24.05
C ALA F 241 -59.83 15.73 -23.10
N THR F 242 -60.62 14.81 -23.64
CA THR F 242 -61.64 14.08 -22.90
C THR F 242 -61.77 12.70 -23.54
N LYS F 243 -62.89 12.02 -23.30
CA LYS F 243 -63.16 10.80 -24.05
C LYS F 243 -63.15 11.05 -25.55
N ASP F 244 -63.40 12.28 -25.98
CA ASP F 244 -63.23 12.70 -27.36
C ASP F 244 -62.57 14.07 -27.37
N VAL F 245 -61.60 14.24 -28.28
CA VAL F 245 -60.89 15.51 -28.39
C VAL F 245 -61.80 16.56 -29.00
N ARG F 246 -61.84 17.74 -28.40
CA ARG F 246 -62.73 18.81 -28.83
C ARG F 246 -61.93 20.07 -29.13
N ILE F 247 -62.38 20.83 -30.11
CA ILE F 247 -61.78 22.10 -30.49
C ILE F 247 -62.88 23.16 -30.47
N PHE F 248 -62.60 24.27 -29.79
CA PHE F 248 -63.56 25.36 -29.65
C PHE F 248 -62.91 26.67 -30.08
N THR F 249 -63.74 27.58 -30.59
CA THR F 249 -63.31 28.89 -31.04
C THR F 249 -64.10 29.96 -30.30
N LEU F 250 -63.38 30.92 -29.73
CA LEU F 250 -63.99 32.02 -29.01
C LEU F 250 -63.69 33.33 -29.73
N LYS F 251 -64.75 34.07 -30.07
CA LYS F 251 -64.61 35.34 -30.77
C LYS F 251 -65.16 36.45 -29.90
N PRO F 252 -64.36 37.45 -29.53
CA PRO F 252 -64.88 38.55 -28.71
C PRO F 252 -65.92 39.36 -29.47
N VAL F 253 -66.86 39.91 -28.73
CA VAL F 253 -67.89 40.75 -29.30
C VAL F 253 -67.45 42.21 -29.21
N ARG F 254 -67.97 43.03 -30.11
CA ARG F 254 -67.63 44.45 -30.15
C ARG F 254 -68.16 45.13 -28.90
N LYS F 255 -67.25 45.66 -28.09
CA LYS F 255 -67.64 46.33 -26.84
C LYS F 255 -68.18 47.71 -27.16
N GLU F 256 -69.40 47.98 -26.69
CA GLU F 256 -70.02 49.28 -26.92
C GLU F 256 -69.25 50.38 -26.19
N LEU F 257 -69.09 51.52 -26.87
CA LEU F 257 -68.37 52.64 -26.29
C LEU F 257 -69.19 53.39 -25.24
N THR F 258 -70.48 53.05 -25.08
CA THR F 258 -71.31 53.74 -24.11
C THR F 258 -70.78 53.54 -22.69
N SER F 259 -70.37 52.32 -22.35
CA SER F 259 -69.85 52.03 -21.02
C SER F 259 -69.01 50.77 -21.08
N SER F 260 -67.86 50.80 -20.42
CA SER F 260 -67.00 49.63 -20.29
C SER F 260 -67.26 48.99 -18.93
N GLY F 261 -67.67 47.73 -18.93
CA GLY F 261 -68.06 47.08 -17.70
C GLY F 261 -67.20 45.89 -17.30
N GLY F 262 -67.83 44.75 -17.08
CA GLY F 262 -67.15 43.58 -16.59
C GLY F 262 -66.43 42.80 -17.68
N PRO F 263 -66.48 41.48 -17.60
CA PRO F 263 -65.79 40.66 -18.59
C PRO F 263 -66.39 40.80 -19.97
N THR F 264 -65.54 40.66 -20.99
CA THR F 264 -65.98 40.77 -22.37
C THR F 264 -66.80 39.56 -22.77
N LYS F 265 -67.86 39.81 -23.54
CA LYS F 265 -68.70 38.73 -24.05
C LYS F 265 -68.02 38.04 -25.23
N PHE F 266 -68.22 36.73 -25.33
CA PHE F 266 -67.63 35.94 -26.38
C PHE F 266 -68.67 34.99 -26.97
N GLU F 267 -68.44 34.59 -28.21
CA GLU F 267 -69.27 33.61 -28.91
C GLU F 267 -68.50 32.31 -29.01
N ILE F 268 -69.10 31.22 -28.53
CA ILE F 268 -68.46 29.93 -28.44
C ILE F 268 -69.01 29.03 -29.54
N HIS F 269 -68.12 28.47 -30.35
CA HIS F 269 -68.51 27.54 -31.41
C HIS F 269 -67.52 26.40 -31.46
N ILE F 270 -68.03 25.18 -31.60
CA ILE F 270 -67.19 24.00 -31.76
C ILE F 270 -66.92 23.80 -33.25
N VAL F 271 -65.66 23.53 -33.57
CA VAL F 271 -65.24 23.37 -34.96
C VAL F 271 -64.72 21.97 -35.27
N ALA F 272 -64.46 21.15 -34.25
CA ALA F 272 -63.95 19.80 -34.48
C ALA F 272 -64.18 18.97 -33.23
N GLN F 273 -64.60 17.72 -33.43
CA GLN F 273 -64.77 16.79 -32.33
C GLN F 273 -64.40 15.40 -32.84
N PHE F 274 -63.22 14.92 -32.47
CA PHE F 274 -62.72 13.64 -32.93
C PHE F 274 -62.83 12.60 -31.82
N ASP F 275 -63.21 11.38 -32.20
CA ASP F 275 -63.29 10.27 -31.26
C ASP F 275 -62.57 9.05 -31.82
N ASN F 276 -61.54 9.27 -32.62
CA ASN F 276 -60.79 8.16 -33.20
C ASN F 276 -59.97 7.41 -32.17
N HIS F 277 -59.64 8.05 -31.04
CA HIS F 277 -58.90 7.36 -30.00
C HIS F 277 -59.73 6.26 -29.35
N ASN F 278 -61.04 6.45 -29.26
CA ASN F 278 -61.95 5.49 -28.63
C ASN F 278 -61.49 5.16 -27.21
N SER F 279 -61.00 6.16 -26.50
CA SER F 279 -60.49 6.02 -25.14
C SER F 279 -60.36 7.40 -24.54
N GLN F 280 -59.86 7.45 -23.31
CA GLN F 280 -59.64 8.72 -22.62
C GLN F 280 -58.37 9.36 -23.17
N VAL F 281 -58.54 10.43 -23.95
CA VAL F 281 -57.38 11.16 -24.46
C VAL F 281 -56.62 11.79 -23.29
N TRP F 282 -55.30 11.68 -23.34
CA TRP F 282 -54.45 12.08 -22.21
C TRP F 282 -53.76 13.41 -22.41
N ARG F 283 -53.16 13.65 -23.58
CA ARG F 283 -52.40 14.87 -23.81
C ARG F 283 -52.79 15.50 -25.14
N VAL F 284 -52.75 16.82 -25.19
CA VAL F 284 -52.99 17.59 -26.41
C VAL F 284 -51.98 18.73 -26.46
N SER F 285 -51.47 19.01 -27.65
CA SER F 285 -50.42 20.01 -27.80
C SER F 285 -50.53 20.68 -29.17
N TRP F 286 -50.00 21.90 -29.25
CA TRP F 286 -49.99 22.69 -30.46
C TRP F 286 -48.56 22.88 -30.97
N ASN F 287 -48.45 23.10 -32.27
CA ASN F 287 -47.16 23.44 -32.86
C ASN F 287 -46.89 24.93 -32.62
N ILE F 288 -45.83 25.44 -33.24
CA ILE F 288 -45.47 26.84 -33.04
C ILE F 288 -46.50 27.77 -33.66
N THR F 289 -46.98 27.44 -34.85
CA THR F 289 -47.90 28.30 -35.58
C THR F 289 -49.35 28.11 -35.18
N GLY F 290 -49.64 27.15 -34.31
CA GLY F 290 -51.02 26.86 -33.98
C GLY F 290 -51.82 26.36 -35.17
N THR F 291 -51.23 25.49 -35.98
CA THR F 291 -51.90 24.93 -37.14
C THR F 291 -51.95 23.41 -37.13
N VAL F 292 -51.20 22.75 -36.27
CA VAL F 292 -51.20 21.29 -36.16
C VAL F 292 -51.46 20.92 -34.71
N LEU F 293 -52.37 19.98 -34.49
CA LEU F 293 -52.72 19.53 -33.16
C LEU F 293 -52.26 18.09 -32.96
N ALA F 294 -51.58 17.83 -31.85
CA ALA F 294 -51.10 16.49 -31.52
C ALA F 294 -51.86 15.99 -30.30
N SER F 295 -52.40 14.77 -30.40
CA SER F 295 -53.19 14.18 -29.34
C SER F 295 -52.69 12.78 -29.01
N SER F 296 -52.67 12.46 -27.73
CA SER F 296 -52.26 11.15 -27.24
C SER F 296 -53.29 10.64 -26.26
N GLY F 297 -53.74 9.41 -26.45
CA GLY F 297 -54.74 8.82 -25.58
C GLY F 297 -54.31 7.50 -24.99
N ASP F 298 -55.26 6.75 -24.45
CA ASP F 298 -54.96 5.45 -23.85
C ASP F 298 -54.70 4.36 -24.87
N ASP F 299 -55.01 4.60 -26.13
CA ASP F 299 -54.82 3.59 -27.19
C ASP F 299 -53.37 3.39 -27.57
N GLY F 300 -52.41 4.07 -26.94
CA GLY F 300 -51.02 3.92 -27.33
C GLY F 300 -50.70 4.48 -28.70
N CYS F 301 -51.51 5.43 -29.18
CA CYS F 301 -51.35 6.01 -30.50
C CYS F 301 -51.31 7.53 -30.39
N VAL F 302 -50.56 8.15 -31.29
CA VAL F 302 -50.45 9.59 -31.39
C VAL F 302 -51.12 10.02 -32.69
N ARG F 303 -52.03 10.99 -32.60
CA ARG F 303 -52.78 11.46 -33.75
C ARG F 303 -52.48 12.92 -34.00
N LEU F 304 -52.13 13.23 -35.24
CA LEU F 304 -51.84 14.59 -35.67
C LEU F 304 -52.94 15.05 -36.61
N TRP F 305 -53.59 16.16 -36.25
CA TRP F 305 -54.71 16.70 -36.97
C TRP F 305 -54.35 18.07 -37.53
N LYS F 306 -54.91 18.37 -38.70
CA LYS F 306 -54.65 19.62 -39.39
C LYS F 306 -55.88 20.01 -40.19
N ALA F 307 -55.95 21.28 -40.57
CA ALA F 307 -57.07 21.78 -41.34
C ALA F 307 -56.89 21.43 -42.82
N ASN F 308 -57.88 21.80 -43.64
CA ASN F 308 -57.83 21.51 -45.06
C ASN F 308 -58.14 22.74 -45.89
N TYR F 309 -58.26 22.56 -47.21
CA TYR F 309 -58.57 23.69 -48.09
C TYR F 309 -59.92 24.29 -47.76
N MET F 310 -60.90 23.44 -47.44
CA MET F 310 -62.23 23.89 -47.05
C MET F 310 -62.30 24.33 -45.59
N ASP F 311 -61.16 24.61 -44.96
CA ASP F 311 -61.10 25.01 -43.56
C ASP F 311 -61.78 23.98 -42.66
N ASN F 312 -61.57 22.71 -42.97
CA ASN F 312 -62.16 21.61 -42.21
C ASN F 312 -61.05 20.78 -41.57
N TRP F 313 -61.34 20.28 -40.37
CA TRP F 313 -60.35 19.56 -39.58
C TRP F 313 -60.41 18.06 -39.88
N LYS F 314 -59.26 17.49 -40.23
CA LYS F 314 -59.17 16.07 -40.53
C LYS F 314 -57.84 15.54 -40.03
N CYS F 315 -57.80 14.24 -39.75
CA CYS F 315 -56.57 13.61 -39.28
C CYS F 315 -55.53 13.63 -40.38
N THR F 316 -54.27 13.85 -39.99
CA THR F 316 -53.15 13.87 -40.92
C THR F 316 -52.07 12.86 -40.61
N GLY F 317 -51.96 12.40 -39.36
CA GLY F 317 -50.96 11.42 -39.01
C GLY F 317 -51.38 10.50 -37.87
N ILE F 318 -50.99 9.23 -37.95
CA ILE F 318 -51.26 8.26 -36.90
C ILE F 318 -49.99 7.48 -36.62
N LEU F 319 -49.61 7.38 -35.35
CA LEU F 319 -48.42 6.67 -34.94
C LEU F 319 -48.71 5.85 -33.70
N LYS F 320 -47.76 4.98 -33.35
CA LYS F 320 -47.86 4.12 -32.19
C LYS F 320 -46.76 4.45 -31.20
N GLY F 321 -47.00 4.08 -29.94
CA GLY F 321 -46.03 4.36 -28.89
C GLY F 321 -44.69 3.71 -29.14
N ASN F 322 -44.70 2.48 -29.65
CA ASN F 322 -43.46 1.77 -29.96
C ASN F 322 -42.70 2.39 -31.12
N GLY F 323 -43.31 3.30 -31.86
CA GLY F 323 -42.69 3.89 -33.02
C GLY F 323 -42.99 3.19 -34.33
N SER F 324 -43.68 2.06 -34.29
CA SER F 324 -44.04 1.36 -35.52
C SER F 324 -45.12 2.13 -36.26
N PRO F 325 -44.92 2.49 -37.53
CA PRO F 325 -45.95 3.22 -38.26
C PRO F 325 -47.19 2.38 -38.48
N VAL F 326 -48.33 3.05 -38.55
CA VAL F 326 -49.61 2.38 -38.76
C VAL F 326 -49.88 2.21 -40.25
N MET G 1 -7.34 10.52 25.55
CA MET G 1 -7.41 10.57 27.01
C MET G 1 -6.85 9.28 27.61
N PHE G 2 -6.34 9.38 28.84
CA PHE G 2 -5.73 8.24 29.50
C PHE G 2 -6.80 7.34 30.11
N VAL G 3 -6.42 6.09 30.33
CA VAL G 3 -7.28 5.09 30.95
C VAL G 3 -6.65 4.67 32.27
N ALA G 4 -7.46 4.64 33.32
CA ALA G 4 -6.98 4.37 34.66
C ALA G 4 -7.10 2.88 35.00
N ARG G 5 -6.20 2.41 35.87
CA ARG G 5 -6.25 1.05 36.37
C ARG G 5 -5.77 1.04 37.81
N SER G 6 -6.62 0.58 38.71
CA SER G 6 -6.26 0.52 40.12
C SER G 6 -5.46 -0.74 40.43
N ILE G 7 -4.56 -0.63 41.40
CA ILE G 7 -3.73 -1.76 41.83
C ILE G 7 -3.90 -1.94 43.33
N ALA G 8 -4.13 -3.18 43.76
CA ALA G 8 -4.25 -3.49 45.18
C ALA G 8 -2.85 -3.66 45.75
N ALA G 9 -2.41 -2.70 46.56
CA ALA G 9 -1.06 -2.71 47.07
C ALA G 9 -0.90 -3.48 48.36
N ASP G 10 -1.93 -3.49 49.20
CA ASP G 10 -1.89 -4.18 50.49
C ASP G 10 -0.73 -3.67 51.35
N HIS G 11 -0.61 -2.35 51.43
CA HIS G 11 0.35 -1.71 52.32
C HIS G 11 -0.37 -1.30 53.59
N LYS G 12 0.23 -1.64 54.74
CA LYS G 12 -0.41 -1.40 56.01
C LYS G 12 -0.45 0.08 56.40
N ASP G 13 0.24 0.95 55.66
CA ASP G 13 0.24 2.37 55.96
C ASP G 13 0.29 3.13 54.64
N LEU G 14 0.55 4.44 54.74
CA LEU G 14 0.58 5.28 53.56
C LEU G 14 1.71 4.86 52.62
N ILE G 15 1.43 4.89 51.32
CA ILE G 15 2.45 4.66 50.31
C ILE G 15 3.17 5.98 50.07
N HIS G 16 4.49 5.99 50.32
CA HIS G 16 5.26 7.22 50.20
C HIS G 16 5.91 7.40 48.84
N ASP G 17 6.49 6.35 48.27
CA ASP G 17 7.22 6.56 47.03
C ASP G 17 6.97 5.41 46.06
N VAL G 18 6.84 5.77 44.77
CA VAL G 18 6.70 4.83 43.68
C VAL G 18 7.69 5.22 42.58
N SER G 19 8.46 4.25 42.10
CA SER G 19 9.46 4.55 41.09
C SER G 19 9.61 3.40 40.11
N PHE G 20 9.70 3.74 38.82
CA PHE G 20 9.92 2.75 37.79
C PHE G 20 11.40 2.43 37.66
N ASP G 21 11.70 1.32 37.00
CA ASP G 21 13.08 0.92 36.76
C ASP G 21 13.60 1.62 35.50
N PHE G 22 14.75 1.17 35.01
CA PHE G 22 15.35 1.79 33.84
C PHE G 22 14.61 1.41 32.57
N HIS G 23 14.18 0.17 32.46
CA HIS G 23 13.54 -0.32 31.25
C HIS G 23 12.03 -0.15 31.25
N GLY G 24 11.46 0.44 32.30
CA GLY G 24 10.03 0.69 32.31
C GLY G 24 9.17 -0.55 32.43
N ARG G 25 9.71 -1.62 33.00
CA ARG G 25 8.94 -2.85 33.19
C ARG G 25 8.76 -3.25 34.64
N ARG G 26 9.57 -2.72 35.56
CA ARG G 26 9.47 -3.06 36.97
C ARG G 26 9.23 -1.80 37.77
N MET G 27 8.55 -1.96 38.90
CA MET G 27 8.18 -0.84 39.75
C MET G 27 8.54 -1.16 41.19
N ALA G 28 8.85 -0.12 41.96
CA ALA G 28 9.20 -0.27 43.36
C ALA G 28 8.41 0.74 44.18
N THR G 29 7.79 0.25 45.26
CA THR G 29 6.97 1.11 46.12
C THR G 29 7.45 0.96 47.55
N CYS G 30 7.72 2.08 48.21
CA CYS G 30 8.11 2.09 49.62
C CYS G 30 7.05 2.83 50.42
N SER G 31 6.70 2.26 51.57
CA SER G 31 5.61 2.79 52.39
C SER G 31 6.09 3.05 53.80
N SER G 32 5.17 3.56 54.63
CA SER G 32 5.48 3.89 56.01
C SER G 32 5.40 2.69 56.94
N ASP G 33 5.02 1.53 56.44
CA ASP G 33 4.99 0.32 57.24
C ASP G 33 6.35 -0.35 57.31
N GLN G 34 7.42 0.41 57.06
CA GLN G 34 8.78 -0.11 57.04
C GLN G 34 8.94 -1.19 55.98
N SER G 35 8.23 -1.05 54.87
CA SER G 35 8.18 -2.09 53.85
C SER G 35 8.43 -1.51 52.47
N VAL G 36 9.06 -2.34 51.64
CA VAL G 36 9.32 -2.05 50.24
C VAL G 36 8.84 -3.24 49.43
N LYS G 37 8.13 -2.97 48.34
CA LYS G 37 7.61 -4.02 47.48
C LYS G 37 8.04 -3.76 46.04
N VAL G 38 8.21 -4.85 45.29
CA VAL G 38 8.61 -4.79 43.90
C VAL G 38 7.52 -5.45 43.06
N TRP G 39 7.12 -4.77 41.99
CA TRP G 39 6.05 -5.22 41.11
C TRP G 39 6.59 -5.44 39.71
N ASP G 40 6.19 -6.55 39.09
CA ASP G 40 6.51 -6.84 37.72
C ASP G 40 5.24 -7.10 36.95
N LYS G 41 5.20 -6.65 35.70
CA LYS G 41 4.05 -6.90 34.84
C LYS G 41 4.29 -8.10 33.96
N SER G 42 3.21 -8.68 33.47
CA SER G 42 3.25 -9.89 32.66
C SER G 42 2.73 -9.58 31.26
N GLU G 43 2.59 -10.64 30.45
CA GLU G 43 2.06 -10.47 29.11
C GLU G 43 0.62 -9.95 29.15
N SER G 44 -0.16 -10.42 30.12
CA SER G 44 -1.53 -9.96 30.27
C SER G 44 -1.60 -8.49 30.67
N GLY G 45 -0.51 -7.91 31.15
CA GLY G 45 -0.48 -6.54 31.60
C GLY G 45 -0.77 -6.36 33.08
N ASP G 46 -1.16 -7.42 33.78
CA ASP G 46 -1.38 -7.32 35.21
C ASP G 46 -0.05 -7.20 35.95
N TRP G 47 -0.10 -6.55 37.11
CA TRP G 47 1.08 -6.34 37.94
C TRP G 47 1.03 -7.30 39.12
N HIS G 48 2.15 -7.97 39.38
CA HIS G 48 2.27 -8.92 40.48
C HIS G 48 3.43 -8.52 41.37
N CYS G 49 3.20 -8.58 42.68
CA CYS G 49 4.28 -8.38 43.63
C CYS G 49 5.19 -9.60 43.65
N THR G 50 6.49 -9.37 43.60
CA THR G 50 7.46 -10.46 43.59
C THR G 50 8.40 -10.45 44.78
N ALA G 51 8.31 -9.45 45.66
CA ALA G 51 9.17 -9.39 46.83
C ALA G 51 8.59 -8.40 47.82
N SER G 52 8.68 -8.72 49.10
CA SER G 52 8.20 -7.84 50.16
C SER G 52 8.99 -8.18 51.42
N TRP G 53 10.00 -7.37 51.74
CA TRP G 53 10.85 -7.61 52.88
C TRP G 53 10.99 -6.35 53.71
N LYS G 54 10.99 -6.51 55.03
CA LYS G 54 11.23 -5.38 55.91
C LYS G 54 12.66 -4.89 55.74
N THR G 55 12.82 -3.57 55.69
CA THR G 55 14.10 -2.95 55.39
C THR G 55 14.69 -2.18 56.57
N HIS G 56 13.95 -1.22 57.10
CA HIS G 56 14.46 -0.33 58.14
C HIS G 56 13.61 -0.48 59.40
N SER G 57 13.88 0.39 60.38
CA SER G 57 13.14 0.41 61.62
C SER G 57 12.11 1.52 61.68
N GLY G 58 12.27 2.57 60.88
CA GLY G 58 11.31 3.65 60.85
C GLY G 58 10.63 3.75 59.50
N SER G 59 9.97 4.87 59.23
CA SER G 59 9.32 5.06 57.95
C SER G 59 10.35 5.12 56.83
N VAL G 60 9.94 4.68 55.64
CA VAL G 60 10.79 4.71 54.46
C VAL G 60 10.28 5.82 53.55
N TRP G 61 11.13 6.80 53.28
CA TRP G 61 10.71 7.96 52.51
C TRP G 61 10.87 7.75 51.01
N ARG G 62 12.08 7.49 50.55
CA ARG G 62 12.37 7.40 49.13
C ARG G 62 13.11 6.11 48.80
N VAL G 63 12.79 5.56 47.63
CA VAL G 63 13.46 4.39 47.08
C VAL G 63 13.71 4.65 45.60
N THR G 64 14.92 4.33 45.14
CA THR G 64 15.29 4.61 43.76
C THR G 64 16.10 3.46 43.19
N TRP G 65 16.02 3.31 41.88
CA TRP G 65 16.74 2.28 41.15
C TRP G 65 18.12 2.77 40.73
N ALA G 66 18.98 1.81 40.40
CA ALA G 66 20.27 2.12 39.80
C ALA G 66 20.29 1.66 38.35
N HIS G 67 21.29 2.14 37.61
CA HIS G 67 21.39 1.79 36.21
C HIS G 67 21.64 0.29 36.06
N PRO G 68 20.99 -0.37 35.10
CA PRO G 68 21.10 -1.84 35.02
C PRO G 68 22.50 -2.32 34.69
N GLU G 69 23.37 -1.45 34.17
CA GLU G 69 24.73 -1.86 33.86
C GLU G 69 25.46 -2.35 35.10
N PHE G 70 25.10 -1.84 36.27
CA PHE G 70 25.68 -2.28 37.53
C PHE G 70 24.91 -3.43 38.17
N GLY G 71 23.77 -3.81 37.62
CA GLY G 71 22.94 -4.85 38.19
C GLY G 71 21.67 -4.29 38.78
N GLN G 72 20.84 -5.20 39.27
CA GLN G 72 19.57 -4.82 39.89
C GLN G 72 19.88 -4.30 41.29
N VAL G 73 19.95 -2.98 41.42
CA VAL G 73 20.37 -2.33 42.66
C VAL G 73 19.33 -1.29 43.05
N LEU G 74 18.94 -1.30 44.33
CA LEU G 74 18.02 -0.33 44.88
C LEU G 74 18.67 0.43 46.03
N ALA G 75 18.27 1.68 46.21
CA ALA G 75 18.71 2.48 47.33
C ALA G 75 17.51 3.10 48.03
N SER G 76 17.50 3.02 49.35
CA SER G 76 16.37 3.52 50.12
C SER G 76 16.85 4.36 51.29
N CYS G 77 16.15 5.45 51.57
CA CYS G 77 16.45 6.30 52.71
C CYS G 77 15.34 6.16 53.74
N SER G 78 15.70 6.17 55.02
CA SER G 78 14.71 5.91 56.05
C SER G 78 14.69 7.02 57.08
N PHE G 79 13.67 6.96 57.95
CA PHE G 79 13.53 7.89 59.05
C PHE G 79 14.45 7.54 60.21
N ASP G 80 15.04 6.35 60.21
CA ASP G 80 15.93 5.94 61.28
C ASP G 80 17.36 6.41 61.06
N ARG G 81 17.53 7.49 60.29
CA ARG G 81 18.83 8.13 60.08
C ARG G 81 19.79 7.24 59.31
N THR G 82 19.27 6.41 58.41
CA THR G 82 20.10 5.48 57.65
C THR G 82 19.70 5.47 56.19
N ALA G 83 20.65 5.04 55.37
CA ALA G 83 20.40 4.72 53.97
C ALA G 83 20.89 3.30 53.71
N ALA G 84 20.18 2.58 52.83
CA ALA G 84 20.49 1.19 52.59
C ALA G 84 20.59 0.94 51.09
N VAL G 85 21.54 0.10 50.70
CA VAL G 85 21.75 -0.29 49.32
C VAL G 85 21.56 -1.80 49.22
N TRP G 86 20.56 -2.21 48.44
CA TRP G 86 20.14 -3.59 48.29
C TRP G 86 20.38 -4.08 46.87
N GLU G 87 20.57 -5.39 46.75
CA GLU G 87 20.83 -6.03 45.47
C GLU G 87 19.99 -7.30 45.37
N GLU G 88 19.73 -7.72 44.13
CA GLU G 88 18.97 -8.93 43.86
C GLU G 88 19.92 -10.05 43.44
N ILE G 89 19.76 -11.22 44.05
CA ILE G 89 20.64 -12.36 43.82
C ILE G 89 19.78 -13.59 43.55
N VAL G 90 20.16 -14.34 42.53
CA VAL G 90 19.47 -15.60 42.22
C VAL G 90 20.22 -16.77 42.83
N GLN G 100 15.97 -18.65 43.73
CA GLN G 100 14.96 -17.69 43.28
C GLN G 100 15.44 -16.26 43.48
N SER G 101 14.50 -15.32 43.52
CA SER G 101 14.81 -13.91 43.66
C SER G 101 14.92 -13.55 45.13
N HIS G 102 16.14 -13.31 45.60
CA HIS G 102 16.41 -12.91 46.96
C HIS G 102 17.04 -11.53 46.96
N TRP G 103 16.48 -10.62 47.74
CA TRP G 103 17.06 -9.29 47.90
C TRP G 103 17.92 -9.28 49.15
N VAL G 104 19.18 -8.90 48.99
CA VAL G 104 20.18 -8.95 50.05
C VAL G 104 20.69 -7.55 50.31
N LYS G 105 20.72 -7.16 51.58
CA LYS G 105 21.31 -5.88 51.93
C LYS G 105 22.79 -5.89 51.63
N ARG G 106 23.22 -4.97 50.77
CA ARG G 106 24.63 -4.90 50.43
C ARG G 106 25.38 -3.91 51.32
N THR G 107 24.81 -2.73 51.54
CA THR G 107 25.55 -1.75 52.34
C THR G 107 24.57 -0.89 53.13
N THR G 108 25.06 -0.36 54.25
CA THR G 108 24.32 0.56 55.09
C THR G 108 25.17 1.79 55.37
N LEU G 109 24.59 2.97 55.15
CA LEU G 109 25.26 4.24 55.41
C LEU G 109 24.57 4.91 56.58
N VAL G 110 25.36 5.24 57.61
CA VAL G 110 24.82 5.70 58.88
C VAL G 110 25.52 6.98 59.35
N ASP G 111 26.21 7.66 58.44
CA ASP G 111 26.97 8.84 58.83
C ASP G 111 26.09 9.98 59.31
N SER G 112 24.83 10.01 58.93
CA SER G 112 23.94 11.08 59.34
C SER G 112 23.50 10.91 60.79
N ARG G 113 23.30 12.04 61.46
CA ARG G 113 22.81 12.05 62.83
C ARG G 113 21.36 12.48 62.93
N THR G 114 20.72 12.81 61.81
CA THR G 114 19.32 13.20 61.77
C THR G 114 18.61 12.37 60.71
N SER G 115 17.30 12.59 60.59
CA SER G 115 16.52 11.84 59.62
C SER G 115 17.03 12.12 58.21
N VAL G 116 17.18 11.05 57.43
CA VAL G 116 17.63 11.18 56.05
C VAL G 116 16.42 11.51 55.18
N THR G 117 16.43 12.69 54.57
CA THR G 117 15.24 13.13 53.83
C THR G 117 15.17 12.52 52.44
N ASP G 118 16.29 12.47 51.72
CA ASP G 118 16.19 11.96 50.35
C ASP G 118 17.52 11.37 49.91
N VAL G 119 17.43 10.49 48.92
CA VAL G 119 18.59 9.81 48.34
C VAL G 119 18.36 9.65 46.84
N LYS G 120 19.42 9.84 46.05
CA LYS G 120 19.31 9.69 44.61
C LYS G 120 20.65 9.28 44.02
N PHE G 121 20.59 8.49 42.96
CA PHE G 121 21.79 8.08 42.24
C PHE G 121 22.25 9.19 41.29
N ALA G 122 23.49 9.07 40.87
CA ALA G 122 24.09 9.99 39.92
C ALA G 122 23.93 9.49 38.49
N PRO G 123 24.09 10.36 37.50
CA PRO G 123 24.04 9.88 36.11
C PRO G 123 25.14 8.85 35.84
N LYS G 124 24.88 7.98 34.87
CA LYS G 124 25.75 6.84 34.63
C LYS G 124 27.15 7.26 34.26
N HIS G 125 27.29 8.29 33.42
CA HIS G 125 28.60 8.66 32.92
C HIS G 125 29.53 9.13 34.02
N MET G 126 29.01 9.48 35.19
CA MET G 126 29.84 9.88 36.31
C MET G 126 30.33 8.70 37.13
N GLY G 127 29.89 7.50 36.83
CA GLY G 127 30.22 6.33 37.61
C GLY G 127 29.07 5.91 38.51
N LEU G 128 29.42 5.19 39.57
CA LEU G 128 28.45 4.76 40.57
C LEU G 128 28.58 5.68 41.77
N MET G 129 27.72 6.70 41.84
CA MET G 129 27.74 7.64 42.94
C MET G 129 26.33 7.82 43.49
N LEU G 130 26.26 8.20 44.76
CA LEU G 130 24.99 8.35 45.46
C LEU G 130 25.02 9.66 46.23
N ALA G 131 23.86 10.29 46.37
CA ALA G 131 23.75 11.55 47.09
C ALA G 131 22.59 11.47 48.07
N THR G 132 22.86 11.80 49.33
CA THR G 132 21.84 11.75 50.37
C THR G 132 21.78 13.10 51.07
N CYS G 133 20.58 13.64 51.21
CA CYS G 133 20.36 14.89 51.93
C CYS G 133 19.54 14.62 53.18
N SER G 134 20.00 15.15 54.30
CA SER G 134 19.39 14.92 55.60
C SER G 134 18.64 16.17 56.05
N ALA G 135 17.95 16.03 57.19
CA ALA G 135 17.11 17.11 57.69
C ALA G 135 17.89 18.20 58.40
N ASP G 136 19.14 17.93 58.79
CA ASP G 136 19.94 18.94 59.47
C ASP G 136 20.53 19.97 58.52
N GLY G 137 20.40 19.77 57.22
CA GLY G 137 20.96 20.65 56.24
C GLY G 137 22.28 20.20 55.65
N ILE G 138 22.52 18.90 55.56
CA ILE G 138 23.78 18.36 55.08
C ILE G 138 23.49 17.41 53.93
N VAL G 139 24.26 17.56 52.85
CA VAL G 139 24.18 16.70 51.68
C VAL G 139 25.52 16.00 51.54
N ARG G 140 25.49 14.67 51.51
CA ARG G 140 26.70 13.86 51.43
C ARG G 140 26.71 13.08 50.13
N ILE G 141 27.89 12.90 49.56
CA ILE G 141 28.07 12.20 48.30
C ILE G 141 28.98 11.00 48.56
N TYR G 142 28.47 9.81 48.26
CA TYR G 142 29.22 8.57 48.41
C TYR G 142 29.58 8.00 47.05
N GLU G 143 30.73 7.33 46.99
CA GLU G 143 31.23 6.76 45.75
C GLU G 143 31.76 5.37 46.02
N ALA G 144 31.55 4.46 45.06
CA ALA G 144 32.12 3.11 45.14
C ALA G 144 33.20 2.97 44.10
N PRO G 145 34.48 3.00 44.49
CA PRO G 145 35.56 2.89 43.49
C PRO G 145 35.51 1.59 42.70
N ASP G 146 35.12 0.49 43.32
CA ASP G 146 35.06 -0.81 42.66
C ASP G 146 33.60 -1.15 42.41
N VAL G 147 33.21 -1.14 41.13
CA VAL G 147 31.82 -1.44 40.79
C VAL G 147 31.47 -2.90 41.05
N MET G 148 32.47 -3.76 41.20
CA MET G 148 32.24 -5.18 41.45
C MET G 148 32.10 -5.51 42.93
N ASN G 149 32.28 -4.53 43.80
CA ASN G 149 32.19 -4.73 45.25
C ASN G 149 31.32 -3.62 45.81
N LEU G 150 30.02 -3.88 45.93
CA LEU G 150 29.09 -2.89 46.45
C LEU G 150 29.13 -2.75 47.95
N SER G 151 29.86 -3.63 48.65
CA SER G 151 29.88 -3.61 50.10
C SER G 151 30.75 -2.49 50.67
N GLN G 152 31.54 -1.81 49.84
CA GLN G 152 32.44 -0.75 50.30
C GLN G 152 32.10 0.55 49.61
N TRP G 153 31.98 1.62 50.40
CA TRP G 153 31.71 2.95 49.89
C TRP G 153 32.60 3.95 50.62
N SER G 154 32.86 5.07 49.97
CA SER G 154 33.68 6.12 50.55
C SER G 154 32.94 7.45 50.48
N LEU G 155 33.20 8.31 51.45
CA LEU G 155 32.59 9.62 51.51
C LEU G 155 33.48 10.62 50.79
N GLN G 156 32.97 11.17 49.69
CA GLN G 156 33.77 12.08 48.87
C GLN G 156 33.61 13.53 49.30
N HIS G 157 32.37 14.04 49.29
CA HIS G 157 32.12 15.43 49.62
C HIS G 157 30.91 15.54 50.53
N GLU G 158 30.89 16.60 51.33
CA GLU G 158 29.74 16.95 52.14
C GLU G 158 29.55 18.45 52.10
N ILE G 159 28.30 18.87 51.97
CA ILE G 159 27.95 20.28 51.81
C ILE G 159 26.91 20.65 52.86
N SER G 160 27.07 21.83 53.45
CA SER G 160 26.13 22.36 54.42
C SER G 160 25.34 23.49 53.79
N CYS G 161 24.02 23.44 53.94
CA CYS G 161 23.12 24.38 53.28
C CYS G 161 22.48 25.37 54.22
N LYS G 162 22.76 25.29 55.52
CA LYS G 162 22.31 26.27 56.51
C LYS G 162 20.81 26.15 56.77
N LEU G 163 20.12 25.34 55.97
CA LEU G 163 18.68 25.16 56.11
C LEU G 163 18.34 23.70 55.90
N SER G 164 17.25 23.27 56.51
CA SER G 164 16.83 21.87 56.40
C SER G 164 16.55 21.51 54.96
N CYS G 165 17.09 20.38 54.53
CA CYS G 165 16.92 19.92 53.16
C CYS G 165 15.69 19.04 53.05
N SER G 166 15.07 19.06 51.87
CA SER G 166 13.88 18.26 51.62
C SER G 166 13.90 17.50 50.30
N CYS G 167 14.70 17.91 49.33
CA CYS G 167 14.75 17.22 48.05
C CYS G 167 16.01 17.63 47.31
N ILE G 168 16.55 16.70 46.52
CA ILE G 168 17.72 16.96 45.70
C ILE G 168 17.48 16.43 44.31
N SER G 169 18.25 16.95 43.35
CA SER G 169 18.15 16.49 41.98
C SER G 169 19.47 16.69 41.27
N TRP G 170 19.95 15.65 40.59
CA TRP G 170 21.13 15.76 39.76
C TRP G 170 20.78 16.36 38.41
N ASN G 171 21.80 16.91 37.74
CA ASN G 171 21.61 17.36 36.37
C ASN G 171 21.89 16.20 35.43
N PRO G 172 20.90 15.70 34.69
CA PRO G 172 21.10 14.52 33.86
C PRO G 172 21.83 14.77 32.55
N SER G 173 22.36 15.97 32.33
CA SER G 173 23.07 16.26 31.10
C SER G 173 24.31 15.39 30.98
N SER G 174 24.51 14.81 29.79
CA SER G 174 25.65 13.95 29.53
C SER G 174 26.72 14.62 28.69
N SER G 175 26.57 15.92 28.41
CA SER G 175 27.56 16.61 27.60
C SER G 175 28.84 16.82 28.39
N ARG G 176 29.93 17.04 27.66
CA ARG G 176 31.22 17.32 28.27
C ARG G 176 31.45 18.81 28.50
N ALA G 177 30.51 19.65 28.10
CA ALA G 177 30.63 21.09 28.32
C ALA G 177 29.96 21.54 29.62
N HIS G 178 29.28 20.66 30.32
CA HIS G 178 28.59 20.99 31.55
C HIS G 178 29.23 20.23 32.71
N SER G 179 29.69 20.95 33.72
CA SER G 179 30.15 20.30 34.92
C SER G 179 28.97 19.73 35.69
N PRO G 180 29.18 18.69 36.50
CA PRO G 180 28.06 18.12 37.26
C PRO G 180 27.42 19.14 38.18
N MET G 181 26.09 19.12 38.24
CA MET G 181 25.33 20.05 39.05
C MET G 181 24.30 19.30 39.87
N ILE G 182 24.06 19.80 41.07
CA ILE G 182 23.06 19.25 41.97
C ILE G 182 22.26 20.40 42.56
N ALA G 183 20.94 20.25 42.57
CA ALA G 183 20.04 21.26 43.12
C ALA G 183 19.39 20.73 44.38
N VAL G 184 19.31 21.58 45.40
CA VAL G 184 18.82 21.23 46.71
C VAL G 184 17.71 22.19 47.11
N GLY G 185 16.59 21.65 47.58
CA GLY G 185 15.48 22.47 48.03
C GLY G 185 15.22 22.34 49.51
N SER G 186 14.50 23.31 50.08
CA SER G 186 14.20 23.33 51.50
C SER G 186 12.69 23.42 51.70
N ASP G 187 12.25 23.10 52.92
CA ASP G 187 10.84 23.17 53.27
C ASP G 187 10.67 23.85 54.62
N ASP G 188 11.52 24.83 54.90
CA ASP G 188 11.40 25.59 56.14
C ASP G 188 10.27 26.60 56.01
N SER G 189 9.64 26.91 57.15
CA SER G 189 8.50 27.80 57.18
C SER G 189 8.73 29.00 58.08
N SER G 190 9.98 29.36 58.33
CA SER G 190 10.28 30.52 59.16
C SER G 190 9.70 31.78 58.51
N PRO G 191 9.24 32.75 59.33
CA PRO G 191 8.69 33.98 58.75
C PRO G 191 9.69 34.78 57.94
N ASN G 192 10.99 34.64 58.20
CA ASN G 192 11.97 35.33 57.40
C ASN G 192 11.93 34.82 55.97
N ALA G 193 11.86 35.76 55.02
CA ALA G 193 11.75 35.41 53.60
C ALA G 193 13.15 35.22 53.04
N MET G 194 13.68 34.02 53.23
CA MET G 194 15.00 33.66 52.76
C MET G 194 14.90 32.80 51.50
N ALA G 195 16.05 32.56 50.88
CA ALA G 195 16.09 31.72 49.69
C ALA G 195 15.78 30.27 50.06
N LYS G 196 15.24 29.53 49.09
CA LYS G 196 14.88 28.15 49.29
C LYS G 196 15.52 27.18 48.31
N VAL G 197 16.08 27.66 47.20
CA VAL G 197 16.67 26.79 46.19
C VAL G 197 18.09 27.27 45.92
N GLN G 198 19.06 26.38 46.10
CA GLN G 198 20.46 26.68 45.86
C GLN G 198 21.05 25.61 44.96
N ILE G 199 21.86 26.04 44.00
CA ILE G 199 22.43 25.15 42.99
C ILE G 199 23.94 25.20 43.12
N PHE G 200 24.54 24.04 43.34
CA PHE G 200 25.99 23.89 43.45
C PHE G 200 26.55 23.31 42.15
N GLU G 201 27.81 23.65 41.87
CA GLU G 201 28.51 23.13 40.71
C GLU G 201 29.87 22.62 41.14
N TYR G 202 30.31 21.54 40.51
CA TYR G 202 31.61 20.95 40.78
C TYR G 202 32.69 21.65 39.95
N ASN G 203 33.80 21.99 40.59
CA ASN G 203 34.92 22.64 39.94
C ASN G 203 36.05 21.63 39.81
N GLU G 204 36.48 21.38 38.58
CA GLU G 204 37.53 20.38 38.35
C GLU G 204 38.85 20.83 38.95
N ASN G 205 39.20 22.11 38.82
CA ASN G 205 40.50 22.57 39.29
C ASN G 205 40.61 22.44 40.80
N THR G 206 39.59 22.88 41.53
CA THR G 206 39.61 22.82 42.98
C THR G 206 39.10 21.50 43.54
N ARG G 207 38.49 20.66 42.70
CA ARG G 207 37.96 19.37 43.12
C ARG G 207 36.98 19.50 44.29
N LYS G 208 36.17 20.54 44.25
CA LYS G 208 35.20 20.78 45.31
C LYS G 208 33.93 21.37 44.72
N TYR G 209 32.78 20.97 45.27
CA TYR G 209 31.52 21.59 44.93
C TYR G 209 31.42 22.95 45.61
N ALA G 210 30.99 23.95 44.85
CA ALA G 210 30.83 25.29 45.37
C ALA G 210 29.46 25.83 44.97
N LYS G 211 28.93 26.72 45.79
CA LYS G 211 27.65 27.34 45.48
C LYS G 211 27.76 28.14 44.19
N ALA G 212 26.84 27.88 43.27
CA ALA G 212 26.85 28.52 41.96
C ALA G 212 25.69 29.50 41.77
N GLU G 213 24.48 29.10 42.13
CA GLU G 213 23.33 29.96 41.91
C GLU G 213 22.36 29.83 43.07
N THR G 214 21.49 30.83 43.20
CA THR G 214 20.50 30.87 44.27
C THR G 214 19.25 31.54 43.75
N LEU G 215 18.10 30.89 43.94
CA LEU G 215 16.84 31.41 43.43
C LEU G 215 16.19 32.26 44.52
N MET G 216 16.35 33.57 44.41
CA MET G 216 15.82 34.49 45.42
C MET G 216 14.33 34.71 45.30
N THR G 217 13.73 34.43 44.15
CA THR G 217 12.31 34.68 43.97
C THR G 217 11.43 33.62 44.61
N VAL G 218 12.02 32.54 45.12
CA VAL G 218 11.27 31.46 45.76
C VAL G 218 11.41 31.61 47.26
N THR G 219 10.28 31.84 47.94
CA THR G 219 10.27 32.02 49.38
C THR G 219 9.36 31.06 50.12
N ASP G 220 8.42 30.44 49.44
CA ASP G 220 7.54 29.48 50.07
C ASP G 220 8.27 28.16 50.30
N PRO G 221 7.77 27.31 51.20
CA PRO G 221 8.37 25.99 51.35
C PRO G 221 8.31 25.21 50.03
N VAL G 222 9.38 24.47 49.76
CA VAL G 222 9.50 23.68 48.54
C VAL G 222 9.36 22.22 48.90
N HIS G 223 8.51 21.51 48.14
CA HIS G 223 8.28 20.09 48.39
C HIS G 223 9.00 19.19 47.41
N ASP G 224 9.31 19.66 46.21
CA ASP G 224 10.01 18.84 45.25
C ASP G 224 10.59 19.70 44.14
N ILE G 225 11.73 19.26 43.61
CA ILE G 225 12.37 19.89 42.46
C ILE G 225 12.80 18.80 41.50
N ALA G 226 12.95 19.17 40.23
CA ALA G 226 13.35 18.19 39.23
C ALA G 226 13.97 18.89 38.02
N PHE G 227 15.15 18.44 37.63
CA PHE G 227 15.73 18.87 36.37
C PHE G 227 15.03 18.17 35.21
N ALA G 228 15.07 18.80 34.08
CA ALA G 228 14.51 18.06 32.96
C ALA G 228 15.62 17.37 32.19
N PRO G 229 15.34 16.20 31.61
CA PRO G 229 16.36 15.51 30.80
C PRO G 229 16.82 16.41 29.66
N ASN G 230 18.14 16.46 29.46
CA ASN G 230 18.68 17.41 28.49
C ASN G 230 18.46 16.93 27.07
N LEU G 231 19.06 15.80 26.71
CA LEU G 231 18.79 15.12 25.43
C LEU G 231 19.09 16.03 24.24
N GLY G 232 20.13 16.85 24.35
CA GLY G 232 20.62 17.62 23.23
C GLY G 232 20.49 19.12 23.33
N ARG G 233 19.79 19.64 24.33
CA ARG G 233 19.65 21.09 24.45
C ARG G 233 20.96 21.72 24.88
N SER G 234 21.01 23.05 24.81
CA SER G 234 22.19 23.81 25.18
C SER G 234 21.99 24.63 26.45
N PHE G 235 20.86 24.46 27.13
CA PHE G 235 20.61 25.10 28.41
C PHE G 235 19.88 24.11 29.31
N HIS G 236 19.51 24.56 30.50
CA HIS G 236 18.91 23.68 31.50
C HIS G 236 17.52 24.16 31.88
N ILE G 237 16.65 23.21 32.19
CA ILE G 237 15.29 23.49 32.61
C ILE G 237 15.05 22.86 33.98
N LEU G 238 14.51 23.64 34.90
CA LEU G 238 14.26 23.18 36.25
C LEU G 238 12.79 23.40 36.60
N ALA G 239 12.20 22.48 37.34
CA ALA G 239 10.81 22.56 37.75
C ALA G 239 10.73 22.48 39.27
N ILE G 240 9.97 23.38 39.87
CA ILE G 240 9.87 23.51 41.32
C ILE G 240 8.40 23.45 41.72
N ALA G 241 8.12 22.69 42.78
CA ALA G 241 6.78 22.54 43.32
C ALA G 241 6.68 23.24 44.67
N THR G 242 5.68 24.11 44.80
CA THR G 242 5.47 24.94 45.96
C THR G 242 3.96 25.13 46.11
N LYS G 243 3.54 26.18 46.82
CA LYS G 243 2.13 26.57 46.76
C LYS G 243 1.64 26.71 45.32
N ASP G 244 2.55 26.87 44.37
CA ASP G 244 2.25 26.85 42.95
C ASP G 244 3.36 26.09 42.24
N VAL G 245 3.28 26.03 40.92
CA VAL G 245 4.25 25.32 40.09
C VAL G 245 5.07 26.34 39.32
N ARG G 246 6.39 26.23 39.40
CA ARG G 246 7.26 27.18 38.72
C ARG G 246 8.25 26.45 37.82
N ILE G 247 8.57 27.06 36.68
CA ILE G 247 9.55 26.52 35.76
C ILE G 247 10.59 27.59 35.46
N PHE G 248 11.86 27.22 35.55
CA PHE G 248 12.97 28.13 35.34
C PHE G 248 13.89 27.59 34.26
N THR G 249 14.57 28.51 33.58
CA THR G 249 15.55 28.16 32.56
C THR G 249 16.89 28.78 32.93
N LEU G 250 17.96 28.01 32.75
CA LEU G 250 19.31 28.44 33.06
C LEU G 250 20.15 28.36 31.80
N LYS G 251 20.62 29.51 31.31
CA LYS G 251 21.49 29.57 30.15
C LYS G 251 22.88 29.96 30.59
N PRO G 252 23.88 29.10 30.46
CA PRO G 252 25.25 29.51 30.80
C PRO G 252 25.74 30.59 29.87
N VAL G 253 26.56 31.49 30.41
CA VAL G 253 27.11 32.57 29.62
C VAL G 253 28.46 32.13 29.06
N ARG G 254 28.88 32.80 27.99
CA ARG G 254 30.17 32.49 27.39
C ARG G 254 31.29 32.75 28.38
N LYS G 255 32.19 31.78 28.52
CA LYS G 255 33.31 31.91 29.45
C LYS G 255 34.24 33.02 28.99
N GLU G 256 34.65 33.87 29.93
CA GLU G 256 35.55 34.96 29.61
C GLU G 256 36.93 34.41 29.25
N LEU G 257 37.67 35.17 28.43
CA LEU G 257 39.02 34.78 28.05
C LEU G 257 39.98 34.77 29.23
N THR G 258 39.62 35.41 30.35
CA THR G 258 40.49 35.42 31.52
C THR G 258 40.62 34.02 32.14
N SER G 259 39.75 33.09 31.78
CA SER G 259 39.77 31.72 32.30
C SER G 259 39.69 31.70 33.82
N SER G 260 38.65 32.35 34.35
CA SER G 260 38.45 32.38 35.79
C SER G 260 38.13 31.00 36.32
N GLY G 261 38.69 30.66 37.47
CA GLY G 261 38.49 29.37 38.09
C GLY G 261 37.22 29.24 38.91
N GLY G 262 36.42 30.29 38.99
CA GLY G 262 35.21 30.25 39.78
C GLY G 262 34.09 29.52 39.07
N PRO G 263 32.95 29.44 39.75
CA PRO G 263 31.79 28.77 39.17
C PRO G 263 31.27 29.49 37.94
N THR G 264 30.66 28.72 37.04
CA THR G 264 30.11 29.29 35.82
C THR G 264 28.93 30.20 36.14
N LYS G 265 28.84 31.31 35.42
CA LYS G 265 27.75 32.25 35.60
C LYS G 265 26.57 31.85 34.73
N PHE G 266 25.36 32.18 35.19
CA PHE G 266 24.14 31.82 34.50
C PHE G 266 23.19 33.00 34.45
N GLU G 267 22.31 32.98 33.46
CA GLU G 267 21.20 33.92 33.35
C GLU G 267 19.92 33.16 33.66
N ILE G 268 19.19 33.65 34.66
CA ILE G 268 18.03 32.93 35.20
C ILE G 268 16.76 33.64 34.75
N HIS G 269 15.82 32.86 34.23
CA HIS G 269 14.51 33.38 33.86
C HIS G 269 13.44 32.40 34.28
N ILE G 270 12.29 32.93 34.68
CA ILE G 270 11.10 32.12 34.96
C ILE G 270 10.21 32.16 33.73
N VAL G 271 9.81 30.98 33.25
CA VAL G 271 9.05 30.88 32.00
C VAL G 271 7.63 30.40 32.20
N ALA G 272 7.25 29.96 33.40
CA ALA G 272 5.90 29.49 33.62
C ALA G 272 5.62 29.42 35.12
N GLN G 273 4.46 29.95 35.52
CA GLN G 273 4.01 29.88 36.91
C GLN G 273 2.52 29.59 36.90
N PHE G 274 2.15 28.40 37.38
CA PHE G 274 0.78 27.93 37.35
C PHE G 274 0.27 27.71 38.78
N ASP G 275 -1.00 28.02 39.00
CA ASP G 275 -1.62 27.82 40.30
C ASP G 275 -3.02 27.25 40.13
N ASN G 276 -3.19 26.35 39.16
CA ASN G 276 -4.50 25.79 38.89
C ASN G 276 -4.93 24.77 39.94
N HIS G 277 -3.99 24.23 40.70
CA HIS G 277 -4.35 23.27 41.75
C HIS G 277 -5.06 23.94 42.92
N ASN G 278 -4.83 25.23 43.13
CA ASN G 278 -5.48 25.99 44.20
C ASN G 278 -5.18 25.37 45.57
N SER G 279 -3.99 24.83 45.73
CA SER G 279 -3.58 24.15 46.95
C SER G 279 -2.07 23.97 46.91
N GLN G 280 -1.55 23.20 47.86
CA GLN G 280 -0.13 22.88 47.88
C GLN G 280 0.17 21.83 46.82
N VAL G 281 1.05 22.15 45.90
CA VAL G 281 1.50 21.19 44.90
C VAL G 281 2.56 20.30 45.53
N TRP G 282 2.34 18.99 45.48
CA TRP G 282 3.21 18.07 46.19
C TRP G 282 4.35 17.53 45.33
N ARG G 283 4.03 17.00 44.14
CA ARG G 283 5.04 16.29 43.37
C ARG G 283 5.06 16.78 41.93
N VAL G 284 6.26 16.73 41.33
CA VAL G 284 6.45 17.02 39.92
C VAL G 284 7.34 15.95 39.32
N SER G 285 7.16 15.71 38.02
CA SER G 285 7.97 14.71 37.34
C SER G 285 7.97 14.97 35.85
N TRP G 286 9.10 14.70 35.20
CA TRP G 286 9.21 14.84 33.76
C TRP G 286 8.94 13.51 33.06
N ASN G 287 8.70 13.57 31.77
CA ASN G 287 8.59 12.37 30.96
C ASN G 287 10.00 11.95 30.53
N ILE G 288 10.08 10.99 29.62
CA ILE G 288 11.39 10.46 29.24
C ILE G 288 12.17 11.47 28.42
N THR G 289 11.50 12.18 27.51
CA THR G 289 12.17 13.09 26.58
C THR G 289 12.28 14.52 27.11
N GLY G 290 11.79 14.78 28.31
CA GLY G 290 11.86 16.13 28.85
C GLY G 290 11.04 17.14 28.09
N THR G 291 9.80 16.79 27.73
CA THR G 291 8.91 17.69 27.03
C THR G 291 7.57 17.89 27.70
N VAL G 292 7.15 17.00 28.59
CA VAL G 292 5.86 17.09 29.26
C VAL G 292 6.11 17.00 30.76
N LEU G 293 5.50 17.91 31.52
CA LEU G 293 5.65 17.96 32.96
C LEU G 293 4.36 17.54 33.63
N ALA G 294 4.45 16.63 34.61
CA ALA G 294 3.30 16.13 35.33
C ALA G 294 3.37 16.62 36.77
N SER G 295 2.30 17.26 37.24
CA SER G 295 2.26 17.83 38.57
C SER G 295 1.05 17.29 39.33
N SER G 296 1.28 16.83 40.55
CA SER G 296 0.21 16.35 41.42
C SER G 296 0.18 17.18 42.67
N GLY G 297 -1.00 17.71 42.98
CA GLY G 297 -1.18 18.58 44.14
C GLY G 297 -2.19 18.05 45.12
N ASP G 298 -2.68 18.92 46.00
CA ASP G 298 -3.58 18.50 47.06
C ASP G 298 -5.03 18.38 46.60
N ASP G 299 -5.35 18.80 45.38
CA ASP G 299 -6.70 18.67 44.88
C ASP G 299 -7.08 17.22 44.58
N GLY G 300 -6.11 16.31 44.60
CA GLY G 300 -6.37 14.93 44.25
C GLY G 300 -6.39 14.66 42.76
N CYS G 301 -5.78 15.53 41.97
CA CYS G 301 -5.77 15.39 40.51
C CYS G 301 -4.37 15.64 39.99
N VAL G 302 -4.08 15.07 38.83
CA VAL G 302 -2.80 15.22 38.15
C VAL G 302 -3.00 16.11 36.94
N ARG G 303 -2.03 16.98 36.67
CA ARG G 303 -2.11 17.88 35.53
C ARG G 303 -0.87 17.76 34.69
N LEU G 304 -1.04 17.89 33.37
CA LEU G 304 0.06 17.79 32.42
C LEU G 304 0.29 19.13 31.74
N TRP G 305 1.55 19.46 31.52
CA TRP G 305 1.93 20.74 30.95
C TRP G 305 2.91 20.55 29.82
N LYS G 306 2.75 21.36 28.77
CA LYS G 306 3.59 21.31 27.58
C LYS G 306 3.67 22.72 27.00
N ALA G 307 4.72 22.96 26.22
CA ALA G 307 4.97 24.26 25.62
C ALA G 307 4.90 24.15 24.11
N ASN G 308 4.29 25.16 23.48
CA ASN G 308 4.19 25.20 22.02
C ASN G 308 5.50 25.76 21.44
N TYR G 309 5.52 25.98 20.13
CA TYR G 309 6.75 26.44 19.49
C TYR G 309 7.08 27.89 19.81
N MET G 310 6.16 28.62 20.44
CA MET G 310 6.40 30.00 20.83
C MET G 310 6.82 30.12 22.28
N ASP G 311 7.10 29.00 22.95
CA ASP G 311 7.52 28.97 24.36
C ASP G 311 6.42 29.52 25.27
N ASN G 312 5.21 29.02 25.08
CA ASN G 312 4.10 29.28 25.98
C ASN G 312 3.62 27.96 26.54
N TRP G 313 3.68 27.81 27.85
CA TRP G 313 3.30 26.56 28.50
C TRP G 313 1.81 26.57 28.78
N LYS G 314 1.12 25.53 28.31
CA LYS G 314 -0.32 25.41 28.49
C LYS G 314 -0.65 24.01 28.99
N CYS G 315 -1.68 23.93 29.82
CA CYS G 315 -2.15 22.63 30.29
C CYS G 315 -2.69 21.80 29.13
N THR G 316 -2.41 20.50 29.16
CA THR G 316 -2.85 19.60 28.10
C THR G 316 -3.74 18.48 28.60
N GLY G 317 -3.72 18.16 29.89
CA GLY G 317 -4.54 17.09 30.40
C GLY G 317 -4.76 17.14 31.90
N ILE G 318 -5.95 16.75 32.32
CA ILE G 318 -6.32 16.66 33.73
C ILE G 318 -6.79 15.24 34.01
N LEU G 319 -6.23 14.61 35.03
CA LEU G 319 -6.54 13.24 35.39
C LEU G 319 -7.03 13.20 36.83
N LYS G 320 -8.05 12.39 37.06
CA LYS G 320 -8.67 12.27 38.38
C LYS G 320 -8.67 10.82 38.82
N GLY G 321 -8.44 10.61 40.11
CA GLY G 321 -8.42 9.26 40.64
C GLY G 321 -9.80 8.62 40.60
N ASN G 322 -9.79 7.29 40.51
CA ASN G 322 -11.01 6.49 40.45
C ASN G 322 -11.91 6.93 39.31
N VAL H 4 24.83 40.58 -32.70
CA VAL H 4 25.22 41.00 -34.05
C VAL H 4 25.48 42.50 -34.08
N ILE H 5 25.45 43.07 -35.29
CA ILE H 5 25.74 44.47 -35.51
C ILE H 5 24.77 45.00 -36.57
N ASN H 6 24.26 46.20 -36.35
CA ASN H 6 23.51 46.91 -37.38
C ASN H 6 24.13 48.28 -37.57
N THR H 7 24.48 48.60 -38.82
CA THR H 7 25.12 49.86 -39.15
C THR H 7 24.15 50.71 -39.96
N VAL H 8 23.99 51.96 -39.56
CA VAL H 8 23.01 52.87 -40.16
C VAL H 8 23.76 54.08 -40.70
N ASP H 9 23.41 54.47 -41.93
CA ASP H 9 23.97 55.65 -42.58
C ASP H 9 23.09 56.85 -42.26
N THR H 10 23.66 57.82 -41.55
CA THR H 10 22.88 59.00 -41.16
C THR H 10 22.43 59.80 -42.37
N SER H 11 23.31 59.94 -43.37
CA SER H 11 23.09 60.78 -44.55
C SER H 11 22.98 62.25 -44.19
N HIS H 12 23.45 62.65 -43.01
CA HIS H 12 23.46 64.05 -42.63
C HIS H 12 24.53 64.80 -43.40
N GLU H 13 24.53 66.12 -43.23
CA GLU H 13 25.50 66.98 -43.89
C GLU H 13 26.61 67.44 -42.98
N ASP H 14 26.50 67.21 -41.67
CA ASP H 14 27.53 67.61 -40.72
C ASP H 14 27.61 66.56 -39.62
N MET H 15 28.39 66.86 -38.58
CA MET H 15 28.65 65.89 -37.54
C MET H 15 27.40 65.59 -36.73
N ILE H 16 27.29 64.34 -36.28
CA ILE H 16 26.18 63.92 -35.43
C ILE H 16 26.48 64.32 -34.00
N HIS H 17 25.45 64.79 -33.29
CA HIS H 17 25.60 65.18 -31.90
C HIS H 17 24.90 64.27 -30.90
N ASP H 18 23.83 63.59 -31.32
CA ASP H 18 23.17 62.64 -30.43
C ASP H 18 22.26 61.75 -31.26
N ALA H 19 21.97 60.57 -30.70
CA ALA H 19 21.12 59.59 -31.35
C ALA H 19 20.51 58.69 -30.29
N GLN H 20 19.21 58.44 -30.40
CA GLN H 20 18.52 57.63 -29.41
C GLN H 20 17.40 56.86 -30.09
N MET H 21 17.17 55.64 -29.61
CA MET H 21 16.08 54.84 -30.13
C MET H 21 14.80 55.11 -29.36
N ASP H 22 13.71 54.55 -29.85
CA ASP H 22 12.42 54.66 -29.19
C ASP H 22 12.38 53.71 -28.00
N TYR H 23 11.22 53.61 -27.36
CA TYR H 23 11.11 52.76 -26.18
C TYR H 23 11.12 51.28 -26.54
N TYR H 24 10.60 50.93 -27.72
CA TYR H 24 10.54 49.54 -28.15
C TYR H 24 11.79 49.08 -28.88
N GLY H 25 12.70 49.98 -29.20
CA GLY H 25 13.86 49.61 -29.99
C GLY H 25 13.55 49.34 -31.44
N THR H 26 12.57 50.05 -32.01
CA THR H 26 12.18 49.86 -33.39
C THR H 26 12.48 51.04 -34.29
N ARG H 27 12.67 52.23 -33.72
CA ARG H 27 12.94 53.42 -34.50
C ARG H 27 14.08 54.19 -33.86
N LEU H 28 14.76 54.99 -34.68
CA LEU H 28 15.94 55.73 -34.24
C LEU H 28 15.80 57.19 -34.65
N ALA H 29 16.23 58.09 -33.77
CA ALA H 29 16.20 59.52 -34.02
C ALA H 29 17.59 60.09 -33.79
N THR H 30 18.08 60.85 -34.75
CA THR H 30 19.40 61.43 -34.69
C THR H 30 19.33 62.94 -34.86
N CYS H 31 20.35 63.62 -34.35
CA CYS H 31 20.45 65.07 -34.49
C CYS H 31 21.84 65.44 -34.98
N SER H 32 21.91 66.51 -35.77
CA SER H 32 23.17 66.96 -36.32
C SER H 32 23.16 68.48 -36.44
N SER H 33 24.31 69.03 -36.78
CA SER H 33 24.44 70.48 -36.92
C SER H 33 23.71 71.01 -38.14
N ASP H 34 23.22 70.15 -39.02
CA ASP H 34 22.49 70.56 -40.21
C ASP H 34 21.10 71.09 -39.90
N ARG H 35 20.78 71.30 -38.62
CA ARG H 35 19.49 71.85 -38.21
C ARG H 35 18.33 70.97 -38.66
N SER H 36 18.52 69.65 -38.57
CA SER H 36 17.52 68.70 -39.00
C SER H 36 17.50 67.51 -38.06
N VAL H 37 16.38 66.80 -38.05
CA VAL H 37 16.22 65.59 -37.27
C VAL H 37 15.73 64.48 -38.20
N LYS H 38 16.43 63.36 -38.20
CA LYS H 38 16.09 62.22 -39.04
C LYS H 38 15.51 61.11 -38.16
N ILE H 39 14.43 60.51 -38.62
CA ILE H 39 13.80 59.38 -37.93
C ILE H 39 13.73 58.23 -38.90
N PHE H 40 14.36 57.11 -38.55
CA PHE H 40 14.47 55.93 -39.38
C PHE H 40 13.61 54.80 -38.81
N ASP H 41 13.63 53.68 -39.52
CA ASP H 41 13.07 52.42 -39.04
C ASP H 41 14.16 51.38 -39.15
N VAL H 42 14.38 50.62 -38.07
CA VAL H 42 15.51 49.71 -38.02
C VAL H 42 15.03 48.29 -37.79
N ARG H 43 13.78 48.00 -38.15
CA ARG H 43 13.29 46.64 -38.02
C ARG H 43 14.01 45.73 -39.00
N ASN H 44 14.41 44.55 -38.52
CA ASN H 44 15.12 43.55 -39.32
C ASN H 44 16.36 44.16 -39.97
N GLY H 45 17.05 45.03 -39.23
CA GLY H 45 18.29 45.62 -39.71
C GLY H 45 18.15 46.41 -40.99
N GLY H 46 17.11 47.25 -41.08
CA GLY H 46 16.87 48.06 -42.25
C GLY H 46 17.13 49.53 -41.98
N GLN H 47 17.23 50.28 -43.07
CA GLN H 47 17.41 51.73 -43.01
C GLN H 47 16.36 52.38 -43.90
N ILE H 48 15.23 52.76 -43.31
CA ILE H 48 14.13 53.38 -44.02
C ILE H 48 13.93 54.76 -43.42
N LEU H 49 14.18 55.80 -44.21
CA LEU H 49 14.04 57.16 -43.71
C LEU H 49 12.57 57.50 -43.55
N ILE H 50 12.03 57.31 -42.35
CA ILE H 50 10.61 57.58 -42.11
C ILE H 50 10.33 59.07 -42.21
N ALA H 51 11.14 59.89 -41.56
CA ALA H 51 10.83 61.31 -41.51
C ALA H 51 12.10 62.14 -41.44
N ASP H 52 12.00 63.37 -41.95
CA ASP H 52 13.11 64.34 -41.93
C ASP H 52 12.49 65.69 -41.59
N LEU H 53 12.69 66.12 -40.34
CA LEU H 53 12.04 67.31 -39.81
C LEU H 53 13.05 68.44 -39.71
N ARG H 54 12.65 69.64 -40.16
CA ARG H 54 13.48 70.83 -40.07
C ARG H 54 12.64 71.96 -39.50
N GLY H 55 12.93 72.35 -38.27
CA GLY H 55 12.23 73.46 -37.64
C GLY H 55 13.12 74.32 -36.78
N HIS H 56 14.40 73.95 -36.69
CA HIS H 56 15.37 74.68 -35.91
C HIS H 56 16.20 75.59 -36.79
N GLU H 57 16.58 76.74 -36.24
CA GLU H 57 17.41 77.72 -36.94
C GLU H 57 18.87 77.62 -36.56
N GLY H 58 19.25 76.61 -35.79
CA GLY H 58 20.63 76.43 -35.39
C GLY H 58 20.94 74.98 -35.12
N PRO H 59 22.11 74.71 -34.56
CA PRO H 59 22.49 73.33 -34.26
C PRO H 59 21.56 72.70 -33.24
N VAL H 60 21.43 71.39 -33.32
CA VAL H 60 20.58 70.61 -32.42
C VAL H 60 21.48 69.82 -31.48
N TRP H 61 21.20 69.90 -30.18
CA TRP H 61 22.05 69.25 -29.19
C TRP H 61 21.51 67.88 -28.77
N GLN H 62 20.27 67.83 -28.28
CA GLN H 62 19.74 66.58 -27.77
C GLN H 62 18.28 66.39 -28.20
N VAL H 63 17.90 65.12 -28.27
CA VAL H 63 16.53 64.70 -28.53
C VAL H 63 16.16 63.64 -27.50
N ALA H 64 14.85 63.44 -27.33
CA ALA H 64 14.36 62.50 -26.33
C ALA H 64 12.98 62.00 -26.72
N TRP H 65 12.78 60.70 -26.62
CA TRP H 65 11.48 60.08 -26.87
C TRP H 65 10.65 60.08 -25.60
N ALA H 66 9.35 60.25 -25.75
CA ALA H 66 8.45 60.11 -24.62
C ALA H 66 7.97 58.67 -24.49
N HIS H 67 7.32 58.38 -23.38
CA HIS H 67 6.81 57.03 -23.15
C HIS H 67 5.70 56.71 -24.14
N PRO H 68 5.65 55.49 -24.65
CA PRO H 68 4.61 55.15 -25.64
C PRO H 68 3.20 55.25 -25.10
N MET H 69 3.02 55.25 -23.78
CA MET H 69 1.69 55.37 -23.19
C MET H 69 0.96 56.60 -23.69
N TYR H 70 1.69 57.68 -23.98
CA TYR H 70 1.10 58.93 -24.42
C TYR H 70 1.17 59.12 -25.92
N GLY H 71 1.58 58.10 -26.66
CA GLY H 71 1.70 58.19 -28.10
C GLY H 71 3.14 58.25 -28.55
N ASN H 72 3.33 58.81 -29.75
CA ASN H 72 4.66 58.98 -30.34
C ASN H 72 5.03 60.46 -30.26
N ILE H 73 5.86 60.80 -29.30
CA ILE H 73 6.24 62.18 -29.03
C ILE H 73 7.75 62.28 -28.93
N LEU H 74 8.33 63.25 -29.63
CA LEU H 74 9.76 63.49 -29.59
C LEU H 74 10.01 64.94 -29.20
N ALA H 75 11.10 65.18 -28.48
CA ALA H 75 11.45 66.52 -28.06
C ALA H 75 12.90 66.82 -28.41
N SER H 76 13.15 68.02 -28.93
CA SER H 76 14.49 68.41 -29.32
C SER H 76 14.82 69.77 -28.74
N CYS H 77 16.07 69.93 -28.30
CA CYS H 77 16.56 71.21 -27.79
C CYS H 77 17.67 71.72 -28.69
N SER H 78 17.65 73.02 -29.01
CA SER H 78 18.60 73.54 -29.98
C SER H 78 19.30 74.78 -29.45
N TYR H 79 20.37 75.15 -30.16
CA TYR H 79 21.15 76.35 -29.87
C TYR H 79 20.37 77.63 -30.09
N ASP H 80 19.26 77.58 -30.80
CA ASP H 80 18.44 78.75 -31.07
C ASP H 80 17.59 79.18 -29.88
N ARG H 81 17.93 78.70 -28.68
CA ARG H 81 17.19 79.00 -27.46
C ARG H 81 15.75 78.50 -27.57
N LYS H 82 15.57 77.35 -28.22
CA LYS H 82 14.24 76.82 -28.45
C LYS H 82 14.19 75.31 -28.24
N VAL H 83 13.07 74.87 -27.67
CA VAL H 83 12.74 73.46 -27.53
C VAL H 83 11.50 73.20 -28.38
N ILE H 84 11.54 72.19 -29.23
CA ILE H 84 10.48 71.90 -30.17
C ILE H 84 9.99 70.47 -29.94
N ILE H 85 8.66 70.31 -29.96
CA ILE H 85 8.02 69.03 -29.74
C ILE H 85 7.39 68.57 -31.06
N TRP H 86 7.72 67.34 -31.45
CA TRP H 86 7.18 66.74 -32.66
C TRP H 86 6.25 65.59 -32.30
N ARG H 87 5.13 65.52 -32.99
CA ARG H 87 4.15 64.48 -32.76
C ARG H 87 3.74 63.87 -34.09
N GLU H 88 3.41 62.59 -34.06
CA GLU H 88 2.98 61.86 -35.25
C GLU H 88 1.48 61.65 -35.19
N GLU H 89 0.76 62.20 -36.17
CA GLU H 89 -0.67 62.03 -36.28
C GLU H 89 -1.00 61.52 -37.67
N ASN H 90 -1.81 60.45 -37.73
CA ASN H 90 -2.22 59.85 -38.99
C ASN H 90 -1.01 59.42 -39.83
N GLY H 91 0.00 58.89 -39.15
CA GLY H 91 1.15 58.34 -39.84
C GLY H 91 2.14 59.34 -40.39
N THR H 92 1.99 60.63 -40.07
CA THR H 92 2.92 61.65 -40.50
C THR H 92 3.34 62.51 -39.32
N TRP H 93 4.61 62.85 -39.27
CA TRP H 93 5.16 63.66 -38.18
C TRP H 93 4.98 65.14 -38.48
N GLU H 94 4.82 65.92 -37.42
CA GLU H 94 4.70 67.36 -37.56
C GLU H 94 5.01 68.02 -36.23
N LYS H 95 5.52 69.25 -36.30
CA LYS H 95 5.71 70.06 -35.11
C LYS H 95 4.36 70.35 -34.48
N SER H 96 4.28 70.23 -33.15
CA SER H 96 3.01 70.41 -32.45
C SER H 96 3.03 71.47 -31.37
N HIS H 97 4.20 71.94 -30.95
CA HIS H 97 4.29 72.98 -29.93
C HIS H 97 5.69 73.57 -29.97
N GLU H 98 5.85 74.71 -29.32
CA GLU H 98 7.14 75.38 -29.27
C GLU H 98 7.23 76.19 -27.99
N HIS H 99 8.45 76.30 -27.46
CA HIS H 99 8.71 77.05 -26.24
C HIS H 99 9.98 77.84 -26.42
N ALA H 100 9.94 79.14 -26.09
CA ALA H 100 11.08 80.02 -26.23
C ALA H 100 11.22 80.89 -24.99
N GLY H 101 11.14 80.27 -23.82
CA GLY H 101 11.21 81.00 -22.58
C GLY H 101 12.60 81.30 -22.06
N HIS H 102 13.64 80.92 -22.79
CA HIS H 102 15.01 81.10 -22.33
C HIS H 102 15.72 82.18 -23.14
N ASP H 103 16.83 82.66 -22.58
CA ASP H 103 17.63 83.69 -23.22
C ASP H 103 18.95 83.17 -23.77
N SER H 104 19.27 81.90 -23.55
CA SER H 104 20.51 81.31 -24.05
C SER H 104 20.19 79.93 -24.62
N SER H 105 21.22 79.25 -25.10
CA SER H 105 21.04 77.94 -25.70
C SER H 105 20.55 76.94 -24.66
N VAL H 106 19.57 76.14 -25.04
CA VAL H 106 19.07 75.07 -24.18
C VAL H 106 19.91 73.83 -24.44
N ASN H 107 20.48 73.28 -23.37
CA ASN H 107 21.46 72.20 -23.51
C ASN H 107 20.88 70.81 -23.35
N SER H 108 19.99 70.60 -22.39
CA SER H 108 19.52 69.24 -22.11
C SER H 108 18.01 69.20 -21.96
N VAL H 109 17.43 68.04 -22.30
CA VAL H 109 16.01 67.78 -22.13
C VAL H 109 15.84 66.36 -21.61
N CYS H 110 14.80 66.16 -20.80
CA CYS H 110 14.53 64.83 -20.28
C CYS H 110 13.07 64.70 -19.89
N TRP H 111 12.49 63.54 -20.17
CA TRP H 111 11.11 63.28 -19.79
C TRP H 111 11.04 62.70 -18.39
N ALA H 112 9.99 63.05 -17.67
CA ALA H 112 9.77 62.52 -16.34
C ALA H 112 9.28 61.07 -16.42
N PRO H 113 9.41 60.31 -15.34
CA PRO H 113 8.84 58.95 -15.34
C PRO H 113 7.35 58.99 -15.59
N HIS H 114 6.86 57.97 -16.30
CA HIS H 114 5.50 58.01 -16.80
C HIS H 114 4.45 58.01 -15.69
N ASP H 115 4.83 57.62 -14.47
CA ASP H 115 3.87 57.65 -13.38
C ASP H 115 3.46 59.08 -13.03
N TYR H 116 4.41 60.02 -13.07
CA TYR H 116 4.10 61.40 -12.73
C TYR H 116 3.19 62.06 -13.76
N GLY H 117 3.08 61.48 -14.96
CA GLY H 117 2.34 62.09 -16.04
C GLY H 117 3.22 62.33 -17.24
N LEU H 118 2.94 63.42 -17.95
CA LEU H 118 3.71 63.83 -19.13
C LEU H 118 4.36 65.17 -18.81
N ILE H 119 5.61 65.12 -18.35
CA ILE H 119 6.35 66.30 -17.93
C ILE H 119 7.72 66.30 -18.60
N LEU H 120 8.13 67.45 -19.09
CA LEU H 120 9.43 67.63 -19.72
C LEU H 120 10.27 68.62 -18.92
N ALA H 121 11.54 68.30 -18.74
CA ALA H 121 12.46 69.15 -18.00
C ALA H 121 13.58 69.58 -18.94
N CYS H 122 13.82 70.88 -19.01
CA CYS H 122 14.84 71.44 -19.87
C CYS H 122 15.87 72.19 -19.04
N GLY H 123 17.10 72.22 -19.54
CA GLY H 123 18.19 72.90 -18.88
C GLY H 123 19.04 73.66 -19.87
N SER H 124 19.25 74.95 -19.62
CA SER H 124 19.90 75.86 -20.55
C SER H 124 21.09 76.52 -19.88
N SER H 125 21.84 77.28 -20.69
CA SER H 125 23.02 77.98 -20.21
C SER H 125 22.69 79.31 -19.56
N ASP H 126 21.45 79.79 -19.66
CA ASP H 126 21.07 81.04 -19.04
C ASP H 126 21.01 80.94 -17.52
N GLY H 127 21.07 79.74 -16.96
CA GLY H 127 20.99 79.56 -15.53
C GLY H 127 19.61 79.30 -14.99
N ALA H 128 18.63 79.04 -15.85
CA ALA H 128 17.26 78.80 -15.43
C ALA H 128 16.80 77.45 -15.96
N ILE H 129 15.94 76.79 -15.18
CA ILE H 129 15.43 75.47 -15.53
C ILE H 129 13.93 75.57 -15.71
N SER H 130 13.44 75.14 -16.87
CA SER H 130 12.03 75.24 -17.19
C SER H 130 11.41 73.85 -17.18
N LEU H 131 10.27 73.72 -16.51
CA LEU H 131 9.48 72.49 -16.49
C LEU H 131 8.20 72.75 -17.28
N LEU H 132 7.97 71.92 -18.29
CA LEU H 132 6.80 72.03 -19.14
C LEU H 132 5.86 70.87 -18.82
N THR H 133 4.76 71.18 -18.15
CA THR H 133 3.77 70.19 -17.77
C THR H 133 2.63 70.18 -18.79
N TYR H 134 2.20 68.99 -19.18
CA TYR H 134 1.10 68.87 -20.12
C TYR H 134 -0.21 68.99 -19.38
N THR H 135 -1.04 69.94 -19.80
CA THR H 135 -2.29 70.24 -19.11
C THR H 135 -3.51 69.66 -19.81
N GLY H 136 -3.34 69.10 -21.01
CA GLY H 136 -4.47 68.61 -21.77
C GLY H 136 -4.97 69.64 -22.77
N GLU H 137 -5.77 69.15 -23.72
CA GLU H 137 -6.34 69.98 -24.78
C GLU H 137 -5.26 70.70 -25.58
N GLY H 138 -4.10 70.07 -25.73
CA GLY H 138 -3.02 70.67 -26.49
C GLY H 138 -2.47 71.94 -25.88
N GLN H 139 -2.43 72.03 -24.55
CA GLN H 139 -1.93 73.20 -23.86
C GLN H 139 -0.93 72.78 -22.79
N TRP H 140 0.02 73.67 -22.53
CA TRP H 140 1.12 73.39 -21.62
C TRP H 140 1.23 74.48 -20.57
N GLU H 141 1.76 74.10 -19.41
CA GLU H 141 2.09 75.03 -18.35
C GLU H 141 3.59 75.07 -18.17
N VAL H 142 4.13 76.25 -17.88
CA VAL H 142 5.56 76.45 -17.76
C VAL H 142 5.87 76.92 -16.34
N LYS H 143 6.81 76.24 -15.67
CA LYS H 143 7.31 76.66 -14.38
C LYS H 143 8.81 76.90 -14.50
N LYS H 144 9.26 78.09 -14.14
CA LYS H 144 10.66 78.46 -14.27
C LYS H 144 11.29 78.54 -12.89
N ILE H 145 12.37 77.79 -12.70
CA ILE H 145 13.25 77.93 -11.55
C ILE H 145 14.41 78.80 -12.02
N ASN H 146 14.41 80.06 -11.61
CA ASN H 146 15.40 81.01 -12.09
C ASN H 146 16.65 80.97 -11.22
N ASN H 147 17.77 81.31 -11.84
CA ASN H 147 19.07 81.32 -11.17
C ASN H 147 19.36 79.96 -10.53
N ALA H 148 19.09 78.90 -11.27
CA ALA H 148 19.34 77.55 -10.76
C ALA H 148 20.81 77.32 -10.50
N HIS H 149 21.67 77.81 -11.40
CA HIS H 149 23.11 77.66 -11.27
C HIS H 149 23.79 79.02 -11.45
N THR H 150 25.06 79.06 -11.06
CA THR H 150 25.79 80.33 -11.09
C THR H 150 25.99 80.82 -12.52
N ILE H 151 26.47 79.96 -13.40
CA ILE H 151 26.82 80.33 -14.77
C ILE H 151 25.79 79.78 -15.76
N GLY H 152 25.49 78.48 -15.68
CA GLY H 152 24.52 77.88 -16.56
C GLY H 152 24.39 76.39 -16.35
N CYS H 153 23.17 75.86 -16.50
CA CYS H 153 22.93 74.44 -16.31
C CYS H 153 23.32 73.66 -17.56
N ASN H 154 23.70 72.42 -17.35
CA ASN H 154 24.13 71.59 -18.48
C ASN H 154 23.41 70.26 -18.57
N ALA H 155 23.10 69.63 -17.45
CA ALA H 155 22.49 68.30 -17.48
C ALA H 155 21.39 68.20 -16.44
N VAL H 156 20.32 67.49 -16.78
CA VAL H 156 19.18 67.28 -15.91
C VAL H 156 18.80 65.80 -15.96
N SER H 157 18.49 65.23 -14.80
CA SER H 157 18.07 63.83 -14.76
C SER H 157 17.03 63.61 -13.67
N TRP H 158 15.92 62.98 -14.02
CA TRP H 158 14.87 62.70 -13.05
C TRP H 158 15.30 61.57 -12.13
N ALA H 159 14.51 61.37 -11.07
CA ALA H 159 14.78 60.23 -10.21
C ALA H 159 13.66 59.20 -10.35
N PRO H 160 13.96 57.91 -10.18
CA PRO H 160 12.92 56.90 -10.30
C PRO H 160 11.82 57.08 -9.26
N ALA H 161 10.60 56.75 -9.64
CA ALA H 161 9.44 56.98 -8.79
C ALA H 161 9.38 55.94 -7.68
N VAL H 162 9.07 56.40 -6.47
CA VAL H 162 8.87 55.55 -5.31
C VAL H 162 7.61 56.00 -4.59
N VAL H 163 7.12 55.14 -3.70
CA VAL H 163 5.92 55.46 -2.93
C VAL H 163 6.30 56.18 -1.64
N ASN H 177 1.28 59.99 -1.37
CA ASN H 177 1.04 60.18 -2.79
C ASN H 177 2.32 59.94 -3.60
N TYR H 178 3.01 61.03 -3.92
CA TYR H 178 4.26 60.93 -4.67
C TYR H 178 5.16 62.10 -4.31
N ILE H 179 6.45 61.92 -4.55
CA ILE H 179 7.46 62.96 -4.36
C ILE H 179 8.31 63.03 -5.61
N LYS H 180 8.42 64.22 -6.18
CA LYS H 180 9.15 64.43 -7.42
C LYS H 180 10.53 64.99 -7.11
N ARG H 181 11.57 64.31 -7.59
CA ARG H 181 12.94 64.74 -7.36
C ARG H 181 13.76 64.55 -8.62
N PHE H 182 14.68 65.48 -8.86
CA PHE H 182 15.63 65.34 -9.95
C PHE H 182 16.95 65.99 -9.55
N ALA H 183 17.93 65.87 -10.43
CA ALA H 183 19.28 66.36 -10.18
C ALA H 183 19.74 67.17 -11.37
N SER H 184 20.49 68.24 -11.09
CA SER H 184 20.97 69.13 -12.13
C SER H 184 22.45 69.38 -11.94
N GLY H 185 23.17 69.46 -13.06
CA GLY H 185 24.58 69.77 -13.06
C GLY H 185 24.90 70.89 -14.02
N GLY H 186 25.65 71.90 -13.55
CA GLY H 186 25.94 73.07 -14.33
C GLY H 186 27.43 73.33 -14.41
N CYS H 187 27.77 74.61 -14.58
CA CYS H 187 29.15 75.04 -14.75
C CYS H 187 29.78 75.51 -13.45
N ASP H 188 29.08 75.38 -12.33
CA ASP H 188 29.62 75.79 -11.05
C ASP H 188 30.41 74.69 -10.36
N ASN H 189 30.59 73.54 -11.02
CA ASN H 189 31.26 72.36 -10.50
C ASN H 189 30.46 71.71 -9.36
N LEU H 190 29.20 72.08 -9.21
CA LEU H 190 28.35 71.55 -8.15
C LEU H 190 27.16 70.83 -8.76
N ILE H 191 26.72 69.78 -8.07
CA ILE H 191 25.50 69.06 -8.43
C ILE H 191 24.43 69.45 -7.43
N LYS H 192 23.23 69.77 -7.92
CA LYS H 192 22.17 70.27 -7.05
C LYS H 192 20.94 69.38 -7.20
N LEU H 193 20.40 68.94 -6.07
CA LEU H 193 19.17 68.16 -6.08
C LEU H 193 17.97 69.07 -5.91
N TRP H 194 16.87 68.70 -6.52
CA TRP H 194 15.64 69.49 -6.48
C TRP H 194 14.46 68.59 -6.19
N LYS H 195 13.61 69.05 -5.28
CA LYS H 195 12.44 68.30 -4.84
C LYS H 195 11.22 69.21 -4.86
N GLU H 196 10.12 68.70 -5.39
CA GLU H 196 8.88 69.46 -5.43
C GLU H 196 8.23 69.50 -4.06
N GLU H 197 7.86 70.69 -3.61
CA GLU H 197 7.16 70.84 -2.35
C GLU H 197 5.66 70.60 -2.54
N GLU H 198 4.96 70.46 -1.40
CA GLU H 198 3.53 70.14 -1.44
C GLU H 198 2.73 71.25 -2.13
N ASP H 199 3.13 72.51 -1.94
CA ASP H 199 2.42 73.61 -2.57
C ASP H 199 2.51 73.55 -4.08
N GLY H 200 3.68 73.16 -4.60
CA GLY H 200 3.92 73.16 -6.03
C GLY H 200 5.21 73.86 -6.38
N GLN H 201 5.69 74.68 -5.45
CA GLN H 201 6.98 75.35 -5.64
C GLN H 201 8.12 74.35 -5.49
N TRP H 202 9.18 74.59 -6.24
CA TRP H 202 10.37 73.75 -6.19
C TRP H 202 11.45 74.44 -5.37
N LYS H 203 12.03 73.70 -4.44
CA LYS H 203 13.07 74.21 -3.56
C LYS H 203 14.31 73.34 -3.65
N GLU H 204 15.47 73.96 -3.67
CA GLU H 204 16.73 73.22 -3.67
C GLU H 204 16.85 72.39 -2.40
N GLU H 205 17.28 71.15 -2.56
CA GLU H 205 17.35 70.20 -1.45
C GLU H 205 18.76 70.01 -0.91
N GLN H 206 19.72 69.70 -1.76
CA GLN H 206 21.05 69.37 -1.29
C GLN H 206 22.07 69.67 -2.39
N LYS H 207 23.31 69.84 -1.97
CA LYS H 207 24.42 70.17 -2.85
C LYS H 207 25.49 69.10 -2.72
N LEU H 208 26.11 68.76 -3.84
CA LEU H 208 27.24 67.84 -3.89
C LEU H 208 28.41 68.54 -4.57
N GLU H 209 29.57 68.52 -3.93
CA GLU H 209 30.75 69.24 -4.42
C GLU H 209 31.95 68.30 -4.35
N ALA H 210 32.30 67.70 -5.49
CA ALA H 210 33.50 66.88 -5.59
C ALA H 210 34.32 67.14 -6.84
N HIS H 211 33.73 67.65 -7.91
CA HIS H 211 34.48 67.91 -9.13
C HIS H 211 35.29 69.20 -8.99
N SER H 212 36.24 69.37 -9.91
CA SER H 212 37.07 70.55 -9.94
C SER H 212 36.86 71.40 -11.19
N ASP H 213 36.20 70.87 -12.21
CA ASP H 213 35.97 71.60 -13.45
C ASP H 213 34.48 71.56 -13.78
N TRP H 214 34.14 72.04 -14.97
CA TRP H 214 32.74 72.05 -15.41
C TRP H 214 32.14 70.65 -15.35
N VAL H 215 30.94 70.57 -14.80
CA VAL H 215 30.19 69.32 -14.76
C VAL H 215 29.38 69.21 -16.05
N ARG H 216 29.55 68.10 -16.76
CA ARG H 216 28.96 67.97 -18.08
C ARG H 216 27.79 67.00 -18.15
N ASP H 217 27.72 66.00 -17.29
CA ASP H 217 26.59 65.10 -17.38
C ASP H 217 26.33 64.41 -16.04
N VAL H 218 25.06 64.16 -15.77
CA VAL H 218 24.61 63.43 -14.59
C VAL H 218 23.53 62.46 -15.01
N ALA H 219 23.55 61.26 -14.43
CA ALA H 219 22.57 60.23 -14.75
C ALA H 219 22.18 59.51 -13.48
N TRP H 220 20.88 59.51 -13.18
CA TRP H 220 20.36 58.86 -11.98
C TRP H 220 19.95 57.44 -12.34
N ALA H 221 20.57 56.45 -11.70
CA ALA H 221 20.36 55.08 -12.11
C ALA H 221 18.93 54.64 -11.84
N PRO H 222 18.39 53.77 -12.70
CA PRO H 222 17.02 53.28 -12.48
C PRO H 222 16.94 52.41 -11.24
N SER H 223 15.71 52.17 -10.80
CA SER H 223 15.45 51.42 -9.58
C SER H 223 14.81 50.07 -9.92
N ILE H 224 15.16 49.06 -9.13
CA ILE H 224 14.52 47.75 -9.19
C ILE H 224 13.91 47.36 -7.85
N GLY H 225 13.79 48.31 -6.93
CA GLY H 225 13.23 48.04 -5.62
C GLY H 225 14.26 47.92 -4.51
N LEU H 226 15.54 47.90 -4.83
CA LEU H 226 16.56 47.82 -3.80
C LEU H 226 16.62 49.14 -3.04
N PRO H 227 16.87 49.10 -1.74
CA PRO H 227 16.96 50.35 -0.94
C PRO H 227 18.32 51.01 -1.06
N THR H 228 18.58 51.56 -2.25
CA THR H 228 19.86 52.21 -2.51
C THR H 228 19.70 53.13 -3.71
N SER H 229 20.20 54.36 -3.59
CA SER H 229 20.12 55.34 -4.66
C SER H 229 21.52 55.60 -5.21
N THR H 230 21.62 55.66 -6.54
CA THR H 230 22.90 55.77 -7.22
C THR H 230 22.82 56.81 -8.32
N ILE H 231 23.84 57.67 -8.38
CA ILE H 231 23.95 58.71 -9.39
C ILE H 231 25.36 58.70 -9.95
N ALA H 232 25.47 58.88 -11.26
CA ALA H 232 26.77 58.95 -11.92
C ALA H 232 26.97 60.37 -12.45
N SER H 233 28.18 60.89 -12.28
CA SER H 233 28.50 62.24 -12.71
C SER H 233 29.82 62.25 -13.46
N CYS H 234 29.84 62.96 -14.59
CA CYS H 234 31.06 63.13 -15.36
C CYS H 234 31.24 64.61 -15.69
N SER H 235 32.50 65.03 -15.74
CA SER H 235 32.84 66.44 -15.77
C SER H 235 33.95 66.70 -16.78
N GLN H 236 34.27 67.98 -16.94
CA GLN H 236 35.29 68.39 -17.90
C GLN H 236 36.66 67.83 -17.51
N ASP H 237 36.99 67.85 -16.22
CA ASP H 237 38.33 67.46 -15.79
C ASP H 237 38.65 66.00 -16.06
N GLY H 238 37.64 65.19 -16.36
CA GLY H 238 37.84 63.78 -16.60
C GLY H 238 37.49 62.88 -15.44
N ARG H 239 37.09 63.46 -14.30
CA ARG H 239 36.68 62.65 -13.17
C ARG H 239 35.29 62.07 -13.41
N VAL H 240 35.11 60.82 -13.03
CA VAL H 240 33.82 60.16 -13.04
C VAL H 240 33.52 59.70 -11.62
N PHE H 241 32.37 60.11 -11.10
CA PHE H 241 32.04 59.86 -9.70
C PHE H 241 30.72 59.13 -9.58
N ILE H 242 30.69 58.14 -8.69
CA ILE H 242 29.49 57.41 -8.33
C ILE H 242 29.08 57.85 -6.94
N TRP H 243 27.90 58.45 -6.84
CA TRP H 243 27.36 58.91 -5.57
C TRP H 243 26.30 57.92 -5.12
N THR H 244 26.46 57.39 -3.92
CA THR H 244 25.57 56.38 -3.39
C THR H 244 24.95 56.87 -2.09
N CYS H 245 23.66 56.56 -1.92
CA CYS H 245 22.95 56.80 -0.67
C CYS H 245 22.27 55.51 -0.27
N ASP H 246 22.65 54.98 0.88
CA ASP H 246 22.15 53.70 1.35
C ASP H 246 21.03 53.82 2.37
N ASP H 247 20.58 55.04 2.68
CA ASP H 247 19.52 55.24 3.66
C ASP H 247 18.79 56.52 3.34
N ALA H 248 17.51 56.40 2.97
CA ALA H 248 16.72 57.58 2.67
C ALA H 248 16.52 58.48 3.88
N SER H 249 16.65 57.92 5.10
CA SER H 249 16.50 58.74 6.30
C SER H 249 17.60 59.78 6.40
N SER H 250 18.85 59.39 6.13
CA SER H 250 19.96 60.31 6.25
C SER H 250 20.04 61.27 5.06
N ASN H 251 19.66 60.82 3.87
CA ASN H 251 19.78 61.59 2.64
C ASN H 251 21.21 62.11 2.46
N THR H 252 22.17 61.20 2.65
CA THR H 252 23.59 61.52 2.54
C THR H 252 24.19 60.70 1.41
N TRP H 253 25.12 61.31 0.69
CA TRP H 253 25.71 60.71 -0.49
C TRP H 253 27.22 60.59 -0.32
N SER H 254 27.77 59.42 -0.63
CA SER H 254 29.19 59.16 -0.48
C SER H 254 29.84 58.95 -1.84
N PRO H 255 30.52 59.96 -2.39
CA PRO H 255 31.10 59.80 -3.72
C PRO H 255 32.28 58.85 -3.73
N LYS H 256 32.44 58.17 -4.87
CA LYS H 256 33.61 57.35 -5.16
C LYS H 256 34.10 57.67 -6.56
N LEU H 257 35.42 57.60 -6.75
CA LEU H 257 36.01 57.82 -8.06
C LEU H 257 36.05 56.51 -8.83
N LEU H 258 35.51 56.51 -10.04
CA LEU H 258 35.56 55.31 -10.86
C LEU H 258 36.88 55.23 -11.62
N HIS H 259 37.29 56.32 -12.26
CA HIS H 259 38.52 56.37 -13.04
C HIS H 259 38.75 57.81 -13.47
N LYS H 260 40.01 58.14 -13.70
CA LYS H 260 40.40 59.46 -14.17
C LYS H 260 40.90 59.33 -15.61
N PHE H 261 40.10 59.85 -16.55
CA PHE H 261 40.43 59.77 -17.96
C PHE H 261 41.27 60.97 -18.38
N ASN H 262 42.15 60.73 -19.35
CA ASN H 262 43.08 61.77 -19.79
C ASN H 262 42.38 62.92 -20.49
N ASP H 263 41.15 62.74 -20.94
CA ASP H 263 40.46 63.80 -21.67
C ASP H 263 39.07 64.04 -21.09
N VAL H 264 38.29 64.90 -21.74
CA VAL H 264 36.95 65.21 -21.26
C VAL H 264 36.05 64.00 -21.39
N VAL H 265 35.14 63.85 -20.44
CA VAL H 265 34.13 62.80 -20.46
C VAL H 265 32.78 63.46 -20.74
N TRP H 266 32.11 62.99 -21.78
CA TRP H 266 30.89 63.64 -22.26
C TRP H 266 29.63 63.03 -21.66
N HIS H 267 29.40 61.75 -21.90
CA HIS H 267 28.11 61.16 -21.60
C HIS H 267 28.27 59.85 -20.84
N VAL H 268 27.37 59.62 -19.89
CA VAL H 268 27.32 58.39 -19.11
C VAL H 268 25.90 57.87 -19.14
N SER H 269 25.76 56.56 -19.31
CA SER H 269 24.44 55.94 -19.40
C SER H 269 24.42 54.65 -18.59
N TRP H 270 23.26 54.36 -18.02
CA TRP H 270 23.05 53.15 -17.24
C TRP H 270 22.40 52.07 -18.08
N SER H 271 22.48 50.84 -17.58
CA SER H 271 21.73 49.73 -18.17
C SER H 271 20.34 49.71 -17.58
N ILE H 272 19.51 48.79 -18.06
CA ILE H 272 18.14 48.70 -17.55
C ILE H 272 18.14 48.24 -16.09
N THR H 273 19.06 47.36 -15.74
CA THR H 273 19.17 46.87 -14.38
C THR H 273 20.16 47.68 -13.54
N ALA H 274 20.73 48.74 -14.10
CA ALA H 274 21.66 49.61 -13.39
C ALA H 274 22.86 48.84 -12.85
N ASN H 275 23.38 47.91 -13.65
CA ASN H 275 24.56 47.16 -13.28
C ASN H 275 25.74 47.36 -14.22
N ILE H 276 25.54 48.02 -15.36
CA ILE H 276 26.60 48.28 -16.32
C ILE H 276 26.55 49.76 -16.69
N LEU H 277 27.71 50.40 -16.71
CA LEU H 277 27.80 51.82 -17.04
C LEU H 277 28.54 51.99 -18.36
N ALA H 278 28.00 52.85 -19.22
CA ALA H 278 28.61 53.15 -20.51
C ALA H 278 29.10 54.58 -20.51
N VAL H 279 30.37 54.77 -20.85
CA VAL H 279 31.02 56.07 -20.79
C VAL H 279 31.56 56.43 -22.16
N SER H 280 31.23 57.64 -22.63
CA SER H 280 31.74 58.16 -23.88
C SER H 280 32.35 59.52 -23.63
N GLY H 281 33.60 59.69 -24.05
CA GLY H 281 34.32 60.93 -23.76
C GLY H 281 34.98 61.56 -24.96
N GLY H 282 35.90 62.49 -24.72
CA GLY H 282 36.53 63.23 -25.79
C GLY H 282 37.60 62.48 -26.55
N ASP H 283 38.01 61.31 -26.05
CA ASP H 283 39.01 60.51 -26.72
C ASP H 283 38.47 59.77 -27.93
N ASN H 284 37.22 60.04 -28.32
CA ASN H 284 36.57 59.36 -29.43
C ASN H 284 36.54 57.85 -29.21
N LYS H 285 36.30 57.44 -27.98
CA LYS H 285 36.25 56.03 -27.61
C LYS H 285 35.13 55.82 -26.60
N VAL H 286 34.67 54.57 -26.53
CA VAL H 286 33.55 54.18 -25.68
C VAL H 286 34.01 53.06 -24.76
N THR H 287 33.68 53.17 -23.48
CA THR H 287 34.10 52.18 -22.49
C THR H 287 32.88 51.68 -21.72
N LEU H 288 32.99 50.44 -21.24
CA LEU H 288 31.96 49.83 -20.41
C LEU H 288 32.57 49.42 -19.08
N TRP H 289 31.82 49.64 -18.00
CA TRP H 289 32.32 49.38 -16.66
C TRP H 289 31.29 48.59 -15.87
N LYS H 290 31.79 47.67 -15.05
CA LYS H 290 30.96 46.85 -14.18
C LYS H 290 31.56 46.85 -12.78
N GLU H 291 30.70 46.89 -11.77
CA GLU H 291 31.16 46.91 -10.40
C GLU H 291 31.63 45.52 -9.98
N SER H 292 32.82 45.44 -9.41
CA SER H 292 33.35 44.19 -8.92
C SER H 292 32.70 43.81 -7.60
N VAL H 293 32.91 42.54 -7.20
CA VAL H 293 32.38 42.08 -5.92
C VAL H 293 33.03 42.83 -4.77
N ASP H 294 34.31 43.19 -4.91
CA ASP H 294 35.04 43.92 -3.88
C ASP H 294 34.66 45.40 -3.82
N GLY H 295 33.60 45.82 -4.51
CA GLY H 295 33.17 47.19 -4.48
C GLY H 295 33.88 48.11 -5.45
N GLN H 296 34.82 47.60 -6.23
CA GLN H 296 35.50 48.42 -7.22
C GLN H 296 34.82 48.30 -8.58
N TRP H 297 35.16 49.22 -9.47
CA TRP H 297 34.63 49.24 -10.83
C TRP H 297 35.74 48.88 -11.80
N VAL H 298 35.46 47.95 -12.70
CA VAL H 298 36.45 47.45 -13.65
C VAL H 298 35.91 47.57 -15.05
N CYS H 299 36.82 47.78 -16.00
CA CYS H 299 36.44 47.87 -17.40
C CYS H 299 36.04 46.50 -17.92
N ILE H 300 35.33 46.51 -19.05
CA ILE H 300 34.89 45.29 -19.73
C ILE H 300 35.50 45.17 -21.11
N SER H 301 35.40 46.23 -21.91
CA SER H 301 35.97 46.21 -23.26
C SER H 301 37.48 46.17 -23.22
N UNK I 1 49.72 61.92 -30.81
CA UNK I 1 48.46 61.91 -30.09
C UNK I 1 47.86 63.32 -30.01
N UNK I 2 46.53 63.40 -29.97
CA UNK I 2 45.85 64.68 -29.89
C UNK I 2 46.04 65.30 -28.50
N UNK I 3 45.96 66.62 -28.45
CA UNK I 3 46.13 67.34 -27.19
C UNK I 3 44.90 67.21 -26.31
N UNK I 4 44.12 68.29 -26.23
CA UNK I 4 42.91 68.30 -25.41
C UNK I 4 41.82 69.13 -26.07
N UNK I 5 40.57 68.75 -25.81
CA UNK I 5 39.43 69.47 -26.36
C UNK I 5 39.21 70.77 -25.61
N UNK I 6 38.64 71.75 -26.28
CA UNK I 6 38.39 73.05 -25.68
C UNK I 6 37.35 72.94 -24.56
N UNK I 7 37.29 73.96 -23.71
CA UNK I 7 36.34 73.96 -22.60
C UNK I 7 34.97 74.42 -23.10
N UNK I 8 34.93 75.61 -23.68
CA UNK I 8 33.67 76.19 -24.14
C UNK I 8 33.56 76.12 -25.66
N UNK I 9 32.40 76.51 -26.17
CA UNK I 9 32.17 76.52 -27.61
C UNK I 9 32.70 77.81 -28.23
N UNK I 10 33.14 78.73 -27.37
CA UNK I 10 33.62 80.03 -27.82
C UNK I 10 35.03 79.93 -28.40
N UNK I 11 35.61 78.73 -28.35
CA UNK I 11 36.96 78.52 -28.87
C UNK I 11 36.95 78.35 -30.39
N UNK I 12 35.76 78.30 -30.96
CA UNK I 12 35.62 78.16 -32.41
C UNK I 12 35.83 79.50 -33.10
N UNK I 13 35.94 80.57 -32.31
CA UNK I 13 36.14 81.90 -32.83
C UNK I 13 37.51 82.03 -33.47
N UNK I 14 38.48 81.32 -32.93
CA UNK I 14 39.86 81.38 -33.42
C UNK I 14 39.95 80.84 -34.85
N UNK I 15 39.17 79.80 -35.14
CA UNK I 15 39.17 79.20 -36.46
C UNK I 15 37.90 79.55 -37.21
N UNK J 1 28.31 81.43 -41.90
CA UNK J 1 28.47 81.06 -40.50
C UNK J 1 29.73 80.24 -40.30
N UNK J 2 29.95 79.78 -39.07
CA UNK J 2 31.11 78.94 -38.76
C UNK J 2 30.78 77.49 -39.03
N UNK J 3 31.56 76.58 -38.45
CA UNK J 3 31.35 75.15 -38.64
C UNK J 3 31.96 74.35 -37.51
N UNK J 4 31.22 73.36 -37.01
CA UNK J 4 31.72 72.47 -35.98
C UNK J 4 32.72 71.50 -36.58
N UNK J 5 32.69 71.40 -37.90
CA UNK J 5 33.61 70.52 -38.62
C UNK J 5 34.93 71.23 -38.90
N UNK J 6 35.13 72.37 -38.24
CA UNK J 6 36.36 73.13 -38.39
C UNK J 6 37.56 72.31 -37.95
N UNK J 7 37.56 71.88 -36.70
CA UNK J 7 38.63 71.04 -36.16
C UNK J 7 38.63 69.70 -36.89
N UNK J 8 39.27 69.68 -38.06
CA UNK J 8 39.36 68.48 -38.89
C UNK J 8 37.98 67.93 -39.23
ZN ZN K . 40.31 -14.12 36.90
ZN ZN L . 24.58 -9.86 25.19
ZN ZN M . 35.49 -13.49 13.28
ZN ZN N . 35.55 -10.26 14.88
ZN ZN O . -16.52 65.02 -16.59
ZN ZN P . -5.78 47.05 -26.62
ZN ZN Q . -16.47 42.12 -15.93
ZN ZN R . -13.21 43.33 -14.98
ZN ZN S . 45.54 -28.87 23.13
ZN ZN T . 27.93 -29.09 14.86
ZN ZN U . 26.91 -27.70 30.99
ZN ZN V . 28.83 -31.29 29.42
ZN ZN W . -36.07 49.87 -16.00
ZN ZN X . -25.86 39.07 -29.17
ZN ZN Y . -23.80 53.72 -35.56
ZN ZN Z . -26.71 52.21 -34.92
#